data_9ARG
#
_entry.id   9ARG
#
_cell.length_a   1.00
_cell.length_b   1.00
_cell.length_c   1.00
_cell.angle_alpha   90.00
_cell.angle_beta   90.00
_cell.angle_gamma   90.00
#
_symmetry.space_group_name_H-M   'P 1'
#
loop_
_entity.id
_entity.type
_entity.pdbx_description
1 polymer 'Glutamate receptor ionotropic, NMDA 1'
2 polymer 'Glutamate receptor ionotropic, NMDA 2B'
#
loop_
_entity_poly.entity_id
_entity_poly.type
_entity_poly.pdbx_seq_one_letter_code
_entity_poly.pdbx_strand_id
1 'polypeptide(L)'
;MSTMHLLTFALLFSCSFARAASDPKIVNIGAVLSTRKHEQMFREAVNQANKRHGSWKIQLQATSVTHKPNAIQMALSVCE
DLISSQVYAILVSHPPTPNDHFTPTPVSYTAGFYRIPVLGLTTRMSIYSDKSIHLSFLRTVPPYSHQSSVWFEMMRVYNW
NHIILLVSDDHEGRAAQKRLETLLEERESKAEKVLQFDPGTKNVTALLMEARELEARVIILSASEDDAATVYRAAAMLDM
TGSGYVWLVGEREISGNALRYAPDGIIGLQLINGKNESAHISDAVGVVAQAVHELLEKENITDPPRGCVGNTNIWKTGPL
FKRVLMSSKYADGVTGRVEFNEDGDRKFAQYSIMNLQNRKLVQVGIYNGTHVIPNDRKIIWPGGETEKPRGYQMSTRLKI
VTIHQEPFVYVKPTMSDGTCKEEFTVNGDPVKKVICTGPNDTSPGSPRHTVPQCCYGFCIDLLIKLARTMQFTYEVHLVA
DGKFGTQERVQNSNKKEWNGMMGELLSGQADMIVAPLTINNERAQYIEFSKPFKYQGLTILVKKEIPRSTLDSFMQPFQS
TLWLLVGLSVHVVAVMLYLLDRFSPFGRFKVNSEEEEEDALTLSSAMWFSWGVLLNSGIGEGAPRSFSARILGMVWAGFA
MIIVASYTANLAAFLVLDRPEERITGINDPRLRNPSDKFIYATVKQSSVDIYFRRQVELSTMYRHMEKHNYESAAEAIQA
VRDNKLHAFIWDSAVLEFEASQKCDLVTTGELFFRSGFGIGMRKDSPWKQQVSLSILKSHENGFMEDLDKTWVRYQECDS
RSNAPATLTFENMAGVFMLVAGGIVAGIFLIFIEIAYKRHKDANGAQ
;
A,C
2 'polypeptide(L)'
;MGTMRLFLLAVLFLFSFARATGWSHPQFEKGGGSGGGSGGSAWSHPQFEKGALVPRGRSQKSPPSIGIAVILVGTSDEVA
IKDAHEKDDFHHLSVVPRVELVAMNETDPKSIITRICDLMSDRKIQGVVFADDTDQEAIAQILDFISAQTLTPILGIHGG
SSMIMADKDESSMFFQFGPSIEQQASVMLNIMEEYDWYIFSIVTTYFPGYQDFVNKIRSTIENSFVGWELEEVLLLDMSL
DDGDSKIQNQLKKLQSPIILLYCTKEEATYIFEVANSVGLTGYGYTWIVPSLVAGDTDTVPSEFPTGLISVSYDEWDYGL
PARVRDGIAIITTAASDMLSEHSFIPEPKSSCYNTHEKRIYQSNMLNRYLINVTFEGRNLSFSEDGYQMHPKLVIILLNK
ERKWERVGKWKDKSLQMKYYVWPRMCPETEEQEDDHLSIVTLEEAPFVIVESVDPLSGTCMRNTVPCQKRIISENKTDEE
PGYIKKCCKGFCIDILKKISKSVKFTYDLYLVTNGKHGKKINGTWNGMIGEVVMKRAYMAVGSLTINEERSEVVDFSVPF
IETGISVMVSRSNGTVSPSAFLEPFSADVWVMMFVMLLIVSAVAVFVFEYFSPVGYNRCLADGREPGGPSFTIGKAIWLL
WGLVFNNSVPVQNPKGTTSKIMVSVWAFFAVIFLASYTANLAAFMIQEEYVDQVSGLSDKKFQRPNDFSPPFRFGTVPNG
STERNIRNNYAEMHAYMGKFNQRGVDDALLSLKTGKLDAFIYDAAVLNYMAGRDEGCKLVTIGSGKVFASTGYGIAIQKD
SGWKRQVDLAILQLFGDGEMEELEALWLTGICHNEKNEVMSSQLDIDNMAGVFYMLGAAMALSLITFICEHLFYWQFRHS
FMG
;
B,D
#
# COMPACT_ATOMS: atom_id res chain seq x y z
N LYS A 25 52.65 -46.58 -24.89
CA LYS A 25 53.99 -46.01 -24.71
C LYS A 25 54.59 -46.45 -23.39
N ILE A 26 55.76 -45.92 -23.07
CA ILE A 26 56.49 -46.25 -21.85
C ILE A 26 56.21 -45.12 -20.85
N VAL A 27 55.33 -45.40 -19.88
CA VAL A 27 54.95 -44.43 -18.86
C VAL A 27 55.25 -45.08 -17.51
N ASN A 28 56.25 -44.55 -16.81
CA ASN A 28 56.63 -45.09 -15.51
C ASN A 28 55.64 -44.68 -14.43
N ILE A 29 55.75 -45.33 -13.29
CA ILE A 29 54.92 -45.04 -12.13
C ILE A 29 55.78 -44.40 -11.04
N GLY A 30 55.21 -43.44 -10.34
CA GLY A 30 55.91 -42.69 -9.31
C GLY A 30 55.44 -43.08 -7.92
N ALA A 31 56.40 -43.35 -7.04
CA ALA A 31 56.13 -43.69 -5.66
C ALA A 31 57.38 -43.42 -4.84
N VAL A 32 57.21 -42.76 -3.68
CA VAL A 32 58.32 -42.37 -2.82
C VAL A 32 58.01 -42.90 -1.41
N LEU A 33 58.67 -44.00 -1.04
CA LEU A 33 58.60 -44.58 0.29
C LEU A 33 60.01 -44.86 0.79
N SER A 34 60.12 -45.20 2.08
CA SER A 34 61.41 -45.48 2.70
C SER A 34 61.38 -46.87 3.34
N THR A 35 61.64 -47.89 2.53
CA THR A 35 61.81 -49.27 2.97
C THR A 35 62.26 -50.13 1.80
N ARG A 36 63.31 -50.93 1.97
CA ARG A 36 63.77 -51.79 0.88
C ARG A 36 62.74 -52.87 0.57
N LYS A 37 62.19 -53.51 1.61
CA LYS A 37 61.17 -54.53 1.40
C LYS A 37 59.93 -53.95 0.75
N HIS A 38 59.49 -52.76 1.20
CA HIS A 38 58.35 -52.10 0.57
C HIS A 38 58.68 -51.66 -0.84
N GLU A 39 59.94 -51.30 -1.11
CA GLU A 39 60.32 -50.97 -2.48
C GLU A 39 60.20 -52.18 -3.40
N GLN A 40 60.68 -53.34 -2.94
CA GLN A 40 60.54 -54.56 -3.73
C GLN A 40 59.08 -54.95 -3.89
N MET A 41 58.27 -54.75 -2.84
CA MET A 41 56.85 -55.05 -2.95
C MET A 41 56.16 -54.14 -3.95
N PHE A 42 56.52 -52.86 -3.96
CA PHE A 42 55.94 -51.93 -4.94
C PHE A 42 56.39 -52.28 -6.35
N ARG A 43 57.64 -52.72 -6.50
CA ARG A 43 58.11 -53.15 -7.82
C ARG A 43 57.32 -54.36 -8.31
N GLU A 44 57.12 -55.35 -7.44
CA GLU A 44 56.31 -56.51 -7.81
C GLU A 44 54.87 -56.11 -8.12
N ALA A 45 54.32 -55.15 -7.36
CA ALA A 45 52.95 -54.72 -7.58
C ALA A 45 52.79 -54.02 -8.92
N VAL A 46 53.71 -53.13 -9.26
CA VAL A 46 53.62 -52.45 -10.54
C VAL A 46 53.92 -53.40 -11.69
N ASN A 47 54.76 -54.43 -11.47
CA ASN A 47 54.96 -55.45 -12.50
C ASN A 47 53.68 -56.23 -12.75
N GLN A 48 53.01 -56.65 -11.67
CA GLN A 48 51.74 -57.36 -11.82
C GLN A 48 50.67 -56.47 -12.46
N ALA A 49 50.73 -55.17 -12.18
CA ALA A 49 49.77 -54.25 -12.78
C ALA A 49 50.02 -54.09 -14.28
N ASN A 50 51.29 -53.95 -14.67
CA ASN A 50 51.63 -53.89 -16.08
C ASN A 50 51.29 -55.20 -16.79
N LYS A 51 51.35 -56.32 -16.07
CA LYS A 51 50.97 -57.60 -16.65
C LYS A 51 49.47 -57.68 -16.91
N ARG A 52 48.67 -56.85 -16.25
CA ARG A 52 47.23 -56.85 -16.44
C ARG A 52 46.82 -55.74 -17.40
N ILE A 58 51.04 -51.30 -23.79
CA ILE A 58 50.84 -50.91 -22.41
C ILE A 58 52.08 -51.28 -21.58
N GLN A 59 53.08 -50.39 -21.61
CA GLN A 59 54.33 -50.60 -20.90
C GLN A 59 54.41 -49.60 -19.75
N LEU A 60 54.42 -50.11 -18.52
CA LEU A 60 54.50 -49.29 -17.32
C LEU A 60 55.77 -49.64 -16.57
N GLN A 61 56.61 -48.63 -16.32
CA GLN A 61 57.87 -48.82 -15.62
C GLN A 61 57.70 -48.44 -14.15
N ALA A 62 58.79 -48.58 -13.39
CA ALA A 62 58.80 -48.32 -11.96
C ALA A 62 59.88 -47.30 -11.63
N THR A 63 59.52 -46.30 -10.83
CA THR A 63 60.45 -45.28 -10.35
C THR A 63 60.19 -45.07 -8.87
N SER A 64 61.21 -45.32 -8.05
CA SER A 64 61.07 -45.21 -6.61
C SER A 64 62.28 -44.48 -6.03
N VAL A 65 62.00 -43.61 -5.05
CA VAL A 65 63.03 -42.83 -4.36
C VAL A 65 62.77 -42.95 -2.86
N THR A 66 63.85 -43.12 -2.10
CA THR A 66 63.73 -43.26 -0.65
C THR A 66 63.51 -41.89 -0.01
N HIS A 67 63.37 -41.87 1.31
CA HIS A 67 63.16 -40.65 2.07
C HIS A 67 64.46 -40.17 2.66
N LYS A 68 64.65 -38.85 2.67
CA LYS A 68 65.81 -38.19 3.25
C LYS A 68 65.45 -37.61 4.62
N PRO A 69 66.41 -37.53 5.55
CA PRO A 69 66.10 -36.91 6.85
C PRO A 69 65.73 -35.45 6.75
N ASN A 70 66.33 -34.71 5.82
CA ASN A 70 65.98 -33.32 5.57
C ASN A 70 64.96 -33.25 4.43
N ALA A 71 64.15 -32.18 4.44
CA ALA A 71 63.07 -32.07 3.48
C ALA A 71 63.42 -31.19 2.28
N ILE A 72 64.37 -30.26 2.43
CA ILE A 72 64.81 -29.46 1.29
C ILE A 72 65.53 -30.34 0.27
N GLN A 73 66.46 -31.16 0.74
CA GLN A 73 67.08 -32.15 -0.14
C GLN A 73 66.06 -33.15 -0.65
N MET A 74 65.03 -33.43 0.14
CA MET A 74 63.96 -34.32 -0.31
C MET A 74 63.24 -33.74 -1.51
N ALA A 75 62.88 -32.45 -1.44
CA ALA A 75 62.23 -31.81 -2.58
C ALA A 75 63.16 -31.69 -3.77
N LEU A 76 64.44 -31.43 -3.54
CA LEU A 76 65.41 -31.40 -4.63
C LEU A 76 65.46 -32.74 -5.34
N SER A 77 65.56 -33.83 -4.58
CA SER A 77 65.55 -35.17 -5.16
C SER A 77 64.22 -35.49 -5.83
N VAL A 78 63.11 -34.94 -5.32
CA VAL A 78 61.81 -35.15 -5.97
C VAL A 78 61.80 -34.53 -7.35
N CYS A 79 62.28 -33.28 -7.46
CA CYS A 79 62.34 -32.63 -8.76
C CYS A 79 63.32 -33.35 -9.68
N GLU A 80 64.42 -33.85 -9.13
CA GLU A 80 65.39 -34.60 -9.94
C GLU A 80 64.77 -35.87 -10.49
N ASP A 81 64.03 -36.60 -9.66
CA ASP A 81 63.38 -37.82 -10.12
C ASP A 81 62.24 -37.55 -11.09
N LEU A 82 61.53 -36.43 -10.92
CA LEU A 82 60.50 -36.03 -11.87
C LEU A 82 61.13 -35.64 -13.22
N ILE A 83 62.34 -35.09 -13.18
CA ILE A 83 63.06 -34.81 -14.42
C ILE A 83 63.47 -36.11 -15.09
N SER A 84 64.08 -37.02 -14.33
CA SER A 84 64.59 -38.26 -14.89
C SER A 84 63.51 -39.26 -15.26
N SER A 85 62.26 -39.02 -14.87
CA SER A 85 61.21 -39.99 -15.14
C SER A 85 59.99 -39.39 -15.85
N GLN A 86 59.61 -38.14 -15.50
CA GLN A 86 58.46 -37.47 -16.11
C GLN A 86 57.18 -38.28 -15.90
N VAL A 87 56.87 -38.59 -14.64
CA VAL A 87 55.70 -39.40 -14.31
C VAL A 87 54.44 -38.55 -14.41
N TYR A 88 53.28 -39.20 -14.55
CA TYR A 88 52.00 -38.51 -14.58
C TYR A 88 51.50 -38.18 -13.18
N ALA A 89 51.60 -39.13 -12.26
CA ALA A 89 51.18 -38.93 -10.88
C ALA A 89 52.16 -39.64 -9.96
N ILE A 90 52.29 -39.12 -8.74
CA ILE A 90 53.24 -39.64 -7.77
C ILE A 90 52.49 -40.17 -6.56
N LEU A 91 52.98 -41.29 -6.03
CA LEU A 91 52.46 -41.90 -4.82
C LEU A 91 53.40 -41.59 -3.66
N VAL A 92 52.84 -41.44 -2.47
CA VAL A 92 53.63 -41.12 -1.29
C VAL A 92 52.94 -41.71 -0.06
N SER A 93 53.75 -42.20 0.87
CA SER A 93 53.25 -42.77 2.12
C SER A 93 54.09 -42.22 3.26
N HIS A 94 53.53 -42.31 4.47
CA HIS A 94 54.24 -41.79 5.64
C HIS A 94 55.37 -42.75 6.04
N PRO A 95 56.52 -42.21 6.41
CA PRO A 95 57.63 -43.05 6.85
C PRO A 95 57.36 -43.61 8.24
N PRO A 96 58.20 -44.54 8.71
CA PRO A 96 58.00 -45.07 10.09
C PRO A 96 58.13 -44.02 11.18
N THR A 97 58.51 -42.79 10.85
CA THR A 97 58.54 -41.73 11.85
C THR A 97 57.12 -41.48 12.37
N PRO A 98 56.95 -41.24 13.67
CA PRO A 98 55.59 -41.12 14.23
C PRO A 98 54.94 -39.75 14.07
N ASN A 99 55.62 -38.76 13.48
CA ASN A 99 54.99 -37.45 13.33
C ASN A 99 53.89 -37.46 12.28
N ASP A 100 54.22 -37.90 11.06
CA ASP A 100 53.27 -38.00 9.95
C ASP A 100 52.56 -36.69 9.67
N HIS A 101 53.20 -35.56 9.91
CA HIS A 101 52.60 -34.24 9.69
C HIS A 101 53.30 -33.44 8.61
N PHE A 102 54.63 -33.28 8.70
CA PHE A 102 55.36 -32.47 7.74
C PHE A 102 56.06 -33.30 6.68
N THR A 103 55.89 -34.62 6.69
CA THR A 103 56.58 -35.49 5.74
C THR A 103 56.02 -35.38 4.31
N PRO A 104 54.70 -35.37 4.09
CA PRO A 104 54.21 -35.29 2.70
C PRO A 104 54.02 -33.87 2.18
N THR A 105 54.25 -32.85 3.01
CA THR A 105 54.07 -31.47 2.56
C THR A 105 55.05 -31.06 1.47
N PRO A 106 56.35 -31.39 1.53
CA PRO A 106 57.22 -31.03 0.39
C PRO A 106 56.80 -31.70 -0.91
N VAL A 107 56.44 -32.99 -0.86
CA VAL A 107 55.99 -33.69 -2.05
C VAL A 107 54.72 -33.05 -2.60
N SER A 108 53.78 -32.70 -1.72
CA SER A 108 52.53 -32.10 -2.17
C SER A 108 52.79 -30.73 -2.80
N TYR A 109 53.71 -29.96 -2.22
CA TYR A 109 54.04 -28.65 -2.77
C TYR A 109 54.70 -28.77 -4.13
N THR A 110 55.64 -29.71 -4.26
CA THR A 110 56.32 -29.92 -5.55
C THR A 110 55.32 -30.39 -6.60
N ALA A 111 54.33 -31.19 -6.18
CA ALA A 111 53.29 -31.63 -7.12
C ALA A 111 52.40 -30.47 -7.55
N GLY A 112 51.93 -29.67 -6.59
CA GLY A 112 51.08 -28.55 -6.90
C GLY A 112 51.78 -27.42 -7.64
N PHE A 113 53.11 -27.40 -7.60
CA PHE A 113 53.86 -26.40 -8.37
C PHE A 113 53.61 -26.55 -9.87
N TYR A 114 53.48 -27.78 -10.35
CA TYR A 114 53.22 -28.05 -11.76
C TYR A 114 51.79 -28.52 -12.00
N ARG A 115 50.92 -28.45 -10.98
CA ARG A 115 49.51 -28.85 -11.09
C ARG A 115 49.39 -30.32 -11.52
N ILE A 116 50.13 -31.18 -10.84
CA ILE A 116 50.06 -32.62 -11.07
C ILE A 116 49.55 -33.27 -9.79
N PRO A 117 48.82 -34.38 -9.90
CA PRO A 117 48.22 -34.99 -8.72
C PRO A 117 49.22 -35.84 -7.94
N VAL A 118 49.04 -35.83 -6.62
CA VAL A 118 49.83 -36.65 -5.70
C VAL A 118 48.87 -37.34 -4.74
N LEU A 119 49.05 -38.64 -4.56
CA LEU A 119 48.17 -39.45 -3.72
C LEU A 119 48.91 -39.89 -2.46
N GLY A 120 48.24 -39.73 -1.32
CA GLY A 120 48.79 -40.13 -0.05
C GLY A 120 48.20 -41.46 0.40
N LEU A 121 48.99 -42.22 1.15
CA LEU A 121 48.61 -43.56 1.57
C LEU A 121 48.36 -43.66 3.07
N THR A 122 49.33 -43.22 3.89
CA THR A 122 49.20 -43.36 5.33
C THR A 122 49.26 -42.01 6.04
N THR A 123 48.53 -41.02 5.51
CA THR A 123 48.45 -39.71 6.12
C THR A 123 46.98 -39.34 6.29
N ARG A 124 46.57 -39.16 7.55
CA ARG A 124 45.19 -38.88 7.88
C ARG A 124 44.95 -37.49 8.45
N MET A 125 45.89 -36.57 8.28
CA MET A 125 45.71 -35.21 8.78
C MET A 125 44.57 -34.52 8.04
N SER A 126 43.95 -33.55 8.71
CA SER A 126 42.81 -32.82 8.16
C SER A 126 43.21 -31.57 7.41
N ILE A 127 44.44 -31.09 7.57
CA ILE A 127 44.88 -29.91 6.84
C ILE A 127 44.99 -30.19 5.35
N TYR A 128 45.22 -31.46 5.00
CA TYR A 128 45.31 -31.82 3.58
C TYR A 128 43.93 -31.89 2.93
N SER A 129 42.88 -32.04 3.73
CA SER A 129 41.53 -32.11 3.18
C SER A 129 41.13 -30.79 2.52
N ASP A 130 41.68 -29.68 2.99
CA ASP A 130 41.35 -28.39 2.42
C ASP A 130 42.03 -28.23 1.06
N LYS A 131 41.22 -27.90 0.04
CA LYS A 131 41.74 -27.74 -1.31
C LYS A 131 42.42 -26.39 -1.53
N SER A 132 42.39 -25.51 -0.54
CA SER A 132 43.01 -24.18 -0.66
C SER A 132 44.52 -24.30 -0.79
N ILE A 133 45.17 -24.94 0.18
CA ILE A 133 46.62 -25.09 0.15
C ILE A 133 47.03 -26.01 -0.99
N HIS A 134 46.49 -27.23 -1.01
CA HIS A 134 46.84 -28.22 -2.02
C HIS A 134 45.74 -28.29 -3.06
N LEU A 135 46.08 -27.95 -4.30
CA LEU A 135 45.09 -27.97 -5.37
C LEU A 135 44.79 -29.37 -5.86
N SER A 136 45.75 -30.29 -5.73
CA SER A 136 45.57 -31.67 -6.17
C SER A 136 46.19 -32.58 -5.11
N PHE A 137 45.34 -33.28 -4.37
CA PHE A 137 45.80 -34.20 -3.33
C PHE A 137 44.66 -35.13 -2.97
N LEU A 138 44.92 -36.44 -3.03
CA LEU A 138 43.93 -37.46 -2.71
C LEU A 138 44.54 -38.42 -1.70
N ARG A 139 43.75 -38.77 -0.67
CA ARG A 139 44.21 -39.70 0.35
C ARG A 139 43.48 -41.04 0.21
N THR A 140 43.99 -42.05 0.90
CA THR A 140 43.38 -43.37 0.89
C THR A 140 42.83 -43.78 2.26
N VAL A 141 43.01 -42.96 3.28
CA VAL A 141 42.52 -43.25 4.63
C VAL A 141 41.48 -42.19 4.99
N PRO A 142 40.48 -42.51 5.81
CA PRO A 142 39.46 -41.51 6.15
C PRO A 142 40.01 -40.51 7.14
N PRO A 143 39.59 -39.24 7.04
CA PRO A 143 40.08 -38.24 7.99
C PRO A 143 39.37 -38.31 9.33
N TYR A 144 39.86 -37.55 10.31
CA TYR A 144 39.21 -37.54 11.62
C TYR A 144 37.87 -36.83 11.58
N SER A 145 37.64 -36.00 10.55
CA SER A 145 36.37 -35.29 10.44
C SER A 145 35.22 -36.26 10.19
N HIS A 146 35.39 -37.16 9.21
CA HIS A 146 34.35 -38.17 8.95
C HIS A 146 34.27 -39.18 10.09
N GLN A 147 35.34 -39.31 10.89
CA GLN A 147 35.30 -40.17 12.05
C GLN A 147 34.27 -39.68 13.07
N SER A 148 34.05 -38.37 13.12
CA SER A 148 33.04 -37.82 14.02
C SER A 148 31.64 -38.25 13.62
N SER A 149 31.43 -38.51 12.32
CA SER A 149 30.13 -38.99 11.87
C SER A 149 29.81 -40.37 12.43
N VAL A 150 30.83 -41.19 12.68
CA VAL A 150 30.60 -42.48 13.32
C VAL A 150 30.08 -42.27 14.74
N TRP A 151 30.59 -41.25 15.43
CA TRP A 151 30.05 -40.91 16.74
C TRP A 151 28.60 -40.47 16.65
N PHE A 152 28.26 -39.72 15.60
CA PHE A 152 26.88 -39.32 15.38
C PHE A 152 25.98 -40.54 15.18
N GLU A 153 26.42 -41.49 14.36
CA GLU A 153 25.63 -42.69 14.14
C GLU A 153 25.50 -43.52 15.42
N MET A 154 26.57 -43.60 16.20
CA MET A 154 26.51 -44.36 17.45
C MET A 154 25.56 -43.71 18.45
N MET A 155 25.56 -42.38 18.51
CA MET A 155 24.62 -41.69 19.40
C MET A 155 23.19 -41.83 18.90
N ARG A 156 23.00 -41.87 17.58
CA ARG A 156 21.67 -42.03 17.03
C ARG A 156 21.11 -43.42 17.31
N VAL A 157 21.92 -44.46 17.12
CA VAL A 157 21.43 -45.82 17.33
C VAL A 157 21.28 -46.11 18.82
N TYR A 158 21.96 -45.35 19.67
CA TYR A 158 21.85 -45.50 21.12
C TYR A 158 20.86 -44.52 21.74
N ASN A 159 20.26 -43.64 20.94
CA ASN A 159 19.31 -42.64 21.41
C ASN A 159 19.93 -41.76 22.50
N TRP A 160 21.00 -41.08 22.10
CA TRP A 160 21.74 -40.16 22.97
C TRP A 160 21.71 -38.77 22.32
N ASN A 161 20.67 -38.00 22.65
CA ASN A 161 20.52 -36.68 22.06
C ASN A 161 21.38 -35.65 22.78
N HIS A 162 21.65 -35.87 24.07
CA HIS A 162 22.41 -34.94 24.89
C HIS A 162 23.85 -35.40 24.97
N ILE A 163 24.78 -34.54 24.53
CA ILE A 163 26.20 -34.84 24.53
C ILE A 163 26.96 -33.61 24.99
N ILE A 164 28.17 -33.83 25.51
CA ILE A 164 29.05 -32.75 25.97
C ILE A 164 30.33 -32.85 25.15
N LEU A 165 30.42 -32.02 24.10
CA LEU A 165 31.59 -32.02 23.23
C LEU A 165 32.71 -31.20 23.87
N LEU A 166 33.80 -31.87 24.22
CA LEU A 166 34.97 -31.22 24.82
C LEU A 166 36.17 -31.58 23.96
N VAL A 167 36.63 -30.63 23.15
CA VAL A 167 37.76 -30.83 22.25
C VAL A 167 38.79 -29.73 22.49
N SER A 168 39.96 -29.89 21.87
CA SER A 168 41.03 -28.93 22.00
C SER A 168 40.81 -27.75 21.05
N ASP A 169 41.80 -26.85 21.03
CA ASP A 169 41.76 -25.67 20.18
C ASP A 169 42.88 -25.76 19.16
N ASP A 170 42.56 -26.25 17.97
CA ASP A 170 43.55 -26.40 16.90
C ASP A 170 42.87 -26.49 15.55
N HIS A 171 43.64 -26.74 14.49
CA HIS A 171 43.05 -26.81 13.15
C HIS A 171 42.18 -28.06 13.01
N GLU A 172 42.74 -29.23 13.31
CA GLU A 172 42.00 -30.48 13.22
C GLU A 172 40.83 -30.49 14.19
N GLY A 173 41.07 -29.99 15.41
CA GLY A 173 39.99 -29.92 16.39
C GLY A 173 38.85 -29.03 15.94
N ARG A 174 39.17 -27.85 15.42
CA ARG A 174 38.13 -26.95 14.94
C ARG A 174 37.39 -27.54 13.75
N ALA A 175 38.12 -28.21 12.86
CA ALA A 175 37.48 -28.84 11.70
C ALA A 175 36.51 -29.93 12.14
N ALA A 176 36.94 -30.78 13.08
CA ALA A 176 36.09 -31.84 13.57
C ALA A 176 34.88 -31.28 14.29
N GLN A 177 35.08 -30.23 15.09
CA GLN A 177 33.96 -29.61 15.80
C GLN A 177 32.96 -29.01 14.82
N LYS A 178 33.44 -28.36 13.77
CA LYS A 178 32.55 -27.78 12.78
C LYS A 178 31.78 -28.86 12.03
N ARG A 179 32.46 -29.95 11.67
CA ARG A 179 31.79 -31.05 10.99
C ARG A 179 30.71 -31.67 11.87
N LEU A 180 31.02 -31.89 13.15
CA LEU A 180 30.04 -32.46 14.06
C LEU A 180 28.86 -31.51 14.26
N GLU A 181 29.15 -30.21 14.38
CA GLU A 181 28.08 -29.23 14.56
C GLU A 181 27.16 -29.18 13.34
N THR A 182 27.74 -29.26 12.15
CA THR A 182 26.93 -29.26 10.93
C THR A 182 26.08 -30.54 10.84
N LEU A 183 26.69 -31.70 11.15
CA LEU A 183 25.95 -32.95 11.09
C LEU A 183 24.85 -33.01 12.14
N LEU A 184 25.03 -32.32 13.27
CA LEU A 184 23.98 -32.28 14.28
C LEU A 184 22.88 -31.30 13.89
N GLU A 185 23.26 -30.12 13.39
CA GLU A 185 22.27 -29.14 12.97
C GLU A 185 21.49 -29.59 11.75
N GLU A 186 22.02 -30.55 10.99
CA GLU A 186 21.26 -31.10 9.87
C GLU A 186 19.95 -31.73 10.35
N ARG A 187 19.95 -32.29 11.56
CA ARG A 187 18.77 -32.87 12.17
C ARG A 187 18.05 -31.90 13.10
N GLU A 188 18.34 -30.61 13.01
CA GLU A 188 17.72 -29.57 13.83
C GLU A 188 17.91 -29.87 15.32
N SER A 189 19.18 -29.96 15.72
CA SER A 189 19.52 -30.21 17.11
C SER A 189 20.99 -29.83 17.32
N LYS A 190 21.24 -28.98 18.31
CA LYS A 190 22.59 -28.52 18.61
C LYS A 190 23.17 -29.32 19.77
N ALA A 191 24.38 -28.94 20.19
CA ALA A 191 25.06 -29.59 21.28
C ALA A 191 24.69 -28.92 22.60
N GLU A 192 24.67 -29.70 23.69
CA GLU A 192 24.33 -29.15 24.99
C GLU A 192 25.35 -28.12 25.47
N LYS A 193 26.64 -28.35 25.22
CA LYS A 193 27.68 -27.43 25.64
C LYS A 193 28.95 -27.74 24.85
N VAL A 194 29.74 -26.70 24.61
CA VAL A 194 31.00 -26.80 23.90
C VAL A 194 32.10 -26.18 24.76
N LEU A 195 33.13 -26.97 25.04
CA LEU A 195 34.24 -26.51 25.87
C LEU A 195 35.55 -26.74 25.12
N GLN A 196 36.40 -25.73 25.12
CA GLN A 196 37.69 -25.78 24.44
C GLN A 196 38.81 -25.47 25.43
N PHE A 197 39.92 -26.20 25.29
CA PHE A 197 41.09 -26.00 26.13
C PHE A 197 42.32 -25.80 25.24
N ASP A 198 43.29 -25.09 25.80
CA ASP A 198 44.53 -24.82 25.06
C ASP A 198 45.39 -26.09 25.01
N PRO A 199 45.79 -26.55 23.83
CA PRO A 199 46.64 -27.73 23.75
C PRO A 199 47.97 -27.51 24.46
N GLY A 200 48.46 -28.55 25.12
CA GLY A 200 49.69 -28.45 25.88
C GLY A 200 49.56 -27.72 27.19
N THR A 201 48.41 -27.84 27.86
CA THR A 201 48.18 -27.17 29.12
C THR A 201 48.53 -28.09 30.28
N LYS A 202 48.27 -27.62 31.50
CA LYS A 202 48.53 -28.39 32.71
C LYS A 202 47.39 -28.42 33.71
N ASN A 203 46.39 -27.55 33.57
CA ASN A 203 45.27 -27.51 34.52
C ASN A 203 43.98 -27.31 33.74
N VAL A 204 43.07 -28.29 33.86
CA VAL A 204 41.78 -28.23 33.17
C VAL A 204 40.66 -28.46 34.16
N THR A 205 40.91 -28.17 35.43
CA THR A 205 39.90 -28.41 36.47
C THR A 205 38.69 -27.50 36.27
N ALA A 206 38.89 -26.31 35.73
CA ALA A 206 37.77 -25.39 35.54
C ALA A 206 36.77 -25.92 34.53
N LEU A 207 37.26 -26.43 33.40
CA LEU A 207 36.37 -26.96 32.36
C LEU A 207 35.61 -28.17 32.88
N LEU A 208 36.28 -29.05 33.63
CA LEU A 208 35.60 -30.20 34.20
C LEU A 208 34.58 -29.82 35.25
N MET A 209 34.88 -28.82 36.09
CA MET A 209 33.92 -28.37 37.08
C MET A 209 32.69 -27.75 36.40
N GLU A 210 32.92 -27.03 35.31
CA GLU A 210 31.79 -26.46 34.56
C GLU A 210 30.97 -27.55 33.89
N ALA A 211 31.62 -28.59 33.37
CA ALA A 211 30.89 -29.67 32.69
C ALA A 211 30.12 -30.51 33.68
N ARG A 212 30.65 -30.70 34.89
CA ARG A 212 30.01 -31.54 35.90
C ARG A 212 28.75 -30.91 36.47
N GLU A 213 28.38 -29.71 36.04
CA GLU A 213 27.19 -29.05 36.54
C GLU A 213 26.15 -28.88 35.43
N LEU A 214 25.99 -29.91 34.60
CA LEU A 214 25.05 -29.90 33.49
C LEU A 214 24.08 -31.06 33.65
N GLU A 215 23.18 -31.20 32.69
CA GLU A 215 22.15 -32.24 32.71
C GLU A 215 22.50 -33.44 31.83
N ALA A 216 23.54 -33.35 31.02
CA ALA A 216 23.94 -34.44 30.13
C ALA A 216 24.92 -35.36 30.83
N ARG A 217 25.06 -36.57 30.29
CA ARG A 217 25.94 -37.57 30.86
C ARG A 217 26.78 -38.27 29.79
N VAL A 218 26.97 -37.60 28.65
CA VAL A 218 27.79 -38.13 27.56
C VAL A 218 28.84 -37.10 27.22
N ILE A 219 30.11 -37.47 27.38
CA ILE A 219 31.23 -36.57 27.16
C ILE A 219 32.06 -37.12 26.00
N ILE A 220 32.07 -36.40 24.88
CA ILE A 220 32.89 -36.79 23.74
C ILE A 220 34.25 -36.08 23.82
N LEU A 221 35.30 -36.80 23.44
CA LEU A 221 36.65 -36.26 23.52
C LEU A 221 37.36 -36.49 22.19
N SER A 222 38.11 -35.48 21.77
CA SER A 222 38.89 -35.57 20.54
C SER A 222 40.13 -34.69 20.63
N ALA A 223 41.28 -35.29 20.94
CA ALA A 223 42.52 -34.55 21.09
C ALA A 223 43.68 -35.51 20.85
N SER A 224 44.89 -35.09 21.20
CA SER A 224 46.09 -35.89 21.02
C SER A 224 46.24 -36.88 22.17
N GLU A 225 47.17 -37.83 21.99
CA GLU A 225 47.41 -38.84 23.02
C GLU A 225 47.97 -38.22 24.30
N ASP A 226 48.73 -37.14 24.18
CA ASP A 226 49.33 -36.53 25.36
C ASP A 226 48.28 -35.85 26.24
N ASP A 227 47.29 -35.19 25.64
CA ASP A 227 46.27 -34.49 26.41
C ASP A 227 45.31 -35.47 27.07
N ALA A 228 45.12 -36.63 26.46
CA ALA A 228 44.13 -37.59 26.97
C ALA A 228 44.51 -38.12 28.34
N ALA A 229 45.81 -38.32 28.59
CA ALA A 229 46.24 -38.81 29.90
C ALA A 229 45.89 -37.80 30.99
N THR A 230 46.22 -36.53 30.77
CA THR A 230 45.89 -35.49 31.75
C THR A 230 44.38 -35.34 31.92
N VAL A 231 43.63 -35.46 30.82
CA VAL A 231 42.17 -35.34 30.89
C VAL A 231 41.60 -36.46 31.75
N TYR A 232 42.04 -37.70 31.51
CA TYR A 232 41.55 -38.82 32.30
C TYR A 232 41.98 -38.71 33.75
N ARG A 233 43.19 -38.21 34.01
CA ARG A 233 43.65 -38.06 35.39
C ARG A 233 42.81 -37.03 36.14
N ALA A 234 42.57 -35.87 35.51
CA ALA A 234 41.77 -34.84 36.15
C ALA A 234 40.31 -35.26 36.29
N ALA A 235 39.82 -36.10 35.36
CA ALA A 235 38.46 -36.60 35.46
C ALA A 235 38.31 -37.57 36.62
N ALA A 236 39.23 -38.55 36.71
CA ALA A 236 39.19 -39.49 37.82
C ALA A 236 39.43 -38.80 39.16
N MET A 237 40.19 -37.70 39.16
CA MET A 237 40.43 -36.97 40.40
C MET A 237 39.18 -36.24 40.90
N LEU A 238 38.19 -36.04 40.03
CA LEU A 238 36.97 -35.34 40.41
C LEU A 238 35.75 -36.26 40.44
N ASP A 239 35.96 -37.58 40.42
CA ASP A 239 34.88 -38.57 40.47
C ASP A 239 33.90 -38.40 39.31
N MET A 240 34.40 -38.01 38.14
CA MET A 240 33.58 -37.81 36.95
C MET A 240 33.57 -39.02 36.03
N THR A 241 33.87 -40.21 36.55
CA THR A 241 33.89 -41.44 35.77
C THR A 241 33.00 -42.53 36.34
N GLY A 242 32.02 -42.16 37.17
CA GLY A 242 31.13 -43.13 37.76
C GLY A 242 30.13 -43.72 36.80
N SER A 243 29.09 -44.36 37.32
CA SER A 243 28.07 -44.98 36.49
C SER A 243 27.20 -43.93 35.83
N GLY A 244 26.71 -44.25 34.63
CA GLY A 244 25.87 -43.35 33.87
C GLY A 244 26.61 -42.47 32.87
N TYR A 245 27.93 -42.36 32.98
CA TYR A 245 28.71 -41.56 32.06
C TYR A 245 29.28 -42.44 30.94
N VAL A 246 29.25 -41.91 29.72
CA VAL A 246 29.75 -42.61 28.55
C VAL A 246 30.81 -41.72 27.90
N TRP A 247 31.97 -42.31 27.59
CA TRP A 247 33.06 -41.59 26.96
C TRP A 247 33.24 -42.02 25.51
N LEU A 248 33.55 -41.04 24.67
CA LEU A 248 33.80 -41.28 23.26
C LEU A 248 35.07 -40.54 22.84
N VAL A 249 36.02 -41.29 22.30
CA VAL A 249 37.31 -40.77 21.90
C VAL A 249 37.63 -41.30 20.51
N GLY A 250 38.83 -40.95 20.01
CA GLY A 250 39.25 -41.39 18.70
C GLY A 250 40.39 -42.38 18.79
N GLU A 251 40.93 -42.73 17.62
CA GLU A 251 42.04 -43.68 17.55
C GLU A 251 43.27 -43.12 18.26
N ARG A 252 43.52 -41.82 18.12
CA ARG A 252 44.71 -41.21 18.70
C ARG A 252 44.66 -41.18 20.23
N GLU A 253 43.48 -41.15 20.82
CA GLU A 253 43.34 -41.11 22.27
C GLU A 253 43.33 -42.48 22.92
N ILE A 254 43.59 -43.54 22.17
CA ILE A 254 43.60 -44.90 22.71
C ILE A 254 45.04 -45.39 22.86
N SER A 255 45.82 -45.26 21.79
CA SER A 255 47.19 -45.74 21.79
C SER A 255 48.09 -44.78 22.57
N GLY A 256 49.39 -45.05 22.58
CA GLY A 256 50.32 -44.23 23.31
C GLY A 256 50.27 -44.49 24.81
N ASN A 257 50.92 -43.59 25.56
CA ASN A 257 50.95 -43.70 27.01
C ASN A 257 49.63 -43.31 27.66
N ALA A 258 48.65 -42.84 26.88
CA ALA A 258 47.36 -42.49 27.44
C ALA A 258 46.62 -43.72 27.94
N LEU A 259 47.00 -44.90 27.46
CA LEU A 259 46.36 -46.14 27.90
C LEU A 259 46.55 -46.39 29.39
N ARG A 260 47.63 -45.88 29.98
CA ARG A 260 47.85 -46.06 31.41
C ARG A 260 46.77 -45.39 32.24
N TYR A 261 46.30 -44.22 31.78
CA TYR A 261 45.23 -43.48 32.45
C TYR A 261 44.00 -43.54 31.55
N ALA A 262 43.19 -44.59 31.74
CA ALA A 262 41.98 -44.78 30.95
C ALA A 262 40.95 -45.56 31.74
N PRO A 263 39.79 -44.98 32.02
CA PRO A 263 38.75 -45.72 32.76
C PRO A 263 38.16 -46.82 31.92
N ASP A 264 37.68 -47.86 32.60
CA ASP A 264 37.06 -48.99 31.92
C ASP A 264 35.74 -48.57 31.29
N GLY A 265 35.51 -49.04 30.07
CA GLY A 265 34.29 -48.72 29.34
C GLY A 265 34.45 -47.75 28.20
N ILE A 266 35.68 -47.38 27.84
CA ILE A 266 35.88 -46.47 26.72
C ILE A 266 35.59 -47.18 25.41
N ILE A 267 34.82 -46.52 24.55
CA ILE A 267 34.44 -47.05 23.24
C ILE A 267 35.25 -46.28 22.20
N GLY A 268 36.39 -46.85 21.79
CA GLY A 268 37.26 -46.23 20.83
C GLY A 268 37.14 -46.85 19.45
N LEU A 269 37.91 -46.28 18.52
CA LEU A 269 37.93 -46.73 17.13
C LEU A 269 39.37 -46.92 16.68
N GLN A 270 39.53 -47.68 15.60
CA GLN A 270 40.84 -47.93 15.02
C GLN A 270 40.68 -48.31 13.56
N LEU A 271 41.80 -48.27 12.83
CA LEU A 271 41.79 -48.59 11.41
C LEU A 271 42.23 -50.05 11.20
N ILE A 272 41.66 -50.66 10.16
CA ILE A 272 41.94 -52.08 9.90
C ILE A 272 43.32 -52.25 9.29
N ASN A 273 43.73 -51.31 8.43
CA ASN A 273 45.01 -51.39 7.73
C ASN A 273 45.81 -50.11 7.99
N GLY A 274 45.86 -49.70 9.26
CA GLY A 274 46.56 -48.49 9.64
C GLY A 274 48.06 -48.56 9.47
N LYS A 275 48.69 -49.53 10.14
CA LYS A 275 50.15 -49.64 10.15
C LYS A 275 50.67 -50.60 9.08
N ASN A 276 49.79 -51.16 8.26
CA ASN A 276 50.19 -52.06 7.18
C ASN A 276 50.30 -51.25 5.90
N GLU A 277 51.54 -51.00 5.46
CA GLU A 277 51.76 -50.14 4.30
C GLU A 277 51.52 -50.90 3.00
N SER A 278 51.96 -52.16 2.93
CA SER A 278 51.90 -52.92 1.68
C SER A 278 50.46 -53.15 1.24
N ALA A 279 49.54 -53.32 2.19
CA ALA A 279 48.14 -53.51 1.86
C ALA A 279 47.59 -52.32 1.07
N HIS A 280 47.84 -51.11 1.57
CA HIS A 280 47.42 -49.91 0.86
C HIS A 280 48.22 -49.70 -0.42
N ILE A 281 49.49 -50.08 -0.44
CA ILE A 281 50.33 -49.87 -1.62
C ILE A 281 49.83 -50.71 -2.79
N SER A 282 49.40 -51.94 -2.51
CA SER A 282 48.88 -52.80 -3.57
C SER A 282 47.63 -52.18 -4.21
N ASP A 283 46.70 -51.71 -3.37
CA ASP A 283 45.48 -51.09 -3.89
C ASP A 283 45.79 -49.80 -4.63
N ALA A 284 46.78 -49.04 -4.15
CA ALA A 284 47.17 -47.80 -4.84
C ALA A 284 47.74 -48.11 -6.21
N VAL A 285 48.59 -49.13 -6.31
CA VAL A 285 49.14 -49.54 -7.60
C VAL A 285 48.03 -49.99 -8.53
N GLY A 286 47.07 -50.76 -8.01
CA GLY A 286 45.97 -51.21 -8.84
C GLY A 286 45.13 -50.05 -9.37
N VAL A 287 44.80 -49.10 -8.51
CA VAL A 287 43.93 -48.00 -8.94
C VAL A 287 44.68 -47.06 -9.87
N VAL A 288 45.99 -46.87 -9.66
CA VAL A 288 46.73 -46.01 -10.57
C VAL A 288 46.94 -46.69 -11.92
N ALA A 289 47.04 -48.02 -11.94
CA ALA A 289 47.10 -48.74 -13.21
C ALA A 289 45.78 -48.63 -13.96
N GLN A 290 44.66 -48.78 -13.25
CA GLN A 290 43.36 -48.57 -13.86
C GLN A 290 43.22 -47.15 -14.39
N ALA A 291 43.73 -46.17 -13.64
CA ALA A 291 43.64 -44.77 -14.03
C ALA A 291 44.43 -44.51 -15.31
N VAL A 292 45.67 -45.01 -15.38
CA VAL A 292 46.48 -44.78 -16.57
C VAL A 292 45.92 -45.55 -17.76
N HIS A 293 45.31 -46.71 -17.51
CA HIS A 293 44.68 -47.46 -18.60
C HIS A 293 43.47 -46.71 -19.15
N GLU A 294 42.70 -46.07 -18.28
CA GLU A 294 41.59 -45.24 -18.75
C GLU A 294 42.06 -43.90 -19.30
N LEU A 295 43.30 -43.49 -19.00
CA LEU A 295 43.81 -42.20 -19.45
C LEU A 295 44.39 -42.27 -20.86
N LEU A 296 45.21 -43.29 -21.12
CA LEU A 296 45.95 -43.33 -22.39
C LEU A 296 45.04 -43.40 -23.62
N GLU A 297 43.74 -43.64 -23.44
CA GLU A 297 42.79 -43.67 -24.53
C GLU A 297 42.11 -42.32 -24.75
N LYS A 298 42.75 -41.22 -24.37
CA LYS A 298 42.19 -39.88 -24.50
C LYS A 298 42.95 -39.10 -25.55
N GLU A 299 42.41 -37.93 -25.90
CA GLU A 299 43.01 -37.06 -26.89
C GLU A 299 43.75 -35.91 -26.23
N ASN A 300 44.61 -35.25 -27.01
CA ASN A 300 45.41 -34.11 -26.57
C ASN A 300 46.26 -34.46 -25.36
N ILE A 301 46.83 -35.67 -25.35
CA ILE A 301 47.68 -36.08 -24.25
C ILE A 301 49.06 -35.43 -24.37
N THR A 302 49.47 -34.71 -23.34
CA THR A 302 50.77 -34.06 -23.30
C THR A 302 51.49 -34.50 -22.05
N ASP A 303 52.57 -35.25 -22.22
CA ASP A 303 53.34 -35.77 -21.09
C ASP A 303 53.98 -34.62 -20.31
N PRO A 304 54.06 -34.69 -18.99
CA PRO A 304 54.73 -33.63 -18.22
C PRO A 304 56.17 -33.47 -18.66
N PRO A 305 56.69 -32.25 -18.63
CA PRO A 305 58.06 -32.02 -19.11
C PRO A 305 59.09 -32.65 -18.21
N ARG A 306 60.02 -33.38 -18.82
CA ARG A 306 61.16 -33.94 -18.10
C ARG A 306 62.19 -32.89 -17.72
N GLY A 307 61.96 -31.63 -18.08
CA GLY A 307 62.83 -30.55 -17.70
C GLY A 307 62.45 -29.90 -16.39
N CYS A 308 62.66 -30.60 -15.27
CA CYS A 308 62.43 -30.00 -13.96
C CYS A 308 63.14 -28.64 -13.86
N VAL A 309 64.37 -28.58 -14.36
CA VAL A 309 65.11 -27.32 -14.35
C VAL A 309 64.68 -26.42 -15.52
N GLY A 310 64.23 -27.02 -16.62
CA GLY A 310 63.92 -26.26 -17.81
C GLY A 310 62.56 -25.60 -17.87
N ASN A 311 61.50 -26.39 -17.71
CA ASN A 311 60.15 -25.89 -17.90
C ASN A 311 59.77 -24.91 -16.79
N THR A 312 58.90 -23.95 -17.16
CA THR A 312 58.39 -22.98 -16.20
C THR A 312 56.89 -22.73 -16.37
N ASN A 313 56.14 -23.67 -16.94
CA ASN A 313 54.71 -23.47 -17.13
C ASN A 313 53.91 -24.60 -16.51
N ILE A 314 52.60 -24.62 -16.74
CA ILE A 314 51.72 -25.66 -16.22
C ILE A 314 51.44 -26.65 -17.34
N TRP A 315 51.65 -27.93 -17.05
CA TRP A 315 51.42 -29.00 -18.03
C TRP A 315 49.94 -29.07 -18.37
N LYS A 316 49.63 -29.22 -19.66
CA LYS A 316 48.24 -29.33 -20.10
C LYS A 316 47.53 -30.52 -19.48
N THR A 317 48.25 -31.59 -19.15
CA THR A 317 47.66 -32.76 -18.52
C THR A 317 48.14 -32.89 -17.08
N GLY A 318 47.26 -33.37 -16.21
CA GLY A 318 47.53 -33.46 -14.80
C GLY A 318 46.45 -32.89 -13.92
N PRO A 319 45.84 -31.75 -14.32
CA PRO A 319 44.60 -31.33 -13.67
C PRO A 319 43.40 -32.18 -14.11
N LEU A 320 43.29 -32.39 -15.43
CA LEU A 320 42.24 -33.25 -15.94
C LEU A 320 42.46 -34.70 -15.52
N PHE A 321 43.73 -35.14 -15.45
CA PHE A 321 44.02 -36.48 -14.98
C PHE A 321 43.60 -36.64 -13.53
N LYS A 322 43.86 -35.62 -12.71
CA LYS A 322 43.41 -35.67 -11.31
C LYS A 322 41.89 -35.68 -11.23
N ARG A 323 41.22 -34.91 -12.09
CA ARG A 323 39.75 -34.87 -12.07
C ARG A 323 39.16 -36.23 -12.46
N VAL A 324 39.76 -36.90 -13.44
CA VAL A 324 39.22 -38.19 -13.86
C VAL A 324 39.65 -39.30 -12.90
N LEU A 325 40.73 -39.09 -12.15
CA LEU A 325 41.14 -40.07 -11.14
C LEU A 325 40.25 -39.98 -9.90
N MET A 326 39.90 -38.76 -9.50
CA MET A 326 39.01 -38.59 -8.36
C MET A 326 37.64 -39.21 -8.61
N SER A 327 37.17 -39.17 -9.87
CA SER A 327 35.91 -39.78 -10.24
C SER A 327 36.06 -41.22 -10.73
N SER A 328 37.27 -41.75 -10.76
CA SER A 328 37.52 -43.11 -11.22
C SER A 328 37.14 -44.08 -10.11
N LYS A 329 35.95 -44.66 -10.23
CA LYS A 329 35.48 -45.65 -9.27
C LYS A 329 36.33 -46.91 -9.33
N TYR A 330 37.02 -47.22 -8.24
CA TYR A 330 37.88 -48.40 -8.22
C TYR A 330 37.05 -49.68 -8.33
N ALA A 331 37.65 -50.70 -8.94
CA ALA A 331 36.94 -51.96 -9.13
C ALA A 331 36.91 -52.77 -7.84
N ASP A 332 38.08 -53.10 -7.31
CA ASP A 332 38.17 -53.89 -6.08
C ASP A 332 39.55 -53.68 -5.47
N GLY A 333 39.68 -54.09 -4.21
CA GLY A 333 40.94 -53.96 -3.50
C GLY A 333 41.02 -54.95 -2.37
N VAL A 334 42.19 -55.02 -1.75
CA VAL A 334 42.43 -55.92 -0.63
C VAL A 334 41.74 -55.37 0.61
N THR A 335 41.37 -54.09 0.58
CA THR A 335 40.68 -53.44 1.69
C THR A 335 39.23 -53.10 1.35
N GLY A 336 38.65 -53.79 0.37
CA GLY A 336 37.28 -53.53 -0.03
C GLY A 336 37.18 -52.48 -1.13
N ARG A 337 35.95 -52.23 -1.55
CA ARG A 337 35.69 -51.23 -2.57
C ARG A 337 36.01 -49.85 -2.04
N VAL A 338 37.00 -49.18 -2.64
CA VAL A 338 37.46 -47.87 -2.22
C VAL A 338 36.91 -46.83 -3.17
N GLU A 339 36.25 -45.81 -2.62
CA GLU A 339 35.73 -44.71 -3.43
C GLU A 339 36.31 -43.40 -2.95
N PHE A 340 36.02 -42.30 -3.66
CA PHE A 340 36.54 -41.00 -3.30
C PHE A 340 35.49 -39.93 -3.57
N ASN A 341 35.30 -39.05 -2.60
CA ASN A 341 34.44 -37.89 -2.76
C ASN A 341 35.23 -36.73 -3.35
N GLU A 342 34.56 -35.58 -3.52
CA GLU A 342 35.23 -34.41 -4.05
C GLU A 342 35.97 -33.65 -2.96
N ASP A 343 36.78 -34.37 -2.17
CA ASP A 343 37.60 -33.74 -1.15
C ASP A 343 38.99 -34.37 -1.02
N GLY A 344 39.33 -35.35 -1.85
CA GLY A 344 40.61 -36.03 -1.74
C GLY A 344 40.69 -36.91 -0.51
N ASP A 345 39.67 -37.72 -0.28
CA ASP A 345 39.61 -38.60 0.89
C ASP A 345 38.83 -39.85 0.55
N ARG A 346 39.26 -40.99 1.09
CA ARG A 346 38.57 -42.25 0.85
C ARG A 346 37.22 -42.28 1.54
N LYS A 347 36.23 -42.87 0.88
CA LYS A 347 34.89 -42.99 1.40
C LYS A 347 34.54 -44.46 1.65
N PHE A 348 33.58 -44.69 2.55
CA PHE A 348 33.08 -46.02 2.88
C PHE A 348 34.20 -46.92 3.40
N ALA A 349 34.92 -46.42 4.40
CA ALA A 349 36.02 -47.16 5.01
C ALA A 349 35.48 -48.12 6.06
N GLN A 350 36.38 -48.74 6.82
CA GLN A 350 36.01 -49.67 7.88
C GLN A 350 36.75 -49.32 9.16
N TYR A 351 36.08 -49.46 10.29
CA TYR A 351 36.65 -49.16 11.60
C TYR A 351 36.41 -50.32 12.55
N SER A 352 37.40 -50.60 13.39
CA SER A 352 37.27 -51.62 14.42
C SER A 352 36.84 -50.95 15.73
N ILE A 353 35.64 -51.27 16.19
CA ILE A 353 35.08 -50.64 17.39
C ILE A 353 35.71 -51.35 18.58
N MET A 354 36.82 -50.78 19.06
CA MET A 354 37.53 -51.35 20.18
C MET A 354 36.93 -50.86 21.50
N ASN A 355 37.19 -51.62 22.57
CA ASN A 355 36.68 -51.29 23.89
C ASN A 355 37.70 -51.75 24.94
N LEU A 356 37.61 -51.15 26.12
CA LEU A 356 38.49 -51.46 27.24
C LEU A 356 37.66 -52.09 28.35
N GLN A 357 37.99 -53.32 28.69
CA GLN A 357 37.27 -54.08 29.73
C GLN A 357 38.28 -54.59 30.74
N ASN A 358 38.38 -53.90 31.88
CA ASN A 358 39.30 -54.26 32.96
C ASN A 358 40.75 -54.33 32.47
N ARG A 359 41.20 -53.20 31.94
CA ARG A 359 42.57 -53.05 31.42
C ARG A 359 42.89 -54.08 30.34
N LYS A 360 41.89 -54.47 29.56
CA LYS A 360 42.07 -55.45 28.49
C LYS A 360 41.26 -54.99 27.28
N LEU A 361 41.95 -54.70 26.18
CA LEU A 361 41.28 -54.24 24.97
C LEU A 361 40.53 -55.39 24.32
N VAL A 362 39.29 -55.12 23.89
CA VAL A 362 38.43 -56.13 23.27
C VAL A 362 37.55 -55.46 22.25
N GLN A 363 37.34 -56.13 21.12
CA GLN A 363 36.51 -55.64 20.04
C GLN A 363 35.04 -55.96 20.30
N VAL A 364 34.17 -55.04 19.90
CA VAL A 364 32.74 -55.19 20.14
C VAL A 364 32.00 -55.32 18.80
N GLY A 365 32.54 -54.73 17.75
CA GLY A 365 31.89 -54.80 16.46
C GLY A 365 32.71 -54.14 15.38
N ILE A 366 32.09 -54.01 14.21
CA ILE A 366 32.72 -53.39 13.04
C ILE A 366 31.73 -52.42 12.42
N TYR A 367 32.23 -51.23 12.06
CA TYR A 367 31.40 -50.21 11.40
C TYR A 367 31.44 -50.47 9.91
N ASN A 368 30.39 -51.12 9.40
CA ASN A 368 30.34 -51.54 8.01
C ASN A 368 29.67 -50.44 7.16
N GLY A 369 30.40 -49.34 7.01
CA GLY A 369 29.97 -48.25 6.16
C GLY A 369 28.83 -47.42 6.71
N THR A 370 27.68 -48.05 6.98
CA THR A 370 26.52 -47.34 7.50
C THR A 370 25.81 -48.08 8.62
N HIS A 371 26.24 -49.28 8.99
CA HIS A 371 25.57 -50.08 10.01
C HIS A 371 26.59 -50.55 11.05
N VAL A 372 26.21 -50.48 12.32
CA VAL A 372 27.04 -50.95 13.42
C VAL A 372 26.51 -52.30 13.86
N ILE A 373 27.27 -53.35 13.62
CA ILE A 373 26.88 -54.72 13.96
C ILE A 373 27.72 -55.18 15.16
N PRO A 374 27.11 -55.46 16.30
CA PRO A 374 27.86 -55.97 17.45
C PRO A 374 28.11 -57.47 17.34
N ASN A 375 29.08 -57.94 18.12
CA ASN A 375 29.43 -59.35 18.18
C ASN A 375 28.64 -60.02 19.31
N ASP A 376 28.98 -61.28 19.61
CA ASP A 376 28.28 -61.99 20.67
C ASP A 376 28.68 -61.48 22.05
N ARG A 377 29.84 -60.84 22.16
CA ARG A 377 30.30 -60.34 23.44
C ARG A 377 29.41 -59.20 23.94
N LYS A 378 29.59 -58.84 25.20
CA LYS A 378 28.80 -57.79 25.84
C LYS A 378 29.71 -56.60 26.15
N ILE A 379 29.08 -55.50 26.54
CA ILE A 379 29.79 -54.27 26.86
C ILE A 379 29.80 -54.04 28.36
N ILE A 380 30.92 -53.56 28.86
CA ILE A 380 31.11 -53.28 30.29
C ILE A 380 31.24 -51.77 30.43
N TRP A 381 30.16 -51.11 30.83
CA TRP A 381 30.12 -49.67 31.00
C TRP A 381 30.88 -49.24 32.24
N PRO A 382 31.32 -47.98 32.30
CA PRO A 382 32.02 -47.49 33.50
C PRO A 382 31.20 -47.66 34.76
N GLY A 383 31.79 -48.28 35.79
CA GLY A 383 31.12 -48.55 37.03
C GLY A 383 30.79 -50.01 37.27
N GLY A 384 30.62 -50.80 36.22
CA GLY A 384 30.34 -52.22 36.33
C GLY A 384 28.95 -52.62 35.87
N GLU A 385 28.01 -51.70 35.76
CA GLU A 385 26.66 -52.04 35.31
C GLU A 385 26.66 -52.40 33.82
N THR A 386 25.64 -53.15 33.42
CA THR A 386 25.46 -53.57 32.02
C THR A 386 24.05 -53.16 31.59
N GLU A 387 23.93 -51.93 31.10
CA GLU A 387 22.66 -51.39 30.65
C GLU A 387 22.93 -50.07 29.92
N LYS A 388 22.09 -49.78 28.92
CA LYS A 388 22.22 -48.54 28.16
C LYS A 388 21.92 -47.34 29.06
N PRO A 389 22.89 -46.47 29.31
CA PRO A 389 22.64 -45.30 30.15
C PRO A 389 21.70 -44.31 29.49
N ARG A 390 20.98 -43.56 30.34
CA ARG A 390 20.06 -42.56 29.82
C ARG A 390 20.81 -41.40 29.17
N GLY A 391 21.97 -41.04 29.71
CA GLY A 391 22.73 -39.93 29.17
C GLY A 391 22.08 -38.59 29.37
N TYR A 392 21.09 -38.49 30.25
CA TYR A 392 20.40 -37.22 30.49
C TYR A 392 19.78 -37.29 31.88
N GLN A 393 20.34 -36.51 32.80
CA GLN A 393 19.85 -36.44 34.18
C GLN A 393 19.02 -35.17 34.32
N MET A 394 17.71 -35.33 34.55
CA MET A 394 16.80 -34.19 34.63
C MET A 394 16.65 -33.75 36.08
N SER A 395 17.74 -33.24 36.62
CA SER A 395 17.71 -32.67 37.97
C SER A 395 16.86 -31.40 37.97
N THR A 396 16.18 -31.18 39.09
CA THR A 396 15.23 -30.07 39.21
C THR A 396 15.73 -29.11 40.29
N ARG A 397 16.61 -28.18 39.89
CA ARG A 397 17.05 -27.07 40.73
C ARG A 397 17.27 -25.87 39.80
N LEU A 398 16.22 -25.05 39.65
CA LEU A 398 16.25 -23.99 38.66
C LEU A 398 16.73 -22.67 39.28
N LYS A 399 17.16 -21.77 38.41
CA LYS A 399 17.56 -20.43 38.79
C LYS A 399 16.64 -19.41 38.13
N ILE A 400 16.38 -18.31 38.83
CA ILE A 400 15.44 -17.31 38.36
C ILE A 400 16.14 -15.96 38.22
N VAL A 401 15.69 -15.14 37.28
CA VAL A 401 16.17 -13.77 37.12
C VAL A 401 14.96 -12.84 37.16
N THR A 402 15.13 -11.71 37.85
CA THR A 402 14.04 -10.78 38.06
C THR A 402 14.61 -9.37 38.08
N ILE A 403 13.80 -8.41 37.62
CA ILE A 403 14.20 -7.00 37.59
C ILE A 403 13.36 -6.25 38.61
N HIS A 404 13.72 -5.00 38.88
CA HIS A 404 13.07 -4.19 39.91
C HIS A 404 11.97 -3.35 39.27
N GLN A 405 10.72 -3.70 39.55
CA GLN A 405 9.56 -2.90 39.19
C GLN A 405 8.60 -2.89 40.38
N GLU A 406 8.34 -1.69 40.91
CA GLU A 406 7.53 -1.56 42.12
C GLU A 406 6.14 -2.20 42.01
N PRO A 407 5.34 -1.97 40.96
CA PRO A 407 4.02 -2.59 40.91
C PRO A 407 4.04 -4.11 40.79
N PHE A 408 5.17 -4.71 40.43
CA PHE A 408 5.26 -6.16 40.29
C PHE A 408 6.22 -6.78 41.30
N VAL A 409 7.46 -6.30 41.38
CA VAL A 409 8.49 -6.92 42.19
C VAL A 409 9.02 -5.87 43.15
N TYR A 410 8.60 -5.95 44.41
CA TYR A 410 9.15 -5.06 45.43
C TYR A 410 10.49 -5.57 45.91
N VAL A 411 11.41 -4.63 46.18
CA VAL A 411 12.72 -4.93 46.74
C VAL A 411 12.91 -4.07 47.98
N LYS A 412 13.33 -4.71 49.07
CA LYS A 412 13.55 -4.04 50.34
C LYS A 412 14.73 -4.69 51.04
N PRO A 413 15.55 -3.90 51.74
CA PRO A 413 16.69 -4.46 52.47
C PRO A 413 16.25 -5.26 53.68
N THR A 414 16.98 -6.35 53.92
CA THR A 414 16.70 -7.20 55.06
C THR A 414 17.15 -6.52 56.36
N MET A 415 16.62 -7.02 57.46
CA MET A 415 16.98 -6.49 58.78
C MET A 415 18.38 -6.91 59.16
N SER A 416 18.81 -6.47 60.34
CA SER A 416 20.15 -6.78 60.83
C SER A 416 20.30 -8.25 61.20
N ASP A 417 19.19 -8.97 61.42
CA ASP A 417 19.28 -10.38 61.80
C ASP A 417 19.75 -11.23 60.64
N GLY A 418 19.27 -10.95 59.43
CA GLY A 418 19.65 -11.71 58.26
C GLY A 418 18.49 -11.91 57.30
N THR A 419 17.27 -11.64 57.77
CA THR A 419 16.07 -11.70 56.95
C THR A 419 15.34 -10.37 57.06
N CYS A 420 14.15 -10.30 56.46
CA CYS A 420 13.35 -9.10 56.48
C CYS A 420 12.09 -9.36 57.30
N LYS A 421 11.68 -8.36 58.08
CA LYS A 421 10.56 -8.52 59.01
C LYS A 421 9.29 -8.88 58.25
N GLU A 422 8.60 -9.92 58.72
CA GLU A 422 7.35 -10.33 58.12
C GLU A 422 6.23 -9.35 58.50
N GLU A 423 5.13 -9.45 57.76
CA GLU A 423 3.98 -8.59 57.99
C GLU A 423 2.73 -9.32 57.49
N PHE A 424 1.62 -8.60 57.40
CA PHE A 424 0.36 -9.17 56.93
C PHE A 424 -0.32 -8.17 56.01
N THR A 425 -1.34 -8.64 55.29
CA THR A 425 -2.08 -7.81 54.36
C THR A 425 -3.17 -7.04 55.11
N VAL A 426 -4.07 -6.40 54.35
CA VAL A 426 -5.16 -5.66 54.95
C VAL A 426 -6.12 -6.61 55.67
N ASN A 427 -6.44 -7.74 55.04
CA ASN A 427 -7.34 -8.70 55.67
C ASN A 427 -6.64 -9.48 56.77
N GLY A 428 -5.31 -9.63 56.69
CA GLY A 428 -4.55 -10.36 57.68
C GLY A 428 -3.80 -11.56 57.15
N ASP A 429 -3.88 -11.83 55.85
CA ASP A 429 -3.17 -12.97 55.28
C ASP A 429 -1.66 -12.69 55.28
N PRO A 430 -0.84 -13.70 55.56
CA PRO A 430 0.62 -13.50 55.58
C PRO A 430 1.17 -13.35 54.17
N VAL A 431 1.84 -12.23 53.92
CA VAL A 431 2.43 -11.94 52.61
C VAL A 431 3.66 -12.85 52.46
N LYS A 432 3.60 -13.79 51.52
CA LYS A 432 4.70 -14.71 51.30
C LYS A 432 5.84 -14.02 50.57
N LYS A 433 7.03 -14.03 51.17
CA LYS A 433 8.22 -13.43 50.59
C LYS A 433 9.25 -14.51 50.32
N VAL A 434 10.35 -14.09 49.68
CA VAL A 434 11.44 -14.99 49.33
C VAL A 434 12.74 -14.20 49.40
N ILE A 435 13.83 -14.90 49.74
CA ILE A 435 15.13 -14.26 49.82
C ILE A 435 15.58 -13.85 48.43
N CYS A 436 16.31 -12.74 48.35
CA CYS A 436 16.77 -12.18 47.08
C CYS A 436 18.27 -11.92 47.16
N THR A 437 19.03 -12.54 46.28
CA THR A 437 20.49 -12.41 46.23
C THR A 437 20.86 -11.63 44.98
N GLY A 438 21.06 -10.32 45.13
CA GLY A 438 21.40 -9.47 44.03
C GLY A 438 22.53 -8.50 44.34
N PRO A 439 22.60 -7.42 43.57
CA PRO A 439 23.66 -6.43 43.78
C PRO A 439 23.40 -5.57 44.99
N ASN A 440 24.25 -4.57 45.16
CA ASN A 440 24.16 -3.65 46.30
C ASN A 440 22.99 -2.69 46.09
N ASP A 441 22.87 -1.71 46.99
CA ASP A 441 21.74 -0.78 46.95
C ASP A 441 21.76 0.08 45.70
N THR A 442 22.87 0.78 45.47
CA THR A 442 22.92 1.74 44.37
C THR A 442 23.16 1.05 43.03
N SER A 443 24.28 0.36 42.89
CA SER A 443 24.65 -0.26 41.62
C SER A 443 25.76 -1.28 41.83
N PRO A 444 25.98 -2.20 40.88
CA PRO A 444 27.11 -3.13 41.00
C PRO A 444 28.44 -2.48 40.65
N GLY A 445 28.44 -1.18 40.37
CA GLY A 445 29.64 -0.50 39.93
C GLY A 445 30.71 -0.35 41.00
N SER A 446 30.48 0.52 41.98
CA SER A 446 31.44 0.69 43.06
C SER A 446 31.27 -0.40 44.13
N PRO A 447 30.08 -0.56 44.74
CA PRO A 447 29.94 -1.62 45.74
C PRO A 447 29.58 -2.96 45.11
N ARG A 448 30.56 -3.56 44.41
CA ARG A 448 30.37 -4.82 43.71
C ARG A 448 30.33 -5.95 44.73
N HIS A 449 29.20 -6.04 45.44
CA HIS A 449 28.99 -7.05 46.46
C HIS A 449 27.60 -7.66 46.31
N THR A 450 27.46 -8.90 46.75
CA THR A 450 26.17 -9.61 46.70
C THR A 450 25.58 -9.64 48.11
N VAL A 451 24.75 -8.64 48.40
CA VAL A 451 24.10 -8.55 49.70
C VAL A 451 22.76 -9.27 49.63
N PRO A 452 22.47 -10.18 50.57
CA PRO A 452 21.19 -10.91 50.53
C PRO A 452 20.01 -10.06 50.94
N GLN A 453 19.13 -9.75 49.99
CA GLN A 453 17.89 -9.04 50.27
C GLN A 453 16.72 -10.02 50.26
N CYS A 454 15.51 -9.47 50.34
CA CYS A 454 14.29 -10.26 50.25
C CYS A 454 13.31 -9.57 49.31
N CYS A 455 12.68 -10.34 48.44
CA CYS A 455 11.74 -9.83 47.46
C CYS A 455 10.34 -10.36 47.74
N TYR A 456 9.34 -9.63 47.26
CA TYR A 456 7.95 -10.02 47.38
C TYR A 456 7.13 -9.22 46.37
N GLY A 457 6.07 -9.84 45.88
CA GLY A 457 5.19 -9.19 44.93
C GLY A 457 4.43 -10.21 44.12
N PHE A 458 3.76 -9.70 43.07
CA PHE A 458 2.90 -10.52 42.21
C PHE A 458 3.66 -11.69 41.61
N CYS A 459 4.74 -11.41 40.88
CA CYS A 459 5.51 -12.48 40.26
C CYS A 459 6.11 -13.41 41.30
N ILE A 460 6.41 -12.90 42.50
CA ILE A 460 6.97 -13.76 43.54
C ILE A 460 5.98 -14.85 43.94
N ASP A 461 4.74 -14.47 44.29
CA ASP A 461 3.74 -15.47 44.63
C ASP A 461 3.32 -16.30 43.43
N LEU A 462 3.38 -15.75 42.21
CA LEU A 462 3.12 -16.55 41.02
C LEU A 462 4.15 -17.67 40.88
N LEU A 463 5.44 -17.34 41.04
CA LEU A 463 6.47 -18.35 40.98
C LEU A 463 6.35 -19.34 42.14
N ILE A 464 5.91 -18.86 43.30
CA ILE A 464 5.66 -19.76 44.44
C ILE A 464 4.61 -20.79 44.07
N LYS A 465 3.48 -20.34 43.52
CA LYS A 465 2.42 -21.27 43.15
C LYS A 465 2.87 -22.20 42.03
N LEU A 466 3.66 -21.70 41.08
CA LEU A 466 4.14 -22.53 39.98
C LEU A 466 5.07 -23.62 40.49
N ALA A 467 5.97 -23.29 41.42
CA ALA A 467 6.87 -24.30 41.98
C ALA A 467 6.10 -25.26 42.87
N ARG A 468 5.02 -24.80 43.51
CA ARG A 468 4.21 -25.69 44.33
C ARG A 468 3.49 -26.71 43.46
N THR A 469 2.88 -26.26 42.37
CA THR A 469 2.14 -27.19 41.51
C THR A 469 3.08 -28.05 40.68
N MET A 470 4.30 -27.58 40.44
CA MET A 470 5.25 -28.36 39.65
C MET A 470 6.18 -29.16 40.55
N GLN A 471 6.19 -28.87 41.86
CA GLN A 471 6.96 -29.61 42.84
C GLN A 471 8.45 -29.64 42.52
N PHE A 472 9.09 -28.47 42.52
CA PHE A 472 10.54 -28.40 42.37
C PHE A 472 11.12 -27.36 43.31
N THR A 473 12.43 -27.12 43.22
CA THR A 473 13.12 -26.17 44.08
C THR A 473 13.76 -25.12 43.17
N TYR A 474 14.18 -24.01 43.78
CA TYR A 474 14.63 -22.85 43.02
C TYR A 474 15.71 -22.11 43.81
N GLU A 475 16.47 -21.28 43.10
CA GLU A 475 17.47 -20.42 43.73
C GLU A 475 17.53 -19.14 42.90
N VAL A 476 16.80 -18.12 43.33
CA VAL A 476 16.64 -16.90 42.55
C VAL A 476 17.90 -16.04 42.66
N HIS A 477 18.03 -15.07 41.76
CA HIS A 477 19.14 -14.13 41.75
C HIS A 477 18.77 -12.97 40.84
N LEU A 478 19.20 -11.76 41.21
CA LEU A 478 18.83 -10.56 40.46
C LEU A 478 19.56 -10.48 39.12
N VAL A 479 19.23 -9.46 38.34
CA VAL A 479 19.84 -9.26 37.02
C VAL A 479 21.25 -8.70 37.21
N ALA A 480 22.13 -8.94 36.23
CA ALA A 480 23.52 -8.53 36.37
C ALA A 480 23.71 -7.06 36.02
N ASP A 481 23.10 -6.59 34.92
CA ASP A 481 23.31 -5.24 34.44
C ASP A 481 22.14 -4.30 34.67
N GLY A 482 20.91 -4.80 34.75
CA GLY A 482 19.76 -3.94 34.98
C GLY A 482 19.10 -3.49 33.70
N LYS A 483 18.75 -4.43 32.83
CA LYS A 483 18.09 -4.13 31.58
C LYS A 483 17.31 -5.36 31.13
N PHE A 484 16.21 -5.12 30.40
CA PHE A 484 15.40 -6.22 29.90
C PHE A 484 16.21 -7.08 28.92
N GLY A 485 16.66 -6.49 27.83
CA GLY A 485 17.46 -7.21 26.87
C GLY A 485 17.34 -6.60 25.49
N THR A 486 18.49 -6.51 24.83
CA THR A 486 18.60 -5.90 23.51
C THR A 486 19.83 -6.43 22.78
N GLN A 487 19.89 -6.19 21.47
CA GLN A 487 21.05 -6.60 20.69
C GLN A 487 22.18 -5.59 20.87
N GLU A 488 23.40 -6.12 21.10
CA GLU A 488 24.57 -5.28 21.32
C GLU A 488 25.50 -5.47 20.11
N ARG A 489 25.35 -4.58 19.14
CA ARG A 489 26.12 -4.67 17.89
C ARG A 489 27.37 -3.82 18.01
N VAL A 490 28.49 -4.46 18.35
CA VAL A 490 29.80 -3.82 18.36
C VAL A 490 30.57 -4.35 17.16
N GLN A 491 31.50 -3.55 16.64
CA GLN A 491 32.33 -3.93 15.48
C GLN A 491 32.84 -5.35 15.71
N ASN A 492 33.69 -5.58 16.72
CA ASN A 492 33.83 -6.85 17.43
C ASN A 492 33.57 -8.05 16.54
N SER A 493 34.39 -8.19 15.48
CA SER A 493 34.17 -9.13 14.37
C SER A 493 33.72 -10.48 14.92
N ASN A 494 34.40 -11.07 15.89
CA ASN A 494 33.98 -12.34 16.48
C ASN A 494 33.25 -12.11 17.80
N LYS A 495 32.12 -11.42 17.72
CA LYS A 495 31.29 -11.12 18.90
C LYS A 495 29.93 -10.59 18.45
N LYS A 496 28.87 -11.27 18.88
CA LYS A 496 27.50 -10.82 18.65
C LYS A 496 26.58 -11.57 19.60
N GLU A 497 25.92 -10.84 20.50
CA GLU A 497 25.09 -11.48 21.51
C GLU A 497 24.15 -10.45 22.11
N TRP A 498 23.33 -10.91 23.06
CA TRP A 498 22.34 -10.08 23.74
C TRP A 498 22.94 -9.54 25.02
N ASN A 499 22.46 -8.38 25.47
CA ASN A 499 22.87 -7.82 26.74
C ASN A 499 21.70 -7.83 27.73
N GLY A 500 22.00 -7.49 28.98
CA GLY A 500 20.97 -7.37 29.99
C GLY A 500 20.48 -8.71 30.51
N MET A 501 19.20 -8.73 30.88
CA MET A 501 18.59 -9.96 31.37
C MET A 501 18.50 -11.01 30.28
N MET A 502 18.14 -10.61 29.06
CA MET A 502 18.13 -11.53 27.94
C MET A 502 19.52 -12.08 27.66
N GLY A 503 20.55 -11.24 27.77
CA GLY A 503 21.91 -11.70 27.57
C GLY A 503 22.35 -12.68 28.65
N GLU A 504 21.98 -12.40 29.90
CA GLU A 504 22.31 -13.31 30.99
C GLU A 504 21.60 -14.65 30.81
N LEU A 505 20.36 -14.62 30.32
CA LEU A 505 19.63 -15.85 30.05
C LEU A 505 20.30 -16.65 28.94
N LEU A 506 20.64 -15.98 27.84
CA LEU A 506 21.30 -16.67 26.73
C LEU A 506 22.69 -17.15 27.11
N SER A 507 23.36 -16.41 28.00
CA SER A 507 24.68 -16.82 28.46
C SER A 507 24.64 -18.13 29.23
N GLY A 508 23.65 -18.28 30.11
CA GLY A 508 23.53 -19.50 30.90
C GLY A 508 23.44 -19.23 32.39
N GLN A 509 23.08 -17.99 32.76
CA GLN A 509 22.98 -17.65 34.17
C GLN A 509 21.80 -18.33 34.83
N ALA A 510 20.71 -18.55 34.08
CA ALA A 510 19.52 -19.17 34.62
C ALA A 510 18.79 -19.90 33.50
N ASP A 511 17.64 -20.48 33.83
CA ASP A 511 16.85 -21.22 32.87
C ASP A 511 15.60 -20.44 32.47
N MET A 512 14.82 -20.02 33.46
CA MET A 512 13.56 -19.33 33.19
C MET A 512 13.68 -17.84 33.48
N ILE A 513 12.68 -17.09 33.03
CA ILE A 513 12.60 -15.65 33.26
C ILE A 513 11.24 -15.36 33.89
N VAL A 514 11.24 -15.05 35.19
CA VAL A 514 10.03 -14.67 35.91
C VAL A 514 10.13 -13.18 36.16
N ALA A 515 9.58 -12.38 35.24
CA ALA A 515 9.67 -10.93 35.30
C ALA A 515 8.68 -10.33 34.30
N PRO A 516 8.28 -9.06 34.48
CA PRO A 516 7.36 -8.46 33.50
C PRO A 516 8.05 -8.16 32.18
N LEU A 517 8.29 -9.21 31.39
CA LEU A 517 8.96 -9.07 30.10
C LEU A 517 7.94 -9.00 28.98
N THR A 518 8.21 -8.15 28.00
CA THR A 518 7.31 -7.96 26.88
C THR A 518 7.55 -9.05 25.83
N ILE A 519 6.67 -9.09 24.83
CA ILE A 519 6.75 -10.07 23.75
C ILE A 519 6.87 -9.32 22.43
N ASN A 520 7.92 -9.63 21.67
CA ASN A 520 8.16 -8.99 20.39
C ASN A 520 8.61 -10.05 19.38
N ASN A 521 8.89 -9.59 18.15
CA ASN A 521 9.31 -10.52 17.11
C ASN A 521 10.73 -11.00 17.36
N GLU A 522 11.66 -10.08 17.57
CA GLU A 522 13.06 -10.45 17.77
C GLU A 522 13.24 -11.24 19.06
N ARG A 523 12.43 -10.95 20.08
CA ARG A 523 12.53 -11.67 21.34
C ARG A 523 12.11 -13.13 21.19
N ALA A 524 10.94 -13.36 20.58
CA ALA A 524 10.44 -14.73 20.44
C ALA A 524 11.14 -15.46 19.31
N GLN A 525 11.89 -14.73 18.46
CA GLN A 525 12.58 -15.38 17.35
C GLN A 525 13.64 -16.35 17.84
N TYR A 526 14.32 -16.02 18.94
CA TYR A 526 15.40 -16.85 19.44
C TYR A 526 14.95 -17.78 20.57
N ILE A 527 14.21 -17.25 21.53
CA ILE A 527 13.82 -18.01 22.70
C ILE A 527 12.35 -18.37 22.61
N GLU A 528 11.90 -19.25 23.52
CA GLU A 528 10.52 -19.68 23.60
C GLU A 528 9.75 -18.87 24.64
N PHE A 529 8.50 -18.57 24.31
CA PHE A 529 7.61 -17.81 25.19
C PHE A 529 6.44 -18.69 25.60
N SER A 530 5.62 -18.16 26.49
CA SER A 530 4.43 -18.84 26.99
C SER A 530 3.20 -17.98 26.73
N LYS A 531 2.04 -18.50 27.15
CA LYS A 531 0.80 -17.77 26.98
C LYS A 531 0.79 -16.51 27.85
N PRO A 532 0.16 -15.43 27.38
CA PRO A 532 0.16 -14.19 28.15
C PRO A 532 -0.62 -14.33 29.45
N PHE A 533 -0.04 -13.81 30.53
CA PHE A 533 -0.68 -13.81 31.85
C PHE A 533 -1.09 -12.40 32.24
N LYS A 534 -1.06 -11.47 31.29
CA LYS A 534 -1.40 -10.07 31.52
C LYS A 534 -1.55 -9.40 30.15
N TYR A 535 -2.31 -8.32 30.11
CA TYR A 535 -2.54 -7.56 28.87
C TYR A 535 -2.40 -6.08 29.22
N GLN A 536 -1.28 -5.48 28.81
CA GLN A 536 -0.97 -4.09 29.13
C GLN A 536 -0.62 -3.36 27.83
N GLY A 537 -1.38 -2.30 27.54
CA GLY A 537 -1.13 -1.46 26.38
C GLY A 537 -0.56 -0.11 26.83
N LEU A 538 0.34 0.44 26.01
CA LEU A 538 0.97 1.70 26.34
C LEU A 538 -0.05 2.82 26.47
N THR A 539 0.31 3.83 27.25
CA THR A 539 -0.58 4.96 27.53
C THR A 539 0.21 6.19 27.95
N ILE A 540 -0.47 7.32 28.11
CA ILE A 540 0.18 8.57 28.46
C ILE A 540 -0.16 8.93 29.90
N LEU A 541 0.61 9.86 30.46
CA LEU A 541 0.40 10.31 31.83
C LEU A 541 0.64 11.81 31.91
N VAL A 542 -0.34 12.55 32.41
CA VAL A 542 -0.23 13.98 32.59
C VAL A 542 -0.62 14.32 34.03
N LYS A 543 -0.15 15.48 34.49
CA LYS A 543 -0.44 15.92 35.84
C LYS A 543 -1.84 16.53 35.91
N LYS A 544 -2.44 16.44 37.09
CA LYS A 544 -3.78 16.96 37.34
C LYS A 544 -3.68 18.23 38.18
N GLU A 545 -4.41 19.26 37.78
CA GLU A 545 -4.51 20.51 38.52
C GLU A 545 -5.97 20.80 38.82
N ILE A 546 -6.27 21.08 40.10
CA ILE A 546 -7.65 21.38 40.48
C ILE A 546 -8.05 22.74 39.92
N PRO A 547 -9.21 22.86 39.28
CA PRO A 547 -9.63 24.13 38.71
C PRO A 547 -9.97 25.16 39.79
N ARG A 548 -10.01 26.42 39.36
CA ARG A 548 -10.30 27.53 40.26
C ARG A 548 -10.84 28.69 39.45
N SER A 549 -11.49 29.63 40.14
CA SER A 549 -12.02 30.82 39.47
C SER A 549 -10.88 31.67 38.91
N THR A 550 -11.15 32.28 37.75
CA THR A 550 -10.18 33.11 37.07
C THR A 550 -10.81 34.39 36.52
N LEU A 551 -11.55 35.10 37.35
CA LEU A 551 -12.25 36.32 36.94
C LEU A 551 -12.01 37.41 37.97
N ASP A 552 -12.52 38.61 37.67
CA ASP A 552 -12.40 39.77 38.54
C ASP A 552 -13.76 40.08 39.15
N SER A 553 -13.74 40.70 40.33
CA SER A 553 -14.97 40.92 41.10
C SER A 553 -15.94 41.87 40.40
N PHE A 554 -15.57 43.15 40.29
CA PHE A 554 -16.53 44.16 39.82
C PHE A 554 -16.44 44.37 38.30
N MET A 555 -15.25 44.69 37.80
CA MET A 555 -15.11 45.20 36.44
C MET A 555 -14.82 44.11 35.41
N GLN A 556 -15.23 42.87 35.67
CA GLN A 556 -15.07 41.84 34.66
C GLN A 556 -16.18 41.82 33.62
N PRO A 557 -17.47 41.81 33.97
CA PRO A 557 -18.51 41.82 32.93
C PRO A 557 -18.88 43.21 32.43
N PHE A 558 -18.51 44.26 33.15
CA PHE A 558 -18.87 45.63 32.79
C PHE A 558 -17.61 46.49 32.70
N GLN A 559 -17.63 47.46 31.81
CA GLN A 559 -16.50 48.39 31.69
C GLN A 559 -16.68 49.57 32.66
N SER A 560 -15.55 50.06 33.17
CA SER A 560 -15.59 51.18 34.11
C SER A 560 -16.19 52.42 33.47
N THR A 561 -15.92 52.63 32.18
CA THR A 561 -16.54 53.76 31.48
C THR A 561 -18.05 53.56 31.40
N LEU A 562 -18.50 52.31 31.30
CA LEU A 562 -19.94 52.04 31.32
C LEU A 562 -20.53 52.33 32.69
N TRP A 563 -19.80 51.99 33.76
CA TRP A 563 -20.23 52.35 35.10
C TRP A 563 -20.37 53.86 35.25
N LEU A 564 -19.38 54.61 34.76
CA LEU A 564 -19.43 56.06 34.84
C LEU A 564 -20.59 56.62 34.01
N LEU A 565 -20.86 56.00 32.86
CA LEU A 565 -21.98 56.44 32.03
C LEU A 565 -23.31 56.21 32.75
N VAL A 566 -23.47 55.06 33.40
CA VAL A 566 -24.71 54.78 34.13
C VAL A 566 -24.86 55.74 35.30
N GLY A 567 -23.75 56.05 35.98
CA GLY A 567 -23.81 57.00 37.08
C GLY A 567 -24.22 58.39 36.63
N LEU A 568 -23.61 58.88 35.55
CA LEU A 568 -24.01 60.18 35.01
C LEU A 568 -25.47 60.14 34.53
N SER A 569 -25.90 59.01 33.99
CA SER A 569 -27.28 58.88 33.51
C SER A 569 -28.27 58.99 34.66
N VAL A 570 -28.01 58.27 35.77
CA VAL A 570 -28.94 58.33 36.90
C VAL A 570 -28.89 59.72 37.55
N HIS A 571 -27.71 60.34 37.59
CA HIS A 571 -27.59 61.68 38.14
C HIS A 571 -28.40 62.68 37.31
N VAL A 572 -28.40 62.53 35.99
CA VAL A 572 -29.19 63.42 35.14
C VAL A 572 -30.67 63.12 35.27
N VAL A 573 -31.03 61.83 35.36
CA VAL A 573 -32.42 61.43 35.47
C VAL A 573 -33.04 61.95 36.78
N ALA A 574 -32.25 62.01 37.85
CA ALA A 574 -32.75 62.57 39.10
C ALA A 574 -33.21 64.02 38.91
N VAL A 575 -32.35 64.85 38.32
CA VAL A 575 -32.67 66.25 38.12
C VAL A 575 -33.83 66.39 37.13
N MET A 576 -33.88 65.52 36.13
CA MET A 576 -34.96 65.56 35.15
C MET A 576 -36.30 65.21 35.79
N LEU A 577 -36.32 64.26 36.74
CA LEU A 577 -37.55 63.96 37.45
C LEU A 577 -37.93 65.09 38.40
N TYR A 578 -36.92 65.73 39.00
CA TYR A 578 -37.20 66.85 39.90
C TYR A 578 -37.82 68.03 39.15
N LEU A 579 -37.26 68.39 37.99
CA LEU A 579 -37.70 69.59 37.29
C LEU A 579 -39.13 69.44 36.76
N LEU A 580 -39.54 68.21 36.43
CA LEU A 580 -40.85 67.99 35.82
C LEU A 580 -42.00 68.34 36.75
N ASP A 581 -41.72 68.45 38.04
CA ASP A 581 -42.72 68.84 39.03
C ASP A 581 -42.56 70.29 39.46
N ARG A 582 -41.33 70.79 39.47
CA ARG A 582 -41.07 72.17 39.87
C ARG A 582 -41.32 73.13 38.73
N PHE A 583 -41.60 72.60 37.53
CA PHE A 583 -41.89 73.47 36.40
C PHE A 583 -43.19 73.11 35.68
N SER A 584 -44.15 72.51 36.37
CA SER A 584 -45.41 72.12 35.76
C SER A 584 -46.53 72.60 36.66
N PRO A 585 -47.67 72.98 36.08
CA PRO A 585 -48.82 73.42 36.89
C PRO A 585 -49.44 72.26 37.65
N PHE A 586 -50.49 72.59 38.39
CA PHE A 586 -51.23 71.62 39.20
C PHE A 586 -50.31 70.88 40.17
N LEU A 601 -40.17 68.83 43.46
CA LEU A 601 -40.54 67.49 43.87
C LEU A 601 -39.61 67.00 44.97
N THR A 602 -39.20 67.92 45.84
CA THR A 602 -38.30 67.58 46.94
C THR A 602 -37.01 66.97 46.40
N LEU A 603 -36.24 67.77 45.66
CA LEU A 603 -35.07 67.28 44.92
C LEU A 603 -34.29 66.24 45.70
N SER A 604 -34.18 66.40 47.02
CA SER A 604 -33.55 65.38 47.85
C SER A 604 -34.29 64.05 47.74
N SER A 605 -35.61 64.07 47.94
CA SER A 605 -36.40 62.84 47.85
C SER A 605 -36.43 62.31 46.42
N ALA A 606 -36.38 63.20 45.44
CA ALA A 606 -36.35 62.76 44.04
C ALA A 606 -35.06 62.01 43.73
N MET A 607 -33.93 62.53 44.18
CA MET A 607 -32.67 61.83 43.99
C MET A 607 -32.62 60.53 44.78
N TRP A 608 -33.22 60.53 45.98
CA TRP A 608 -33.31 59.29 46.75
C TRP A 608 -34.12 58.23 46.00
N PHE A 609 -35.25 58.63 45.41
CA PHE A 609 -36.05 57.70 44.62
C PHE A 609 -35.28 57.20 43.40
N SER A 610 -34.59 58.11 42.71
CA SER A 610 -33.83 57.74 41.53
C SER A 610 -32.72 56.75 41.87
N TRP A 611 -32.11 56.90 43.05
CA TRP A 611 -31.06 55.97 43.45
C TRP A 611 -31.64 54.66 43.95
N GLY A 612 -32.78 54.71 44.64
CA GLY A 612 -33.39 53.50 45.16
C GLY A 612 -34.01 52.62 44.10
N VAL A 613 -34.47 53.19 43.00
CA VAL A 613 -35.02 52.38 41.92
C VAL A 613 -33.93 51.55 41.23
N LEU A 614 -32.74 52.12 41.05
CA LEU A 614 -31.67 51.39 40.36
C LEU A 614 -31.04 50.33 41.27
N LEU A 615 -30.69 50.69 42.50
CA LEU A 615 -30.01 49.78 43.40
C LEU A 615 -30.95 48.80 44.09
N ASN A 616 -32.26 48.88 43.81
CA ASN A 616 -33.29 47.98 44.35
C ASN A 616 -33.43 48.07 45.86
N SER A 617 -32.78 49.05 46.49
CA SER A 617 -32.88 49.19 47.94
C SER A 617 -34.26 49.71 48.33
N GLY A 618 -34.76 49.21 49.45
CA GLY A 618 -36.05 49.63 49.96
C GLY A 618 -35.96 50.81 50.90
N ILE A 619 -35.26 51.87 50.48
CA ILE A 619 -35.06 53.06 51.29
C ILE A 619 -35.76 54.23 50.61
N GLY A 620 -36.23 55.18 51.41
CA GLY A 620 -36.91 56.35 50.90
C GLY A 620 -38.38 56.11 50.65
N GLU A 621 -39.21 57.13 50.94
CA GLU A 621 -40.65 57.06 50.75
C GLU A 621 -41.06 58.26 49.91
N GLY A 622 -41.03 58.10 48.59
CA GLY A 622 -41.40 59.18 47.69
C GLY A 622 -41.83 58.63 46.36
N ALA A 623 -42.88 59.25 45.79
CA ALA A 623 -43.43 58.84 44.51
C ALA A 623 -43.77 60.08 43.70
N PRO A 624 -43.54 60.05 42.39
CA PRO A 624 -43.89 61.20 41.55
C PRO A 624 -45.39 61.38 41.45
N ARG A 625 -45.84 62.62 41.64
CA ARG A 625 -47.26 62.96 41.59
C ARG A 625 -47.71 63.46 40.22
N SER A 626 -46.78 63.69 39.30
CA SER A 626 -47.13 64.16 37.97
C SER A 626 -47.36 62.97 37.04
N PHE A 627 -47.56 63.25 35.75
CA PHE A 627 -47.75 62.21 34.75
C PHE A 627 -46.48 61.98 33.94
N SER A 628 -45.86 63.05 33.46
CA SER A 628 -44.58 62.92 32.77
C SER A 628 -43.51 62.36 33.68
N ALA A 629 -43.45 62.84 34.93
CA ALA A 629 -42.51 62.28 35.89
C ALA A 629 -42.82 60.81 36.16
N ARG A 630 -44.10 60.46 36.17
CA ARG A 630 -44.49 59.07 36.42
C ARG A 630 -44.04 58.15 35.30
N ILE A 631 -44.29 58.55 34.04
CA ILE A 631 -43.87 57.70 32.92
C ILE A 631 -42.35 57.66 32.83
N LEU A 632 -41.66 58.75 33.17
CA LEU A 632 -40.20 58.73 33.17
C LEU A 632 -39.67 57.80 34.25
N GLY A 633 -40.33 57.77 35.42
CA GLY A 633 -39.93 56.83 36.45
C GLY A 633 -40.18 55.38 36.05
N MET A 634 -41.29 55.13 35.37
CA MET A 634 -41.56 53.79 34.85
C MET A 634 -40.49 53.36 33.85
N VAL A 635 -40.13 54.25 32.92
CA VAL A 635 -39.04 53.96 31.98
C VAL A 635 -37.71 53.74 32.67
N TRP A 636 -37.40 54.52 33.71
CA TRP A 636 -36.15 54.32 34.43
C TRP A 636 -36.15 52.99 35.18
N ALA A 637 -37.29 52.59 35.73
CA ALA A 637 -37.38 51.29 36.38
C ALA A 637 -37.17 50.17 35.37
N GLY A 638 -37.78 50.28 34.19
CA GLY A 638 -37.53 49.30 33.15
C GLY A 638 -36.08 49.25 32.71
N PHE A 639 -35.45 50.43 32.62
CA PHE A 639 -34.04 50.50 32.26
C PHE A 639 -33.17 49.80 33.29
N ALA A 640 -33.42 50.06 34.58
CA ALA A 640 -32.68 49.38 35.63
C ALA A 640 -32.89 47.88 35.58
N MET A 641 -34.12 47.44 35.31
CA MET A 641 -34.41 46.03 35.22
C MET A 641 -33.64 45.38 34.08
N ILE A 642 -33.65 46.01 32.90
CA ILE A 642 -32.96 45.40 31.76
C ILE A 642 -31.45 45.46 31.94
N ILE A 643 -30.95 46.48 32.65
CA ILE A 643 -29.52 46.55 32.94
C ILE A 643 -29.11 45.41 33.87
N VAL A 644 -29.89 45.18 34.93
CA VAL A 644 -29.59 44.08 35.83
C VAL A 644 -29.70 42.74 35.12
N ALA A 645 -30.68 42.60 34.22
CA ALA A 645 -30.83 41.35 33.48
C ALA A 645 -29.64 41.11 32.57
N SER A 646 -29.19 42.14 31.85
CA SER A 646 -28.02 41.98 30.98
C SER A 646 -26.77 41.69 31.79
N TYR A 647 -26.62 42.34 32.95
CA TYR A 647 -25.48 42.06 33.81
C TYR A 647 -25.47 40.61 34.25
N THR A 648 -26.61 40.10 34.73
CA THR A 648 -26.68 38.72 35.17
C THR A 648 -26.43 37.75 34.02
N ALA A 649 -26.98 38.05 32.84
CA ALA A 649 -26.78 37.18 31.68
C ALA A 649 -25.31 37.13 31.27
N ASN A 650 -24.65 38.28 31.20
CA ASN A 650 -23.24 38.30 30.83
C ASN A 650 -22.38 37.60 31.88
N LEU A 651 -22.69 37.81 33.16
CA LEU A 651 -21.93 37.14 34.21
C LEU A 651 -22.10 35.62 34.14
N ALA A 652 -23.32 35.15 33.92
CA ALA A 652 -23.55 33.71 33.80
C ALA A 652 -22.84 33.15 32.57
N ALA A 653 -22.88 33.87 31.45
CA ALA A 653 -22.21 33.40 30.25
C ALA A 653 -20.70 33.30 30.46
N PHE A 654 -20.10 34.34 31.04
CA PHE A 654 -18.67 34.34 31.29
C PHE A 654 -18.25 33.32 32.35
N LEU A 655 -19.13 33.00 33.30
CA LEU A 655 -18.83 32.02 34.33
C LEU A 655 -19.07 30.58 33.89
N VAL A 656 -19.90 30.38 32.85
CA VAL A 656 -20.14 29.05 32.30
C VAL A 656 -19.25 28.75 31.11
N LEU A 657 -18.66 29.75 30.48
CA LEU A 657 -17.76 29.56 29.35
C LEU A 657 -16.30 29.77 29.73
N ASP A 658 -15.93 29.51 30.98
CA ASP A 658 -14.56 29.71 31.45
C ASP A 658 -14.10 28.47 32.23
N ARG A 659 -14.35 27.29 31.65
CA ARG A 659 -13.95 26.02 32.24
C ARG A 659 -13.06 25.27 31.26
N PRO A 660 -11.79 25.67 31.15
CA PRO A 660 -10.89 25.03 30.18
C PRO A 660 -10.27 23.75 30.70
N GLU A 661 -10.08 22.78 29.80
CA GLU A 661 -9.45 21.50 30.17
C GLU A 661 -8.86 20.90 28.89
N GLU A 662 -7.53 20.88 28.80
CA GLU A 662 -6.88 20.35 27.61
C GLU A 662 -7.22 18.86 27.41
N ARG A 663 -6.74 18.01 28.33
CA ARG A 663 -7.01 16.58 28.30
C ARG A 663 -6.72 15.99 26.91
N ILE A 664 -5.42 16.02 26.57
CA ILE A 664 -4.96 15.50 25.29
C ILE A 664 -5.52 14.10 25.08
N THR A 665 -6.08 13.87 23.89
CA THR A 665 -6.79 12.62 23.63
C THR A 665 -5.85 11.42 23.66
N GLY A 666 -4.76 11.48 22.89
CA GLY A 666 -3.83 10.38 22.86
C GLY A 666 -2.65 10.58 21.92
N ILE A 667 -2.26 9.51 21.23
CA ILE A 667 -1.10 9.56 20.36
C ILE A 667 -1.40 10.40 19.12
N ASN A 668 -2.62 10.32 18.62
CA ASN A 668 -3.02 11.05 17.42
C ASN A 668 -3.51 12.46 17.72
N ASP A 669 -3.16 13.01 18.87
CA ASP A 669 -3.55 14.37 19.20
C ASP A 669 -2.71 15.35 18.38
N PRO A 670 -3.30 16.43 17.87
CA PRO A 670 -2.51 17.38 17.07
C PRO A 670 -1.34 17.99 17.83
N ARG A 671 -1.53 18.31 19.11
CA ARG A 671 -0.44 18.85 19.92
C ARG A 671 0.70 17.85 20.04
N LEU A 672 0.37 16.56 20.14
CA LEU A 672 1.37 15.51 20.32
C LEU A 672 1.84 14.89 19.01
N ARG A 673 1.08 15.05 17.92
CA ARG A 673 1.50 14.48 16.65
C ARG A 673 2.67 15.24 16.05
N ASN A 674 2.67 16.57 16.22
CA ASN A 674 3.75 17.41 15.71
C ASN A 674 4.58 17.96 16.85
N PRO A 675 5.90 17.96 16.71
CA PRO A 675 6.75 18.50 17.79
C PRO A 675 6.61 20.01 17.92
N SER A 676 6.67 20.48 19.16
CA SER A 676 6.55 21.89 19.45
C SER A 676 7.29 22.21 20.74
N ASP A 677 7.66 23.48 20.90
CA ASP A 677 8.38 23.92 22.08
C ASP A 677 7.47 24.22 23.26
N LYS A 678 6.16 24.27 23.05
CA LYS A 678 5.19 24.54 24.11
C LYS A 678 4.62 23.27 24.73
N PHE A 679 5.12 22.10 24.34
CA PHE A 679 4.66 20.84 24.90
C PHE A 679 5.83 19.86 24.91
N ILE A 680 6.21 19.40 26.10
CA ILE A 680 7.34 18.52 26.26
C ILE A 680 6.86 17.17 26.77
N TYR A 681 7.54 16.11 26.37
CA TYR A 681 7.23 14.75 26.80
C TYR A 681 8.49 13.91 26.67
N ALA A 682 8.57 12.87 27.50
CA ALA A 682 9.76 12.04 27.57
C ALA A 682 9.36 10.59 27.79
N THR A 683 10.35 9.71 27.83
CA THR A 683 10.15 8.29 28.06
C THR A 683 11.37 7.74 28.78
N VAL A 684 11.50 6.42 28.81
CA VAL A 684 12.61 5.75 29.46
C VAL A 684 13.58 5.29 28.39
N LYS A 685 14.82 5.78 28.45
CA LYS A 685 15.83 5.41 27.47
C LYS A 685 16.22 3.95 27.64
N GLN A 686 16.67 3.35 26.53
CA GLN A 686 17.09 1.95 26.48
C GLN A 686 15.99 1.02 26.99
N SER A 687 14.84 1.07 26.31
CA SER A 687 13.69 0.26 26.68
C SER A 687 12.92 -0.11 25.42
N SER A 688 11.80 -0.82 25.63
CA SER A 688 10.97 -1.25 24.51
C SER A 688 10.32 -0.06 23.80
N VAL A 689 10.07 1.03 24.53
CA VAL A 689 9.46 2.21 23.90
C VAL A 689 10.40 2.81 22.88
N ASP A 690 11.71 2.82 23.17
CA ASP A 690 12.68 3.34 22.23
C ASP A 690 12.71 2.49 20.95
N ILE A 691 12.63 1.17 21.09
CA ILE A 691 12.62 0.30 19.92
C ILE A 691 11.34 0.51 19.12
N TYR A 692 10.21 0.65 19.82
CA TYR A 692 8.93 0.84 19.14
C TYR A 692 8.89 2.18 18.39
N PHE A 693 9.56 3.20 18.93
CA PHE A 693 9.59 4.48 18.24
C PHE A 693 10.61 4.50 17.11
N ARG A 694 11.72 3.76 17.27
CA ARG A 694 12.72 3.69 16.21
C ARG A 694 12.28 2.82 15.05
N ARG A 695 11.39 1.86 15.28
CA ARG A 695 10.92 0.98 14.21
C ARG A 695 9.80 1.61 13.39
N GLN A 696 9.11 2.61 13.93
CA GLN A 696 8.04 3.30 13.21
C GLN A 696 8.61 4.47 12.41
N VAL A 697 8.18 4.58 11.16
CA VAL A 697 8.63 5.65 10.27
C VAL A 697 7.69 6.85 10.33
N GLU A 698 6.42 6.62 10.66
CA GLU A 698 5.46 7.71 10.75
C GLU A 698 5.76 8.65 11.90
N LEU A 699 6.38 8.17 12.97
CA LEU A 699 6.70 8.96 14.14
C LEU A 699 8.18 9.32 14.23
N SER A 700 8.86 9.48 13.10
CA SER A 700 10.29 9.81 13.13
C SER A 700 10.54 11.18 13.73
N THR A 701 9.68 12.15 13.42
CA THR A 701 9.83 13.49 14.00
C THR A 701 9.62 13.46 15.50
N MET A 702 8.59 12.74 15.97
CA MET A 702 8.36 12.64 17.40
C MET A 702 9.50 11.93 18.10
N TYR A 703 10.08 10.91 17.46
CA TYR A 703 11.23 10.22 18.06
C TYR A 703 12.44 11.13 18.13
N ARG A 704 12.72 11.89 17.06
CA ARG A 704 13.85 12.81 17.07
C ARG A 704 13.65 13.90 18.12
N HIS A 705 12.40 14.31 18.34
CA HIS A 705 12.14 15.32 19.36
C HIS A 705 12.30 14.75 20.76
N MET A 706 11.82 13.53 20.98
CA MET A 706 11.86 12.95 22.33
C MET A 706 13.25 12.42 22.67
N GLU A 707 14.10 12.24 21.66
CA GLU A 707 15.44 11.71 21.91
C GLU A 707 16.25 12.61 22.83
N LYS A 708 16.02 13.92 22.75
CA LYS A 708 16.76 14.89 23.56
C LYS A 708 16.13 15.13 24.93
N HIS A 709 15.24 14.25 25.38
CA HIS A 709 14.60 14.42 26.68
C HIS A 709 14.48 13.13 27.49
N ASN A 710 15.10 12.04 27.04
CA ASN A 710 14.97 10.75 27.71
C ASN A 710 15.45 10.81 29.16
N TYR A 711 14.77 10.09 30.04
CA TYR A 711 15.09 10.04 31.45
C TYR A 711 15.81 8.73 31.79
N GLU A 712 16.32 8.67 33.02
CA GLU A 712 17.06 7.48 33.45
C GLU A 712 16.10 6.32 33.73
N SER A 713 15.10 6.55 34.55
CA SER A 713 14.16 5.49 34.93
C SER A 713 12.82 6.12 35.31
N ALA A 714 11.87 5.27 35.66
CA ALA A 714 10.53 5.74 36.00
C ALA A 714 10.52 6.44 37.35
N ALA A 715 11.42 6.04 38.25
CA ALA A 715 11.45 6.62 39.60
C ALA A 715 11.70 8.12 39.54
N GLU A 716 12.61 8.57 38.66
CA GLU A 716 12.88 9.99 38.54
C GLU A 716 11.83 10.67 37.67
N ALA A 717 11.34 9.97 36.64
CA ALA A 717 10.39 10.58 35.71
C ALA A 717 9.07 10.90 36.39
N ILE A 718 8.56 9.98 37.19
CA ILE A 718 7.28 10.21 37.87
C ILE A 718 7.42 11.35 38.86
N GLN A 719 8.58 11.44 39.53
CA GLN A 719 8.81 12.52 40.48
C GLN A 719 8.93 13.87 39.76
N ALA A 720 9.52 13.87 38.56
CA ALA A 720 9.69 15.13 37.83
C ALA A 720 8.39 15.58 37.18
N VAL A 721 7.50 14.63 36.86
CA VAL A 721 6.22 14.98 36.27
C VAL A 721 5.40 15.83 37.23
N ARG A 722 5.33 15.42 38.50
CA ARG A 722 4.54 16.16 39.47
C ARG A 722 5.18 17.50 39.80
N ASP A 723 6.46 17.67 39.49
CA ASP A 723 7.16 18.92 39.77
C ASP A 723 6.94 19.95 38.67
N ASN A 724 5.99 19.66 37.76
CA ASN A 724 5.64 20.55 36.65
C ASN A 724 6.83 20.78 35.72
N LYS A 725 7.84 19.92 35.81
CA LYS A 725 8.98 20.04 34.90
C LYS A 725 8.66 19.47 33.53
N LEU A 726 7.79 18.48 33.46
CA LEU A 726 7.39 17.84 32.21
C LEU A 726 5.88 18.05 32.01
N HIS A 727 5.37 17.58 30.87
CA HIS A 727 3.97 17.72 30.54
C HIS A 727 3.30 16.42 30.11
N ALA A 728 4.06 15.37 29.79
CA ALA A 728 3.48 14.10 29.39
C ALA A 728 4.53 13.01 29.56
N PHE A 729 4.07 11.82 29.92
CA PHE A 729 4.96 10.69 30.14
C PHE A 729 4.26 9.42 29.69
N ILE A 730 5.03 8.51 29.10
CA ILE A 730 4.51 7.29 28.49
C ILE A 730 5.18 6.08 29.14
N TRP A 731 4.38 5.08 29.51
CA TRP A 731 4.89 3.82 30.01
C TRP A 731 3.85 2.74 29.73
N ASP A 732 4.03 1.61 30.40
CA ASP A 732 3.09 0.49 30.26
C ASP A 732 1.77 0.81 30.93
N SER A 733 0.83 -0.15 30.84
CA SER A 733 -0.49 0.05 31.42
C SER A 733 -0.49 -0.27 32.92
N ALA A 734 0.12 -1.40 33.29
CA ALA A 734 0.04 -1.86 34.68
C ALA A 734 0.78 -0.91 35.62
N VAL A 735 2.02 -0.55 35.25
CA VAL A 735 2.84 0.30 36.12
C VAL A 735 2.18 1.68 36.27
N LEU A 736 1.72 2.25 35.15
CA LEU A 736 1.10 3.56 35.19
C LEU A 736 -0.19 3.53 35.99
N GLU A 737 -1.02 2.50 35.79
CA GLU A 737 -2.27 2.38 36.53
C GLU A 737 -2.02 2.24 38.02
N PHE A 738 -1.02 1.45 38.40
CA PHE A 738 -0.72 1.28 39.81
C PHE A 738 -0.16 2.57 40.41
N GLU A 739 0.68 3.29 39.68
CA GLU A 739 1.21 4.57 40.18
C GLU A 739 0.09 5.59 40.33
N ALA A 740 -0.91 5.56 39.44
CA ALA A 740 -2.03 6.49 39.54
C ALA A 740 -2.94 6.12 40.69
N SER A 741 -3.13 4.81 40.93
CA SER A 741 -4.07 4.37 41.96
C SER A 741 -3.46 4.53 43.36
N GLN A 742 -2.20 4.16 43.54
CA GLN A 742 -1.54 4.22 44.83
C GLN A 742 -1.09 5.63 45.20
N LYS A 743 -1.31 6.60 44.31
CA LYS A 743 -0.96 7.99 44.59
C LYS A 743 -1.98 8.86 43.85
N CYS A 744 -2.99 9.33 44.57
CA CYS A 744 -4.09 10.08 43.97
C CYS A 744 -3.69 11.53 43.75
N ASP A 745 -2.68 11.72 42.90
CA ASP A 745 -2.22 13.03 42.47
C ASP A 745 -2.30 13.22 40.96
N LEU A 746 -1.98 12.19 40.19
CA LEU A 746 -2.11 12.21 38.74
C LEU A 746 -3.03 11.09 38.29
N VAL A 747 -3.64 11.27 37.12
CA VAL A 747 -4.56 10.30 36.55
C VAL A 747 -4.20 10.10 35.08
N THR A 748 -4.06 8.85 34.67
CA THR A 748 -3.73 8.54 33.29
C THR A 748 -4.89 8.94 32.36
N THR A 749 -4.54 9.13 31.09
CA THR A 749 -5.53 9.52 30.09
C THR A 749 -5.08 9.12 28.69
N GLY A 750 -6.00 8.55 27.90
CA GLY A 750 -5.72 8.15 26.56
C GLY A 750 -6.27 6.77 26.26
N GLU A 751 -6.12 6.36 25.01
CA GLU A 751 -6.54 5.05 24.54
C GLU A 751 -5.34 4.14 24.37
N LEU A 752 -5.56 2.85 24.57
CA LEU A 752 -4.49 1.87 24.46
C LEU A 752 -4.02 1.77 23.01
N PHE A 753 -2.77 1.35 22.84
CA PHE A 753 -2.17 1.15 21.54
C PHE A 753 -0.96 0.23 21.69
N PHE A 754 -0.78 -0.65 20.71
CA PHE A 754 0.24 -1.70 20.76
C PHE A 754 0.08 -2.56 22.02
N ARG A 755 -1.09 -3.20 22.08
CA ARG A 755 -1.48 -4.01 23.23
C ARG A 755 -0.84 -5.39 23.09
N SER A 756 0.33 -5.54 23.69
CA SER A 756 1.06 -6.81 23.69
C SER A 756 1.20 -7.28 25.13
N GLY A 757 0.88 -8.55 25.37
CA GLY A 757 0.92 -9.08 26.72
C GLY A 757 2.29 -9.58 27.12
N PHE A 758 2.47 -9.77 28.43
CA PHE A 758 3.72 -10.27 28.97
C PHE A 758 3.81 -11.78 28.75
N GLY A 759 4.89 -12.37 29.26
CA GLY A 759 5.08 -13.80 29.14
C GLY A 759 6.34 -14.25 29.84
N ILE A 760 6.39 -15.53 30.13
CA ILE A 760 7.55 -16.13 30.79
C ILE A 760 8.52 -16.65 29.74
N GLY A 761 9.78 -16.26 29.87
CA GLY A 761 10.80 -16.67 28.93
C GLY A 761 11.53 -17.93 29.36
N MET A 762 12.13 -18.60 28.39
CA MET A 762 12.85 -19.85 28.60
C MET A 762 13.70 -20.13 27.37
N ARG A 763 14.45 -21.22 27.43
CA ARG A 763 15.38 -21.57 26.35
C ARG A 763 14.58 -22.14 25.17
N LYS A 764 15.31 -22.58 24.13
CA LYS A 764 14.67 -22.99 22.89
C LYS A 764 13.97 -24.34 23.00
N ASP A 765 14.43 -25.22 23.88
CA ASP A 765 13.83 -26.56 23.97
C ASP A 765 13.91 -27.03 25.42
N SER A 766 12.76 -27.21 26.05
CA SER A 766 12.68 -27.66 27.44
C SER A 766 11.24 -28.08 27.76
N PRO A 767 11.06 -29.16 28.53
CA PRO A 767 9.68 -29.53 28.94
C PRO A 767 9.05 -28.53 29.88
N TRP A 768 9.87 -27.79 30.65
CA TRP A 768 9.35 -26.76 31.54
C TRP A 768 8.58 -25.70 30.76
N LYS A 769 8.97 -25.47 29.50
CA LYS A 769 8.26 -24.53 28.64
C LYS A 769 6.79 -24.91 28.51
N GLN A 770 6.53 -26.13 28.02
CA GLN A 770 5.15 -26.59 27.86
C GLN A 770 4.45 -26.74 29.21
N GLN A 771 5.19 -27.14 30.24
CA GLN A 771 4.59 -27.26 31.57
C GLN A 771 4.04 -25.92 32.05
N VAL A 772 4.83 -24.86 31.91
CA VAL A 772 4.39 -23.52 32.32
C VAL A 772 3.29 -23.02 31.39
N SER A 773 3.40 -23.33 30.10
CA SER A 773 2.39 -22.91 29.14
C SER A 773 1.03 -23.53 29.40
N LEU A 774 1.01 -24.72 29.99
CA LEU A 774 -0.24 -25.35 30.41
C LEU A 774 -0.70 -24.88 31.80
N SER A 775 0.25 -24.68 32.72
CA SER A 775 -0.12 -24.25 34.07
C SER A 775 -0.69 -22.84 34.06
N ILE A 776 -0.18 -21.96 33.19
CA ILE A 776 -0.70 -20.61 33.11
C ILE A 776 -2.14 -20.62 32.60
N LEU A 777 -2.40 -21.44 31.58
CA LEU A 777 -3.77 -21.57 31.07
C LEU A 777 -4.69 -22.14 32.14
N LYS A 778 -4.21 -23.13 32.90
CA LYS A 778 -5.04 -23.70 33.97
C LYS A 778 -5.35 -22.67 35.03
N SER A 779 -4.36 -21.87 35.43
CA SER A 779 -4.57 -20.83 36.43
C SER A 779 -5.56 -19.79 35.92
N HIS A 780 -5.42 -19.37 34.66
CA HIS A 780 -6.33 -18.41 34.06
C HIS A 780 -7.76 -18.94 34.02
N GLU A 781 -7.91 -20.23 33.69
CA GLU A 781 -9.23 -20.83 33.64
C GLU A 781 -9.78 -21.16 35.02
N ASN A 782 -8.95 -21.14 36.05
CA ASN A 782 -9.40 -21.46 37.42
C ASN A 782 -9.88 -20.22 38.16
N GLY A 783 -9.02 -19.21 38.29
CA GLY A 783 -9.39 -17.99 38.99
C GLY A 783 -8.29 -17.43 39.87
N PHE A 784 -7.15 -18.11 39.91
CA PHE A 784 -6.02 -17.69 40.71
C PHE A 784 -5.50 -16.33 40.24
N MET A 785 -5.43 -16.14 38.93
CA MET A 785 -4.95 -14.88 38.38
C MET A 785 -5.85 -13.71 38.77
N GLU A 786 -7.16 -13.94 38.81
CA GLU A 786 -8.08 -12.87 39.21
C GLU A 786 -7.86 -12.49 40.67
N ASP A 787 -7.64 -13.49 41.53
CA ASP A 787 -7.34 -13.21 42.93
C ASP A 787 -6.05 -12.43 43.08
N LEU A 788 -5.00 -12.84 42.36
CA LEU A 788 -3.73 -12.13 42.42
C LEU A 788 -3.88 -10.70 41.94
N ASP A 789 -4.67 -10.49 40.88
CA ASP A 789 -4.91 -9.15 40.37
C ASP A 789 -5.62 -8.30 41.42
N LYS A 790 -6.74 -8.80 41.95
CA LYS A 790 -7.49 -8.05 42.95
C LYS A 790 -6.70 -7.83 44.23
N THR A 791 -5.67 -8.63 44.49
CA THR A 791 -4.88 -8.49 45.71
C THR A 791 -3.73 -7.50 45.54
N TRP A 792 -2.95 -7.65 44.48
CA TRP A 792 -1.70 -6.90 44.33
C TRP A 792 -1.80 -5.72 43.37
N VAL A 793 -2.88 -5.59 42.61
CA VAL A 793 -2.99 -4.51 41.63
C VAL A 793 -4.20 -3.65 41.94
N ARG A 794 -5.34 -4.27 42.19
CA ARG A 794 -6.58 -3.54 42.42
C ARG A 794 -6.58 -2.86 43.78
N TYR A 795 -5.77 -1.82 43.93
CA TYR A 795 -5.74 -1.09 45.21
C TYR A 795 -7.01 -0.27 45.38
N GLN A 796 -7.37 0.54 44.39
CA GLN A 796 -8.63 1.28 44.34
C GLN A 796 -8.80 2.24 45.52
N GLU A 797 -7.75 2.98 45.88
CA GLU A 797 -7.82 3.92 46.99
C GLU A 797 -8.37 5.29 46.57
N CYS A 798 -8.78 5.46 45.32
CA CYS A 798 -9.28 6.75 44.86
C CYS A 798 -10.19 6.53 43.66
N ASP A 799 -11.48 6.84 43.83
CA ASP A 799 -12.47 6.74 42.76
C ASP A 799 -13.28 8.02 42.75
N SER A 800 -13.03 8.88 41.75
CA SER A 800 -13.66 10.19 41.69
C SER A 800 -13.94 10.51 40.23
N ARG A 801 -15.22 10.75 39.91
CA ARG A 801 -15.60 11.13 38.56
C ARG A 801 -15.07 12.53 38.24
N SER A 802 -15.11 12.88 36.95
CA SER A 802 -14.67 14.19 36.51
C SER A 802 -15.55 15.29 37.10
N ASN A 803 -14.91 16.36 37.57
CA ASN A 803 -15.58 17.52 38.11
C ASN A 803 -15.27 18.75 37.27
N ALA A 804 -16.21 19.12 36.42
CA ALA A 804 -16.09 20.26 35.51
C ALA A 804 -16.31 21.61 36.20
N PRO A 805 -17.35 21.79 37.01
CA PRO A 805 -17.58 23.11 37.62
C PRO A 805 -16.48 23.49 38.59
N ALA A 806 -16.21 24.79 38.68
CA ALA A 806 -15.21 25.35 39.57
C ALA A 806 -15.91 26.20 40.63
N THR A 807 -15.50 26.03 41.89
CA THR A 807 -16.08 26.78 42.99
C THR A 807 -15.39 28.13 43.13
N LEU A 808 -16.16 29.12 43.61
CA LEU A 808 -15.65 30.47 43.85
C LEU A 808 -14.96 30.54 45.21
N THR A 809 -13.76 31.10 45.22
CA THR A 809 -12.98 31.21 46.44
C THR A 809 -13.30 32.55 47.12
N PHE A 810 -12.53 32.90 48.16
CA PHE A 810 -12.75 34.13 48.90
C PHE A 810 -11.96 35.31 48.36
N GLU A 811 -10.71 35.08 47.93
CA GLU A 811 -9.88 36.16 47.40
C GLU A 811 -10.45 36.69 46.10
N ASN A 812 -11.13 35.83 45.34
CA ASN A 812 -11.73 36.26 44.08
C ASN A 812 -12.87 37.24 44.27
N MET A 813 -13.50 37.26 45.45
CA MET A 813 -14.63 38.13 45.71
C MET A 813 -14.35 39.17 46.80
N ALA A 814 -13.08 39.46 47.09
CA ALA A 814 -12.72 40.44 48.11
C ALA A 814 -13.18 41.84 47.73
N GLY A 815 -13.64 42.01 46.49
CA GLY A 815 -14.11 43.29 46.00
C GLY A 815 -15.25 43.88 46.80
N VAL A 816 -16.29 43.08 47.07
CA VAL A 816 -17.45 43.58 47.79
C VAL A 816 -17.08 43.92 49.23
N PHE A 817 -16.19 43.13 49.83
CA PHE A 817 -15.75 43.41 51.19
C PHE A 817 -14.96 44.72 51.25
N MET A 818 -14.03 44.93 50.30
CA MET A 818 -13.32 46.19 50.25
C MET A 818 -14.27 47.36 50.01
N LEU A 819 -15.28 47.15 49.15
CA LEU A 819 -16.22 48.22 48.83
C LEU A 819 -17.05 48.58 50.07
N VAL A 820 -17.47 47.59 50.84
CA VAL A 820 -18.31 47.87 52.01
C VAL A 820 -17.47 48.47 53.13
N ALA A 821 -16.19 48.11 53.22
CA ALA A 821 -15.31 48.77 54.19
C ALA A 821 -15.10 50.24 53.83
N GLY A 822 -14.84 50.51 52.54
CA GLY A 822 -14.78 51.89 52.09
C GLY A 822 -16.08 52.63 52.32
N GLY A 823 -17.21 51.95 52.14
CA GLY A 823 -18.50 52.56 52.41
C GLY A 823 -18.67 52.92 53.87
N ILE A 824 -18.21 52.05 54.77
CA ILE A 824 -18.32 52.33 56.21
C ILE A 824 -17.45 53.52 56.58
N VAL A 825 -16.21 53.57 56.08
CA VAL A 825 -15.34 54.68 56.44
C VAL A 825 -15.84 55.99 55.82
N ALA A 826 -16.37 55.92 54.60
CA ALA A 826 -16.97 57.10 53.99
C ALA A 826 -18.24 57.50 54.73
N GLY A 827 -18.91 56.53 55.36
CA GLY A 827 -20.11 56.85 56.11
C GLY A 827 -19.82 57.55 57.42
N ILE A 828 -18.73 57.16 58.09
CA ILE A 828 -18.35 57.88 59.31
C ILE A 828 -17.85 59.27 58.96
N PHE A 829 -17.14 59.40 57.83
CA PHE A 829 -16.76 60.73 57.37
C PHE A 829 -17.98 61.56 56.99
N LEU A 830 -18.99 60.91 56.39
CA LEU A 830 -20.22 61.62 56.03
C LEU A 830 -21.02 61.99 57.26
N ILE A 831 -20.91 61.21 58.34
CA ILE A 831 -21.58 61.59 59.59
C ILE A 831 -20.89 62.81 60.20
N PHE A 832 -19.57 62.90 60.04
CA PHE A 832 -18.88 64.12 60.47
C PHE A 832 -19.35 65.32 59.65
N ILE A 833 -19.40 65.18 58.33
CA ILE A 833 -19.88 66.26 57.48
C ILE A 833 -21.34 66.59 57.79
N GLU A 834 -22.11 65.57 58.17
CA GLU A 834 -23.53 65.77 58.43
C GLU A 834 -23.75 66.55 59.72
N ILE A 835 -23.03 66.20 60.79
CA ILE A 835 -23.16 66.95 62.03
C ILE A 835 -22.59 68.36 61.85
N ALA A 836 -21.58 68.51 60.99
CA ALA A 836 -21.07 69.85 60.68
C ALA A 836 -22.13 70.70 59.99
N TYR A 837 -22.81 70.12 58.98
CA TYR A 837 -23.84 70.86 58.26
C TYR A 837 -25.03 71.15 59.17
N LYS A 838 -25.34 70.23 60.08
CA LYS A 838 -26.44 70.45 61.02
C LYS A 838 -26.10 71.59 61.98
N ARG A 839 -24.86 71.63 62.47
CA ARG A 839 -24.44 72.73 63.31
C ARG A 839 -24.38 74.04 62.54
N HIS A 840 -24.15 73.98 61.23
CA HIS A 840 -24.13 75.18 60.41
C HIS A 840 -25.51 75.81 60.31
N LYS A 841 -26.55 74.98 60.17
CA LYS A 841 -27.91 75.48 60.07
C LYS A 841 -28.70 75.16 61.33
N SER B 65 74.68 -6.08 11.44
CA SER B 65 75.49 -7.05 10.71
C SER B 65 74.60 -8.12 10.07
N ILE B 66 73.33 -7.78 9.87
CA ILE B 66 72.38 -8.71 9.28
C ILE B 66 72.61 -8.76 7.77
N GLY B 67 72.56 -9.97 7.21
CA GLY B 67 72.71 -10.15 5.78
C GLY B 67 71.38 -10.12 5.05
N ILE B 68 71.26 -9.22 4.06
CA ILE B 68 70.03 -9.06 3.30
C ILE B 68 70.36 -9.16 1.82
N ALA B 69 69.72 -10.08 1.12
CA ALA B 69 69.91 -10.24 -0.31
C ALA B 69 68.66 -9.80 -1.07
N VAL B 70 68.88 -9.38 -2.32
CA VAL B 70 67.81 -8.91 -3.19
C VAL B 70 67.92 -9.67 -4.51
N ILE B 71 66.94 -10.53 -4.79
CA ILE B 71 66.94 -11.37 -5.98
C ILE B 71 65.92 -10.82 -6.96
N LEU B 72 66.31 -10.70 -8.22
CA LEU B 72 65.44 -10.26 -9.30
C LEU B 72 65.46 -11.28 -10.43
N VAL B 73 64.32 -11.44 -11.10
CA VAL B 73 64.17 -12.39 -12.20
C VAL B 73 63.48 -11.69 -13.35
N GLY B 74 63.66 -12.25 -14.55
CA GLY B 74 63.06 -11.71 -15.75
C GLY B 74 63.61 -10.35 -16.10
N THR B 75 62.86 -9.62 -16.93
CA THR B 75 63.28 -8.29 -17.35
C THR B 75 62.90 -7.26 -16.29
N SER B 76 63.84 -6.38 -15.96
CA SER B 76 63.64 -5.33 -14.98
C SER B 76 64.79 -4.35 -15.07
N ASP B 77 64.63 -3.21 -14.40
CA ASP B 77 65.69 -2.20 -14.35
C ASP B 77 66.74 -2.59 -13.32
N GLU B 78 67.55 -3.60 -13.64
CA GLU B 78 68.51 -4.14 -12.69
C GLU B 78 69.51 -3.07 -12.24
N VAL B 79 70.12 -2.38 -13.20
CA VAL B 79 71.13 -1.38 -12.85
C VAL B 79 70.49 -0.20 -12.11
N ALA B 80 69.28 0.18 -12.49
CA ALA B 80 68.62 1.31 -11.83
C ALA B 80 68.33 1.01 -10.37
N ILE B 81 67.77 -0.18 -10.08
CA ILE B 81 67.48 -0.51 -8.68
C ILE B 81 68.77 -0.80 -7.92
N LYS B 82 69.80 -1.31 -8.61
CA LYS B 82 71.07 -1.52 -7.93
C LYS B 82 71.70 -0.19 -7.52
N ASP B 83 71.55 0.84 -8.35
CA ASP B 83 72.05 2.16 -7.98
C ASP B 83 71.19 2.78 -6.88
N ALA B 84 69.87 2.59 -6.98
CA ALA B 84 68.96 3.16 -5.98
C ALA B 84 69.10 2.49 -4.61
N HIS B 85 69.58 1.24 -4.57
CA HIS B 85 69.73 0.55 -3.29
C HIS B 85 70.74 1.26 -2.39
N GLU B 86 71.74 1.91 -2.96
CA GLU B 86 72.72 2.67 -2.18
C GLU B 86 72.24 4.10 -1.95
N LYS B 87 71.01 4.23 -1.46
CA LYS B 87 70.44 5.54 -1.14
C LYS B 87 69.66 5.51 0.17
N ASP B 88 69.88 4.51 1.01
CA ASP B 88 69.17 4.39 2.27
C ASP B 88 69.85 5.25 3.34
N ASP B 89 69.04 5.86 4.20
CA ASP B 89 69.53 6.70 5.29
C ASP B 89 69.44 5.89 6.58
N PHE B 90 70.52 5.18 6.90
CA PHE B 90 70.62 4.38 8.10
C PHE B 90 71.77 4.83 8.99
N HIS B 91 71.94 6.16 9.12
CA HIS B 91 73.03 6.70 9.91
C HIS B 91 72.68 6.77 11.39
N HIS B 92 71.39 6.79 11.73
CA HIS B 92 70.94 6.88 13.11
C HIS B 92 70.73 5.52 13.75
N LEU B 93 71.35 4.48 13.18
CA LEU B 93 71.23 3.13 13.72
C LEU B 93 72.51 2.37 13.45
N SER B 94 72.81 1.41 14.32
CA SER B 94 73.97 0.54 14.18
C SER B 94 73.47 -0.80 13.65
N VAL B 95 73.33 -0.87 12.32
CA VAL B 95 72.79 -2.06 11.66
C VAL B 95 73.82 -2.70 10.74
N VAL B 96 74.61 -1.88 10.03
CA VAL B 96 75.57 -2.29 9.00
C VAL B 96 75.08 -3.52 8.23
N PRO B 97 73.99 -3.40 7.46
CA PRO B 97 73.41 -4.57 6.80
C PRO B 97 74.22 -4.96 5.57
N ARG B 98 74.54 -6.24 5.46
CA ARG B 98 75.23 -6.75 4.28
C ARG B 98 74.25 -6.88 3.12
N VAL B 99 74.49 -6.13 2.05
CA VAL B 99 73.61 -6.12 0.89
C VAL B 99 74.32 -6.79 -0.27
N GLU B 100 73.61 -7.69 -0.95
CA GLU B 100 74.16 -8.42 -2.08
C GLU B 100 73.11 -8.47 -3.18
N LEU B 101 73.35 -7.75 -4.27
CA LEU B 101 72.42 -7.72 -5.41
C LEU B 101 72.69 -8.93 -6.29
N VAL B 102 71.71 -9.83 -6.37
CA VAL B 102 71.83 -11.04 -7.18
C VAL B 102 70.72 -11.04 -8.21
N ALA B 103 71.09 -11.29 -9.47
CA ALA B 103 70.15 -11.33 -10.57
C ALA B 103 70.30 -12.65 -11.32
N MET B 104 69.17 -13.22 -11.72
CA MET B 104 69.13 -14.49 -12.42
C MET B 104 67.76 -14.62 -13.07
N ASN B 105 67.50 -15.80 -13.62
CA ASN B 105 66.22 -16.10 -14.27
C ASN B 105 65.41 -17.02 -13.38
N GLU B 106 64.11 -16.76 -13.30
CA GLU B 106 63.18 -17.63 -12.55
C GLU B 106 62.95 -18.93 -13.33
N THR B 107 63.98 -19.77 -13.34
CA THR B 107 63.92 -21.00 -14.11
C THR B 107 62.99 -22.02 -13.47
N ASP B 108 63.22 -22.35 -12.21
CA ASP B 108 62.49 -23.43 -11.55
C ASP B 108 62.58 -23.23 -10.05
N PRO B 109 61.74 -23.94 -9.28
CA PRO B 109 61.87 -23.85 -7.81
C PRO B 109 63.19 -24.38 -7.29
N LYS B 110 63.74 -25.42 -7.93
CA LYS B 110 64.96 -26.03 -7.43
C LYS B 110 66.14 -25.06 -7.49
N SER B 111 66.27 -24.33 -8.61
CA SER B 111 67.36 -23.38 -8.74
C SER B 111 67.19 -22.22 -7.75
N ILE B 112 65.95 -21.78 -7.54
CA ILE B 112 65.69 -20.71 -6.57
C ILE B 112 66.10 -21.16 -5.17
N ILE B 113 65.72 -22.39 -4.80
CA ILE B 113 66.07 -22.92 -3.49
C ILE B 113 67.58 -23.05 -3.36
N THR B 114 68.25 -23.51 -4.42
CA THR B 114 69.70 -23.68 -4.38
C THR B 114 70.39 -22.32 -4.22
N ARG B 115 69.93 -21.30 -4.93
CA ARG B 115 70.51 -19.98 -4.81
C ARG B 115 70.28 -19.40 -3.42
N ILE B 116 69.06 -19.57 -2.88
CA ILE B 116 68.76 -19.10 -1.52
C ILE B 116 69.70 -19.77 -0.52
N CYS B 117 69.86 -21.09 -0.64
CA CYS B 117 70.75 -21.84 0.23
C CYS B 117 72.20 -21.37 0.11
N ASP B 118 72.70 -21.17 -1.11
CA ASP B 118 74.08 -20.74 -1.28
C ASP B 118 74.31 -19.35 -0.68
N LEU B 119 73.40 -18.42 -0.97
CA LEU B 119 73.57 -17.07 -0.45
C LEU B 119 73.45 -17.04 1.07
N MET B 120 72.56 -17.86 1.63
CA MET B 120 72.43 -17.93 3.09
C MET B 120 73.68 -18.52 3.73
N SER B 121 74.24 -19.57 3.13
CA SER B 121 75.45 -20.19 3.65
C SER B 121 76.71 -19.40 3.33
N ASP B 122 76.63 -18.35 2.51
CA ASP B 122 77.82 -17.59 2.18
C ASP B 122 78.33 -16.81 3.38
N ARG B 123 77.55 -15.84 3.88
CA ARG B 123 78.00 -15.03 5.01
C ARG B 123 76.79 -14.55 5.80
N LYS B 124 76.43 -15.31 6.84
CA LYS B 124 75.55 -14.89 7.92
C LYS B 124 74.34 -14.08 7.43
N ILE B 125 73.51 -14.73 6.62
CA ILE B 125 72.30 -14.09 6.13
C ILE B 125 71.21 -14.19 7.20
N GLN B 126 70.63 -13.04 7.54
CA GLN B 126 69.56 -12.97 8.53
C GLN B 126 68.25 -12.46 7.96
N GLY B 127 68.19 -12.18 6.67
CA GLY B 127 66.96 -11.71 6.05
C GLY B 127 67.07 -11.75 4.55
N VAL B 128 65.92 -11.92 3.90
CA VAL B 128 65.84 -12.03 2.45
C VAL B 128 64.69 -11.18 1.95
N VAL B 129 64.99 -10.29 1.01
CA VAL B 129 63.97 -9.50 0.31
C VAL B 129 63.87 -10.05 -1.11
N PHE B 130 62.64 -10.25 -1.55
CA PHE B 130 62.41 -10.92 -2.82
C PHE B 130 61.51 -10.06 -3.71
N ALA B 131 61.84 -10.04 -5.00
CA ALA B 131 61.04 -9.37 -6.00
C ALA B 131 61.14 -10.16 -7.29
N ASP B 132 60.01 -10.26 -8.00
CA ASP B 132 59.95 -11.09 -9.19
C ASP B 132 59.29 -10.30 -10.32
N ASP B 133 59.19 -10.94 -11.49
CA ASP B 133 58.53 -10.35 -12.63
C ASP B 133 57.65 -11.34 -13.40
N THR B 134 57.61 -12.61 -12.99
CA THR B 134 56.82 -13.61 -13.69
C THR B 134 55.38 -13.60 -13.18
N ASP B 135 54.57 -14.55 -13.67
CA ASP B 135 53.18 -14.66 -13.28
C ASP B 135 52.87 -15.94 -12.53
N GLN B 136 53.89 -16.66 -12.06
CA GLN B 136 53.67 -17.91 -11.34
C GLN B 136 53.18 -17.62 -9.93
N GLU B 137 52.23 -18.44 -9.47
CA GLU B 137 51.66 -18.29 -8.14
C GLU B 137 52.27 -19.27 -7.15
N ALA B 138 52.79 -20.41 -7.64
CA ALA B 138 53.38 -21.40 -6.76
C ALA B 138 54.67 -20.92 -6.10
N ILE B 139 55.28 -19.86 -6.64
CA ILE B 139 56.52 -19.35 -6.06
C ILE B 139 56.28 -18.84 -4.65
N ALA B 140 55.09 -18.28 -4.40
CA ALA B 140 54.75 -17.87 -3.04
C ALA B 140 54.64 -19.08 -2.12
N GLN B 141 54.11 -20.19 -2.62
CA GLN B 141 54.05 -21.41 -1.82
C GLN B 141 55.44 -21.93 -1.53
N ILE B 142 56.36 -21.82 -2.49
CA ILE B 142 57.73 -22.25 -2.27
C ILE B 142 58.40 -21.36 -1.23
N LEU B 143 58.14 -20.05 -1.28
CA LEU B 143 58.70 -19.13 -0.29
C LEU B 143 58.15 -19.45 1.10
N ASP B 144 56.86 -19.76 1.19
CA ASP B 144 56.27 -20.15 2.47
C ASP B 144 56.90 -21.43 2.98
N PHE B 145 57.11 -22.41 2.10
CA PHE B 145 57.79 -23.65 2.46
C PHE B 145 59.17 -23.36 3.04
N ILE B 146 59.94 -22.51 2.36
CA ILE B 146 61.28 -22.18 2.83
C ILE B 146 61.23 -21.50 4.19
N SER B 147 60.39 -20.47 4.32
CA SER B 147 60.29 -19.73 5.58
C SER B 147 59.75 -20.61 6.71
N ALA B 148 59.08 -21.71 6.36
CA ALA B 148 58.61 -22.64 7.39
C ALA B 148 59.72 -23.59 7.81
N GLN B 149 60.53 -24.04 6.86
CA GLN B 149 61.58 -25.00 7.18
C GLN B 149 62.79 -24.35 7.83
N THR B 150 63.05 -23.07 7.57
CA THR B 150 64.09 -22.33 8.26
C THR B 150 63.48 -21.06 8.83
N LEU B 151 63.87 -20.69 10.05
CA LEU B 151 63.23 -19.61 10.77
C LEU B 151 63.70 -18.23 10.33
N THR B 152 64.36 -18.11 9.18
CA THR B 152 64.75 -16.80 8.68
C THR B 152 63.59 -16.16 7.94
N PRO B 153 63.09 -15.01 8.40
CA PRO B 153 61.95 -14.38 7.73
C PRO B 153 62.32 -13.84 6.36
N ILE B 154 61.33 -13.84 5.47
CA ILE B 154 61.49 -13.34 4.10
C ILE B 154 60.31 -12.42 3.79
N LEU B 155 60.48 -11.61 2.75
CA LEU B 155 59.47 -10.64 2.34
C LEU B 155 59.31 -10.68 0.83
N GLY B 156 58.09 -11.00 0.37
CA GLY B 156 57.77 -10.93 -1.04
C GLY B 156 56.99 -9.67 -1.36
N ILE B 157 57.62 -8.73 -2.06
CA ILE B 157 57.03 -7.41 -2.26
C ILE B 157 56.42 -7.21 -3.65
N HIS B 158 56.92 -7.89 -4.66
CA HIS B 158 56.43 -7.68 -6.02
C HIS B 158 56.76 -8.88 -6.88
N GLY B 159 55.96 -9.08 -7.93
CA GLY B 159 56.17 -10.17 -8.86
C GLY B 159 55.27 -11.35 -8.63
N GLY B 160 55.76 -12.55 -8.94
CA GLY B 160 54.98 -13.75 -8.72
C GLY B 160 54.66 -13.97 -7.25
N SER B 161 55.51 -13.48 -6.35
CA SER B 161 55.30 -13.60 -4.92
C SER B 161 54.22 -12.66 -4.39
N SER B 162 53.53 -11.91 -5.25
CA SER B 162 52.48 -11.01 -4.82
C SER B 162 51.14 -11.71 -4.63
N MET B 163 51.04 -12.98 -5.00
CA MET B 163 49.81 -13.74 -4.78
C MET B 163 49.66 -14.04 -3.30
N ILE B 164 48.60 -13.52 -2.69
CA ILE B 164 48.37 -13.65 -1.26
C ILE B 164 47.86 -15.05 -0.95
N MET B 165 48.47 -15.70 0.04
CA MET B 165 48.06 -17.00 0.51
C MET B 165 47.59 -16.85 1.96
N ALA B 166 46.30 -17.05 2.18
CA ALA B 166 45.70 -16.85 3.50
C ALA B 166 45.94 -18.01 4.44
N ASP B 167 46.00 -19.24 3.92
CA ASP B 167 46.19 -20.43 4.76
C ASP B 167 47.66 -20.80 4.78
N LYS B 168 48.39 -20.15 5.68
CA LYS B 168 49.81 -20.43 5.87
C LYS B 168 50.03 -21.32 7.09
N ASP B 169 51.21 -21.91 7.15
CA ASP B 169 51.56 -22.78 8.26
C ASP B 169 51.79 -21.97 9.54
N GLU B 170 51.85 -22.69 10.67
CA GLU B 170 52.01 -22.02 11.96
C GLU B 170 53.42 -21.47 12.13
N SER B 171 54.43 -22.28 11.82
CA SER B 171 55.83 -21.90 12.00
C SER B 171 56.39 -21.11 10.82
N SER B 172 55.53 -20.62 9.93
CA SER B 172 56.00 -19.86 8.78
C SER B 172 56.22 -18.40 9.16
N MET B 173 57.21 -17.79 8.49
CA MET B 173 57.52 -16.37 8.66
C MET B 173 57.56 -15.75 7.27
N PHE B 174 56.40 -15.32 6.79
CA PHE B 174 56.30 -14.74 5.46
C PHE B 174 55.27 -13.62 5.50
N PHE B 175 55.64 -12.48 4.91
CA PHE B 175 54.75 -11.32 4.87
C PHE B 175 54.83 -10.69 3.49
N GLN B 176 53.67 -10.37 2.92
CA GLN B 176 53.57 -9.77 1.60
C GLN B 176 52.82 -8.44 1.70
N PHE B 177 52.70 -7.78 0.56
CA PHE B 177 52.00 -6.50 0.47
C PHE B 177 50.63 -6.61 -0.15
N GLY B 178 50.18 -7.83 -0.45
CA GLY B 178 48.88 -8.04 -1.05
C GLY B 178 47.75 -7.73 -0.10
N PRO B 179 46.66 -7.17 -0.62
CA PRO B 179 45.52 -6.84 0.24
C PRO B 179 44.65 -8.04 0.57
N SER B 180 44.10 -8.06 1.78
CA SER B 180 43.23 -9.15 2.18
C SER B 180 41.91 -9.10 1.41
N ILE B 181 41.28 -10.26 1.26
CA ILE B 181 39.99 -10.32 0.56
C ILE B 181 38.94 -9.54 1.33
N GLU B 182 39.05 -9.52 2.67
CA GLU B 182 38.11 -8.75 3.47
C GLU B 182 38.26 -7.26 3.22
N GLN B 183 39.50 -6.80 3.03
CA GLN B 183 39.72 -5.39 2.71
C GLN B 183 39.09 -5.02 1.38
N GLN B 184 39.23 -5.88 0.38
CA GLN B 184 38.62 -5.62 -0.92
C GLN B 184 37.11 -5.63 -0.83
N ALA B 185 36.55 -6.57 -0.05
CA ALA B 185 35.11 -6.61 0.17
C ALA B 185 34.60 -5.38 0.91
N SER B 186 35.40 -4.80 1.81
CA SER B 186 34.99 -3.59 2.49
C SER B 186 35.11 -2.37 1.58
N VAL B 187 36.12 -2.36 0.71
CA VAL B 187 36.28 -1.24 -0.23
C VAL B 187 35.14 -1.24 -1.24
N MET B 188 34.79 -2.42 -1.77
CA MET B 188 33.70 -2.50 -2.74
C MET B 188 32.33 -2.26 -2.11
N LEU B 189 32.23 -2.26 -0.79
CA LEU B 189 31.00 -1.90 -0.11
C LEU B 189 30.98 -0.41 0.24
N ASN B 190 32.13 0.16 0.60
CA ASN B 190 32.23 1.60 0.77
C ASN B 190 31.96 2.34 -0.53
N ILE B 191 32.40 1.76 -1.66
CA ILE B 191 32.11 2.37 -2.96
C ILE B 191 30.61 2.42 -3.21
N MET B 192 29.91 1.31 -2.94
CA MET B 192 28.46 1.28 -3.10
C MET B 192 27.77 2.23 -2.15
N GLU B 193 28.28 2.37 -0.93
CA GLU B 193 27.69 3.29 0.04
C GLU B 193 27.88 4.74 -0.38
N GLU B 194 29.04 5.06 -0.97
CA GLU B 194 29.26 6.41 -1.46
C GLU B 194 28.52 6.67 -2.76
N TYR B 195 28.12 5.61 -3.48
CA TYR B 195 27.38 5.75 -4.72
C TYR B 195 25.88 5.56 -4.51
N ASP B 196 25.46 5.29 -3.27
CA ASP B 196 24.06 5.11 -2.90
C ASP B 196 23.41 4.00 -3.72
N TRP B 197 23.96 2.80 -3.55
CA TRP B 197 23.49 1.58 -4.21
C TRP B 197 23.21 0.56 -3.12
N TYR B 198 21.96 0.56 -2.63
CA TYR B 198 21.56 -0.28 -1.51
C TYR B 198 21.00 -1.63 -1.94
N ILE B 199 20.96 -1.92 -3.23
CA ILE B 199 20.44 -3.18 -3.75
C ILE B 199 21.55 -3.88 -4.52
N PHE B 200 21.77 -5.16 -4.19
CA PHE B 200 22.81 -5.93 -4.84
C PHE B 200 22.48 -7.42 -4.70
N SER B 201 23.31 -8.24 -5.33
CA SER B 201 23.17 -9.69 -5.27
C SER B 201 24.56 -10.31 -5.29
N ILE B 202 24.62 -11.61 -5.03
CA ILE B 202 25.88 -12.34 -4.92
C ILE B 202 25.81 -13.57 -5.81
N VAL B 203 26.81 -13.74 -6.67
CA VAL B 203 26.97 -14.93 -7.48
C VAL B 203 28.43 -15.39 -7.40
N THR B 204 28.62 -16.69 -7.22
CA THR B 204 29.97 -17.24 -7.07
C THR B 204 29.93 -18.74 -7.31
N THR B 205 31.08 -19.30 -7.65
CA THR B 205 31.22 -20.74 -7.88
C THR B 205 32.09 -21.35 -6.78
N TYR B 206 32.36 -22.65 -6.93
CA TYR B 206 33.20 -23.37 -5.98
C TYR B 206 34.64 -22.89 -6.06
N PHE B 207 35.09 -22.16 -5.03
CA PHE B 207 36.43 -21.63 -4.98
C PHE B 207 36.86 -21.51 -3.53
N PRO B 208 38.16 -21.71 -3.25
CA PRO B 208 38.64 -21.61 -1.86
C PRO B 208 38.68 -20.19 -1.34
N GLY B 209 37.56 -19.70 -0.82
CA GLY B 209 37.48 -18.35 -0.30
C GLY B 209 36.15 -17.66 -0.57
N TYR B 210 35.30 -18.30 -1.38
CA TYR B 210 33.98 -17.75 -1.65
C TYR B 210 33.13 -17.74 -0.38
N GLN B 211 33.21 -18.81 0.41
CA GLN B 211 32.47 -18.86 1.68
C GLN B 211 32.96 -17.78 2.63
N ASP B 212 34.27 -17.55 2.67
CA ASP B 212 34.82 -16.48 3.52
C ASP B 212 34.34 -15.12 3.06
N PHE B 213 34.30 -14.90 1.74
CA PHE B 213 33.80 -13.64 1.21
C PHE B 213 32.34 -13.43 1.57
N VAL B 214 31.52 -14.47 1.44
CA VAL B 214 30.10 -14.36 1.77
C VAL B 214 29.93 -14.08 3.26
N ASN B 215 30.70 -14.76 4.10
CA ASN B 215 30.61 -14.52 5.54
C ASN B 215 31.02 -13.10 5.89
N LYS B 216 32.08 -12.58 5.26
CA LYS B 216 32.53 -11.22 5.55
C LYS B 216 31.49 -10.20 5.08
N ILE B 217 30.90 -10.41 3.90
CA ILE B 217 29.90 -9.45 3.42
C ILE B 217 28.64 -9.51 4.27
N ARG B 218 28.30 -10.69 4.79
CA ARG B 218 27.14 -10.80 5.68
C ARG B 218 27.43 -10.12 7.02
N SER B 219 28.65 -10.28 7.54
CA SER B 219 29.01 -9.63 8.79
C SER B 219 29.06 -8.11 8.64
N THR B 220 29.45 -7.61 7.47
CA THR B 220 29.50 -6.17 7.26
C THR B 220 28.16 -5.58 6.84
N ILE B 221 27.22 -6.39 6.37
CA ILE B 221 25.90 -5.87 6.06
C ILE B 221 24.95 -5.98 7.26
N GLU B 222 25.20 -6.92 8.17
CA GLU B 222 24.31 -7.09 9.31
C GLU B 222 24.59 -6.10 10.43
N ASN B 223 25.82 -5.59 10.49
CA ASN B 223 26.24 -4.66 11.55
C ASN B 223 26.31 -3.22 11.05
N SER B 224 25.38 -2.83 10.18
CA SER B 224 25.36 -1.48 9.64
C SER B 224 23.94 -0.94 9.70
N PHE B 225 23.84 0.39 9.91
CA PHE B 225 22.54 1.02 10.09
C PHE B 225 21.86 1.34 8.77
N VAL B 226 22.62 1.43 7.67
CA VAL B 226 22.06 1.77 6.37
C VAL B 226 21.21 0.61 5.87
N GLY B 227 19.98 0.92 5.47
CA GLY B 227 19.07 -0.09 4.96
C GLY B 227 19.51 -0.70 3.64
N TRP B 228 19.96 -1.96 3.70
CA TRP B 228 20.34 -2.69 2.49
C TRP B 228 19.34 -3.83 2.26
N GLU B 229 19.57 -4.61 1.20
CA GLU B 229 18.67 -5.72 0.89
C GLU B 229 19.41 -6.73 0.03
N LEU B 230 19.65 -7.92 0.59
CA LEU B 230 20.25 -9.02 -0.16
C LEU B 230 19.15 -9.92 -0.70
N GLU B 231 19.21 -10.22 -1.99
CA GLU B 231 18.16 -10.98 -2.67
C GLU B 231 18.80 -11.90 -3.69
N GLU B 232 18.38 -13.17 -3.68
CA GLU B 232 18.76 -14.17 -4.69
C GLU B 232 20.28 -14.36 -4.74
N VAL B 233 20.81 -14.84 -3.62
CA VAL B 233 22.20 -15.28 -3.58
C VAL B 233 22.29 -16.70 -4.12
N LEU B 234 23.21 -16.91 -5.06
CA LEU B 234 23.34 -18.20 -5.74
C LEU B 234 24.71 -18.81 -5.48
N LEU B 235 24.79 -20.11 -5.71
CA LEU B 235 26.02 -20.89 -5.57
C LEU B 235 26.20 -21.77 -6.79
N LEU B 236 26.05 -21.19 -7.97
CA LEU B 236 26.12 -21.94 -9.22
C LEU B 236 27.47 -22.60 -9.39
N ASP B 237 27.49 -23.69 -10.15
CA ASP B 237 28.70 -24.46 -10.42
C ASP B 237 28.79 -24.71 -11.91
N MET B 238 29.88 -24.27 -12.53
CA MET B 238 30.10 -24.46 -13.95
C MET B 238 31.03 -25.63 -14.28
N SER B 239 31.42 -26.42 -13.27
CA SER B 239 32.31 -27.55 -13.51
C SER B 239 31.60 -28.73 -14.16
N LEU B 240 30.27 -28.79 -14.06
CA LEU B 240 29.52 -29.89 -14.66
C LEU B 240 29.50 -29.76 -16.18
N ASP B 241 29.78 -30.87 -16.86
CA ASP B 241 29.76 -30.87 -18.31
C ASP B 241 28.35 -30.70 -18.85
N ASP B 242 28.22 -29.93 -19.92
CA ASP B 242 26.95 -29.61 -20.56
C ASP B 242 25.94 -28.98 -19.60
N GLY B 243 26.44 -28.30 -18.56
CA GLY B 243 25.60 -27.66 -17.57
C GLY B 243 25.05 -26.30 -17.95
N ASP B 244 25.03 -25.97 -19.25
CA ASP B 244 24.52 -24.67 -19.68
C ASP B 244 23.05 -24.48 -19.31
N SER B 245 22.27 -25.56 -19.31
CA SER B 245 20.86 -25.46 -18.96
C SER B 245 20.69 -25.03 -17.51
N LYS B 246 21.46 -25.63 -16.61
CA LYS B 246 21.36 -25.27 -15.19
C LYS B 246 21.80 -23.83 -14.96
N ILE B 247 22.87 -23.40 -15.63
CA ILE B 247 23.34 -22.03 -15.47
C ILE B 247 22.30 -21.04 -16.00
N GLN B 248 21.67 -21.37 -17.14
CA GLN B 248 20.64 -20.50 -17.70
C GLN B 248 19.39 -20.46 -16.83
N ASN B 249 19.04 -21.58 -16.18
CA ASN B 249 17.89 -21.58 -15.29
C ASN B 249 18.18 -20.88 -13.96
N GLN B 250 19.45 -20.85 -13.56
CA GLN B 250 19.82 -20.19 -12.31
C GLN B 250 19.98 -18.68 -12.49
N LEU B 251 20.63 -18.25 -13.57
CA LEU B 251 20.86 -16.81 -13.78
C LEU B 251 19.58 -16.07 -14.17
N LYS B 252 18.50 -16.79 -14.45
CA LYS B 252 17.24 -16.16 -14.84
C LYS B 252 16.49 -15.53 -13.68
N LYS B 253 16.96 -15.70 -12.45
CA LYS B 253 16.27 -15.16 -11.28
C LYS B 253 16.88 -13.86 -10.77
N LEU B 254 17.91 -13.34 -11.44
CA LEU B 254 18.54 -12.10 -11.00
C LEU B 254 17.66 -10.90 -11.30
N GLN B 255 17.48 -10.04 -10.29
CA GLN B 255 16.64 -8.85 -10.44
C GLN B 255 17.25 -7.62 -9.78
N SER B 256 18.55 -7.62 -9.51
CA SER B 256 19.21 -6.50 -8.86
C SER B 256 20.11 -5.77 -9.84
N PRO B 257 20.17 -4.44 -9.80
CA PRO B 257 21.04 -3.70 -10.74
C PRO B 257 22.51 -3.77 -10.38
N ILE B 258 22.89 -4.36 -9.26
CA ILE B 258 24.27 -4.48 -8.84
C ILE B 258 24.55 -5.95 -8.55
N ILE B 259 25.60 -6.50 -9.17
CA ILE B 259 25.94 -7.91 -9.04
C ILE B 259 27.38 -8.01 -8.54
N LEU B 260 27.59 -8.93 -7.60
CA LEU B 260 28.93 -9.22 -7.07
C LEU B 260 29.35 -10.59 -7.55
N LEU B 261 30.44 -10.65 -8.31
CA LEU B 261 30.93 -11.88 -8.91
C LEU B 261 32.30 -12.23 -8.35
N TYR B 262 32.48 -13.52 -8.04
CA TYR B 262 33.75 -14.02 -7.50
C TYR B 262 34.02 -15.39 -8.11
N CYS B 263 34.84 -15.44 -9.15
CA CYS B 263 35.16 -16.69 -9.84
C CYS B 263 36.60 -16.60 -10.33
N THR B 264 36.98 -17.52 -11.21
CA THR B 264 38.30 -17.56 -11.81
C THR B 264 38.23 -16.96 -13.21
N LYS B 265 39.39 -16.63 -13.78
CA LYS B 265 39.46 -15.97 -15.07
C LYS B 265 38.66 -16.73 -16.13
N GLU B 266 38.92 -18.03 -16.27
CA GLU B 266 38.15 -18.83 -17.24
C GLU B 266 36.69 -18.91 -16.84
N GLU B 267 36.42 -19.13 -15.55
CA GLU B 267 35.04 -19.15 -15.08
C GLU B 267 34.37 -17.79 -15.26
N ALA B 268 35.12 -16.71 -15.06
CA ALA B 268 34.57 -15.38 -15.28
C ALA B 268 34.20 -15.16 -16.74
N THR B 269 35.08 -15.58 -17.66
CA THR B 269 34.79 -15.45 -19.08
C THR B 269 33.58 -16.29 -19.46
N TYR B 270 33.47 -17.50 -18.91
CA TYR B 270 32.33 -18.37 -19.22
C TYR B 270 31.03 -17.77 -18.72
N ILE B 271 31.00 -17.30 -17.48
CA ILE B 271 29.76 -16.73 -16.94
C ILE B 271 29.42 -15.42 -17.63
N PHE B 272 30.43 -14.67 -18.09
CA PHE B 272 30.16 -13.45 -18.83
C PHE B 272 29.57 -13.77 -20.20
N GLU B 273 30.09 -14.81 -20.87
CA GLU B 273 29.51 -15.25 -22.13
C GLU B 273 28.06 -15.69 -21.93
N VAL B 274 27.79 -16.39 -20.84
CA VAL B 274 26.42 -16.83 -20.56
C VAL B 274 25.50 -15.63 -20.32
N ALA B 275 25.97 -14.68 -19.51
CA ALA B 275 25.15 -13.50 -19.21
C ALA B 275 24.92 -12.65 -20.45
N ASN B 276 25.90 -12.60 -21.36
CA ASN B 276 25.72 -11.86 -22.61
C ASN B 276 24.78 -12.59 -23.55
N SER B 277 24.79 -13.93 -23.52
CA SER B 277 23.78 -14.68 -24.25
C SER B 277 22.39 -14.39 -23.69
N VAL B 278 22.29 -14.20 -22.38
CA VAL B 278 21.03 -13.78 -21.78
C VAL B 278 20.79 -12.29 -22.07
N GLY B 279 21.75 -11.44 -21.74
CA GLY B 279 21.70 -10.04 -22.09
C GLY B 279 21.57 -9.06 -20.94
N LEU B 280 21.95 -9.45 -19.72
CA LEU B 280 21.85 -8.53 -18.58
C LEU B 280 23.18 -7.87 -18.26
N THR B 281 23.88 -7.37 -19.28
CA THR B 281 25.15 -6.69 -19.07
C THR B 281 25.33 -5.43 -19.91
N GLY B 282 24.30 -4.97 -20.62
CA GLY B 282 24.48 -3.88 -21.57
C GLY B 282 24.28 -2.47 -21.05
N TYR B 283 23.13 -2.20 -20.41
CA TYR B 283 22.74 -0.83 -20.11
C TYR B 283 22.88 -0.47 -18.63
N GLY B 284 22.14 -1.16 -17.75
CA GLY B 284 22.03 -0.72 -16.37
C GLY B 284 22.70 -1.61 -15.35
N TYR B 285 23.06 -2.83 -15.74
CA TYR B 285 23.70 -3.75 -14.82
C TYR B 285 25.17 -3.40 -14.65
N THR B 286 25.59 -3.25 -13.40
CA THR B 286 26.97 -2.92 -13.06
C THR B 286 27.50 -3.98 -12.11
N TRP B 287 28.50 -4.73 -12.55
CA TRP B 287 29.05 -5.83 -11.79
C TRP B 287 30.39 -5.43 -11.18
N ILE B 288 30.70 -5.97 -10.01
CA ILE B 288 31.92 -5.67 -9.27
C ILE B 288 32.65 -6.98 -9.01
N VAL B 289 33.96 -7.00 -9.28
CA VAL B 289 34.77 -8.19 -9.09
C VAL B 289 36.03 -7.84 -8.32
N PRO B 290 36.51 -8.78 -7.49
CA PRO B 290 37.74 -8.51 -6.73
C PRO B 290 39.00 -8.56 -7.57
N SER B 291 40.16 -8.48 -6.92
CA SER B 291 41.44 -8.28 -7.58
C SER B 291 42.03 -9.57 -8.17
N LEU B 292 41.29 -10.68 -8.16
CA LEU B 292 41.81 -11.92 -8.74
C LEU B 292 41.29 -12.17 -10.14
N VAL B 293 40.23 -11.47 -10.57
CA VAL B 293 39.71 -11.63 -11.92
C VAL B 293 40.52 -10.88 -12.96
N ALA B 294 41.21 -9.80 -12.57
CA ALA B 294 41.99 -9.02 -13.53
C ALA B 294 43.22 -9.79 -13.99
N GLY B 295 44.08 -10.17 -13.05
CA GLY B 295 45.29 -10.90 -13.40
C GLY B 295 46.37 -10.02 -14.01
N ASP B 296 46.09 -9.48 -15.20
CA ASP B 296 47.03 -8.60 -15.88
C ASP B 296 46.25 -7.46 -16.50
N THR B 297 46.54 -6.23 -16.07
CA THR B 297 45.84 -5.05 -16.56
C THR B 297 46.25 -4.65 -17.97
N ASP B 298 47.23 -5.32 -18.58
CA ASP B 298 47.66 -4.99 -19.94
C ASP B 298 46.85 -5.72 -21.01
N THR B 299 46.40 -6.93 -20.71
CA THR B 299 45.64 -7.73 -21.66
C THR B 299 44.16 -7.70 -21.32
N VAL B 300 43.34 -7.93 -22.34
CA VAL B 300 41.88 -7.97 -22.18
C VAL B 300 41.35 -9.22 -22.87
N PRO B 301 40.64 -10.10 -22.14
CA PRO B 301 40.12 -11.31 -22.77
C PRO B 301 39.06 -11.06 -23.83
N SER B 302 38.61 -9.81 -23.99
CA SER B 302 37.61 -9.36 -24.96
C SER B 302 36.22 -9.90 -24.66
N GLU B 303 36.06 -10.72 -23.63
CA GLU B 303 34.73 -11.21 -23.24
C GLU B 303 34.12 -10.42 -22.11
N PHE B 304 34.87 -9.54 -21.47
CA PHE B 304 34.34 -8.75 -20.37
C PHE B 304 33.44 -7.65 -20.91
N PRO B 305 32.18 -7.56 -20.47
CA PRO B 305 31.30 -6.49 -20.94
C PRO B 305 31.78 -5.13 -20.46
N THR B 306 31.20 -4.09 -21.06
CA THR B 306 31.56 -2.73 -20.71
C THR B 306 30.93 -2.34 -19.37
N GLY B 307 31.52 -1.32 -18.75
CA GLY B 307 31.04 -0.85 -17.46
C GLY B 307 31.35 -1.80 -16.32
N LEU B 308 32.52 -2.42 -16.33
CA LEU B 308 32.94 -3.32 -15.25
C LEU B 308 33.86 -2.57 -14.30
N ILE B 309 33.67 -2.81 -13.00
CA ILE B 309 34.40 -2.12 -11.95
C ILE B 309 35.12 -3.17 -11.11
N SER B 310 36.43 -3.00 -10.93
CA SER B 310 37.23 -3.91 -10.12
C SER B 310 38.18 -3.09 -9.27
N VAL B 311 38.79 -3.75 -8.28
CA VAL B 311 39.77 -3.15 -7.40
C VAL B 311 41.10 -3.85 -7.63
N SER B 312 42.19 -3.10 -7.45
CA SER B 312 43.53 -3.62 -7.65
C SER B 312 44.50 -2.89 -6.73
N TYR B 313 45.76 -3.28 -6.80
CA TYR B 313 46.83 -2.67 -6.02
C TYR B 313 47.48 -1.55 -6.81
N ASP B 314 47.91 -0.50 -6.10
CA ASP B 314 48.51 0.65 -6.75
C ASP B 314 49.92 0.33 -7.22
N GLU B 315 50.04 -0.31 -8.38
CA GLU B 315 51.34 -0.63 -8.96
C GLU B 315 51.78 0.35 -10.04
N TRP B 316 50.84 1.15 -10.58
CA TRP B 316 51.20 2.10 -11.62
C TRP B 316 51.90 3.33 -11.07
N ASP B 317 51.61 3.71 -9.83
CA ASP B 317 52.27 4.86 -9.19
C ASP B 317 53.60 4.47 -8.56
N TYR B 318 53.81 3.20 -8.23
CA TYR B 318 55.10 2.74 -7.71
C TYR B 318 55.22 1.25 -8.00
N GLY B 319 55.99 0.91 -9.04
CA GLY B 319 56.28 -0.47 -9.34
C GLY B 319 57.29 -1.05 -8.36
N LEU B 320 58.54 -0.61 -8.46
CA LEU B 320 59.51 -0.85 -7.41
C LEU B 320 60.50 0.30 -7.28
N PRO B 321 60.05 1.55 -7.12
CA PRO B 321 61.03 2.63 -6.93
C PRO B 321 61.58 2.66 -5.51
N ALA B 322 60.72 2.50 -4.51
CA ALA B 322 61.12 2.50 -3.11
C ALA B 322 60.53 1.35 -2.30
N ARG B 323 59.92 0.36 -2.95
CA ARG B 323 59.37 -0.77 -2.21
C ARG B 323 60.47 -1.57 -1.53
N VAL B 324 61.54 -1.86 -2.26
CA VAL B 324 62.68 -2.59 -1.68
C VAL B 324 63.32 -1.77 -0.57
N ARG B 325 63.41 -0.44 -0.77
CA ARG B 325 63.98 0.42 0.26
C ARG B 325 63.13 0.39 1.53
N ASP B 326 61.81 0.47 1.39
CA ASP B 326 60.92 0.42 2.54
C ASP B 326 61.01 -0.94 3.24
N GLY B 327 61.10 -2.02 2.47
CA GLY B 327 61.25 -3.33 3.07
C GLY B 327 62.53 -3.47 3.87
N ILE B 328 63.65 -3.01 3.28
CA ILE B 328 64.93 -3.05 3.97
C ILE B 328 64.89 -2.19 5.23
N ALA B 329 64.27 -1.01 5.14
CA ALA B 329 64.17 -0.13 6.30
C ALA B 329 63.35 -0.78 7.42
N ILE B 330 62.24 -1.43 7.05
CA ILE B 330 61.42 -2.11 8.05
C ILE B 330 62.19 -3.24 8.70
N ILE B 331 62.91 -4.04 7.90
CA ILE B 331 63.69 -5.14 8.46
C ILE B 331 64.74 -4.60 9.41
N THR B 332 65.45 -3.54 9.01
CA THR B 332 66.51 -3.00 9.84
C THR B 332 65.98 -2.42 11.14
N THR B 333 64.88 -1.66 11.07
CA THR B 333 64.34 -1.06 12.29
C THR B 333 63.76 -2.11 13.21
N ALA B 334 63.19 -3.20 12.65
CA ALA B 334 62.68 -4.28 13.49
C ALA B 334 63.83 -5.02 14.17
N ALA B 335 64.92 -5.27 13.43
CA ALA B 335 66.08 -5.91 14.05
C ALA B 335 66.68 -5.04 15.13
N SER B 336 66.73 -3.72 14.91
CA SER B 336 67.28 -2.82 15.91
C SER B 336 66.40 -2.77 17.15
N ASP B 337 65.07 -2.74 16.96
CA ASP B 337 64.16 -2.74 18.10
C ASP B 337 64.25 -4.04 18.87
N MET B 338 64.40 -5.17 18.18
CA MET B 338 64.55 -6.44 18.86
C MET B 338 65.85 -6.50 19.65
N LEU B 339 66.94 -6.01 19.06
CA LEU B 339 68.22 -5.99 19.76
C LEU B 339 68.19 -5.05 20.96
N SER B 340 67.45 -3.94 20.87
CA SER B 340 67.38 -3.00 21.99
C SER B 340 66.52 -3.54 23.12
N GLU B 341 65.33 -4.07 22.78
CA GLU B 341 64.42 -4.54 23.80
C GLU B 341 64.87 -5.88 24.38
N HIS B 342 64.95 -6.91 23.54
CA HIS B 342 65.28 -8.25 24.02
C HIS B 342 66.75 -8.42 24.36
N SER B 343 67.61 -7.44 24.08
CA SER B 343 69.04 -7.50 24.38
C SER B 343 69.70 -8.69 23.70
N PHE B 344 69.18 -9.10 22.56
CA PHE B 344 69.73 -10.21 21.80
C PHE B 344 69.53 -9.96 20.31
N ILE B 345 70.46 -10.48 19.52
CA ILE B 345 70.39 -10.36 18.06
C ILE B 345 70.54 -11.74 17.43
N PRO B 346 69.54 -12.21 16.67
CA PRO B 346 69.63 -13.54 16.05
C PRO B 346 70.58 -13.52 14.86
N GLU B 347 71.74 -14.15 15.03
CA GLU B 347 72.70 -14.28 13.95
C GLU B 347 73.40 -15.64 14.02
N PRO B 348 72.67 -16.76 13.87
CA PRO B 348 73.33 -18.06 13.92
C PRO B 348 73.98 -18.43 12.59
N LYS B 349 74.55 -19.63 12.50
CA LYS B 349 75.10 -20.11 11.25
C LYS B 349 73.98 -20.52 10.30
N SER B 350 73.57 -19.60 9.43
CA SER B 350 72.46 -19.85 8.50
C SER B 350 72.94 -20.81 7.41
N SER B 351 72.87 -22.10 7.72
CA SER B 351 73.30 -23.16 6.83
C SER B 351 72.10 -24.02 6.43
N CYS B 352 72.13 -24.51 5.19
CA CYS B 352 71.04 -25.34 4.69
C CYS B 352 71.23 -26.80 5.08
N TYR B 353 72.34 -27.39 4.67
CA TYR B 353 72.64 -28.77 5.03
C TYR B 353 72.96 -28.87 6.52
N ASN B 354 72.42 -29.90 7.16
CA ASN B 354 72.62 -30.16 8.59
C ASN B 354 72.13 -28.98 9.43
N THR B 355 70.83 -28.70 9.30
CA THR B 355 70.21 -27.63 10.07
C THR B 355 69.30 -28.15 11.17
N HIS B 356 69.13 -29.48 11.30
CA HIS B 356 68.29 -30.04 12.35
C HIS B 356 68.82 -29.73 13.74
N GLU B 357 70.14 -29.55 13.89
CA GLU B 357 70.70 -29.21 15.19
C GLU B 357 70.56 -27.72 15.51
N LYS B 358 70.20 -26.90 14.53
CA LYS B 358 70.05 -25.47 14.74
C LYS B 358 68.63 -25.08 15.12
N ARG B 359 67.82 -26.03 15.59
CA ARG B 359 66.44 -25.77 15.99
C ARG B 359 66.33 -25.34 17.46
N ILE B 360 67.43 -24.87 18.06
CA ILE B 360 67.38 -24.46 19.46
C ILE B 360 66.90 -23.03 19.60
N TYR B 361 67.00 -22.23 18.54
CA TYR B 361 66.63 -20.82 18.57
C TYR B 361 65.29 -20.63 17.86
N GLN B 362 64.36 -19.96 18.53
CA GLN B 362 63.05 -19.68 17.97
C GLN B 362 62.95 -18.22 17.55
N SER B 363 62.07 -17.97 16.59
CA SER B 363 61.86 -16.62 16.05
C SER B 363 60.48 -16.06 16.38
N ASN B 364 59.87 -16.51 17.49
CA ASN B 364 58.55 -15.99 17.85
C ASN B 364 58.62 -14.54 18.30
N MET B 365 59.62 -14.19 19.10
CA MET B 365 59.76 -12.81 19.55
C MET B 365 60.10 -11.88 18.38
N LEU B 366 60.88 -12.38 17.43
CA LEU B 366 61.18 -11.60 16.22
C LEU B 366 59.90 -11.29 15.46
N ASN B 367 59.05 -12.31 15.27
CA ASN B 367 57.75 -12.09 14.63
C ASN B 367 56.92 -11.09 15.44
N ARG B 368 56.98 -11.19 16.77
CA ARG B 368 56.28 -10.23 17.62
C ARG B 368 56.78 -8.81 17.41
N TYR B 369 58.06 -8.66 17.03
CA TYR B 369 58.62 -7.35 16.77
C TYR B 369 58.48 -6.92 15.31
N LEU B 370 58.21 -7.86 14.41
CA LEU B 370 58.05 -7.55 12.99
C LEU B 370 56.69 -6.98 12.64
N ILE B 371 55.70 -7.07 13.53
CA ILE B 371 54.34 -6.65 13.24
C ILE B 371 54.04 -5.36 13.97
N ASN B 372 55.07 -4.60 14.30
CA ASN B 372 54.89 -3.28 14.93
C ASN B 372 56.06 -2.40 14.50
N VAL B 373 55.86 -1.65 13.41
CA VAL B 373 56.88 -0.77 12.87
C VAL B 373 56.20 0.44 12.25
N THR B 374 56.74 1.62 12.53
CA THR B 374 56.24 2.87 11.96
C THR B 374 57.45 3.73 11.57
N PHE B 375 57.58 4.00 10.28
CA PHE B 375 58.71 4.78 9.77
C PHE B 375 58.22 5.77 8.73
N GLU B 376 58.85 6.94 8.70
CA GLU B 376 58.57 8.01 7.75
C GLU B 376 57.11 8.46 7.80
N GLY B 377 56.46 8.33 8.95
CA GLY B 377 55.08 8.74 9.08
C GLY B 377 54.09 7.86 8.34
N ARG B 378 54.36 6.57 8.22
CA ARG B 378 53.50 5.64 7.52
C ARG B 378 53.29 4.41 8.38
N ASN B 379 52.05 3.90 8.37
CA ASN B 379 51.71 2.71 9.14
C ASN B 379 52.04 1.45 8.36
N LEU B 380 52.91 0.61 8.93
CA LEU B 380 53.28 -0.65 8.30
C LEU B 380 52.98 -1.85 9.19
N SER B 381 52.07 -1.71 10.15
CA SER B 381 51.72 -2.82 11.03
C SER B 381 50.96 -3.87 10.25
N PHE B 382 51.53 -5.08 10.18
CA PHE B 382 50.94 -6.19 9.45
C PHE B 382 49.88 -6.88 10.31
N SER B 383 49.42 -8.05 9.88
CA SER B 383 48.45 -8.84 10.62
C SER B 383 49.00 -10.24 10.84
N GLU B 384 48.36 -10.98 11.75
CA GLU B 384 48.79 -12.35 12.04
C GLU B 384 48.63 -13.25 10.83
N ASP B 385 47.66 -12.98 9.95
CA ASP B 385 47.45 -13.80 8.77
C ASP B 385 48.59 -13.64 7.77
N GLY B 386 49.04 -12.41 7.55
CA GLY B 386 50.19 -12.18 6.70
C GLY B 386 50.05 -11.14 5.61
N TYR B 387 49.01 -10.30 5.67
CA TYR B 387 48.86 -9.20 4.74
C TYR B 387 49.26 -7.89 5.41
N GLN B 388 49.28 -6.81 4.62
CA GLN B 388 49.82 -5.54 5.09
C GLN B 388 48.87 -4.86 6.07
N MET B 389 47.58 -4.87 5.79
CA MET B 389 46.48 -4.29 6.54
C MET B 389 46.45 -2.77 6.46
N HIS B 390 47.42 -2.13 5.80
CA HIS B 390 47.39 -0.70 5.54
C HIS B 390 47.91 -0.41 4.14
N PRO B 391 47.23 -0.92 3.10
CA PRO B 391 47.69 -0.67 1.73
C PRO B 391 47.13 0.60 1.15
N LYS B 392 47.47 0.90 -0.11
CA LYS B 392 46.95 2.06 -0.83
C LYS B 392 46.24 1.53 -2.08
N LEU B 393 44.96 1.18 -1.92
CA LEU B 393 44.20 0.60 -3.00
C LEU B 393 43.73 1.69 -3.97
N VAL B 394 43.46 1.25 -5.21
CA VAL B 394 42.97 2.13 -6.25
C VAL B 394 41.69 1.53 -6.83
N ILE B 395 40.85 2.39 -7.39
CA ILE B 395 39.58 1.99 -7.98
C ILE B 395 39.66 2.24 -9.48
N ILE B 396 39.53 1.18 -10.27
CA ILE B 396 39.58 1.26 -11.72
C ILE B 396 38.26 0.73 -12.27
N LEU B 397 38.00 1.07 -13.54
CA LEU B 397 36.80 0.62 -14.22
C LEU B 397 37.10 0.42 -15.70
N LEU B 398 36.29 -0.43 -16.33
CA LEU B 398 36.42 -0.71 -17.76
C LEU B 398 35.44 0.15 -18.53
N ASN B 399 35.96 1.06 -19.34
CA ASN B 399 35.17 2.01 -20.10
C ASN B 399 34.82 1.41 -21.47
N LYS B 400 34.35 2.27 -22.39
CA LYS B 400 33.98 1.82 -23.72
C LYS B 400 35.14 1.09 -24.40
N GLU B 401 36.28 1.77 -24.53
CA GLU B 401 37.47 1.12 -25.07
C GLU B 401 37.99 0.08 -24.09
N ARG B 402 38.59 -0.99 -24.61
CA ARG B 402 39.10 -2.04 -23.76
C ARG B 402 40.34 -1.57 -23.01
N LYS B 403 40.16 -1.17 -21.76
CA LYS B 403 41.25 -0.68 -20.93
C LYS B 403 40.74 -0.50 -19.50
N TRP B 404 41.68 -0.33 -18.58
CA TRP B 404 41.38 -0.11 -17.16
C TRP B 404 41.92 1.27 -16.79
N GLU B 405 41.00 2.23 -16.67
CA GLU B 405 41.35 3.61 -16.35
C GLU B 405 41.17 3.83 -14.85
N ARG B 406 42.24 4.31 -14.20
CA ARG B 406 42.16 4.60 -12.77
C ARG B 406 41.28 5.82 -12.52
N VAL B 407 40.42 5.71 -11.51
CA VAL B 407 39.48 6.78 -11.18
C VAL B 407 39.66 7.23 -9.74
N GLY B 408 39.56 6.27 -8.80
CA GLY B 408 39.62 6.59 -7.40
C GLY B 408 40.81 5.95 -6.72
N LYS B 409 41.19 6.53 -5.59
CA LYS B 409 42.30 6.05 -4.78
C LYS B 409 41.85 5.92 -3.34
N TRP B 410 42.08 4.74 -2.75
CA TRP B 410 41.67 4.44 -1.38
C TRP B 410 42.93 4.18 -0.56
N LYS B 411 43.23 5.08 0.38
CA LYS B 411 44.41 4.98 1.20
C LYS B 411 44.11 5.54 2.59
N ASP B 412 44.67 4.90 3.62
CA ASP B 412 44.52 5.32 5.01
C ASP B 412 43.06 5.39 5.41
N LYS B 413 42.30 4.36 5.01
CA LYS B 413 40.89 4.20 5.31
C LYS B 413 40.03 5.37 4.81
N SER B 414 40.54 6.14 3.86
CA SER B 414 39.81 7.28 3.31
C SER B 414 39.56 7.06 1.82
N LEU B 415 38.42 7.58 1.36
CA LEU B 415 38.03 7.47 -0.04
C LEU B 415 38.25 8.80 -0.75
N GLN B 416 38.70 8.72 -2.01
CA GLN B 416 38.96 9.91 -2.81
C GLN B 416 38.56 9.61 -4.24
N MET B 417 37.35 10.02 -4.61
CA MET B 417 36.85 9.79 -5.96
C MET B 417 37.31 10.89 -6.90
N LYS B 418 36.92 10.78 -8.16
CA LYS B 418 37.28 11.76 -9.18
C LYS B 418 36.08 12.40 -9.87
N TYR B 419 34.95 11.69 -9.97
CA TYR B 419 33.75 12.19 -10.61
C TYR B 419 32.65 12.38 -9.59
N TYR B 420 31.93 13.49 -9.70
CA TYR B 420 30.84 13.77 -8.77
C TYR B 420 29.66 12.83 -8.99
N VAL B 421 29.40 12.46 -10.24
CA VAL B 421 28.30 11.55 -10.58
C VAL B 421 28.88 10.42 -11.43
N TRP B 422 28.27 9.24 -11.30
CA TRP B 422 28.75 8.07 -12.02
C TRP B 422 28.32 8.14 -13.48
N PRO B 423 29.24 8.05 -14.44
CA PRO B 423 28.86 8.13 -15.85
C PRO B 423 28.01 6.94 -16.28
N ARG B 424 26.80 7.22 -16.77
CA ARG B 424 25.87 6.19 -17.22
C ARG B 424 26.01 6.02 -18.73
N MET B 425 26.31 4.79 -19.15
CA MET B 425 26.48 4.50 -20.57
C MET B 425 26.12 3.04 -20.86
N ASP B 434 16.41 9.43 -24.91
CA ASP B 434 16.55 8.19 -24.15
C ASP B 434 15.64 8.19 -22.93
N ASP B 435 16.10 7.55 -21.85
CA ASP B 435 15.34 7.48 -20.61
C ASP B 435 16.16 7.96 -19.43
N HIS B 436 17.16 8.80 -19.67
CA HIS B 436 18.00 9.39 -18.63
C HIS B 436 17.82 10.89 -18.70
N LEU B 437 16.83 11.41 -17.98
CA LEU B 437 16.43 12.81 -18.06
C LEU B 437 16.74 13.51 -16.75
N SER B 438 17.53 14.58 -16.82
CA SER B 438 17.82 15.37 -15.64
C SER B 438 16.59 16.17 -15.23
N ILE B 439 16.64 16.72 -14.01
CA ILE B 439 15.52 17.46 -13.44
C ILE B 439 16.05 18.66 -12.68
N VAL B 440 15.47 19.83 -12.95
CA VAL B 440 15.80 21.08 -12.27
C VAL B 440 14.70 21.38 -11.28
N THR B 441 15.09 21.77 -10.06
CA THR B 441 14.13 22.08 -9.01
C THR B 441 14.54 23.39 -8.34
N LEU B 442 13.83 23.75 -7.28
CA LEU B 442 14.09 24.96 -6.53
C LEU B 442 13.62 24.77 -5.10
N GLU B 443 14.39 25.32 -4.15
CA GLU B 443 14.08 25.18 -2.74
C GLU B 443 12.80 25.95 -2.42
N GLU B 444 11.83 25.25 -1.83
CA GLU B 444 10.56 25.85 -1.45
C GLU B 444 10.15 25.29 -0.10
N ALA B 445 9.86 26.17 0.86
CA ALA B 445 9.52 25.79 2.22
C ALA B 445 8.39 24.76 2.28
N PRO B 446 7.27 24.93 1.57
CA PRO B 446 6.20 23.93 1.62
C PRO B 446 6.26 22.86 0.54
N PHE B 447 7.15 22.97 -0.45
CA PHE B 447 7.16 22.04 -1.57
C PHE B 447 8.46 21.22 -1.66
N VAL B 448 9.61 21.88 -1.67
CA VAL B 448 10.90 21.21 -1.83
C VAL B 448 11.80 21.65 -0.68
N ILE B 449 11.94 20.78 0.32
CA ILE B 449 12.77 21.04 1.50
C ILE B 449 14.08 20.30 1.34
N VAL B 450 15.18 21.01 1.54
CA VAL B 450 16.52 20.44 1.46
C VAL B 450 17.03 20.21 2.88
N GLU B 451 17.85 19.18 3.06
CA GLU B 451 18.41 18.84 4.37
C GLU B 451 19.82 18.31 4.15
N SER B 452 20.40 17.77 5.23
CA SER B 452 21.74 17.21 5.21
C SER B 452 21.69 15.71 5.43
N VAL B 453 22.79 15.03 5.12
CA VAL B 453 22.85 13.59 5.32
C VAL B 453 22.85 13.27 6.81
N ASP B 454 22.48 12.03 7.13
CA ASP B 454 22.42 11.57 8.51
C ASP B 454 23.82 11.37 9.06
N PRO B 455 24.19 12.05 10.15
CA PRO B 455 25.54 11.88 10.70
C PRO B 455 25.81 10.48 11.25
N LEU B 456 24.76 9.74 11.65
CA LEU B 456 24.96 8.39 12.16
C LEU B 456 25.26 7.39 11.05
N SER B 457 24.96 7.73 9.80
CA SER B 457 25.18 6.83 8.68
C SER B 457 25.95 7.46 7.53
N GLY B 458 26.10 8.78 7.51
CA GLY B 458 26.81 9.44 6.42
C GLY B 458 26.11 9.38 5.08
N THR B 459 24.83 9.02 5.08
CA THR B 459 24.02 8.96 3.86
C THR B 459 22.66 9.57 4.16
N CYS B 460 21.74 9.46 3.22
CA CYS B 460 20.38 9.97 3.39
C CYS B 460 19.49 8.89 3.99
N MET B 461 18.55 9.33 4.84
CA MET B 461 17.64 8.42 5.50
C MET B 461 16.63 7.87 4.49
N ARG B 462 15.77 6.98 4.97
CA ARG B 462 14.77 6.36 4.11
C ARG B 462 13.69 7.37 3.72
N ASN B 463 12.93 7.02 2.69
CA ASN B 463 11.84 7.84 2.17
C ASN B 463 12.35 9.24 1.79
N THR B 464 13.48 9.25 1.09
CA THR B 464 14.09 10.49 0.62
C THR B 464 14.74 10.22 -0.73
N VAL B 465 14.99 11.28 -1.48
CA VAL B 465 15.60 11.18 -2.81
C VAL B 465 16.95 11.88 -2.79
N PRO B 466 18.03 11.21 -3.20
CA PRO B 466 19.35 11.82 -3.19
C PRO B 466 19.48 12.88 -4.28
N CYS B 467 19.55 14.14 -3.86
CA CYS B 467 19.66 15.27 -4.77
C CYS B 467 21.08 15.82 -4.73
N GLN B 468 21.71 15.93 -5.90
CA GLN B 468 23.08 16.43 -6.01
C GLN B 468 23.03 17.95 -6.08
N LYS B 469 23.26 18.62 -4.95
CA LYS B 469 23.24 20.07 -4.89
C LYS B 469 24.49 20.64 -5.57
N ARG B 470 24.29 21.40 -6.64
CA ARG B 470 25.41 22.00 -7.35
C ARG B 470 26.07 23.07 -6.49
N ILE B 471 27.39 23.00 -6.37
CA ILE B 471 28.17 23.93 -5.57
C ILE B 471 29.24 24.55 -6.47
N ILE B 472 29.23 25.86 -6.59
CA ILE B 472 30.21 26.60 -7.37
C ILE B 472 30.66 27.78 -6.50
N SER B 473 31.83 27.65 -5.88
CA SER B 473 32.35 28.68 -4.98
C SER B 473 33.65 29.29 -5.49
N GLU B 474 34.52 28.49 -6.10
CA GLU B 474 35.79 29.01 -6.62
C GLU B 474 35.54 30.04 -7.71
N ASN B 475 36.10 31.23 -7.53
CA ASN B 475 35.92 32.32 -8.48
C ASN B 475 37.13 32.49 -9.40
N LYS B 476 38.34 32.25 -8.89
CA LYS B 476 39.53 32.45 -9.70
C LYS B 476 39.63 31.41 -10.83
N THR B 477 39.13 30.21 -10.61
CA THR B 477 39.18 29.15 -11.61
C THR B 477 37.92 28.31 -11.49
N ASP B 478 37.36 27.91 -12.64
CA ASP B 478 36.22 27.03 -12.64
C ASP B 478 36.58 25.71 -11.95
N GLU B 479 35.66 25.24 -11.11
CA GLU B 479 35.88 24.07 -10.27
C GLU B 479 35.37 22.83 -10.99
N GLU B 480 35.89 21.66 -10.60
CA GLU B 480 35.43 20.36 -11.08
C GLU B 480 33.94 20.21 -10.83
N PRO B 481 33.26 19.26 -11.50
CA PRO B 481 31.84 19.03 -11.20
C PRO B 481 31.57 18.92 -9.71
N GLY B 482 30.82 19.87 -9.16
CA GLY B 482 30.60 19.93 -7.73
C GLY B 482 29.23 19.45 -7.32
N TYR B 483 29.18 18.27 -6.68
CA TYR B 483 27.93 17.70 -6.20
C TYR B 483 28.08 17.38 -4.72
N ILE B 484 27.19 17.96 -3.91
CA ILE B 484 27.17 17.72 -2.47
C ILE B 484 25.99 16.81 -2.18
N LYS B 485 26.24 15.68 -1.51
CA LYS B 485 25.18 14.72 -1.24
C LYS B 485 24.15 15.35 -0.31
N LYS B 486 22.99 15.67 -0.84
CA LYS B 486 21.89 16.25 -0.08
C LYS B 486 20.69 15.32 -0.13
N CYS B 487 19.75 15.54 0.78
CA CYS B 487 18.53 14.75 0.88
C CYS B 487 17.34 15.68 0.74
N CYS B 488 16.69 15.64 -0.42
CA CYS B 488 15.56 16.50 -0.72
C CYS B 488 14.26 15.73 -0.54
N LYS B 489 13.27 16.41 0.02
CA LYS B 489 11.96 15.80 0.26
C LYS B 489 10.93 16.92 0.45
N GLY B 490 9.68 16.58 0.20
CA GLY B 490 8.60 17.55 0.35
C GLY B 490 7.30 17.09 -0.28
N PHE B 491 6.66 17.96 -1.06
CA PHE B 491 5.38 17.66 -1.69
C PHE B 491 5.56 17.26 -3.16
N CYS B 492 6.25 18.09 -3.93
CA CYS B 492 6.48 17.77 -5.34
C CYS B 492 7.37 16.55 -5.50
N ILE B 493 8.22 16.29 -4.51
CA ILE B 493 9.10 15.12 -4.56
C ILE B 493 8.30 13.83 -4.53
N ASP B 494 7.21 13.79 -3.76
CA ASP B 494 6.38 12.60 -3.71
C ASP B 494 5.69 12.37 -5.06
N ILE B 495 5.18 13.44 -5.67
CA ILE B 495 4.55 13.30 -6.98
C ILE B 495 5.57 12.84 -8.01
N LEU B 496 6.78 13.37 -7.95
CA LEU B 496 7.83 12.95 -8.88
C LEU B 496 8.19 11.48 -8.68
N LYS B 497 8.27 11.03 -7.43
CA LYS B 497 8.57 9.63 -7.16
C LYS B 497 7.45 8.72 -7.66
N LYS B 498 6.19 9.13 -7.47
CA LYS B 498 5.08 8.33 -7.95
C LYS B 498 5.04 8.30 -9.48
N ILE B 499 5.43 9.39 -10.14
CA ILE B 499 5.50 9.40 -11.60
C ILE B 499 6.61 8.46 -12.07
N SER B 500 7.78 8.54 -11.44
CA SER B 500 8.88 7.64 -11.81
C SER B 500 8.54 6.19 -11.54
N LYS B 501 7.67 5.93 -10.55
CA LYS B 501 7.23 4.57 -10.29
C LYS B 501 6.18 4.11 -11.30
N SER B 502 5.34 5.03 -11.77
CA SER B 502 4.32 4.68 -12.76
C SER B 502 4.95 4.44 -14.13
N VAL B 503 5.57 5.47 -14.70
CA VAL B 503 6.24 5.35 -15.99
C VAL B 503 7.73 5.14 -15.75
N LYS B 504 8.34 4.27 -16.55
CA LYS B 504 9.71 3.83 -16.34
C LYS B 504 10.68 4.84 -16.95
N PHE B 505 11.43 5.54 -16.09
CA PHE B 505 12.51 6.40 -16.53
C PHE B 505 13.41 6.68 -15.34
N THR B 506 14.62 7.17 -15.62
CA THR B 506 15.61 7.48 -14.61
C THR B 506 15.77 8.99 -14.52
N TYR B 507 16.22 9.47 -13.36
CA TYR B 507 16.33 10.90 -13.13
C TYR B 507 17.36 11.17 -12.04
N ASP B 508 17.85 12.40 -12.02
CA ASP B 508 18.80 12.84 -11.00
C ASP B 508 18.67 14.35 -10.86
N LEU B 509 18.06 14.80 -9.77
CA LEU B 509 17.79 16.23 -9.58
C LEU B 509 19.07 16.99 -9.23
N TYR B 510 19.00 18.31 -9.39
CA TYR B 510 20.08 19.20 -8.97
C TYR B 510 19.50 20.59 -8.82
N LEU B 511 19.87 21.28 -7.75
CA LEU B 511 19.28 22.58 -7.43
C LEU B 511 19.66 23.62 -8.49
N VAL B 512 18.86 24.68 -8.56
CA VAL B 512 19.10 25.78 -9.48
C VAL B 512 20.34 26.54 -9.03
N THR B 513 20.90 27.36 -9.92
CA THR B 513 22.17 28.01 -9.63
C THR B 513 21.98 29.40 -9.03
N ASN B 514 21.30 30.29 -9.75
CA ASN B 514 21.29 31.70 -9.42
C ASN B 514 19.86 32.25 -9.36
N GLY B 515 19.57 32.97 -8.29
CA GLY B 515 18.46 33.90 -8.24
C GLY B 515 17.08 33.35 -7.95
N LYS B 516 16.44 32.74 -8.94
CA LYS B 516 15.03 32.38 -8.83
C LYS B 516 14.69 31.37 -9.92
N HIS B 517 13.40 31.08 -10.05
CA HIS B 517 12.93 30.08 -11.01
C HIS B 517 12.70 30.69 -12.39
N GLY B 518 12.09 31.87 -12.46
CA GLY B 518 11.78 32.46 -13.75
C GLY B 518 11.90 33.97 -13.80
N LYS B 519 12.47 34.48 -14.89
CA LYS B 519 12.61 35.91 -15.10
C LYS B 519 13.00 36.16 -16.55
N LYS B 520 12.43 37.20 -17.15
CA LYS B 520 12.57 37.49 -18.58
C LYS B 520 13.33 38.78 -18.83
N ILE B 521 14.41 39.00 -18.07
CA ILE B 521 15.20 40.22 -18.24
C ILE B 521 16.05 40.12 -19.50
N ASN B 522 16.24 41.27 -20.15
CA ASN B 522 17.09 41.38 -21.35
C ASN B 522 16.63 40.44 -22.46
N GLY B 523 15.33 40.17 -22.53
CA GLY B 523 14.80 39.27 -23.55
C GLY B 523 15.35 37.86 -23.44
N THR B 524 15.76 37.46 -22.25
CA THR B 524 16.32 36.14 -22.03
C THR B 524 15.85 35.62 -20.67
N TRP B 525 15.80 34.31 -20.54
CA TRP B 525 15.34 33.66 -19.32
C TRP B 525 16.53 33.19 -18.50
N ASN B 526 16.34 33.14 -17.18
CA ASN B 526 17.34 32.65 -16.25
C ASN B 526 16.71 31.63 -15.31
N GLY B 527 17.51 31.13 -14.37
CA GLY B 527 17.02 30.16 -13.41
C GLY B 527 16.60 28.87 -14.05
N MET B 528 15.47 28.33 -13.59
CA MET B 528 14.96 27.08 -14.16
C MET B 528 14.54 27.26 -15.60
N ILE B 529 13.78 28.33 -15.90
CA ILE B 529 13.32 28.55 -17.27
C ILE B 529 14.51 28.81 -18.19
N GLY B 530 15.48 29.61 -17.74
CA GLY B 530 16.67 29.83 -18.54
C GLY B 530 17.49 28.57 -18.74
N GLU B 531 17.46 27.66 -17.77
CA GLU B 531 18.12 26.38 -17.94
C GLU B 531 17.36 25.53 -18.96
N VAL B 532 16.03 25.66 -18.99
CA VAL B 532 15.22 24.90 -19.94
C VAL B 532 15.39 25.43 -21.36
N VAL B 533 15.73 26.72 -21.51
CA VAL B 533 15.93 27.29 -22.85
C VAL B 533 16.98 26.50 -23.61
N MET B 534 18.21 26.48 -23.10
CA MET B 534 19.23 25.53 -23.54
C MET B 534 19.15 24.35 -22.59
N LYS B 535 18.18 23.47 -22.83
CA LYS B 535 17.64 22.55 -21.83
C LYS B 535 18.70 21.79 -21.07
N ARG B 536 19.41 20.87 -21.74
CA ARG B 536 20.45 20.05 -21.13
C ARG B 536 19.91 19.20 -19.98
N ALA B 537 18.61 19.30 -19.72
CA ALA B 537 17.98 18.58 -18.62
C ALA B 537 16.72 17.86 -19.11
N TYR B 538 16.04 18.47 -20.09
CA TYR B 538 14.84 17.91 -20.73
C TYR B 538 13.62 17.92 -19.79
N MET B 539 13.77 18.45 -18.59
CA MET B 539 12.65 18.51 -17.66
C MET B 539 12.88 19.57 -16.57
N ALA B 540 11.79 19.99 -15.91
CA ALA B 540 11.87 20.98 -14.85
C ALA B 540 10.69 20.83 -13.89
N VAL B 541 10.96 20.87 -12.59
CA VAL B 541 9.93 20.69 -11.58
C VAL B 541 10.12 21.74 -10.49
N GLY B 542 9.11 21.90 -9.64
CA GLY B 542 9.14 22.84 -8.54
C GLY B 542 7.94 23.76 -8.55
N SER B 543 8.03 24.79 -7.72
CA SER B 543 6.96 25.77 -7.58
C SER B 543 7.03 26.76 -8.74
N LEU B 544 6.51 26.32 -9.89
CA LEU B 544 6.48 27.12 -11.10
C LEU B 544 5.06 27.56 -11.40
N THR B 545 4.91 28.81 -11.83
CA THR B 545 3.61 29.39 -12.15
C THR B 545 3.39 29.38 -13.65
N ILE B 546 2.12 29.45 -14.04
CA ILE B 546 1.74 29.43 -15.45
C ILE B 546 1.16 30.79 -15.82
N ASN B 547 1.60 31.31 -16.95
CA ASN B 547 1.12 32.59 -17.47
C ASN B 547 1.24 32.55 -19.00
N GLU B 548 1.12 33.70 -19.64
CA GLU B 548 1.12 33.76 -21.10
C GLU B 548 2.52 33.53 -21.68
N GLU B 549 3.51 34.28 -21.18
CA GLU B 549 4.84 34.25 -21.79
C GLU B 549 5.52 32.91 -21.57
N ARG B 550 5.54 32.42 -20.33
CA ARG B 550 6.21 31.17 -20.03
C ARG B 550 5.54 29.97 -20.70
N SER B 551 4.25 30.06 -20.98
CA SER B 551 3.57 29.00 -21.73
C SER B 551 3.78 29.12 -23.24
N GLU B 552 3.94 30.34 -23.74
CA GLU B 552 4.27 30.51 -25.15
C GLU B 552 5.73 30.15 -25.45
N VAL B 553 6.59 30.16 -24.43
CA VAL B 553 7.99 29.79 -24.61
C VAL B 553 8.16 28.29 -24.43
N VAL B 554 7.75 27.78 -23.27
CA VAL B 554 7.90 26.36 -22.96
C VAL B 554 6.51 25.78 -22.70
N ASP B 555 6.42 24.46 -22.87
CA ASP B 555 5.15 23.76 -22.69
C ASP B 555 4.87 23.53 -21.21
N PHE B 556 3.63 23.18 -20.90
CA PHE B 556 3.21 22.92 -19.54
C PHE B 556 2.22 21.77 -19.52
N SER B 557 2.23 21.01 -18.43
CA SER B 557 1.32 19.91 -18.23
C SER B 557 0.07 20.39 -17.49
N VAL B 558 -0.77 19.45 -17.05
CA VAL B 558 -1.98 19.78 -16.32
C VAL B 558 -1.61 20.11 -14.87
N PRO B 559 -2.09 21.23 -14.33
CA PRO B 559 -1.74 21.59 -12.95
C PRO B 559 -2.33 20.59 -11.96
N PHE B 560 -1.56 20.31 -10.91
CA PHE B 560 -1.98 19.39 -9.86
C PHE B 560 -2.43 20.10 -8.59
N ILE B 561 -2.45 21.43 -8.60
CA ILE B 561 -2.87 22.21 -7.44
C ILE B 561 -3.32 23.59 -7.90
N GLU B 562 -4.34 24.13 -7.26
CA GLU B 562 -4.91 25.42 -7.61
C GLU B 562 -4.34 26.53 -6.74
N THR B 563 -4.26 27.72 -7.31
CA THR B 563 -3.76 28.89 -6.58
C THR B 563 -4.36 30.14 -7.20
N GLY B 564 -4.00 31.28 -6.62
CA GLY B 564 -4.51 32.55 -7.09
C GLY B 564 -4.37 33.63 -6.04
N ILE B 565 -4.76 34.85 -6.43
CA ILE B 565 -4.72 35.97 -5.49
C ILE B 565 -5.77 35.76 -4.42
N SER B 566 -5.32 35.73 -3.16
CA SER B 566 -6.21 35.50 -2.03
C SER B 566 -5.88 36.48 -0.91
N VAL B 567 -6.92 36.97 -0.23
CA VAL B 567 -6.76 37.91 0.87
C VAL B 567 -6.42 37.12 2.14
N MET B 568 -5.74 37.77 3.08
CA MET B 568 -5.37 37.15 4.34
C MET B 568 -5.62 38.14 5.46
N VAL B 569 -6.41 37.71 6.46
CA VAL B 569 -6.76 38.57 7.59
C VAL B 569 -6.79 37.72 8.86
N SER B 570 -6.93 38.37 10.01
CA SER B 570 -6.95 37.70 11.30
C SER B 570 -8.36 37.75 11.85
N ARG B 571 -8.78 36.67 12.50
CA ARG B 571 -10.11 36.60 13.10
C ARG B 571 -10.30 37.70 14.13
N SER B 572 -11.51 38.24 14.17
CA SER B 572 -11.87 39.32 15.09
C SER B 572 -12.81 38.77 16.15
N ASN B 573 -12.74 39.33 17.35
CA ASN B 573 -13.64 38.92 18.43
C ASN B 573 -15.09 39.19 18.05
N GLY B 574 -15.99 38.35 18.57
CA GLY B 574 -17.39 38.48 18.25
C GLY B 574 -18.04 39.68 18.90
N THR B 575 -19.29 39.90 18.53
CA THR B 575 -20.07 41.01 19.06
C THR B 575 -21.35 40.50 19.71
N VAL B 576 -22.24 41.40 20.11
CA VAL B 576 -23.48 41.00 20.78
C VAL B 576 -24.74 41.36 20.00
N SER B 577 -24.63 41.96 18.80
CA SER B 577 -25.80 42.44 18.07
C SER B 577 -26.54 43.45 18.95
N PRO B 578 -26.02 44.69 19.09
CA PRO B 578 -26.43 45.57 20.20
C PRO B 578 -27.92 45.86 20.28
N SER B 579 -28.71 45.36 19.32
CA SER B 579 -30.15 45.39 19.40
C SER B 579 -30.71 44.12 20.03
N ALA B 580 -29.91 43.47 20.89
CA ALA B 580 -30.29 42.18 21.48
C ALA B 580 -31.09 42.31 22.76
N PHE B 581 -31.25 43.53 23.29
CA PHE B 581 -32.02 43.69 24.53
C PHE B 581 -33.50 43.39 24.34
N LEU B 582 -34.01 43.51 23.11
CA LEU B 582 -35.38 43.11 22.78
C LEU B 582 -35.42 41.87 21.89
N GLU B 583 -34.27 41.22 21.69
CA GLU B 583 -34.24 40.07 20.80
C GLU B 583 -34.87 38.81 21.38
N PRO B 584 -34.52 38.34 22.59
CA PRO B 584 -35.05 37.04 23.03
C PRO B 584 -36.51 37.07 23.40
N PHE B 585 -37.36 37.47 22.45
CA PHE B 585 -38.81 37.52 22.64
C PHE B 585 -39.52 37.79 21.32
N SER B 586 -40.73 37.25 21.16
CA SER B 586 -41.49 37.48 19.94
C SER B 586 -42.09 38.89 19.95
N ALA B 587 -42.42 39.39 18.75
CA ALA B 587 -42.99 40.72 18.62
C ALA B 587 -44.46 40.79 19.06
N ASP B 588 -45.12 39.65 19.23
CA ASP B 588 -46.53 39.67 19.59
C ASP B 588 -46.72 39.57 21.11
N VAL B 589 -45.80 38.90 21.79
CA VAL B 589 -45.96 38.68 23.23
C VAL B 589 -45.90 39.99 24.00
N TRP B 590 -45.16 40.98 23.50
CA TRP B 590 -45.06 42.27 24.18
C TRP B 590 -46.42 42.97 24.20
N VAL B 591 -47.04 43.14 23.03
CA VAL B 591 -48.34 43.78 22.98
C VAL B 591 -49.39 42.92 23.66
N MET B 592 -49.23 41.59 23.63
CA MET B 592 -50.16 40.72 24.34
C MET B 592 -50.12 40.97 25.84
N MET B 593 -48.92 40.99 26.43
CA MET B 593 -48.82 41.24 27.87
C MET B 593 -49.21 42.66 28.22
N PHE B 594 -49.00 43.61 27.30
CA PHE B 594 -49.43 44.99 27.55
C PHE B 594 -50.95 45.09 27.64
N VAL B 595 -51.65 44.58 26.61
CA VAL B 595 -53.11 44.64 26.64
C VAL B 595 -53.66 43.78 27.77
N MET B 596 -52.96 42.72 28.14
CA MET B 596 -53.41 41.90 29.26
C MET B 596 -53.26 42.64 30.57
N LEU B 597 -52.15 43.35 30.76
CA LEU B 597 -51.99 44.20 31.93
C LEU B 597 -53.11 45.22 32.02
N LEU B 598 -53.40 45.88 30.90
CA LEU B 598 -54.47 46.87 30.87
C LEU B 598 -55.81 46.26 31.26
N ILE B 599 -56.17 45.15 30.62
CA ILE B 599 -57.46 44.51 30.87
C ILE B 599 -57.55 44.05 32.32
N VAL B 600 -56.48 43.42 32.82
CA VAL B 600 -56.49 42.91 34.19
C VAL B 600 -56.64 44.05 35.19
N SER B 601 -55.87 45.13 35.01
CA SER B 601 -55.97 46.26 35.92
C SER B 601 -57.36 46.86 35.92
N ALA B 602 -57.91 47.09 34.72
CA ALA B 602 -59.24 47.72 34.62
C ALA B 602 -60.31 46.85 35.25
N VAL B 603 -60.34 45.57 34.87
CA VAL B 603 -61.35 44.64 35.42
C VAL B 603 -61.21 44.57 36.93
N ALA B 604 -59.97 44.40 37.42
CA ALA B 604 -59.73 44.33 38.86
C ALA B 604 -60.31 45.54 39.57
N VAL B 605 -59.85 46.74 39.22
CA VAL B 605 -60.28 47.93 39.94
C VAL B 605 -61.80 48.08 39.86
N PHE B 606 -62.36 47.98 38.65
CA PHE B 606 -63.79 48.25 38.47
C PHE B 606 -64.64 47.23 39.22
N VAL B 607 -64.45 45.95 38.96
CA VAL B 607 -65.28 44.92 39.57
C VAL B 607 -65.00 44.83 41.07
N PHE B 608 -63.77 44.50 41.44
CA PHE B 608 -63.47 44.21 42.83
C PHE B 608 -63.19 45.45 43.67
N GLU B 609 -63.47 46.66 43.17
CA GLU B 609 -63.32 47.84 44.00
C GLU B 609 -64.67 48.46 44.29
N TYR B 610 -65.71 47.63 44.39
CA TYR B 610 -67.06 48.11 44.65
C TYR B 610 -67.90 47.02 45.32
N SER B 630 -60.27 55.63 46.98
CA SER B 630 -59.02 56.30 46.64
C SER B 630 -58.19 55.46 45.66
N PHE B 631 -58.54 54.17 45.55
CA PHE B 631 -57.85 53.26 44.66
C PHE B 631 -58.39 53.46 43.25
N THR B 632 -57.80 54.41 42.52
CA THR B 632 -58.23 54.72 41.17
C THR B 632 -57.51 53.83 40.16
N ILE B 633 -57.68 54.14 38.87
CA ILE B 633 -57.06 53.35 37.82
C ILE B 633 -55.58 53.66 37.66
N GLY B 634 -55.15 54.88 37.93
CA GLY B 634 -53.75 55.26 37.81
C GLY B 634 -52.85 54.50 38.74
N LYS B 635 -53.18 54.49 40.04
CA LYS B 635 -52.39 53.74 41.01
C LYS B 635 -52.43 52.25 40.74
N ALA B 636 -53.57 51.74 40.29
CA ALA B 636 -53.67 50.32 39.95
C ALA B 636 -52.74 49.95 38.81
N ILE B 637 -52.73 50.77 37.75
CA ILE B 637 -51.84 50.51 36.63
C ILE B 637 -50.38 50.65 37.06
N TRP B 638 -50.08 51.63 37.91
CA TRP B 638 -48.72 51.81 38.40
C TRP B 638 -48.25 50.60 39.17
N LEU B 639 -49.11 50.06 40.04
CA LEU B 639 -48.78 48.88 40.82
C LEU B 639 -48.60 47.66 39.92
N LEU B 640 -49.55 47.45 39.00
CA LEU B 640 -49.47 46.31 38.10
C LEU B 640 -48.30 46.39 37.13
N TRP B 641 -47.76 47.59 36.91
CA TRP B 641 -46.57 47.77 36.10
C TRP B 641 -45.29 47.56 36.90
N GLY B 642 -45.25 48.09 38.12
CA GLY B 642 -44.12 47.90 39.00
C GLY B 642 -43.91 46.45 39.42
N LEU B 643 -45.00 45.69 39.48
CA LEU B 643 -44.90 44.30 39.91
C LEU B 643 -44.19 43.42 38.89
N VAL B 644 -43.98 43.94 37.67
CA VAL B 644 -43.33 43.18 36.62
C VAL B 644 -41.84 43.49 36.49
N PHE B 645 -41.36 44.54 37.14
CA PHE B 645 -39.97 44.96 36.99
C PHE B 645 -39.21 44.81 38.30
N ASN B 646 -39.44 43.69 38.93
CA ASN B 646 -38.70 43.23 40.12
C ASN B 646 -39.26 43.75 41.45
N ASN B 647 -40.19 44.68 41.41
CA ASN B 647 -40.73 45.35 42.60
C ASN B 647 -39.75 46.39 43.15
N SER B 648 -39.46 47.39 42.32
CA SER B 648 -38.50 48.43 42.65
C SER B 648 -39.16 49.74 43.08
N VAL B 649 -40.20 50.17 42.39
CA VAL B 649 -40.89 51.41 42.72
C VAL B 649 -41.92 51.15 43.81
N PRO B 650 -42.15 52.11 44.71
CA PRO B 650 -43.21 51.94 45.71
C PRO B 650 -44.59 51.90 45.06
N VAL B 651 -45.53 51.26 45.75
CA VAL B 651 -46.89 51.07 45.27
C VAL B 651 -47.85 51.36 46.41
N GLN B 652 -49.15 51.23 46.13
CA GLN B 652 -50.21 51.42 47.10
C GLN B 652 -51.14 50.21 47.02
N ASN B 653 -51.07 49.33 48.01
CA ASN B 653 -51.83 48.10 47.96
C ASN B 653 -53.30 48.36 48.27
N PRO B 654 -54.20 47.58 47.67
CA PRO B 654 -55.63 47.73 47.95
C PRO B 654 -56.00 47.23 49.34
N LYS B 655 -57.28 47.34 49.65
CA LYS B 655 -57.82 46.92 50.94
C LYS B 655 -58.64 45.65 50.87
N GLY B 656 -58.97 45.17 49.68
CA GLY B 656 -59.80 43.99 49.54
C GLY B 656 -59.02 42.69 49.61
N THR B 657 -59.69 41.58 49.31
CA THR B 657 -59.06 40.26 49.31
C THR B 657 -58.99 39.65 47.92
N THR B 658 -60.06 39.75 47.14
CA THR B 658 -60.01 39.27 45.76
C THR B 658 -59.05 40.06 44.89
N SER B 659 -58.95 41.38 45.12
CA SER B 659 -57.92 42.16 44.43
C SER B 659 -56.54 41.72 44.85
N LYS B 660 -56.38 41.32 46.12
CA LYS B 660 -55.10 40.80 46.59
C LYS B 660 -54.76 39.49 45.89
N ILE B 661 -55.75 38.61 45.74
CA ILE B 661 -55.52 37.36 45.02
C ILE B 661 -55.15 37.64 43.56
N MET B 662 -55.82 38.62 42.96
CA MET B 662 -55.52 38.97 41.56
C MET B 662 -54.10 39.49 41.41
N VAL B 663 -53.68 40.39 42.30
CA VAL B 663 -52.33 40.94 42.19
C VAL B 663 -51.29 39.89 42.56
N SER B 664 -51.66 38.91 43.40
CA SER B 664 -50.74 37.81 43.69
C SER B 664 -50.53 36.92 42.47
N VAL B 665 -51.63 36.61 41.76
CA VAL B 665 -51.51 35.85 40.52
C VAL B 665 -50.70 36.62 39.49
N TRP B 666 -50.90 37.95 39.44
CA TRP B 666 -50.13 38.77 38.51
C TRP B 666 -48.65 38.79 38.88
N ALA B 667 -48.34 38.80 40.19
CA ALA B 667 -46.95 38.76 40.62
C ALA B 667 -46.31 37.41 40.27
N PHE B 668 -47.06 36.33 40.41
CA PHE B 668 -46.55 35.02 39.99
C PHE B 668 -46.27 35.01 38.48
N PHE B 669 -47.21 35.54 37.69
CA PHE B 669 -46.98 35.65 36.24
C PHE B 669 -45.75 36.48 35.94
N ALA B 670 -45.56 37.60 36.64
CA ALA B 670 -44.41 38.46 36.40
C ALA B 670 -43.10 37.75 36.78
N VAL B 671 -43.12 36.97 37.85
CA VAL B 671 -41.94 36.20 38.24
C VAL B 671 -41.60 35.18 37.17
N ILE B 672 -42.61 34.47 36.65
CA ILE B 672 -42.37 33.50 35.58
C ILE B 672 -41.81 34.20 34.34
N PHE B 673 -42.38 35.36 33.99
CA PHE B 673 -41.94 36.14 32.85
C PHE B 673 -40.49 36.56 33.00
N LEU B 674 -40.12 37.09 34.17
CA LEU B 674 -38.75 37.52 34.42
C LEU B 674 -37.79 36.35 34.38
N ALA B 675 -38.19 35.20 34.95
CA ALA B 675 -37.32 34.02 34.92
C ALA B 675 -37.06 33.57 33.49
N SER B 676 -38.12 33.49 32.67
CA SER B 676 -37.94 33.09 31.29
C SER B 676 -37.11 34.10 30.51
N TYR B 677 -37.33 35.39 30.75
CA TYR B 677 -36.56 36.42 30.06
C TYR B 677 -35.07 36.32 30.41
N THR B 678 -34.77 36.16 31.71
CA THR B 678 -33.38 36.03 32.13
C THR B 678 -32.75 34.78 31.56
N ALA B 679 -33.49 33.67 31.54
CA ALA B 679 -32.96 32.44 30.97
C ALA B 679 -32.61 32.61 29.50
N ASN B 680 -33.54 33.19 28.72
CA ASN B 680 -33.29 33.36 27.29
C ASN B 680 -32.16 34.35 27.04
N LEU B 681 -32.06 35.39 27.87
CA LEU B 681 -30.99 36.37 27.70
C LEU B 681 -29.63 35.77 28.02
N ALA B 682 -29.56 34.90 29.03
CA ALA B 682 -28.31 34.21 29.33
C ALA B 682 -27.97 33.20 28.23
N ALA B 683 -28.99 32.57 27.65
CA ALA B 683 -28.74 31.63 26.56
C ALA B 683 -28.29 32.34 25.29
N PHE B 684 -28.70 33.60 25.12
CA PHE B 684 -28.42 34.32 23.89
C PHE B 684 -26.95 34.72 23.79
N MET B 685 -26.35 35.15 24.90
CA MET B 685 -25.00 35.72 24.87
C MET B 685 -23.92 34.67 24.71
N ILE B 686 -24.27 33.38 24.67
CA ILE B 686 -23.28 32.31 24.60
C ILE B 686 -23.13 31.74 23.19
N GLN B 687 -23.75 32.38 22.19
CA GLN B 687 -23.74 31.83 20.84
C GLN B 687 -23.41 32.89 19.80
N GLU B 688 -22.54 33.83 20.11
CA GLU B 688 -22.12 34.81 19.13
C GLU B 688 -20.64 34.62 18.77
N GLU B 689 -20.39 34.44 17.47
CA GLU B 689 -19.03 34.25 16.96
C GLU B 689 -19.02 34.23 15.44
N TYR B 690 -17.81 34.22 14.86
CA TYR B 690 -17.59 34.06 13.42
C TYR B 690 -18.28 35.18 12.62
N VAL B 691 -17.77 36.39 12.82
CA VAL B 691 -18.24 37.55 12.07
C VAL B 691 -17.06 38.24 11.39
N ASP B 692 -16.78 37.84 10.15
CA ASP B 692 -15.73 38.42 9.34
C ASP B 692 -15.87 37.88 7.91
N GLN B 693 -15.90 38.78 6.93
CA GLN B 693 -16.05 38.38 5.55
C GLN B 693 -15.71 39.56 4.65
N VAL B 694 -15.11 39.25 3.50
CA VAL B 694 -14.85 40.22 2.45
C VAL B 694 -15.30 39.63 1.12
N SER B 695 -15.58 40.51 0.16
CA SER B 695 -16.06 40.09 -1.15
C SER B 695 -14.92 39.64 -2.06
N GLY B 696 -14.00 40.56 -2.36
CA GLY B 696 -12.88 40.24 -3.24
C GLY B 696 -12.07 41.46 -3.63
N LEU B 697 -11.52 41.44 -4.85
CA LEU B 697 -10.73 42.56 -5.36
C LEU B 697 -11.60 43.67 -5.94
N SER B 698 -12.92 43.56 -5.82
CA SER B 698 -13.85 44.59 -6.27
C SER B 698 -14.57 45.24 -5.11
N ASP B 699 -14.09 45.07 -3.89
CA ASP B 699 -14.74 45.63 -2.72
C ASP B 699 -14.45 47.13 -2.62
N LYS B 700 -15.30 47.84 -1.88
CA LYS B 700 -15.10 49.27 -1.67
C LYS B 700 -13.85 49.53 -0.84
N LYS B 701 -13.47 48.59 0.01
CA LYS B 701 -12.29 48.76 0.85
C LYS B 701 -11.02 48.85 0.00
N PHE B 702 -10.94 48.06 -1.08
CA PHE B 702 -9.77 48.10 -1.94
C PHE B 702 -9.88 49.20 -2.99
N GLN B 703 -11.07 49.37 -3.58
CA GLN B 703 -11.24 50.36 -4.62
C GLN B 703 -11.23 51.78 -4.06
N ARG B 704 -11.94 52.00 -2.96
CA ARG B 704 -12.04 53.33 -2.36
C ARG B 704 -11.48 53.32 -0.94
N PRO B 705 -10.16 53.42 -0.77
CA PRO B 705 -9.60 53.42 0.60
C PRO B 705 -9.95 54.69 1.37
N ASN B 706 -9.94 55.84 0.71
CA ASN B 706 -10.14 57.11 1.40
C ASN B 706 -11.62 57.44 1.63
N ASP B 707 -12.51 57.00 0.74
CA ASP B 707 -13.92 57.35 0.88
C ASP B 707 -14.63 56.40 1.84
N PHE B 708 -14.10 56.25 3.05
CA PHE B 708 -14.61 55.32 4.03
C PHE B 708 -14.06 55.71 5.40
N SER B 709 -14.05 54.74 6.33
CA SER B 709 -13.39 54.86 7.62
C SER B 709 -11.92 55.23 7.43
N PRO B 710 -11.18 55.57 8.48
CA PRO B 710 -9.72 55.82 8.34
C PRO B 710 -9.08 54.80 7.43
N PRO B 711 -8.11 55.22 6.62
CA PRO B 711 -7.70 54.42 5.46
C PRO B 711 -7.22 53.02 5.83
N PHE B 712 -7.73 52.04 5.09
CA PHE B 712 -7.37 50.65 5.25
C PHE B 712 -5.95 50.42 4.72
N ARG B 713 -5.37 49.29 5.10
CA ARG B 713 -4.00 48.96 4.72
C ARG B 713 -3.95 47.55 4.15
N PHE B 714 -3.17 47.39 3.09
CA PHE B 714 -2.95 46.10 2.46
C PHE B 714 -1.76 46.22 1.52
N GLY B 715 -0.90 45.21 1.52
CA GLY B 715 0.28 45.24 0.69
C GLY B 715 0.98 43.91 0.67
N THR B 716 2.12 43.88 0.00
CA THR B 716 2.93 42.67 -0.15
C THR B 716 4.35 43.11 -0.52
N VAL B 717 5.20 42.14 -0.86
CA VAL B 717 6.58 42.44 -1.22
C VAL B 717 6.64 42.79 -2.70
N PRO B 718 7.54 43.69 -3.12
CA PRO B 718 7.67 43.98 -4.55
C PRO B 718 8.51 42.96 -5.29
N ASN B 719 8.72 43.17 -6.59
CA ASN B 719 9.53 42.29 -7.44
C ASN B 719 9.00 40.85 -7.42
N GLY B 720 7.70 40.69 -7.58
CA GLY B 720 7.10 39.37 -7.59
C GLY B 720 6.05 39.27 -8.68
N SER B 721 5.62 38.03 -8.93
CA SER B 721 4.60 37.80 -9.95
C SER B 721 3.27 38.45 -9.54
N THR B 722 2.90 38.33 -8.26
CA THR B 722 1.66 38.95 -7.80
C THR B 722 1.72 40.46 -7.89
N GLU B 723 2.87 41.05 -7.55
CA GLU B 723 3.03 42.50 -7.65
C GLU B 723 2.94 42.96 -9.10
N ARG B 724 3.60 42.24 -10.01
CA ARG B 724 3.52 42.60 -11.43
C ARG B 724 2.10 42.48 -11.95
N ASN B 725 1.38 41.44 -11.53
CA ASN B 725 0.01 41.25 -11.97
C ASN B 725 -0.91 42.35 -11.44
N ILE B 726 -0.78 42.72 -10.17
CA ILE B 726 -1.63 43.75 -9.60
C ILE B 726 -1.26 45.11 -10.15
N ARG B 727 -0.01 45.29 -10.60
CA ARG B 727 0.37 46.54 -11.23
C ARG B 727 -0.17 46.63 -12.65
N ASN B 728 -0.16 45.51 -13.38
CA ASN B 728 -0.71 45.51 -14.74
C ASN B 728 -2.24 45.54 -14.73
N ASN B 729 -2.87 45.19 -13.61
CA ASN B 729 -4.32 45.14 -13.52
C ASN B 729 -4.88 46.37 -12.81
N TYR B 730 -4.43 46.68 -11.60
CA TYR B 730 -4.96 47.80 -10.81
C TYR B 730 -3.84 48.79 -10.55
N ALA B 731 -3.79 49.83 -11.37
CA ALA B 731 -2.75 50.84 -11.24
C ALA B 731 -2.92 51.63 -9.94
N GLU B 732 -4.12 52.15 -9.71
CA GLU B 732 -4.36 52.96 -8.51
C GLU B 732 -4.19 52.15 -7.23
N MET B 733 -4.62 50.88 -7.24
CA MET B 733 -4.44 50.04 -6.06
C MET B 733 -2.97 49.86 -5.74
N HIS B 734 -2.14 49.65 -6.76
CA HIS B 734 -0.70 49.50 -6.53
C HIS B 734 -0.10 50.81 -6.06
N ALA B 735 -0.50 51.94 -6.65
CA ALA B 735 0.01 53.24 -6.23
C ALA B 735 -0.33 53.51 -4.78
N TYR B 736 -1.49 53.05 -4.33
CA TYR B 736 -1.87 53.23 -2.94
C TYR B 736 -1.10 52.29 -2.02
N MET B 737 -1.03 51.01 -2.39
CA MET B 737 -0.40 49.99 -1.54
C MET B 737 1.12 50.08 -1.53
N GLY B 738 1.74 50.86 -2.42
CA GLY B 738 3.18 51.02 -2.42
C GLY B 738 3.76 51.54 -1.12
N LYS B 739 2.92 52.17 -0.29
CA LYS B 739 3.40 52.68 1.00
C LYS B 739 3.62 51.54 1.99
N PHE B 740 2.76 50.52 1.94
CA PHE B 740 2.80 49.41 2.88
C PHE B 740 3.57 48.20 2.35
N ASN B 741 4.55 48.42 1.49
CA ASN B 741 5.35 47.31 0.95
C ASN B 741 6.16 46.66 2.07
N GLN B 742 5.94 45.36 2.29
CA GLN B 742 6.64 44.63 3.33
C GLN B 742 7.98 44.13 2.80
N ARG B 743 8.67 43.31 3.60
CA ARG B 743 9.96 42.75 3.22
C ARG B 743 9.97 41.23 3.12
N GLY B 744 8.93 40.57 3.60
CA GLY B 744 8.88 39.12 3.50
C GLY B 744 7.49 38.61 3.81
N VAL B 745 7.42 37.31 4.07
CA VAL B 745 6.17 36.64 4.43
C VAL B 745 6.00 36.54 5.93
N ASP B 746 7.03 36.05 6.63
CA ASP B 746 6.96 36.00 8.09
C ASP B 746 6.91 37.40 8.69
N ASP B 747 7.61 38.36 8.08
CA ASP B 747 7.54 39.73 8.54
C ASP B 747 6.13 40.29 8.41
N ALA B 748 5.47 40.01 7.29
CA ALA B 748 4.10 40.47 7.10
C ALA B 748 3.15 39.77 8.07
N LEU B 749 3.38 38.49 8.35
CA LEU B 749 2.55 37.78 9.32
C LEU B 749 2.71 38.37 10.71
N LEU B 750 3.94 38.69 11.11
CA LEU B 750 4.16 39.31 12.41
C LEU B 750 3.54 40.71 12.47
N SER B 751 3.63 41.46 11.37
CA SER B 751 3.02 42.79 11.32
C SER B 751 1.50 42.69 11.45
N LEU B 752 0.89 41.69 10.80
CA LEU B 752 -0.54 41.50 10.94
C LEU B 752 -0.91 41.06 12.35
N LYS B 753 -0.09 40.22 12.98
CA LYS B 753 -0.35 39.80 14.35
C LYS B 753 -0.21 40.93 15.34
N THR B 754 0.68 41.90 15.08
CA THR B 754 0.86 43.04 15.95
C THR B 754 -0.10 44.18 15.66
N GLY B 755 -0.91 44.08 14.60
CA GLY B 755 -1.86 45.10 14.26
C GLY B 755 -1.32 46.23 13.41
N LYS B 756 -0.07 46.15 12.96
CA LYS B 756 0.49 47.21 12.12
C LYS B 756 -0.08 47.17 10.71
N LEU B 757 -0.49 46.00 10.22
CA LEU B 757 -1.04 45.86 8.88
C LEU B 757 -2.44 45.26 9.01
N ASP B 758 -3.31 45.65 8.07
CA ASP B 758 -4.72 45.27 8.15
C ASP B 758 -5.07 44.04 7.33
N ALA B 759 -4.32 43.75 6.27
CA ALA B 759 -4.62 42.61 5.40
C ALA B 759 -3.32 42.15 4.75
N PHE B 760 -3.43 41.17 3.86
CA PHE B 760 -2.27 40.61 3.17
C PHE B 760 -2.75 39.99 1.87
N ILE B 761 -2.02 40.27 0.79
CA ILE B 761 -2.35 39.80 -0.55
C ILE B 761 -1.14 39.05 -1.08
N TYR B 762 -1.22 37.73 -1.15
CA TYR B 762 -0.12 36.91 -1.64
C TYR B 762 -0.70 35.66 -2.30
N ASP B 763 0.17 34.70 -2.60
CA ASP B 763 -0.26 33.46 -3.24
C ASP B 763 -1.18 32.66 -2.32
N ALA B 764 -2.08 31.90 -2.92
CA ALA B 764 -3.09 31.19 -2.15
C ALA B 764 -2.51 29.94 -1.47
N ALA B 765 -1.65 29.21 -2.16
CA ALA B 765 -1.16 27.93 -1.62
C ALA B 765 -0.27 28.15 -0.41
N VAL B 766 0.71 29.05 -0.51
CA VAL B 766 1.64 29.27 0.60
C VAL B 766 0.92 29.88 1.79
N LEU B 767 -0.04 30.79 1.55
CA LEU B 767 -0.78 31.39 2.64
C LEU B 767 -1.68 30.35 3.31
N ASN B 768 -2.32 29.49 2.53
CA ASN B 768 -3.14 28.43 3.10
C ASN B 768 -2.30 27.48 3.95
N TYR B 769 -1.10 27.14 3.47
CA TYR B 769 -0.22 26.27 4.23
C TYR B 769 0.21 26.94 5.54
N MET B 770 0.69 28.18 5.45
CA MET B 770 1.15 28.90 6.64
C MET B 770 0.01 29.20 7.61
N ALA B 771 -1.24 29.19 7.14
CA ALA B 771 -2.37 29.41 8.02
C ALA B 771 -2.84 28.12 8.69
N GLY B 772 -2.89 27.02 7.93
CA GLY B 772 -3.29 25.75 8.49
C GLY B 772 -2.23 25.09 9.36
N ARG B 773 -0.97 25.48 9.21
CA ARG B 773 0.14 24.89 9.95
C ARG B 773 0.84 25.94 10.79
N ASP B 774 0.07 26.79 11.47
CA ASP B 774 0.59 27.83 12.32
C ASP B 774 0.24 27.57 13.78
N GLU B 775 0.90 28.30 14.66
CA GLU B 775 0.58 28.23 16.09
C GLU B 775 -0.74 28.91 16.36
N GLY B 776 -1.73 28.14 16.81
CA GLY B 776 -3.07 28.67 16.99
C GLY B 776 -3.84 28.73 15.70
N CYS B 777 -5.14 29.00 15.78
CA CYS B 777 -6.00 29.04 14.60
C CYS B 777 -6.68 30.40 14.49
N LYS B 778 -5.95 31.47 14.80
CA LYS B 778 -6.49 32.82 14.70
C LYS B 778 -6.41 33.39 13.29
N LEU B 779 -5.57 32.83 12.43
CA LEU B 779 -5.42 33.28 11.06
C LEU B 779 -6.21 32.37 10.12
N VAL B 780 -6.84 32.98 9.12
CA VAL B 780 -7.64 32.25 8.14
C VAL B 780 -7.77 33.12 6.90
N THR B 781 -7.90 32.48 5.74
CA THR B 781 -8.07 33.19 4.50
C THR B 781 -9.53 33.65 4.34
N ILE B 782 -9.83 34.20 3.16
CA ILE B 782 -11.16 34.70 2.87
C ILE B 782 -11.91 33.69 2.02
N GLY B 783 -11.46 32.44 2.05
CA GLY B 783 -12.07 31.40 1.25
C GLY B 783 -11.64 31.45 -0.20
N SER B 784 -11.90 30.38 -0.94
CA SER B 784 -11.59 30.36 -2.37
C SER B 784 -12.39 31.43 -3.10
N GLY B 785 -13.73 31.33 -3.07
CA GLY B 785 -14.61 32.32 -3.66
C GLY B 785 -14.24 32.73 -5.06
N LYS B 786 -14.00 34.03 -5.25
CA LYS B 786 -13.53 34.56 -6.52
C LYS B 786 -12.05 34.94 -6.40
N VAL B 787 -11.23 34.41 -7.31
CA VAL B 787 -9.79 34.61 -7.27
C VAL B 787 -9.34 35.08 -8.65
N PHE B 788 -8.86 36.32 -8.73
CA PHE B 788 -8.36 36.85 -9.98
C PHE B 788 -7.09 36.13 -10.41
N ALA B 789 -6.93 35.96 -11.73
CA ALA B 789 -5.78 35.27 -12.32
C ALA B 789 -5.63 33.87 -11.72
N SER B 790 -6.69 33.09 -11.82
CA SER B 790 -6.70 31.74 -11.29
C SER B 790 -5.91 30.82 -12.21
N THR B 791 -4.90 30.16 -11.65
CA THR B 791 -4.05 29.25 -12.42
C THR B 791 -3.55 28.17 -11.47
N GLY B 792 -2.63 27.32 -11.96
CA GLY B 792 -2.10 26.24 -11.18
C GLY B 792 -0.60 26.07 -11.40
N TYR B 793 -0.04 25.14 -10.65
CA TYR B 793 1.39 24.83 -10.74
C TYR B 793 1.57 23.60 -11.64
N GLY B 794 2.13 23.82 -12.83
CA GLY B 794 2.36 22.75 -13.77
C GLY B 794 3.76 22.16 -13.65
N ILE B 795 4.08 21.29 -14.60
CA ILE B 795 5.38 20.63 -14.67
C ILE B 795 5.97 20.97 -16.03
N ALA B 796 6.98 21.82 -16.04
CA ALA B 796 7.59 22.25 -17.29
C ALA B 796 8.25 21.07 -18.01
N ILE B 797 8.01 20.99 -19.31
CA ILE B 797 8.57 19.94 -20.15
C ILE B 797 9.10 20.60 -21.42
N GLN B 798 10.16 20.04 -21.99
CA GLN B 798 10.76 20.57 -23.21
C GLN B 798 9.72 20.64 -24.33
N LYS B 799 9.93 21.58 -25.24
CA LYS B 799 8.97 21.81 -26.32
C LYS B 799 8.89 20.60 -27.24
N ASP B 800 7.69 20.31 -27.71
CA ASP B 800 7.39 19.22 -28.64
C ASP B 800 7.77 17.86 -28.10
N SER B 801 7.79 17.69 -26.78
CA SER B 801 8.11 16.40 -26.17
C SER B 801 6.90 15.49 -26.14
N GLY B 802 7.05 14.27 -26.66
CA GLY B 802 5.95 13.32 -26.65
C GLY B 802 5.60 12.81 -25.27
N TRP B 803 6.54 12.90 -24.33
CA TRP B 803 6.34 12.40 -22.97
C TRP B 803 5.24 13.16 -22.25
N LYS B 804 4.88 14.35 -22.73
CA LYS B 804 3.85 15.17 -22.10
C LYS B 804 2.50 14.47 -22.09
N ARG B 805 2.16 13.79 -23.19
CA ARG B 805 0.90 13.07 -23.28
C ARG B 805 0.79 11.99 -22.20
N GLN B 806 1.90 11.29 -21.95
CA GLN B 806 1.90 10.23 -20.94
C GLN B 806 1.75 10.82 -19.54
N VAL B 807 2.51 11.87 -19.23
CA VAL B 807 2.47 12.42 -17.87
C VAL B 807 1.14 13.11 -17.60
N ASP B 808 0.47 13.61 -18.64
CA ASP B 808 -0.87 14.17 -18.45
C ASP B 808 -1.85 13.10 -18.00
N LEU B 809 -1.85 11.96 -18.69
CA LEU B 809 -2.72 10.85 -18.30
C LEU B 809 -2.33 10.32 -16.93
N ALA B 810 -1.03 10.35 -16.61
CA ALA B 810 -0.58 9.92 -15.29
C ALA B 810 -1.13 10.83 -14.19
N ILE B 811 -1.05 12.15 -14.39
CA ILE B 811 -1.58 13.09 -13.41
C ILE B 811 -3.09 12.93 -13.29
N LEU B 812 -3.77 12.69 -14.41
CA LEU B 812 -5.22 12.49 -14.36
C LEU B 812 -5.57 11.22 -13.60
N GLN B 813 -4.79 10.16 -13.78
CA GLN B 813 -5.01 8.94 -13.01
C GLN B 813 -4.73 9.15 -11.54
N LEU B 814 -3.77 10.03 -11.22
CA LEU B 814 -3.50 10.36 -9.83
C LEU B 814 -4.72 10.99 -9.18
N PHE B 815 -5.40 11.89 -9.89
CA PHE B 815 -6.63 12.48 -9.37
C PHE B 815 -7.75 11.43 -9.30
N GLY B 816 -7.85 10.59 -10.32
CA GLY B 816 -8.90 9.59 -10.34
C GLY B 816 -8.76 8.53 -9.26
N ASP B 817 -7.54 8.27 -8.82
CA ASP B 817 -7.31 7.24 -7.80
C ASP B 817 -7.44 7.79 -6.38
N GLY B 818 -7.24 9.09 -6.18
CA GLY B 818 -7.34 9.69 -4.87
C GLY B 818 -6.03 9.84 -4.12
N GLU B 819 -4.90 9.46 -4.73
CA GLU B 819 -3.62 9.59 -4.06
C GLU B 819 -3.26 11.06 -3.87
N MET B 820 -3.66 11.91 -4.82
CA MET B 820 -3.38 13.34 -4.70
C MET B 820 -4.09 13.95 -3.50
N GLU B 821 -5.31 13.50 -3.23
CA GLU B 821 -6.03 13.98 -2.05
C GLU B 821 -5.31 13.56 -0.77
N GLU B 822 -4.79 12.34 -0.74
CA GLU B 822 -4.04 11.88 0.43
C GLU B 822 -2.77 12.69 0.62
N LEU B 823 -2.08 13.00 -0.48
CA LEU B 823 -0.87 13.82 -0.38
C LEU B 823 -1.19 15.23 0.11
N GLU B 824 -2.28 15.81 -0.40
CA GLU B 824 -2.69 17.14 0.04
C GLU B 824 -3.10 17.15 1.51
N ALA B 825 -3.72 16.08 1.99
CA ALA B 825 -4.11 15.98 3.38
C ALA B 825 -2.93 15.67 4.31
N LEU B 826 -1.88 15.04 3.79
CA LEU B 826 -0.73 14.71 4.62
C LEU B 826 0.25 15.89 4.70
N TRP B 827 0.55 16.52 3.56
CA TRP B 827 1.59 17.54 3.52
C TRP B 827 1.05 18.96 3.54
N LEU B 828 -0.11 19.21 2.92
CA LEU B 828 -0.63 20.56 2.80
C LEU B 828 -1.68 20.89 3.86
N THR B 829 -2.64 19.99 4.09
CA THR B 829 -3.71 20.25 5.05
C THR B 829 -3.15 20.22 6.47
N GLY B 830 -3.34 21.33 7.20
CA GLY B 830 -2.86 21.43 8.56
C GLY B 830 -3.81 20.86 9.59
N ILE B 831 -3.79 21.43 10.80
CA ILE B 831 -4.63 20.95 11.89
C ILE B 831 -5.78 21.92 12.11
N CYS B 832 -5.56 23.20 11.79
CA CYS B 832 -6.59 24.20 11.99
C CYS B 832 -7.75 24.09 11.00
N HIS B 833 -7.62 23.24 9.97
CA HIS B 833 -8.71 23.08 9.02
C HIS B 833 -9.95 22.48 9.68
N ASN B 834 -9.77 21.65 10.71
CA ASN B 834 -10.87 21.03 11.43
C ASN B 834 -11.11 21.68 12.79
N GLU B 835 -10.86 22.98 12.89
CA GLU B 835 -11.03 23.72 14.15
C GLU B 835 -12.34 24.50 14.09
N LYS B 836 -13.29 24.12 14.94
CA LYS B 836 -14.58 24.79 14.98
C LYS B 836 -14.44 26.17 15.63
N ASN B 837 -15.52 26.94 15.54
CA ASN B 837 -15.53 28.28 16.13
C ASN B 837 -15.54 28.19 17.65
N GLU B 838 -14.80 29.09 18.28
CA GLU B 838 -14.67 29.15 19.74
C GLU B 838 -15.39 30.40 20.25
N VAL B 839 -16.45 30.19 21.03
CA VAL B 839 -17.18 31.32 21.60
C VAL B 839 -16.35 31.95 22.71
N MET B 840 -16.64 33.22 23.00
CA MET B 840 -15.92 33.97 24.03
C MET B 840 -16.88 34.98 24.65
N SER B 841 -16.32 35.95 25.38
CA SER B 841 -17.11 36.95 26.09
C SER B 841 -16.78 38.32 25.51
N SER B 842 -17.82 39.11 25.24
CA SER B 842 -17.65 40.41 24.59
C SER B 842 -17.40 41.52 25.60
N GLN B 843 -17.65 41.26 26.88
CA GLN B 843 -17.42 42.16 28.02
C GLN B 843 -18.42 43.32 28.05
N LEU B 844 -19.40 43.35 27.14
CA LEU B 844 -20.48 44.34 27.16
C LEU B 844 -19.95 45.77 27.10
N ASP B 845 -19.37 46.16 25.98
CA ASP B 845 -18.86 47.51 25.76
C ASP B 845 -20.03 48.50 25.71
N ILE B 846 -19.68 49.78 25.54
CA ILE B 846 -20.69 50.85 25.57
C ILE B 846 -21.64 50.75 24.39
N ASP B 847 -21.12 50.46 23.19
CA ASP B 847 -21.95 50.47 21.99
C ASP B 847 -23.06 49.42 22.07
N ASN B 848 -22.93 48.47 22.99
CA ASN B 848 -23.94 47.43 23.13
C ASN B 848 -25.22 47.97 23.75
N MET B 849 -25.08 48.79 24.80
CA MET B 849 -26.23 49.41 25.47
C MET B 849 -26.73 50.67 24.75
N ALA B 850 -26.28 50.90 23.51
CA ALA B 850 -26.77 52.03 22.74
C ALA B 850 -28.27 51.95 22.53
N GLY B 851 -28.82 50.73 22.41
CA GLY B 851 -30.24 50.54 22.27
C GLY B 851 -31.03 51.09 23.44
N VAL B 852 -30.69 50.67 24.66
CA VAL B 852 -31.42 51.15 25.82
C VAL B 852 -31.12 52.62 26.08
N PHE B 853 -29.93 53.09 25.69
CA PHE B 853 -29.64 54.52 25.84
C PHE B 853 -30.55 55.36 24.93
N TYR B 854 -30.69 54.95 23.67
CA TYR B 854 -31.60 55.64 22.76
C TYR B 854 -33.04 55.51 23.20
N MET B 855 -33.40 54.36 23.81
CA MET B 855 -34.74 54.20 24.34
C MET B 855 -35.01 55.20 25.46
N LEU B 856 -34.05 55.36 26.37
CA LEU B 856 -34.20 56.34 27.44
C LEU B 856 -34.26 57.76 26.89
N GLY B 857 -33.46 58.05 25.87
CA GLY B 857 -33.50 59.38 25.27
C GLY B 857 -34.84 59.69 24.63
N ALA B 858 -35.37 58.73 23.87
CA ALA B 858 -36.68 58.90 23.25
C ALA B 858 -37.77 59.00 24.31
N ALA B 859 -37.60 58.28 25.42
CA ALA B 859 -38.58 58.38 26.51
C ALA B 859 -38.55 59.75 27.15
N MET B 860 -37.36 60.32 27.34
CA MET B 860 -37.27 61.67 27.87
C MET B 860 -37.86 62.69 26.91
N ALA B 861 -37.63 62.49 25.61
CA ALA B 861 -38.21 63.38 24.62
C ALA B 861 -39.74 63.31 24.64
N LEU B 862 -40.29 62.10 24.70
CA LEU B 862 -41.74 61.94 24.80
C LEU B 862 -42.27 62.52 26.10
N SER B 863 -41.50 62.43 27.19
CA SER B 863 -41.89 63.03 28.45
C SER B 863 -42.01 64.54 28.32
N LEU B 864 -41.02 65.17 27.70
CA LEU B 864 -41.08 66.61 27.47
C LEU B 864 -42.25 66.98 26.58
N ILE B 865 -42.49 66.19 25.53
CA ILE B 865 -43.60 66.47 24.60
C ILE B 865 -44.93 66.40 25.34
N THR B 866 -45.11 65.34 26.14
CA THR B 866 -46.34 65.19 26.91
C THR B 866 -46.50 66.27 27.97
N PHE B 867 -45.40 66.72 28.58
CA PHE B 867 -45.48 67.83 29.53
C PHE B 867 -45.96 69.10 28.83
N ILE B 868 -45.39 69.41 27.66
CA ILE B 868 -45.80 70.59 26.92
C ILE B 868 -47.27 70.48 26.51
N CYS B 869 -47.68 69.29 26.07
CA CYS B 869 -49.05 69.09 25.63
C CYS B 869 -50.03 69.25 26.79
N GLU B 870 -49.69 68.68 27.95
CA GLU B 870 -50.55 68.81 29.13
C GLU B 870 -50.64 70.25 29.59
N HIS B 871 -49.51 70.98 29.56
CA HIS B 871 -49.53 72.39 29.93
C HIS B 871 -50.41 73.19 28.98
N LEU B 872 -50.31 72.92 27.67
CA LEU B 872 -51.13 73.63 26.69
C LEU B 872 -52.61 73.31 26.90
N PHE B 873 -52.92 72.04 27.17
CA PHE B 873 -54.31 71.63 27.35
C PHE B 873 -54.91 72.17 28.64
N TYR B 874 -54.10 72.34 29.69
CA TYR B 874 -54.61 72.83 30.97
C TYR B 874 -54.58 74.35 31.07
N TRP B 875 -53.82 75.04 30.21
CA TRP B 875 -53.78 76.49 30.24
C TRP B 875 -55.11 77.11 29.79
N GLN B 876 -55.89 76.40 28.98
CA GLN B 876 -57.17 76.91 28.51
C GLN B 876 -58.32 76.11 29.11
N SER C 65 -37.90 -35.50 -55.21
CA SER C 65 -37.20 -36.23 -56.28
C SER C 65 -35.73 -35.82 -56.33
N ILE C 66 -35.23 -35.29 -55.22
CA ILE C 66 -33.84 -34.86 -55.15
C ILE C 66 -32.94 -36.08 -54.99
N GLY C 67 -31.82 -36.07 -55.70
CA GLY C 67 -30.86 -37.16 -55.59
C GLY C 67 -29.80 -36.89 -54.55
N ILE C 68 -29.64 -37.80 -53.60
CA ILE C 68 -28.69 -37.66 -52.50
C ILE C 68 -27.83 -38.92 -52.44
N ALA C 69 -26.52 -38.74 -52.54
CA ALA C 69 -25.58 -39.85 -52.46
C ALA C 69 -24.79 -39.78 -51.15
N VAL C 70 -24.34 -40.95 -50.69
CA VAL C 70 -23.58 -41.08 -49.46
C VAL C 70 -22.31 -41.87 -49.77
N ILE C 71 -21.16 -41.21 -49.71
CA ILE C 71 -19.87 -41.81 -50.05
C ILE C 71 -19.12 -42.07 -48.75
N LEU C 72 -18.55 -43.28 -48.64
CA LEU C 72 -17.72 -43.65 -47.51
C LEU C 72 -16.37 -44.18 -48.01
N VAL C 73 -15.33 -43.92 -47.23
CA VAL C 73 -13.97 -44.33 -47.57
C VAL C 73 -13.34 -44.98 -46.35
N GLY C 74 -12.31 -45.77 -46.59
CA GLY C 74 -11.59 -46.45 -45.53
C GLY C 74 -12.44 -47.47 -44.81
N THR C 75 -12.01 -47.83 -43.60
CA THR C 75 -12.75 -48.81 -42.82
C THR C 75 -13.88 -48.12 -42.06
N SER C 76 -15.06 -48.74 -42.11
CA SER C 76 -16.25 -48.22 -41.44
C SER C 76 -17.32 -49.30 -41.44
N ASP C 77 -18.38 -49.06 -40.67
CA ASP C 77 -19.51 -49.98 -40.62
C ASP C 77 -20.42 -49.75 -41.82
N GLU C 78 -19.96 -50.17 -43.01
CA GLU C 78 -20.69 -49.90 -44.25
C GLU C 78 -22.08 -50.51 -44.22
N VAL C 79 -22.18 -51.80 -43.88
CA VAL C 79 -23.48 -52.47 -43.88
C VAL C 79 -24.38 -51.91 -42.79
N ALA C 80 -23.81 -51.55 -41.63
CA ALA C 80 -24.62 -51.03 -40.53
C ALA C 80 -25.25 -49.69 -40.91
N ILE C 81 -24.46 -48.77 -41.48
CA ILE C 81 -25.01 -47.48 -41.86
C ILE C 81 -25.92 -47.62 -43.08
N LYS C 82 -25.64 -48.59 -43.95
CA LYS C 82 -26.53 -48.82 -45.09
C LYS C 82 -27.90 -49.30 -44.62
N ASP C 83 -27.92 -50.15 -43.58
CA ASP C 83 -29.19 -50.59 -43.02
C ASP C 83 -29.88 -49.45 -42.27
N ALA C 84 -29.11 -48.65 -41.53
CA ALA C 84 -29.68 -47.55 -40.76
C ALA C 84 -30.21 -46.44 -41.66
N HIS C 85 -29.71 -46.31 -42.89
CA HIS C 85 -30.18 -45.26 -43.78
C HIS C 85 -31.65 -45.43 -44.13
N GLU C 86 -32.14 -46.67 -44.17
CA GLU C 86 -33.56 -46.93 -44.42
C GLU C 86 -34.37 -46.91 -43.13
N LYS C 87 -34.19 -45.84 -42.35
CA LYS C 87 -34.94 -45.67 -41.11
C LYS C 87 -35.41 -44.22 -40.92
N ASP C 88 -35.43 -43.44 -42.00
CA ASP C 88 -35.86 -42.04 -41.91
C ASP C 88 -37.38 -41.95 -41.98
N ASP C 89 -37.93 -41.02 -41.21
CA ASP C 89 -39.38 -40.78 -41.16
C ASP C 89 -39.67 -39.54 -41.99
N PHE C 90 -39.95 -39.75 -43.28
CA PHE C 90 -40.27 -38.68 -44.21
C PHE C 90 -41.65 -38.89 -44.82
N HIS C 91 -42.62 -39.30 -44.00
CA HIS C 91 -43.96 -39.57 -44.49
C HIS C 91 -44.80 -38.29 -44.55
N HIS C 92 -44.44 -37.27 -43.79
CA HIS C 92 -45.18 -36.01 -43.75
C HIS C 92 -44.66 -35.00 -44.76
N LEU C 93 -43.95 -35.47 -45.78
CA LEU C 93 -43.42 -34.58 -46.81
C LEU C 93 -43.36 -35.33 -48.13
N SER C 94 -43.48 -34.58 -49.22
CA SER C 94 -43.39 -35.12 -50.57
C SER C 94 -42.00 -34.80 -51.11
N VAL C 95 -41.03 -35.63 -50.76
CA VAL C 95 -39.64 -35.43 -51.12
C VAL C 95 -39.12 -36.54 -52.04
N VAL C 96 -39.51 -37.78 -51.79
CA VAL C 96 -39.04 -39.00 -52.47
C VAL C 96 -37.58 -38.88 -52.86
N PRO C 97 -36.66 -38.80 -51.89
CA PRO C 97 -35.24 -38.57 -52.23
C PRO C 97 -34.58 -39.84 -52.75
N ARG C 98 -33.87 -39.73 -53.86
CA ARG C 98 -33.11 -40.85 -54.40
C ARG C 98 -31.84 -41.03 -53.60
N VAL C 99 -31.72 -42.20 -52.95
CA VAL C 99 -30.58 -42.52 -52.11
C VAL C 99 -29.74 -43.59 -52.80
N GLU C 100 -28.43 -43.37 -52.84
CA GLU C 100 -27.50 -44.31 -53.46
C GLU C 100 -26.29 -44.44 -52.56
N LEU C 101 -26.13 -45.61 -51.94
CA LEU C 101 -24.99 -45.88 -51.06
C LEU C 101 -23.81 -46.32 -51.91
N VAL C 102 -22.75 -45.50 -51.91
CA VAL C 102 -21.55 -45.78 -52.68
C VAL C 102 -20.37 -45.85 -51.73
N ALA C 103 -19.58 -46.91 -51.85
CA ALA C 103 -18.41 -47.13 -51.02
C ALA C 103 -17.20 -47.35 -51.92
N MET C 104 -16.07 -46.78 -51.50
CA MET C 104 -14.82 -46.87 -52.25
C MET C 104 -13.69 -46.47 -51.31
N ASN C 105 -12.50 -46.35 -51.86
CA ASN C 105 -11.32 -45.95 -51.11
C ASN C 105 -10.94 -44.51 -51.46
N GLU C 106 -10.56 -43.73 -50.46
CA GLU C 106 -10.09 -42.36 -50.67
C GLU C 106 -8.69 -42.38 -51.28
N THR C 107 -8.63 -42.75 -52.56
CA THR C 107 -7.36 -42.91 -53.23
C THR C 107 -6.71 -41.55 -53.53
N ASP C 108 -7.44 -40.68 -54.21
CA ASP C 108 -6.88 -39.42 -54.67
C ASP C 108 -8.01 -38.44 -54.94
N PRO C 109 -7.69 -37.15 -55.09
CA PRO C 109 -8.74 -36.18 -55.44
C PRO C 109 -9.37 -36.44 -56.81
N LYS C 110 -8.57 -36.93 -57.77
CA LYS C 110 -9.08 -37.13 -59.13
C LYS C 110 -10.16 -38.19 -59.16
N SER C 111 -9.95 -39.31 -58.45
CA SER C 111 -10.96 -40.36 -58.43
C SER C 111 -12.21 -39.90 -57.71
N ILE C 112 -12.05 -39.12 -56.63
CA ILE C 112 -13.21 -38.59 -55.92
C ILE C 112 -14.03 -37.68 -56.83
N ILE C 113 -13.34 -36.79 -57.55
CA ILE C 113 -14.04 -35.89 -58.47
C ILE C 113 -14.73 -36.68 -59.58
N THR C 114 -14.07 -37.72 -60.09
CA THR C 114 -14.65 -38.52 -61.16
C THR C 114 -15.91 -39.25 -60.67
N ARG C 115 -15.85 -39.80 -59.45
CA ARG C 115 -17.01 -40.48 -58.89
C ARG C 115 -18.16 -39.50 -58.64
N ILE C 116 -17.84 -38.31 -58.11
CA ILE C 116 -18.86 -37.29 -57.89
C ILE C 116 -19.53 -36.93 -59.21
N CYS C 117 -18.72 -36.69 -60.24
CA CYS C 117 -19.23 -36.38 -61.56
C CYS C 117 -20.12 -37.49 -62.14
N ASP C 118 -19.68 -38.75 -62.04
CA ASP C 118 -20.46 -39.86 -62.57
C ASP C 118 -21.79 -39.98 -61.84
N LEU C 119 -21.77 -39.93 -60.50
CA LEU C 119 -23.01 -40.08 -59.75
C LEU C 119 -23.94 -38.90 -60.01
N MET C 120 -23.41 -37.70 -60.17
CA MET C 120 -24.24 -36.54 -60.47
C MET C 120 -24.86 -36.65 -61.85
N SER C 121 -24.09 -37.11 -62.84
CA SER C 121 -24.61 -37.27 -64.18
C SER C 121 -25.47 -38.51 -64.36
N ASP C 122 -25.53 -39.39 -63.35
CA ASP C 122 -26.34 -40.60 -63.49
C ASP C 122 -27.83 -40.28 -63.52
N ARG C 123 -28.37 -39.74 -62.43
CA ARG C 123 -29.81 -39.44 -62.40
C ARG C 123 -30.05 -38.27 -61.44
N LYS C 124 -30.09 -37.06 -62.01
CA LYS C 124 -30.65 -35.86 -61.38
C LYS C 124 -30.27 -35.73 -59.90
N ILE C 125 -28.97 -35.61 -59.65
CA ILE C 125 -28.49 -35.43 -58.29
C ILE C 125 -28.61 -33.96 -57.90
N GLN C 126 -29.28 -33.71 -56.78
CA GLN C 126 -29.46 -32.35 -56.26
C GLN C 126 -28.80 -32.13 -54.91
N GLY C 127 -28.11 -33.12 -54.37
CA GLY C 127 -27.45 -32.96 -53.09
C GLY C 127 -26.49 -34.10 -52.85
N VAL C 128 -25.45 -33.82 -52.08
CA VAL C 128 -24.42 -34.81 -51.77
C VAL C 128 -24.08 -34.72 -50.29
N VAL C 129 -24.15 -35.87 -49.62
CA VAL C 129 -23.71 -36.00 -48.23
C VAL C 129 -22.42 -36.80 -48.23
N PHE C 130 -21.44 -36.30 -47.48
CA PHE C 130 -20.11 -36.88 -47.53
C PHE C 130 -19.66 -37.24 -46.13
N ALA C 131 -18.98 -38.39 -46.02
CA ALA C 131 -18.38 -38.84 -44.78
C ALA C 131 -17.11 -39.60 -45.12
N ASP C 132 -16.07 -39.39 -44.32
CA ASP C 132 -14.76 -39.97 -44.59
C ASP C 132 -14.22 -40.62 -43.33
N ASP C 133 -13.03 -41.22 -43.47
CA ASP C 133 -12.34 -41.83 -42.35
C ASP C 133 -10.85 -41.54 -42.32
N THR C 134 -10.32 -40.83 -43.31
CA THR C 134 -8.89 -40.54 -43.37
C THR C 134 -8.57 -39.30 -42.55
N ASP C 135 -7.31 -38.86 -42.61
CA ASP C 135 -6.84 -37.69 -41.88
C ASP C 135 -6.40 -36.56 -42.79
N GLN C 136 -6.73 -36.62 -44.08
CA GLN C 136 -6.34 -35.58 -45.02
C GLN C 136 -7.20 -34.34 -44.82
N GLU C 137 -6.55 -33.18 -44.90
CA GLU C 137 -7.24 -31.90 -44.74
C GLU C 137 -7.57 -31.25 -46.09
N ALA C 138 -6.79 -31.56 -47.12
CA ALA C 138 -7.02 -30.98 -48.43
C ALA C 138 -8.33 -31.45 -49.06
N ILE C 139 -8.92 -32.54 -48.56
CA ILE C 139 -10.17 -33.03 -49.13
C ILE C 139 -11.28 -32.01 -48.92
N ALA C 140 -11.24 -31.28 -47.80
CA ALA C 140 -12.20 -30.21 -47.59
C ALA C 140 -12.02 -29.09 -48.63
N GLN C 141 -10.76 -28.79 -48.97
CA GLN C 141 -10.51 -27.80 -50.01
C GLN C 141 -11.02 -28.27 -51.36
N ILE C 142 -10.89 -29.57 -51.65
CA ILE C 142 -11.40 -30.11 -52.90
C ILE C 142 -12.93 -30.04 -52.93
N LEU C 143 -13.57 -30.32 -51.79
CA LEU C 143 -15.02 -30.22 -51.70
C LEU C 143 -15.48 -28.78 -51.91
N ASP C 144 -14.75 -27.83 -51.32
CA ASP C 144 -15.07 -26.43 -51.52
C ASP C 144 -14.91 -26.03 -52.98
N PHE C 145 -13.83 -26.50 -53.62
CA PHE C 145 -13.62 -26.27 -55.05
C PHE C 145 -14.81 -26.78 -55.87
N ILE C 146 -15.24 -28.01 -55.58
CA ILE C 146 -16.36 -28.59 -56.32
C ILE C 146 -17.62 -27.77 -56.10
N SER C 147 -17.96 -27.50 -54.83
CA SER C 147 -19.18 -26.74 -54.53
C SER C 147 -19.11 -25.32 -55.08
N ALA C 148 -17.91 -24.82 -55.37
CA ALA C 148 -17.79 -23.50 -55.98
C ALA C 148 -17.99 -23.57 -57.49
N GLN C 149 -17.48 -24.63 -58.12
CA GLN C 149 -17.58 -24.74 -59.57
C GLN C 149 -18.95 -25.20 -60.03
N THR C 150 -19.68 -25.94 -59.20
CA THR C 150 -21.07 -26.31 -59.49
C THR C 150 -21.92 -25.92 -58.30
N LEU C 151 -23.10 -25.37 -58.57
CA LEU C 151 -23.95 -24.80 -57.54
C LEU C 151 -24.72 -25.84 -56.72
N THR C 152 -24.35 -27.11 -56.80
CA THR C 152 -25.01 -28.12 -56.00
C THR C 152 -24.39 -28.15 -54.60
N PRO C 153 -25.16 -27.85 -53.55
CA PRO C 153 -24.60 -27.85 -52.20
C PRO C 153 -24.21 -29.25 -51.73
N ILE C 154 -23.18 -29.29 -50.88
CA ILE C 154 -22.68 -30.53 -50.31
C ILE C 154 -22.50 -30.32 -48.80
N LEU C 155 -22.40 -31.44 -48.08
CA LEU C 155 -22.26 -31.42 -46.62
C LEU C 155 -21.19 -32.40 -46.21
N GLY C 156 -20.15 -31.89 -45.54
CA GLY C 156 -19.13 -32.74 -44.96
C GLY C 156 -19.33 -32.89 -43.46
N ILE C 157 -19.75 -34.08 -43.02
CA ILE C 157 -20.16 -34.27 -41.64
C ILE C 157 -19.10 -34.97 -40.78
N HIS C 158 -18.25 -35.81 -41.37
CA HIS C 158 -17.28 -36.56 -40.57
C HIS C 158 -16.14 -37.02 -41.47
N GLY C 159 -14.99 -37.23 -40.85
CA GLY C 159 -13.81 -37.70 -41.56
C GLY C 159 -12.82 -36.61 -41.89
N GLY C 160 -12.11 -36.77 -43.01
CA GLY C 160 -11.17 -35.75 -43.44
C GLY C 160 -11.83 -34.42 -43.74
N SER C 161 -13.10 -34.44 -44.13
CA SER C 161 -13.86 -33.22 -44.41
C SER C 161 -14.29 -32.48 -43.16
N SER C 162 -13.87 -32.91 -41.97
CA SER C 162 -14.21 -32.24 -40.73
C SER C 162 -13.29 -31.06 -40.42
N MET C 163 -12.23 -30.88 -41.19
CA MET C 163 -11.35 -29.73 -41.01
C MET C 163 -12.05 -28.47 -41.48
N ILE C 164 -12.27 -27.54 -40.56
CA ILE C 164 -13.01 -26.32 -40.84
C ILE C 164 -12.13 -25.34 -41.59
N MET C 165 -12.64 -24.81 -42.69
CA MET C 165 -11.96 -23.79 -43.49
C MET C 165 -12.77 -22.50 -43.41
N ALA C 166 -12.19 -21.49 -42.77
CA ALA C 166 -12.90 -20.23 -42.54
C ALA C 166 -12.91 -19.32 -43.76
N ASP C 167 -11.85 -19.36 -44.58
CA ASP C 167 -11.75 -18.50 -45.75
C ASP C 167 -12.22 -19.27 -46.97
N LYS C 168 -13.53 -19.26 -47.20
CA LYS C 168 -14.13 -19.91 -48.34
C LYS C 168 -14.47 -18.88 -49.42
N ASP C 169 -14.69 -19.37 -50.64
CA ASP C 169 -15.04 -18.50 -51.75
C ASP C 169 -16.46 -17.97 -51.60
N GLU C 170 -16.78 -16.96 -52.41
CA GLU C 170 -18.09 -16.33 -52.34
C GLU C 170 -19.18 -17.24 -52.89
N SER C 171 -18.96 -17.82 -54.05
CA SER C 171 -19.95 -18.67 -54.72
C SER C 171 -19.92 -20.11 -54.22
N SER C 172 -19.25 -20.40 -53.12
CA SER C 172 -19.19 -21.75 -52.59
C SER C 172 -20.43 -22.07 -51.77
N MET C 173 -20.83 -23.34 -51.81
CA MET C 173 -21.95 -23.84 -51.01
C MET C 173 -21.44 -25.07 -50.26
N PHE C 174 -20.87 -24.85 -49.08
CA PHE C 174 -20.31 -25.93 -48.28
C PHE C 174 -20.55 -25.63 -46.82
N PHE C 175 -21.03 -26.63 -46.08
CA PHE C 175 -21.31 -26.48 -44.67
C PHE C 175 -20.84 -27.73 -43.94
N GLN C 176 -20.14 -27.54 -42.83
CA GLN C 176 -19.61 -28.62 -42.02
C GLN C 176 -20.15 -28.50 -40.60
N PHE C 177 -19.75 -29.46 -39.76
CA PHE C 177 -20.17 -29.50 -38.36
C PHE C 177 -19.05 -29.06 -37.42
N GLY C 178 -17.91 -28.64 -37.94
CA GLY C 178 -16.80 -28.22 -37.12
C GLY C 178 -17.10 -26.92 -36.39
N PRO C 179 -16.60 -26.81 -35.15
CA PRO C 179 -16.84 -25.59 -34.37
C PRO C 179 -15.91 -24.45 -34.77
N SER C 180 -16.42 -23.22 -34.71
CA SER C 180 -15.62 -22.06 -35.03
C SER C 180 -14.54 -21.83 -33.97
N ILE C 181 -13.45 -21.20 -34.37
CA ILE C 181 -12.37 -20.89 -33.43
C ILE C 181 -12.87 -19.93 -32.35
N GLU C 182 -13.78 -19.03 -32.72
CA GLU C 182 -14.35 -18.11 -31.74
C GLU C 182 -15.17 -18.85 -30.69
N GLN C 183 -15.89 -19.89 -31.11
CA GLN C 183 -16.66 -20.69 -30.15
C GLN C 183 -15.74 -21.40 -29.17
N GLN C 184 -14.62 -21.94 -29.66
CA GLN C 184 -13.66 -22.60 -28.78
C GLN C 184 -13.02 -21.59 -27.82
N ALA C 185 -12.70 -20.41 -28.32
CA ALA C 185 -12.15 -19.35 -27.48
C ALA C 185 -13.14 -18.87 -26.43
N SER C 186 -14.44 -18.89 -26.73
CA SER C 186 -15.44 -18.52 -25.75
C SER C 186 -15.65 -19.64 -24.72
N VAL C 187 -15.56 -20.89 -25.15
CA VAL C 187 -15.70 -22.02 -24.23
C VAL C 187 -14.53 -22.06 -23.26
N MET C 188 -13.32 -21.86 -23.77
CA MET C 188 -12.13 -21.88 -22.90
C MET C 188 -12.07 -20.66 -21.98
N LEU C 189 -12.87 -19.62 -22.24
CA LEU C 189 -12.97 -18.49 -21.34
C LEU C 189 -14.08 -18.69 -20.31
N ASN C 190 -15.20 -19.31 -20.73
CA ASN C 190 -16.23 -19.69 -19.78
C ASN C 190 -15.72 -20.71 -18.77
N ILE C 191 -14.84 -21.61 -19.21
CA ILE C 191 -14.25 -22.58 -18.28
C ILE C 191 -13.42 -21.85 -17.22
N MET C 192 -12.60 -20.89 -17.64
CA MET C 192 -11.81 -20.11 -16.69
C MET C 192 -12.69 -19.29 -15.77
N GLU C 193 -13.80 -18.75 -16.30
CA GLU C 193 -14.71 -17.97 -15.46
C GLU C 193 -15.42 -18.84 -14.43
N GLU C 194 -15.76 -20.08 -14.80
CA GLU C 194 -16.38 -20.99 -13.85
C GLU C 194 -15.35 -21.56 -12.87
N TYR C 195 -14.06 -21.52 -13.24
CA TYR C 195 -13.00 -22.01 -12.36
C TYR C 195 -12.33 -20.88 -11.59
N ASP C 196 -12.78 -19.64 -11.80
CA ASP C 196 -12.26 -18.45 -11.10
C ASP C 196 -10.75 -18.32 -11.31
N TRP C 197 -10.39 -18.16 -12.58
CA TRP C 197 -9.01 -17.97 -13.01
C TRP C 197 -8.95 -16.68 -13.83
N TYR C 198 -8.69 -15.56 -13.14
CA TYR C 198 -8.72 -14.24 -13.76
C TYR C 198 -7.35 -13.79 -14.27
N ILE C 199 -6.32 -14.63 -14.15
CA ILE C 199 -4.99 -14.29 -14.62
C ILE C 199 -4.57 -15.31 -15.67
N PHE C 200 -4.10 -14.81 -16.81
CA PHE C 200 -3.69 -15.69 -17.90
C PHE C 200 -2.72 -14.92 -18.81
N SER C 201 -2.19 -15.63 -19.79
CA SER C 201 -1.28 -15.04 -20.78
C SER C 201 -1.52 -15.72 -22.11
N ILE C 202 -0.93 -15.16 -23.16
CA ILE C 202 -1.13 -15.64 -24.53
C ILE C 202 0.22 -15.86 -25.18
N VAL C 203 0.43 -17.05 -25.74
CA VAL C 203 1.61 -17.37 -26.53
C VAL C 203 1.15 -18.05 -27.81
N THR C 204 1.75 -17.64 -28.93
CA THR C 204 1.37 -18.19 -30.24
C THR C 204 2.47 -17.87 -31.25
N THR C 205 2.50 -18.65 -32.32
CA THR C 205 3.45 -18.45 -33.41
C THR C 205 2.73 -18.00 -34.67
N TYR C 206 3.49 -17.87 -35.75
CA TYR C 206 2.94 -17.46 -37.04
C TYR C 206 2.03 -18.55 -37.59
N PHE C 207 0.72 -18.30 -37.60
CA PHE C 207 -0.26 -19.25 -38.08
C PHE C 207 -1.47 -18.50 -38.61
N PRO C 208 -2.12 -19.03 -39.67
CA PRO C 208 -3.29 -18.34 -40.22
C PRO C 208 -4.52 -18.43 -39.32
N GLY C 209 -4.64 -17.50 -38.37
CA GLY C 209 -5.76 -17.50 -37.45
C GLY C 209 -5.40 -17.10 -36.04
N TYR C 210 -4.10 -16.97 -35.76
CA TYR C 210 -3.66 -16.52 -34.44
C TYR C 210 -4.09 -15.09 -34.18
N GLN C 211 -3.98 -14.22 -35.20
CA GLN C 211 -4.42 -12.85 -35.05
C GLN C 211 -5.93 -12.78 -34.80
N ASP C 212 -6.70 -13.62 -35.49
CA ASP C 212 -8.14 -13.66 -35.27
C ASP C 212 -8.47 -14.14 -33.85
N PHE C 213 -7.72 -15.13 -33.36
CA PHE C 213 -7.92 -15.62 -32.01
C PHE C 213 -7.62 -14.52 -30.98
N VAL C 214 -6.52 -13.80 -31.20
CA VAL C 214 -6.15 -12.72 -30.28
C VAL C 214 -7.21 -11.61 -30.29
N ASN C 215 -7.69 -11.26 -31.49
CA ASN C 215 -8.72 -10.23 -31.59
C ASN C 215 -10.00 -10.68 -30.90
N LYS C 216 -10.40 -11.94 -31.06
CA LYS C 216 -11.62 -12.43 -30.42
C LYS C 216 -11.46 -12.44 -28.90
N ILE C 217 -10.31 -12.87 -28.40
CA ILE C 217 -10.12 -12.92 -26.95
C ILE C 217 -10.05 -11.50 -26.38
N ARG C 218 -9.51 -10.55 -27.14
CA ARG C 218 -9.49 -9.16 -26.67
C ARG C 218 -10.90 -8.58 -26.67
N SER C 219 -11.69 -8.90 -27.70
CA SER C 219 -13.07 -8.41 -27.75
C SER C 219 -13.92 -9.01 -26.64
N THR C 220 -13.65 -10.26 -26.25
CA THR C 220 -14.42 -10.89 -25.19
C THR C 220 -13.90 -10.56 -23.79
N ILE C 221 -12.67 -10.08 -23.67
CA ILE C 221 -12.17 -9.65 -22.36
C ILE C 221 -12.45 -8.17 -22.12
N GLU C 222 -12.58 -7.36 -23.17
CA GLU C 222 -12.79 -5.94 -22.99
C GLU C 222 -14.26 -5.61 -22.71
N ASN C 223 -15.18 -6.47 -23.13
CA ASN C 223 -16.61 -6.25 -22.98
C ASN C 223 -17.21 -7.10 -21.86
N SER C 224 -16.46 -7.28 -20.77
CA SER C 224 -16.92 -8.08 -19.66
C SER C 224 -16.65 -7.33 -18.35
N PHE C 225 -17.54 -7.53 -17.38
CA PHE C 225 -17.43 -6.80 -16.12
C PHE C 225 -16.47 -7.45 -15.13
N VAL C 226 -16.18 -8.74 -15.31
CA VAL C 226 -15.28 -9.44 -14.41
C VAL C 226 -13.86 -8.94 -14.57
N GLY C 227 -13.22 -8.56 -13.46
CA GLY C 227 -11.86 -8.07 -13.50
C GLY C 227 -10.84 -9.11 -13.93
N TRP C 228 -10.30 -8.96 -15.14
CA TRP C 228 -9.27 -9.84 -15.64
C TRP C 228 -7.97 -9.05 -15.78
N GLU C 229 -6.91 -9.71 -16.25
CA GLU C 229 -5.62 -9.05 -16.41
C GLU C 229 -4.79 -9.81 -17.42
N LEU C 230 -4.53 -9.18 -18.57
CA LEU C 230 -3.65 -9.76 -19.58
C LEU C 230 -2.25 -9.19 -19.40
N GLU C 231 -1.25 -10.08 -19.36
CA GLU C 231 0.12 -9.70 -19.09
C GLU C 231 1.06 -10.55 -19.93
N GLU C 232 2.02 -9.89 -20.58
CA GLU C 232 3.11 -10.55 -21.31
C GLU C 232 2.56 -11.45 -22.44
N VAL C 233 1.88 -10.80 -23.39
CA VAL C 233 1.49 -11.49 -24.61
C VAL C 233 2.66 -11.51 -25.57
N LEU C 234 2.98 -12.69 -26.11
CA LEU C 234 4.14 -12.86 -26.97
C LEU C 234 3.72 -13.32 -28.35
N LEU C 235 4.64 -13.13 -29.30
CA LEU C 235 4.45 -13.54 -30.69
C LEU C 235 5.69 -14.27 -31.18
N LEU C 236 6.16 -15.22 -30.37
CA LEU C 236 7.39 -15.94 -30.67
C LEU C 236 7.29 -16.69 -31.99
N ASP C 237 8.44 -16.91 -32.62
CA ASP C 237 8.53 -17.61 -33.90
C ASP C 237 9.61 -18.67 -33.80
N MET C 238 9.23 -19.93 -34.04
CA MET C 238 10.17 -21.04 -34.00
C MET C 238 10.66 -21.48 -35.36
N SER C 239 10.32 -20.74 -36.43
CA SER C 239 10.75 -21.11 -37.77
C SER C 239 12.22 -20.79 -38.01
N LEU C 240 12.80 -19.88 -37.22
CA LEU C 240 14.20 -19.51 -37.42
C LEU C 240 15.11 -20.64 -36.95
N ASP C 241 16.12 -20.97 -37.77
CA ASP C 241 17.05 -22.03 -37.43
C ASP C 241 17.94 -21.60 -36.27
N ASP C 242 18.22 -22.54 -35.37
CA ASP C 242 19.02 -22.32 -34.18
C ASP C 242 18.47 -21.20 -33.30
N GLY C 243 17.16 -20.97 -33.36
CA GLY C 243 16.51 -19.93 -32.58
C GLY C 243 16.19 -20.29 -31.15
N ASP C 244 16.83 -21.32 -30.59
CA ASP C 244 16.55 -21.72 -29.22
C ASP C 244 16.86 -20.63 -28.22
N SER C 245 17.88 -19.82 -28.50
CA SER C 245 18.24 -18.73 -27.59
C SER C 245 17.13 -17.68 -27.52
N LYS C 246 16.56 -17.32 -28.66
CA LYS C 246 15.47 -16.34 -28.66
C LYS C 246 14.24 -16.89 -27.95
N ILE C 247 13.92 -18.17 -28.17
CA ILE C 247 12.77 -18.76 -27.50
C ILE C 247 12.98 -18.82 -26.00
N GLN C 248 14.20 -19.17 -25.57
CA GLN C 248 14.50 -19.21 -24.14
C GLN C 248 14.49 -17.83 -23.50
N ASN C 249 14.91 -16.79 -24.23
CA ASN C 249 14.87 -15.43 -23.70
C ASN C 249 13.46 -14.87 -23.69
N GLN C 250 12.59 -15.35 -24.58
CA GLN C 250 11.21 -14.88 -24.62
C GLN C 250 10.32 -15.57 -23.59
N LEU C 251 10.46 -16.89 -23.44
CA LEU C 251 9.62 -17.62 -22.50
C LEU C 251 10.01 -17.37 -21.04
N LYS C 252 11.13 -16.68 -20.80
CA LYS C 252 11.56 -16.40 -19.44
C LYS C 252 10.78 -15.28 -18.77
N LYS C 253 9.87 -14.62 -19.48
CA LYS C 253 9.10 -13.52 -18.92
C LYS C 253 7.70 -13.93 -18.48
N LEU C 254 7.34 -15.20 -18.61
CA LEU C 254 6.01 -15.65 -18.21
C LEU C 254 5.88 -15.69 -16.70
N GLN C 255 4.78 -15.13 -16.20
CA GLN C 255 4.54 -15.08 -14.76
C GLN C 255 3.08 -15.35 -14.40
N SER C 256 2.30 -15.96 -15.31
CA SER C 256 0.89 -16.23 -15.06
C SER C 256 0.68 -17.72 -14.90
N PRO C 257 -0.19 -18.14 -13.97
CA PRO C 257 -0.43 -19.58 -13.77
C PRO C 257 -1.30 -20.21 -14.85
N ILE C 258 -1.84 -19.43 -15.77
CA ILE C 258 -2.67 -19.94 -16.86
C ILE C 258 -2.08 -19.45 -18.18
N ILE C 259 -1.83 -20.37 -19.11
CA ILE C 259 -1.21 -20.05 -20.38
C ILE C 259 -2.12 -20.53 -21.51
N LEU C 260 -2.27 -19.70 -22.53
CA LEU C 260 -3.05 -20.03 -23.73
C LEU C 260 -2.09 -20.22 -24.89
N LEU C 261 -2.08 -21.42 -25.45
CA LEU C 261 -1.15 -21.78 -26.53
C LEU C 261 -1.93 -22.09 -27.80
N TYR C 262 -1.43 -21.58 -28.92
CA TYR C 262 -2.05 -21.80 -30.23
C TYR C 262 -0.94 -21.98 -31.25
N CYS C 263 -0.63 -23.23 -31.58
CA CYS C 263 0.44 -23.55 -32.54
C CYS C 263 0.04 -24.81 -33.29
N THR C 264 1.01 -25.39 -34.01
CA THR C 264 0.81 -26.64 -34.74
C THR C 264 1.39 -27.79 -33.94
N LYS C 265 1.01 -29.02 -34.33
CA LYS C 265 1.42 -30.21 -33.58
C LYS C 265 2.92 -30.26 -33.38
N GLU C 266 3.70 -30.11 -34.45
CA GLU C 266 5.15 -30.10 -34.32
C GLU C 266 5.61 -28.89 -33.52
N GLU C 267 5.05 -27.71 -33.80
CA GLU C 267 5.39 -26.52 -33.04
C GLU C 267 4.99 -26.66 -31.57
N ALA C 268 3.84 -27.31 -31.32
CA ALA C 268 3.41 -27.55 -29.94
C ALA C 268 4.41 -28.46 -29.21
N THR C 269 4.83 -29.53 -29.87
CA THR C 269 5.81 -30.42 -29.25
C THR C 269 7.14 -29.70 -29.00
N TYR C 270 7.56 -28.87 -29.95
CA TYR C 270 8.82 -28.13 -29.77
C TYR C 270 8.73 -27.15 -28.60
N ILE C 271 7.65 -26.37 -28.53
CA ILE C 271 7.53 -25.40 -27.45
C ILE C 271 7.32 -26.10 -26.12
N PHE C 272 6.70 -27.28 -26.11
CA PHE C 272 6.56 -28.04 -24.88
C PHE C 272 7.91 -28.58 -24.41
N GLU C 273 8.73 -29.05 -25.35
CA GLU C 273 10.09 -29.48 -25.00
C GLU C 273 10.89 -28.32 -24.43
N VAL C 274 10.73 -27.13 -25.03
CA VAL C 274 11.45 -25.96 -24.53
C VAL C 274 10.99 -25.60 -23.13
N ALA C 275 9.66 -25.58 -22.91
CA ALA C 275 9.14 -25.23 -21.59
C ALA C 275 9.51 -26.27 -20.54
N ASN C 276 9.62 -27.54 -20.93
CA ASN C 276 10.06 -28.57 -19.99
C ASN C 276 11.55 -28.45 -19.69
N SER C 277 12.35 -28.02 -20.68
CA SER C 277 13.74 -27.69 -20.42
C SER C 277 13.83 -26.53 -19.43
N VAL C 278 12.91 -25.58 -19.53
CA VAL C 278 12.85 -24.51 -18.54
C VAL C 278 12.24 -25.02 -17.24
N GLY C 279 11.06 -25.64 -17.33
CA GLY C 279 10.46 -26.29 -16.18
C GLY C 279 9.18 -25.69 -15.65
N LEU C 280 8.45 -24.91 -16.46
CA LEU C 280 7.21 -24.29 -15.99
C LEU C 280 5.98 -25.08 -16.44
N THR C 281 6.01 -26.41 -16.30
CA THR C 281 4.88 -27.25 -16.66
C THR C 281 4.57 -28.36 -15.66
N GLY C 282 5.21 -28.38 -14.50
CA GLY C 282 5.09 -29.52 -13.61
C GLY C 282 3.98 -29.46 -12.57
N TYR C 283 3.93 -28.38 -11.78
CA TYR C 283 3.07 -28.34 -10.59
C TYR C 283 1.84 -27.45 -10.77
N GLY C 284 2.03 -26.16 -11.00
CA GLY C 284 0.92 -25.23 -10.93
C GLY C 284 0.50 -24.60 -12.25
N TYR C 285 1.34 -24.74 -13.27
CA TYR C 285 1.01 -24.17 -14.57
C TYR C 285 0.01 -25.05 -15.30
N THR C 286 -1.09 -24.45 -15.76
CA THR C 286 -2.14 -25.15 -16.48
C THR C 286 -2.34 -24.44 -17.82
N TRP C 287 -2.06 -25.15 -18.91
CA TRP C 287 -2.14 -24.59 -20.25
C TRP C 287 -3.39 -25.09 -20.94
N ILE C 288 -3.95 -24.25 -21.81
CA ILE C 288 -5.17 -24.57 -22.55
C ILE C 288 -4.87 -24.41 -24.05
N VAL C 289 -5.30 -25.40 -24.84
CA VAL C 289 -5.06 -25.39 -26.28
C VAL C 289 -6.34 -25.71 -27.01
N PRO C 290 -6.54 -25.12 -28.19
CA PRO C 290 -7.75 -25.38 -28.97
C PRO C 290 -7.75 -26.76 -29.61
N SER C 291 -8.75 -27.01 -30.46
CA SER C 291 -9.03 -28.35 -30.99
C SER C 291 -8.13 -28.73 -32.16
N LEU C 292 -7.13 -27.93 -32.51
CA LEU C 292 -6.24 -28.28 -33.60
C LEU C 292 -4.93 -28.91 -33.13
N VAL C 293 -4.61 -28.80 -31.84
CA VAL C 293 -3.39 -29.41 -31.30
C VAL C 293 -3.55 -30.90 -31.04
N ALA C 294 -4.77 -31.36 -30.79
CA ALA C 294 -4.99 -32.77 -30.51
C ALA C 294 -4.80 -33.63 -31.75
N GLY C 295 -5.56 -33.37 -32.81
CA GLY C 295 -5.46 -34.13 -34.03
C GLY C 295 -6.09 -35.49 -33.94
N ASP C 296 -5.52 -36.36 -33.09
CA ASP C 296 -6.05 -37.71 -32.91
C ASP C 296 -5.99 -38.04 -31.42
N THR C 297 -7.15 -38.28 -30.82
CA THR C 297 -7.25 -38.58 -29.39
C THR C 297 -6.76 -39.98 -29.04
N ASP C 298 -6.40 -40.81 -30.02
CA ASP C 298 -5.92 -42.17 -29.73
C ASP C 298 -4.42 -42.22 -29.49
N THR C 299 -3.66 -41.36 -30.16
CA THR C 299 -2.21 -41.34 -30.04
C THR C 299 -1.77 -40.19 -29.14
N VAL C 300 -0.59 -40.36 -28.54
CA VAL C 300 -0.01 -39.35 -27.66
C VAL C 300 1.44 -39.13 -28.07
N PRO C 301 1.83 -37.89 -28.42
CA PRO C 301 3.23 -37.65 -28.83
C PRO C 301 4.24 -37.86 -27.71
N SER C 302 3.79 -38.09 -26.48
CA SER C 302 4.60 -38.33 -25.29
C SER C 302 5.37 -37.09 -24.85
N GLU C 303 5.28 -35.98 -25.57
CA GLU C 303 5.94 -34.74 -25.18
C GLU C 303 5.00 -33.78 -24.45
N PHE C 304 3.71 -34.05 -24.45
CA PHE C 304 2.76 -33.16 -23.79
C PHE C 304 2.85 -33.35 -22.28
N PRO C 305 3.10 -32.29 -21.51
CA PRO C 305 3.14 -32.42 -20.05
C PRO C 305 1.78 -32.79 -19.48
N THR C 306 1.80 -33.19 -18.21
CA THR C 306 0.58 -33.59 -17.53
C THR C 306 -0.24 -32.35 -17.15
N GLY C 307 -1.53 -32.57 -16.93
CA GLY C 307 -2.42 -31.48 -16.58
C GLY C 307 -2.73 -30.54 -17.73
N LEU C 308 -2.88 -31.07 -18.94
CA LEU C 308 -3.22 -30.27 -20.11
C LEU C 308 -4.71 -30.37 -20.39
N ILE C 309 -5.31 -29.23 -20.74
CA ILE C 309 -6.74 -29.13 -20.96
C ILE C 309 -6.98 -28.63 -22.37
N SER C 310 -7.79 -29.36 -23.14
CA SER C 310 -8.13 -28.97 -24.49
C SER C 310 -9.62 -29.19 -24.72
N VAL C 311 -10.13 -28.63 -25.82
CA VAL C 311 -11.52 -28.78 -26.21
C VAL C 311 -11.56 -29.54 -27.53
N SER C 312 -12.63 -30.31 -27.72
CA SER C 312 -12.79 -31.11 -28.92
C SER C 312 -14.28 -31.27 -29.22
N TYR C 313 -14.58 -31.97 -30.31
CA TYR C 313 -15.95 -32.23 -30.74
C TYR C 313 -16.41 -33.55 -30.15
N ASP C 314 -17.70 -33.63 -29.84
CA ASP C 314 -18.27 -34.83 -29.23
C ASP C 314 -18.42 -35.93 -30.27
N GLU C 315 -17.33 -36.66 -30.54
CA GLU C 315 -17.36 -37.77 -31.48
C GLU C 315 -17.46 -39.13 -30.80
N TRP C 316 -17.17 -39.19 -29.49
CA TRP C 316 -17.24 -40.46 -28.78
C TRP C 316 -18.68 -40.88 -28.46
N ASP C 317 -19.58 -39.91 -28.29
CA ASP C 317 -20.98 -40.20 -28.03
C ASP C 317 -21.77 -40.44 -29.30
N TYR C 318 -21.29 -39.94 -30.45
CA TYR C 318 -21.95 -40.21 -31.73
C TYR C 318 -20.91 -40.03 -32.83
N GLY C 319 -20.38 -41.15 -33.33
CA GLY C 319 -19.48 -41.11 -34.46
C GLY C 319 -20.22 -40.85 -35.76
N LEU C 320 -20.99 -41.82 -36.22
CA LEU C 320 -21.97 -41.57 -37.27
C LEU C 320 -23.22 -42.44 -37.09
N PRO C 321 -23.87 -42.44 -35.92
CA PRO C 321 -25.11 -43.22 -35.82
C PRO C 321 -26.29 -42.54 -36.48
N ALA C 322 -26.45 -41.23 -36.27
CA ALA C 322 -27.53 -40.46 -36.85
C ALA C 322 -27.08 -39.16 -37.50
N ARG C 323 -25.78 -38.94 -37.68
CA ARG C 323 -25.32 -37.71 -38.31
C ARG C 323 -25.77 -37.65 -39.77
N VAL C 324 -25.61 -38.76 -40.50
CA VAL C 324 -26.06 -38.80 -41.89
C VAL C 324 -27.57 -38.64 -41.97
N ARG C 325 -28.30 -39.25 -41.02
CA ARG C 325 -29.75 -39.11 -41.00
C ARG C 325 -30.16 -37.65 -40.77
N ASP C 326 -29.51 -36.98 -39.82
CA ASP C 326 -29.81 -35.58 -39.56
C ASP C 326 -29.48 -34.71 -40.76
N GLY C 327 -28.36 -34.99 -41.43
CA GLY C 327 -28.01 -34.24 -42.63
C GLY C 327 -29.04 -34.40 -43.74
N ILE C 328 -29.45 -35.65 -43.98
CA ILE C 328 -30.47 -35.92 -45.00
C ILE C 328 -31.78 -35.24 -44.63
N ALA C 329 -32.16 -35.29 -43.35
CA ALA C 329 -33.39 -34.66 -42.92
C ALA C 329 -33.35 -33.15 -43.12
N ILE C 330 -32.20 -32.53 -42.80
CA ILE C 330 -32.05 -31.09 -42.99
C ILE C 330 -32.15 -30.73 -44.47
N ILE C 331 -31.46 -31.51 -45.32
CA ILE C 331 -31.51 -31.25 -46.75
C ILE C 331 -32.94 -31.36 -47.28
N THR C 332 -33.65 -32.41 -46.85
CA THR C 332 -35.01 -32.63 -47.34
C THR C 332 -35.95 -31.53 -46.87
N THR C 333 -35.86 -31.15 -45.59
CA THR C 333 -36.78 -30.12 -45.09
C THR C 333 -36.45 -28.75 -45.70
N ALA C 334 -35.18 -28.49 -45.99
CA ALA C 334 -34.83 -27.23 -46.65
C ALA C 334 -35.33 -27.21 -48.08
N ALA C 335 -35.21 -28.33 -48.80
CA ALA C 335 -35.74 -28.40 -50.15
C ALA C 335 -37.25 -28.25 -50.16
N SER C 336 -37.94 -28.85 -49.18
CA SER C 336 -39.39 -28.73 -49.11
C SER C 336 -39.80 -27.30 -48.79
N ASP C 337 -39.09 -26.65 -47.86
CA ASP C 337 -39.40 -25.26 -47.54
C ASP C 337 -39.16 -24.34 -48.73
N MET C 338 -38.09 -24.59 -49.49
CA MET C 338 -37.81 -23.79 -50.67
C MET C 338 -38.89 -23.99 -51.73
N LEU C 339 -39.31 -25.24 -51.94
CA LEU C 339 -40.36 -25.52 -52.92
C LEU C 339 -41.70 -24.91 -52.49
N SER C 340 -41.98 -24.87 -51.19
CA SER C 340 -43.24 -24.32 -50.71
C SER C 340 -43.24 -22.79 -50.82
N GLU C 341 -42.16 -22.16 -50.35
CA GLU C 341 -42.10 -20.70 -50.34
C GLU C 341 -41.87 -20.13 -51.74
N HIS C 342 -40.74 -20.48 -52.35
CA HIS C 342 -40.38 -19.93 -53.65
C HIS C 342 -41.17 -20.52 -54.81
N SER C 343 -41.97 -21.55 -54.56
CA SER C 343 -42.80 -22.19 -55.60
C SER C 343 -41.93 -22.72 -56.75
N PHE C 344 -40.70 -23.10 -56.44
CA PHE C 344 -39.79 -23.65 -57.44
C PHE C 344 -38.89 -24.69 -56.78
N ILE C 345 -38.48 -25.68 -57.58
CA ILE C 345 -37.59 -26.73 -57.11
C ILE C 345 -36.40 -26.84 -58.05
N PRO C 346 -35.17 -26.64 -57.58
CA PRO C 346 -34.01 -26.75 -58.46
C PRO C 346 -33.68 -28.20 -58.79
N GLU C 347 -33.94 -28.59 -60.03
CA GLU C 347 -33.58 -29.93 -60.50
C GLU C 347 -33.13 -29.88 -61.95
N PRO C 348 -32.02 -29.20 -62.26
CA PRO C 348 -31.56 -29.15 -63.66
C PRO C 348 -30.78 -30.41 -64.03
N LYS C 349 -30.24 -30.45 -65.25
CA LYS C 349 -29.40 -31.56 -65.66
C LYS C 349 -28.02 -31.42 -65.02
N SER C 350 -27.82 -32.10 -63.89
CA SER C 350 -26.57 -32.02 -63.14
C SER C 350 -25.50 -32.80 -63.89
N SER C 351 -24.89 -32.14 -64.86
CA SER C 351 -23.86 -32.73 -65.70
C SER C 351 -22.52 -32.02 -65.46
N CYS C 352 -21.44 -32.78 -65.55
CA CYS C 352 -20.10 -32.23 -65.33
C CYS C 352 -19.55 -31.60 -66.62
N TYR C 353 -19.44 -32.40 -67.67
CA TYR C 353 -18.97 -31.89 -68.94
C TYR C 353 -20.02 -30.97 -69.57
N ASN C 354 -19.54 -29.85 -70.13
CA ASN C 354 -20.40 -28.86 -70.77
C ASN C 354 -21.44 -28.32 -69.79
N THR C 355 -20.94 -27.70 -68.72
CA THR C 355 -21.79 -27.09 -67.70
C THR C 355 -21.77 -25.56 -67.76
N HIS C 356 -20.97 -24.96 -68.65
CA HIS C 356 -20.92 -23.51 -68.76
C HIS C 356 -22.24 -22.92 -69.20
N GLU C 357 -23.05 -23.67 -69.96
CA GLU C 357 -24.35 -23.17 -70.37
C GLU C 357 -25.41 -23.31 -69.27
N LYS C 358 -25.12 -24.06 -68.22
CA LYS C 358 -26.06 -24.26 -67.12
C LYS C 358 -25.89 -23.24 -66.00
N ARG C 359 -25.24 -22.10 -66.29
CA ARG C 359 -25.03 -21.05 -65.30
C ARG C 359 -26.18 -20.05 -65.25
N ILE C 360 -27.37 -20.43 -65.76
CA ILE C 360 -28.49 -19.50 -65.76
C ILE C 360 -29.24 -19.55 -64.43
N TYR C 361 -29.10 -20.63 -63.67
CA TYR C 361 -29.81 -20.82 -62.41
C TYR C 361 -28.84 -20.58 -61.25
N GLN C 362 -29.27 -19.73 -60.31
CA GLN C 362 -28.47 -19.42 -59.14
C GLN C 362 -29.04 -20.12 -57.91
N SER C 363 -28.17 -20.37 -56.94
CA SER C 363 -28.55 -21.04 -55.70
C SER C 363 -28.48 -20.13 -54.48
N ASN C 364 -28.63 -18.82 -54.66
CA ASN C 364 -28.57 -17.90 -53.53
C ASN C 364 -29.79 -18.06 -52.62
N MET C 365 -30.98 -18.21 -53.19
CA MET C 365 -32.17 -18.39 -52.38
C MET C 365 -32.14 -19.73 -51.66
N LEU C 366 -31.57 -20.75 -52.29
CA LEU C 366 -31.42 -22.05 -51.64
C LEU C 366 -30.51 -21.93 -50.41
N ASN C 367 -29.39 -21.23 -50.56
CA ASN C 367 -28.52 -20.96 -49.42
C ASN C 367 -29.26 -20.17 -48.35
N ARG C 368 -30.10 -19.21 -48.77
CA ARG C 368 -30.90 -18.46 -47.80
C ARG C 368 -31.87 -19.36 -47.05
N TYR C 369 -32.30 -20.46 -47.68
CA TYR C 369 -33.20 -21.41 -47.03
C TYR C 369 -32.45 -22.51 -46.28
N LEU C 370 -31.17 -22.71 -46.58
CA LEU C 370 -30.37 -23.74 -45.93
C LEU C 370 -29.86 -23.35 -44.55
N ILE C 371 -29.94 -22.06 -44.20
CA ILE C 371 -29.37 -21.59 -42.94
C ILE C 371 -30.50 -21.26 -41.97
N ASN C 372 -31.66 -21.89 -42.16
CA ASN C 372 -32.78 -21.73 -41.23
C ASN C 372 -33.59 -23.03 -41.24
N VAL C 373 -33.25 -23.93 -40.32
CA VAL C 373 -33.90 -25.22 -40.21
C VAL C 373 -33.93 -25.63 -38.75
N THR C 374 -35.08 -26.12 -38.30
CA THR C 374 -35.25 -26.62 -36.93
C THR C 374 -36.07 -27.90 -36.99
N PHE C 375 -35.47 -29.02 -36.58
CA PHE C 375 -36.12 -30.32 -36.63
C PHE C 375 -35.83 -31.08 -35.35
N GLU C 376 -36.83 -31.85 -34.89
CA GLU C 376 -36.73 -32.70 -33.71
C GLU C 376 -36.37 -31.91 -32.45
N GLY C 377 -36.74 -30.64 -32.40
CA GLY C 377 -36.44 -29.82 -31.23
C GLY C 377 -34.97 -29.50 -31.06
N ARG C 378 -34.24 -29.34 -32.16
CA ARG C 378 -32.82 -29.03 -32.12
C ARG C 378 -32.51 -27.90 -33.08
N ASN C 379 -31.63 -26.99 -32.66
CA ASN C 379 -31.25 -25.85 -33.47
C ASN C 379 -30.13 -26.24 -34.42
N LEU C 380 -30.38 -26.09 -35.72
CA LEU C 380 -29.38 -26.39 -36.74
C LEU C 380 -29.07 -25.17 -37.62
N SER C 381 -29.37 -23.97 -37.16
CA SER C 381 -29.10 -22.78 -37.95
C SER C 381 -27.59 -22.55 -38.05
N PHE C 382 -27.08 -22.57 -39.28
CA PHE C 382 -25.66 -22.40 -39.53
C PHE C 382 -25.30 -20.91 -39.54
N SER C 383 -24.10 -20.59 -40.00
CA SER C 383 -23.65 -19.20 -40.13
C SER C 383 -23.19 -18.94 -41.55
N GLU C 384 -23.04 -17.67 -41.89
CA GLU C 384 -22.57 -17.29 -43.23
C GLU C 384 -21.16 -17.80 -43.50
N ASP C 385 -20.34 -17.93 -42.47
CA ASP C 385 -18.96 -18.41 -42.67
C ASP C 385 -18.95 -19.88 -43.06
N GLY C 386 -19.75 -20.70 -42.39
CA GLY C 386 -19.88 -22.09 -42.78
C GLY C 386 -19.75 -23.12 -41.67
N TYR C 387 -19.82 -22.70 -40.42
CA TYR C 387 -19.83 -23.63 -39.30
C TYR C 387 -21.25 -23.78 -38.75
N GLN C 388 -21.40 -24.71 -37.80
CA GLN C 388 -22.72 -25.09 -37.33
C GLN C 388 -23.35 -24.01 -36.45
N MET C 389 -22.55 -23.43 -35.55
CA MET C 389 -22.90 -22.37 -34.60
C MET C 389 -23.76 -22.89 -33.45
N HIS C 390 -24.16 -24.16 -33.46
CA HIS C 390 -24.87 -24.78 -32.34
C HIS C 390 -24.37 -26.21 -32.13
N PRO C 391 -23.08 -26.39 -31.82
CA PRO C 391 -22.55 -27.74 -31.63
C PRO C 391 -22.70 -28.22 -30.19
N LYS C 392 -22.23 -29.43 -29.91
CA LYS C 392 -22.23 -30.00 -28.57
C LYS C 392 -20.78 -30.30 -28.20
N LEU C 393 -20.09 -29.30 -27.67
CA LEU C 393 -18.68 -29.45 -27.35
C LEU C 393 -18.50 -30.20 -26.04
N VAL C 394 -17.32 -30.81 -25.90
CA VAL C 394 -16.95 -31.54 -24.69
C VAL C 394 -15.63 -30.98 -24.18
N ILE C 395 -15.40 -31.15 -22.88
CA ILE C 395 -14.20 -30.69 -22.22
C ILE C 395 -13.42 -31.90 -21.73
N ILE C 396 -12.20 -32.06 -22.23
CA ILE C 396 -11.34 -33.17 -21.88
C ILE C 396 -10.05 -32.61 -21.28
N LEU C 397 -9.32 -33.48 -20.57
CA LEU C 397 -8.06 -33.09 -19.98
C LEU C 397 -7.13 -34.29 -19.97
N LEU C 398 -5.83 -33.99 -19.91
CA LEU C 398 -4.79 -35.02 -19.88
C LEU C 398 -4.37 -35.25 -18.44
N ASN C 399 -4.64 -36.45 -17.93
CA ASN C 399 -4.37 -36.81 -16.55
C ASN C 399 -2.96 -37.41 -16.44
N LYS C 400 -2.68 -38.06 -15.30
CA LYS C 400 -1.37 -38.67 -15.08
C LYS C 400 -1.02 -39.64 -16.20
N GLU C 401 -1.87 -40.65 -16.41
CA GLU C 401 -1.67 -41.57 -17.52
C GLU C 401 -1.91 -40.85 -18.85
N ARG C 402 -1.19 -41.26 -19.89
CA ARG C 402 -1.33 -40.63 -21.19
C ARG C 402 -2.67 -40.98 -21.82
N LYS C 403 -3.65 -40.09 -21.70
CA LYS C 403 -4.98 -40.31 -22.24
C LYS C 403 -5.78 -39.01 -22.10
N TRP C 404 -6.90 -38.96 -22.80
CA TRP C 404 -7.82 -37.81 -22.78
C TRP C 404 -9.14 -38.29 -22.20
N GLU C 405 -9.39 -37.95 -20.94
CA GLU C 405 -10.60 -38.35 -20.23
C GLU C 405 -11.62 -37.23 -20.32
N ARG C 406 -12.83 -37.55 -20.80
CA ARG C 406 -13.89 -36.56 -20.86
C ARG C 406 -14.39 -36.21 -19.47
N VAL C 407 -14.58 -34.91 -19.22
CA VAL C 407 -15.01 -34.43 -17.92
C VAL C 407 -16.30 -33.63 -18.05
N GLY C 408 -16.27 -32.59 -18.89
CA GLY C 408 -17.40 -31.70 -19.02
C GLY C 408 -18.00 -31.75 -20.41
N LYS C 409 -19.25 -31.32 -20.50
CA LYS C 409 -20.00 -31.27 -21.75
C LYS C 409 -20.64 -29.89 -21.89
N TRP C 410 -20.40 -29.24 -23.03
CA TRP C 410 -20.91 -27.91 -23.30
C TRP C 410 -21.85 -28.00 -24.50
N LYS C 411 -23.15 -27.78 -24.24
CA LYS C 411 -24.17 -27.87 -25.28
C LYS C 411 -25.26 -26.86 -25.00
N ASP C 412 -25.80 -26.25 -26.07
CA ASP C 412 -26.88 -25.28 -25.99
C ASP C 412 -26.51 -24.10 -25.08
N LYS C 413 -25.28 -23.62 -25.25
CA LYS C 413 -24.72 -22.48 -24.52
C LYS C 413 -24.73 -22.69 -23.00
N SER C 414 -24.81 -23.93 -22.54
CA SER C 414 -24.82 -24.25 -21.12
C SER C 414 -23.62 -25.10 -20.77
N LEU C 415 -23.10 -24.90 -19.55
CA LEU C 415 -21.96 -25.65 -19.05
C LEU C 415 -22.41 -26.71 -18.06
N GLN C 416 -21.76 -27.88 -18.12
CA GLN C 416 -22.10 -28.99 -17.25
C GLN C 416 -20.80 -29.70 -16.86
N MET C 417 -20.25 -29.34 -15.71
CA MET C 417 -19.01 -29.94 -15.24
C MET C 417 -19.30 -31.26 -14.51
N LYS C 418 -18.23 -31.90 -14.05
CA LYS C 418 -18.34 -33.17 -13.33
C LYS C 418 -17.73 -33.14 -11.94
N TYR C 419 -16.71 -32.30 -11.71
CA TYR C 419 -16.06 -32.20 -10.42
C TYR C 419 -16.33 -30.82 -9.80
N TYR C 420 -16.61 -30.81 -8.50
CA TYR C 420 -16.88 -29.56 -7.81
C TYR C 420 -15.63 -28.71 -7.69
N VAL C 421 -14.46 -29.34 -7.51
CA VAL C 421 -13.19 -28.63 -7.38
C VAL C 421 -12.22 -29.25 -8.37
N TRP C 422 -11.30 -28.43 -8.87
CA TRP C 422 -10.34 -28.88 -9.87
C TRP C 422 -9.25 -29.70 -9.20
N PRO C 423 -8.99 -30.93 -9.64
CA PRO C 423 -7.94 -31.75 -9.00
C PRO C 423 -6.56 -31.18 -9.22
N ARG C 424 -5.86 -30.89 -8.12
CA ARG C 424 -4.52 -30.33 -8.17
C ARG C 424 -3.50 -31.45 -8.04
N MET C 425 -2.61 -31.56 -9.03
CA MET C 425 -1.60 -32.61 -9.03
C MET C 425 -0.36 -32.15 -9.79
N ASP C 434 2.81 -31.14 2.06
CA ASP C 434 3.01 -30.30 0.90
C ASP C 434 2.64 -28.85 1.20
N ASP C 435 2.12 -28.14 0.18
CA ASP C 435 1.72 -26.75 0.34
C ASP C 435 0.28 -26.53 -0.11
N HIS C 436 -0.53 -27.59 -0.10
CA HIS C 436 -1.95 -27.52 -0.44
C HIS C 436 -2.74 -27.94 0.79
N LEU C 437 -3.06 -26.97 1.63
CA LEU C 437 -3.69 -27.22 2.93
C LEU C 437 -5.10 -26.67 2.93
N SER C 438 -6.07 -27.53 3.22
CA SER C 438 -7.46 -27.09 3.34
C SER C 438 -7.64 -26.29 4.63
N ILE C 439 -8.78 -25.61 4.70
CA ILE C 439 -9.08 -24.74 5.84
C ILE C 439 -10.56 -24.88 6.19
N VAL C 440 -10.83 -25.08 7.48
CA VAL C 440 -12.18 -25.18 8.01
C VAL C 440 -12.51 -23.87 8.72
N THR C 441 -13.71 -23.35 8.48
CA THR C 441 -14.13 -22.09 9.06
C THR C 441 -15.55 -22.26 9.60
N LEU C 442 -16.13 -21.15 10.07
CA LEU C 442 -17.48 -21.15 10.62
C LEU C 442 -18.06 -19.77 10.45
N GLU C 443 -19.37 -19.71 10.14
CA GLU C 443 -20.06 -18.45 9.91
C GLU C 443 -20.14 -17.67 11.22
N GLU C 444 -19.64 -16.44 11.19
CA GLU C 444 -19.68 -15.57 12.37
C GLU C 444 -20.01 -14.15 11.91
N ALA C 445 -21.04 -13.57 12.52
CA ALA C 445 -21.53 -12.24 12.15
C ALA C 445 -20.42 -11.19 12.11
N PRO C 446 -19.55 -11.08 13.12
CA PRO C 446 -18.49 -10.08 13.07
C PRO C 446 -17.16 -10.57 12.50
N PHE C 447 -17.00 -11.86 12.24
CA PHE C 447 -15.72 -12.40 11.80
C PHE C 447 -15.76 -13.00 10.40
N VAL C 448 -16.67 -13.92 10.14
CA VAL C 448 -16.75 -14.62 8.86
C VAL C 448 -18.17 -14.46 8.33
N ILE C 449 -18.35 -13.56 7.37
CA ILE C 449 -19.65 -13.29 6.76
C ILE C 449 -19.70 -13.97 5.40
N VAL C 450 -20.77 -14.72 5.17
CA VAL C 450 -20.99 -15.42 3.90
C VAL C 450 -22.00 -14.62 3.09
N GLU C 451 -21.85 -14.68 1.77
CA GLU C 451 -22.74 -13.96 0.85
C GLU C 451 -22.94 -14.81 -0.39
N SER C 452 -23.56 -14.22 -1.41
CA SER C 452 -23.82 -14.88 -2.68
C SER C 452 -23.02 -14.22 -3.78
N VAL C 453 -22.91 -14.91 -4.92
CA VAL C 453 -22.20 -14.36 -6.06
C VAL C 453 -22.95 -13.17 -6.63
N ASP C 454 -22.23 -12.33 -7.37
CA ASP C 454 -22.82 -11.15 -7.98
C ASP C 454 -23.70 -11.55 -9.16
N PRO C 455 -24.97 -11.18 -9.16
CA PRO C 455 -25.85 -11.55 -10.29
C PRO C 455 -25.48 -10.89 -11.60
N LEU C 456 -24.81 -9.73 -11.56
CA LEU C 456 -24.40 -9.07 -12.79
C LEU C 456 -23.21 -9.73 -13.46
N SER C 457 -22.46 -10.57 -12.72
CA SER C 457 -21.30 -11.24 -13.27
C SER C 457 -21.29 -12.75 -13.03
N GLY C 458 -22.15 -13.27 -12.16
CA GLY C 458 -22.18 -14.70 -11.90
C GLY C 458 -20.96 -15.22 -11.16
N THR C 459 -20.15 -14.32 -10.61
CA THR C 459 -18.96 -14.71 -9.85
C THR C 459 -18.91 -13.84 -8.60
N CYS C 460 -17.79 -13.93 -7.87
CA CYS C 460 -17.59 -13.14 -6.66
C CYS C 460 -16.93 -11.82 -7.00
N MET C 461 -17.32 -10.76 -6.28
CA MET C 461 -16.76 -9.44 -6.50
C MET C 461 -15.30 -9.38 -6.03
N ARG C 462 -14.68 -8.24 -6.22
CA ARG C 462 -13.29 -8.06 -5.83
C ARG C 462 -13.16 -7.98 -4.32
N ASN C 463 -11.92 -8.17 -3.84
CA ASN C 463 -11.61 -8.14 -2.41
C ASN C 463 -12.43 -9.15 -1.64
N THR C 464 -12.50 -10.37 -2.19
CA THR C 464 -13.24 -11.47 -1.58
C THR C 464 -12.50 -12.75 -1.88
N VAL C 465 -12.79 -13.79 -1.09
CA VAL C 465 -12.14 -15.09 -1.25
C VAL C 465 -13.20 -16.13 -1.63
N PRO C 466 -13.02 -16.88 -2.71
CA PRO C 466 -14.02 -17.88 -3.12
C PRO C 466 -14.02 -19.07 -2.18
N CYS C 467 -15.09 -19.19 -1.40
CA CYS C 467 -15.25 -20.28 -0.44
C CYS C 467 -16.26 -21.28 -0.97
N GLN C 468 -15.86 -22.55 -1.02
CA GLN C 468 -16.73 -23.63 -1.50
C GLN C 468 -17.59 -24.13 -0.35
N LYS C 469 -18.83 -23.64 -0.28
CA LYS C 469 -19.74 -24.04 0.79
C LYS C 469 -20.22 -25.46 0.55
N ARG C 470 -19.91 -26.36 1.47
CA ARG C 470 -20.32 -27.76 1.35
C ARG C 470 -21.84 -27.86 1.51
N ILE C 471 -22.48 -28.56 0.58
CA ILE C 471 -23.93 -28.75 0.57
C ILE C 471 -24.21 -30.23 0.53
N ILE C 472 -24.93 -30.73 1.54
CA ILE C 472 -25.34 -32.13 1.62
C ILE C 472 -26.81 -32.14 1.98
N SER C 473 -27.68 -32.36 0.99
CA SER C 473 -29.12 -32.35 1.20
C SER C 473 -29.76 -33.69 0.91
N GLU C 474 -29.28 -34.43 -0.09
CA GLU C 474 -29.85 -35.73 -0.40
C GLU C 474 -29.65 -36.70 0.76
N ASN C 475 -30.76 -37.27 1.23
CA ASN C 475 -30.73 -38.20 2.36
C ASN C 475 -30.79 -39.66 1.92
N LYS C 476 -31.52 -39.95 0.84
CA LYS C 476 -31.67 -41.34 0.41
C LYS C 476 -30.37 -41.90 -0.15
N THR C 477 -29.53 -41.05 -0.75
CA THR C 477 -28.27 -41.48 -1.32
C THR C 477 -27.25 -40.37 -1.16
N ASP C 478 -26.02 -40.75 -0.83
CA ASP C 478 -24.95 -39.77 -0.73
C ASP C 478 -24.75 -39.08 -2.08
N GLU C 479 -24.58 -37.77 -2.02
CA GLU C 479 -24.50 -36.92 -3.21
C GLU C 479 -23.05 -36.75 -3.61
N GLU C 480 -22.83 -36.43 -4.89
CA GLU C 480 -21.52 -36.09 -5.43
C GLU C 480 -20.90 -34.95 -4.64
N PRO C 481 -19.58 -34.73 -4.74
CA PRO C 481 -18.98 -33.57 -4.06
C PRO C 481 -19.75 -32.28 -4.32
N GLY C 482 -20.35 -31.72 -3.27
CA GLY C 482 -21.21 -30.57 -3.41
C GLY C 482 -20.54 -29.28 -2.97
N TYR C 483 -20.21 -28.43 -3.94
CA TYR C 483 -19.61 -27.12 -3.67
C TYR C 483 -20.43 -26.04 -4.34
N ILE C 484 -20.89 -25.08 -3.54
CA ILE C 484 -21.67 -23.94 -4.03
C ILE C 484 -20.76 -22.73 -4.00
N LYS C 485 -20.62 -22.05 -5.13
CA LYS C 485 -19.72 -20.90 -5.21
C LYS C 485 -20.24 -19.79 -4.31
N LYS C 486 -19.55 -19.57 -3.20
CA LYS C 486 -19.89 -18.53 -2.25
C LYS C 486 -18.74 -17.54 -2.14
N CYS C 487 -19.04 -16.37 -1.58
CA CYS C 487 -18.06 -15.31 -1.41
C CYS C 487 -17.98 -14.97 0.08
N CYS C 488 -16.91 -15.40 0.74
CA CYS C 488 -16.73 -15.20 2.17
C CYS C 488 -15.78 -14.04 2.41
N LYS C 489 -16.10 -13.23 3.41
CA LYS C 489 -15.28 -12.07 3.75
C LYS C 489 -15.62 -11.65 5.17
N GLY C 490 -14.68 -10.96 5.81
CA GLY C 490 -14.86 -10.49 7.16
C GLY C 490 -13.58 -10.00 7.82
N PHE C 491 -13.33 -10.46 9.04
CA PHE C 491 -12.14 -10.05 9.80
C PHE C 491 -11.04 -11.09 9.73
N CYS C 492 -11.35 -12.34 10.07
CA CYS C 492 -10.35 -13.40 10.01
C CYS C 492 -9.91 -13.68 8.58
N ILE C 493 -10.79 -13.40 7.61
CA ILE C 493 -10.45 -13.63 6.21
C ILE C 493 -9.31 -12.72 5.78
N ASP C 494 -9.29 -11.47 6.28
CA ASP C 494 -8.20 -10.56 5.93
C ASP C 494 -6.87 -11.04 6.52
N ILE C 495 -6.90 -11.51 7.77
CA ILE C 495 -5.69 -12.04 8.39
C ILE C 495 -5.20 -13.27 7.63
N LEU C 496 -6.13 -14.13 7.21
CA LEU C 496 -5.74 -15.31 6.45
C LEU C 496 -5.14 -14.94 5.11
N LYS C 497 -5.71 -13.93 4.43
CA LYS C 497 -5.17 -13.48 3.16
C LYS C 497 -3.77 -12.89 3.33
N LYS C 498 -3.58 -12.10 4.39
CA LYS C 498 -2.26 -11.53 4.64
C LYS C 498 -1.24 -12.61 5.00
N ILE C 499 -1.66 -13.66 5.70
CA ILE C 499 -0.75 -14.77 5.98
C ILE C 499 -0.38 -15.49 4.70
N SER C 500 -1.37 -15.78 3.86
CA SER C 500 -1.10 -16.44 2.59
C SER C 500 -0.22 -15.58 1.68
N LYS C 501 -0.30 -14.26 1.83
CA LYS C 501 0.56 -13.37 1.06
C LYS C 501 1.97 -13.33 1.63
N SER C 502 2.10 -13.45 2.96
CA SER C 502 3.42 -13.43 3.59
C SER C 502 4.15 -14.74 3.32
N VAL C 503 3.61 -15.86 3.81
CA VAL C 503 4.20 -17.18 3.59
C VAL C 503 3.51 -17.83 2.41
N LYS C 504 4.27 -18.52 1.58
CA LYS C 504 3.77 -19.07 0.32
C LYS C 504 3.10 -20.43 0.56
N PHE C 505 1.78 -20.47 0.40
CA PHE C 505 1.04 -21.71 0.44
C PHE C 505 -0.31 -21.49 -0.22
N THR C 506 -0.97 -22.59 -0.58
CA THR C 506 -2.28 -22.54 -1.22
C THR C 506 -3.34 -23.04 -0.24
N TYR C 507 -4.58 -22.63 -0.46
CA TYR C 507 -5.65 -22.96 0.46
C TYR C 507 -6.99 -22.89 -0.26
N ASP C 508 -7.98 -23.56 0.31
CA ASP C 508 -9.35 -23.53 -0.21
C ASP C 508 -10.30 -23.82 0.94
N LEU C 509 -11.01 -22.79 1.41
CA LEU C 509 -11.86 -22.94 2.57
C LEU C 509 -13.14 -23.70 2.22
N TYR C 510 -13.82 -24.17 3.27
CA TYR C 510 -15.13 -24.81 3.12
C TYR C 510 -15.81 -24.77 4.49
N LEU C 511 -17.09 -24.42 4.50
CA LEU C 511 -17.82 -24.25 5.76
C LEU C 511 -17.95 -25.56 6.50
N VAL C 512 -18.18 -25.46 7.81
CA VAL C 512 -18.37 -26.62 8.67
C VAL C 512 -19.69 -27.28 8.32
N THR C 513 -19.88 -28.52 8.76
CA THR C 513 -21.05 -29.29 8.35
C THR C 513 -22.19 -29.17 9.35
N ASN C 514 -21.95 -29.55 10.61
CA ASN C 514 -23.03 -29.75 11.57
C ASN C 514 -22.75 -29.01 12.86
N GLY C 515 -23.75 -28.26 13.33
CA GLY C 515 -23.84 -27.83 14.71
C GLY C 515 -23.06 -26.61 15.14
N LYS C 516 -21.75 -26.75 15.33
CA LYS C 516 -20.95 -25.70 15.94
C LYS C 516 -19.48 -25.97 15.68
N HIS C 517 -18.62 -25.18 16.34
CA HIS C 517 -17.18 -25.29 16.14
C HIS C 517 -16.55 -26.34 17.05
N GLY C 518 -16.95 -26.38 18.32
CA GLY C 518 -16.34 -27.31 19.25
C GLY C 518 -17.28 -27.90 20.28
N LYS C 519 -17.16 -29.20 20.53
CA LYS C 519 -17.95 -29.88 21.54
C LYS C 519 -17.35 -31.25 21.80
N LYS C 520 -17.33 -31.66 23.07
CA LYS C 520 -16.66 -32.87 23.51
C LYS C 520 -17.64 -33.92 24.02
N ILE C 521 -18.76 -34.10 23.31
CA ILE C 521 -19.76 -35.08 23.74
C ILE C 521 -19.27 -36.49 23.40
N ASN C 522 -19.64 -37.44 24.27
CA ASN C 522 -19.32 -38.86 24.08
C ASN C 522 -17.82 -39.09 23.94
N GLY C 523 -17.02 -38.26 24.61
CA GLY C 523 -15.56 -38.41 24.52
C GLY C 523 -15.02 -38.23 23.12
N THR C 524 -15.74 -37.48 22.28
CA THR C 524 -15.33 -37.26 20.91
C THR C 524 -15.67 -35.83 20.53
N TRP C 525 -14.94 -35.29 19.57
CA TRP C 525 -15.11 -33.93 19.12
C TRP C 525 -15.91 -33.91 17.82
N ASN C 526 -16.63 -32.82 17.59
CA ASN C 526 -17.40 -32.60 16.37
C ASN C 526 -17.09 -31.20 15.82
N GLY C 527 -17.75 -30.85 14.72
CA GLY C 527 -17.56 -29.56 14.11
C GLY C 527 -16.15 -29.38 13.59
N MET C 528 -15.60 -28.18 13.82
CA MET C 528 -14.25 -27.89 13.37
C MET C 528 -13.23 -28.74 14.11
N ILE C 529 -13.35 -28.83 15.44
CA ILE C 529 -12.39 -29.62 16.21
C ILE C 529 -12.49 -31.09 15.85
N GLY C 530 -13.71 -31.60 15.71
CA GLY C 530 -13.89 -32.98 15.28
C GLY C 530 -13.36 -33.23 13.89
N GLU C 531 -13.42 -32.23 13.02
CA GLU C 531 -12.81 -32.36 11.69
C GLU C 531 -11.30 -32.38 11.81
N VAL C 532 -10.75 -31.63 12.77
CA VAL C 532 -9.30 -31.59 12.95
C VAL C 532 -8.79 -32.89 13.56
N VAL C 533 -9.63 -33.61 14.31
CA VAL C 533 -9.21 -34.87 14.91
C VAL C 533 -8.72 -35.83 13.83
N MET C 534 -9.60 -36.20 12.90
CA MET C 534 -9.21 -36.86 11.66
C MET C 534 -9.06 -35.74 10.63
N LYS C 535 -7.92 -35.07 10.67
CA LYS C 535 -7.77 -33.72 10.12
C LYS C 535 -8.28 -33.57 8.69
N ARG C 536 -7.61 -34.21 7.73
CA ARG C 536 -7.97 -34.15 6.32
C ARG C 536 -7.95 -32.72 5.78
N ALA C 537 -7.58 -31.76 6.63
CA ALA C 537 -7.55 -30.35 6.27
C ALA C 537 -6.22 -29.73 6.66
N TYR C 538 -5.65 -30.19 7.78
CA TYR C 538 -4.35 -29.76 8.29
C TYR C 538 -4.40 -28.34 8.86
N MET C 539 -5.58 -27.71 8.88
CA MET C 539 -5.70 -26.37 9.42
C MET C 539 -7.14 -26.05 9.80
N ALA C 540 -7.33 -25.03 10.64
CA ALA C 540 -8.66 -24.61 11.08
C ALA C 540 -8.64 -23.15 11.52
N VAL C 541 -9.62 -22.38 11.07
CA VAL C 541 -9.70 -20.95 11.36
C VAL C 541 -11.14 -20.61 11.75
N GLY C 542 -11.31 -19.43 12.32
CA GLY C 542 -12.61 -18.94 12.72
C GLY C 542 -12.62 -18.48 14.17
N SER C 543 -13.82 -18.26 14.68
CA SER C 543 -14.03 -17.80 16.05
C SER C 543 -13.91 -19.00 17.00
N LEU C 544 -12.66 -19.39 17.27
CA LEU C 544 -12.36 -20.50 18.16
C LEU C 544 -11.79 -19.98 19.47
N THR C 545 -12.19 -20.59 20.56
CA THR C 545 -11.75 -20.21 21.90
C THR C 545 -10.67 -21.17 22.39
N ILE C 546 -9.87 -20.69 23.35
CA ILE C 546 -8.78 -21.48 23.91
C ILE C 546 -9.11 -21.81 25.36
N ASN C 547 -8.91 -23.08 25.71
CA ASN C 547 -9.12 -23.56 27.07
C ASN C 547 -8.17 -24.73 27.32
N GLU C 548 -8.42 -25.48 28.39
CA GLU C 548 -7.50 -26.56 28.76
C GLU C 548 -7.63 -27.76 27.84
N GLU C 549 -8.86 -28.23 27.62
CA GLU C 549 -9.06 -29.48 26.88
C GLU C 549 -8.69 -29.32 25.41
N ARG C 550 -9.21 -28.27 24.76
CA ARG C 550 -8.94 -28.09 23.34
C ARG C 550 -7.47 -27.80 23.06
N SER C 551 -6.75 -27.23 24.03
CA SER C 551 -5.31 -27.03 23.86
C SER C 551 -4.52 -28.30 24.17
N GLU C 552 -5.00 -29.15 25.07
CA GLU C 552 -4.35 -30.43 25.30
C GLU C 552 -4.60 -31.42 24.18
N VAL C 553 -5.66 -31.21 23.39
CA VAL C 553 -5.96 -32.09 22.26
C VAL C 553 -5.24 -31.59 21.02
N VAL C 554 -5.49 -30.35 20.63
CA VAL C 554 -4.89 -29.76 19.43
C VAL C 554 -4.06 -28.55 19.85
N ASP C 555 -3.10 -28.20 18.99
CA ASP C 555 -2.21 -27.08 19.26
C ASP C 555 -2.90 -25.76 18.92
N PHE C 556 -2.31 -24.67 19.39
CA PHE C 556 -2.85 -23.33 19.16
C PHE C 556 -1.70 -22.36 18.96
N SER C 557 -1.94 -21.34 18.14
CA SER C 557 -0.97 -20.30 17.89
C SER C 557 -1.17 -19.14 18.87
N VAL C 558 -0.50 -18.03 18.62
CA VAL C 558 -0.62 -16.85 19.47
C VAL C 558 -1.93 -16.13 19.15
N PRO C 559 -2.74 -15.79 20.15
CA PRO C 559 -4.01 -15.10 19.85
C PRO C 559 -3.77 -13.71 19.28
N PHE C 560 -4.62 -13.33 18.33
CA PHE C 560 -4.55 -12.03 17.69
C PHE C 560 -5.60 -11.05 18.20
N ILE C 561 -6.40 -11.45 19.20
CA ILE C 561 -7.43 -10.59 19.76
C ILE C 561 -7.76 -11.08 21.16
N GLU C 562 -8.05 -10.15 22.07
CA GLU C 562 -8.34 -10.47 23.46
C GLU C 562 -9.84 -10.51 23.69
N THR C 563 -10.24 -11.35 24.65
CA THR C 563 -11.65 -11.50 25.00
C THR C 563 -11.74 -11.95 26.45
N GLY C 564 -12.98 -12.11 26.91
CA GLY C 564 -13.22 -12.54 28.27
C GLY C 564 -14.62 -12.20 28.72
N ILE C 565 -14.93 -12.62 29.95
CA ILE C 565 -16.23 -12.30 30.53
C ILE C 565 -16.33 -10.81 30.80
N SER C 566 -17.33 -10.16 30.21
CA SER C 566 -17.51 -8.72 30.34
C SER C 566 -18.98 -8.42 30.59
N VAL C 567 -19.24 -7.44 31.45
CA VAL C 567 -20.59 -7.02 31.77
C VAL C 567 -21.09 -6.06 30.70
N MET C 568 -22.41 -5.99 30.52
CA MET C 568 -23.01 -5.11 29.53
C MET C 568 -24.22 -4.44 30.15
N VAL C 569 -24.24 -3.12 30.12
CA VAL C 569 -25.33 -2.34 30.71
C VAL C 569 -25.61 -1.14 29.82
N SER C 570 -26.70 -0.42 30.11
CA SER C 570 -27.11 0.74 29.34
C SER C 570 -26.85 2.00 30.16
N ARG C 571 -26.41 3.07 29.49
CA ARG C 571 -26.14 4.33 30.16
C ARG C 571 -27.39 4.85 30.84
N SER C 572 -27.20 5.46 32.01
CA SER C 572 -28.29 6.02 32.80
C SER C 572 -28.20 7.53 32.77
N ASN C 573 -29.35 8.19 32.85
CA ASN C 573 -29.39 9.64 32.88
C ASN C 573 -28.64 10.18 34.11
N GLY C 574 -28.05 11.36 33.96
CA GLY C 574 -27.27 11.96 35.03
C GLY C 574 -28.13 12.46 36.17
N THR C 575 -27.45 12.89 37.23
CA THR C 575 -28.12 13.40 38.42
C THR C 575 -27.63 14.81 38.72
N VAL C 576 -28.03 15.37 39.85
CA VAL C 576 -27.66 16.74 40.20
C VAL C 576 -26.80 16.83 41.45
N SER C 577 -26.44 15.72 42.11
CA SER C 577 -25.74 15.74 43.38
C SER C 577 -26.58 16.52 44.38
N PRO C 578 -27.65 15.91 44.92
CA PRO C 578 -28.72 16.70 45.56
C PRO C 578 -28.26 17.58 46.73
N SER C 579 -26.99 17.51 47.09
CA SER C 579 -26.38 18.46 48.02
C SER C 579 -25.77 19.65 47.30
N ALA C 580 -26.28 19.99 46.13
CA ALA C 580 -25.72 21.04 45.29
C ALA C 580 -26.25 22.43 45.61
N PHE C 581 -27.25 22.54 46.49
CA PHE C 581 -27.80 23.85 46.80
C PHE C 581 -26.81 24.72 47.58
N LEU C 582 -25.87 24.10 48.28
CA LEU C 582 -24.79 24.82 48.95
C LEU C 582 -23.43 24.57 48.28
N GLU C 583 -23.43 23.94 47.11
CA GLU C 583 -22.17 23.61 46.46
C GLU C 583 -21.48 24.82 45.82
N PRO C 584 -22.14 25.63 44.97
CA PRO C 584 -21.38 26.67 44.25
C PRO C 584 -20.96 27.84 45.14
N PHE C 585 -20.21 27.54 46.19
CA PHE C 585 -19.70 28.55 47.13
C PHE C 585 -18.69 27.93 48.08
N SER C 586 -17.71 28.71 48.51
CA SER C 586 -16.71 28.23 49.45
C SER C 586 -17.29 28.16 50.85
N ALA C 587 -16.68 27.34 51.71
CA ALA C 587 -17.15 27.19 53.08
C ALA C 587 -16.80 28.38 53.97
N ASP C 588 -15.90 29.26 53.53
CA ASP C 588 -15.50 30.39 54.38
C ASP C 588 -16.33 31.63 54.06
N VAL C 589 -16.79 31.77 52.83
CA VAL C 589 -17.50 32.99 52.44
C VAL C 589 -18.84 33.10 53.18
N TRP C 590 -19.45 31.98 53.53
CA TRP C 590 -20.73 32.03 54.26
C TRP C 590 -20.54 32.64 55.64
N VAL C 591 -19.61 32.11 56.43
CA VAL C 591 -19.37 32.68 57.75
C VAL C 591 -18.81 34.09 57.64
N MET C 592 -18.05 34.38 56.57
CA MET C 592 -17.55 35.72 56.38
C MET C 592 -18.69 36.72 56.19
N MET C 593 -19.63 36.42 55.29
CA MET C 593 -20.75 37.32 55.08
C MET C 593 -21.67 37.36 56.28
N PHE C 594 -21.76 36.28 57.05
CA PHE C 594 -22.57 36.31 58.27
C PHE C 594 -21.98 37.27 59.31
N VAL C 595 -20.69 37.11 59.62
CA VAL C 595 -20.06 37.99 60.60
C VAL C 595 -20.01 39.41 60.08
N MET C 596 -19.92 39.59 58.75
CA MET C 596 -19.94 40.93 58.19
C MET C 596 -21.31 41.58 58.33
N LEU C 597 -22.38 40.81 58.10
CA LEU C 597 -23.73 41.31 58.33
C LEU C 597 -23.90 41.73 59.79
N LEU C 598 -23.44 40.88 60.70
CA LEU C 598 -23.54 41.21 62.13
C LEU C 598 -22.80 42.51 62.46
N ILE C 599 -21.54 42.61 62.03
CA ILE C 599 -20.72 43.78 62.34
C ILE C 599 -21.34 45.03 61.73
N VAL C 600 -21.77 44.94 60.46
CA VAL C 600 -22.33 46.09 59.77
C VAL C 600 -23.61 46.56 60.47
N SER C 601 -24.50 45.62 60.80
CA SER C 601 -25.74 46.00 61.47
C SER C 601 -25.46 46.66 62.82
N ALA C 602 -24.58 46.05 63.62
CA ALA C 602 -24.29 46.60 64.94
C ALA C 602 -23.67 47.98 64.86
N VAL C 603 -22.63 48.13 64.04
CA VAL C 603 -21.96 49.42 63.90
C VAL C 603 -22.95 50.46 63.38
N ALA C 604 -23.73 50.11 62.35
CA ALA C 604 -24.73 51.03 61.81
C ALA C 604 -25.66 51.54 62.90
N VAL C 605 -26.38 50.62 63.56
CA VAL C 605 -27.38 51.05 64.54
C VAL C 605 -26.72 51.87 65.65
N PHE C 606 -25.62 51.36 66.22
CA PHE C 606 -25.02 52.02 67.37
C PHE C 606 -24.48 53.41 67.02
N VAL C 607 -23.62 53.49 66.01
CA VAL C 607 -23.00 54.77 65.67
C VAL C 607 -24.04 55.71 65.08
N PHE C 608 -24.65 55.33 63.94
CA PHE C 608 -25.50 56.26 63.22
C PHE C 608 -26.93 56.31 63.75
N GLU C 609 -27.22 55.74 64.92
CA GLU C 609 -28.54 55.89 65.51
C GLU C 609 -28.49 56.74 66.76
N TYR C 610 -27.56 57.70 66.79
CA TYR C 610 -27.41 58.57 67.95
C TYR C 610 -26.79 59.91 67.54
N SER C 630 -36.62 53.77 68.52
CA SER C 630 -37.39 52.56 68.28
C SER C 630 -36.62 51.61 67.36
N PHE C 631 -35.61 52.13 66.68
CA PHE C 631 -34.79 51.35 65.77
C PHE C 631 -33.75 50.58 66.58
N THR C 632 -34.14 49.40 67.08
CA THR C 632 -33.25 48.59 67.88
C THR C 632 -32.39 47.68 67.01
N ILE C 633 -31.67 46.76 67.64
CA ILE C 633 -30.78 45.85 66.90
C ILE C 633 -31.55 44.73 66.21
N GLY C 634 -32.68 44.29 66.77
CA GLY C 634 -33.46 43.23 66.17
C GLY C 634 -34.02 43.60 64.81
N LYS C 635 -34.70 44.74 64.73
CA LYS C 635 -35.24 45.20 63.44
C LYS C 635 -34.13 45.48 62.44
N ALA C 636 -33.00 46.02 62.91
CA ALA C 636 -31.87 46.27 62.02
C ALA C 636 -31.34 44.98 61.42
N ILE C 637 -31.16 43.96 62.25
CA ILE C 637 -30.68 42.66 61.75
C ILE C 637 -31.71 42.05 60.80
N TRP C 638 -33.00 42.18 61.13
CA TRP C 638 -34.05 41.64 60.28
C TRP C 638 -34.02 42.30 58.90
N LEU C 639 -33.87 43.62 58.87
CA LEU C 639 -33.79 44.37 57.62
C LEU C 639 -32.55 43.97 56.82
N LEU C 640 -31.39 43.94 57.49
CA LEU C 640 -30.15 43.60 56.82
C LEU C 640 -30.11 42.15 56.35
N TRP C 641 -30.95 41.29 56.92
CA TRP C 641 -31.08 39.91 56.47
C TRP C 641 -32.07 39.78 55.31
N GLY C 642 -33.20 40.48 55.40
CA GLY C 642 -34.16 40.49 54.32
C GLY C 642 -33.65 41.11 53.04
N LEU C 643 -32.72 42.06 53.17
CA LEU C 643 -32.20 42.75 51.99
C LEU C 643 -31.32 41.84 51.13
N VAL C 644 -30.95 40.66 51.65
CA VAL C 644 -30.10 39.73 50.91
C VAL C 644 -30.89 38.63 50.23
N PHE C 645 -32.18 38.49 50.53
CA PHE C 645 -32.97 37.40 49.97
C PHE C 645 -34.08 37.93 49.06
N ASN C 646 -33.68 38.89 48.27
CA ASN C 646 -34.47 39.47 47.17
C ASN C 646 -35.40 40.62 47.59
N ASN C 647 -35.55 40.84 48.88
CA ASN C 647 -36.48 41.83 49.44
C ASN C 647 -37.92 41.30 49.44
N SER C 648 -38.13 40.22 50.18
CA SER C 648 -39.42 39.55 50.24
C SER C 648 -40.20 39.87 51.51
N VAL C 649 -39.53 39.85 52.66
CA VAL C 649 -40.19 40.12 53.93
C VAL C 649 -40.27 41.64 54.16
N PRO C 650 -41.32 42.14 54.80
CA PRO C 650 -41.37 43.57 55.12
C PRO C 650 -40.30 43.95 56.13
N VAL C 651 -39.92 45.22 56.11
CA VAL C 651 -38.88 45.76 56.97
C VAL C 651 -39.35 47.09 57.53
N GLN C 652 -38.48 47.71 58.33
CA GLN C 652 -38.75 49.02 58.94
C GLN C 652 -37.52 49.90 58.68
N ASN C 653 -37.66 50.85 57.76
CA ASN C 653 -36.53 51.67 57.36
C ASN C 653 -36.20 52.71 58.43
N PRO C 654 -34.93 53.06 58.58
CA PRO C 654 -34.56 54.10 59.55
C PRO C 654 -34.98 55.48 59.10
N LYS C 655 -34.65 56.47 59.94
CA LYS C 655 -34.99 57.86 59.68
C LYS C 655 -33.78 58.72 59.30
N GLY C 656 -32.57 58.20 59.44
CA GLY C 656 -31.38 58.96 59.14
C GLY C 656 -30.98 58.94 57.67
N THR C 657 -29.81 59.47 57.36
CA THR C 657 -29.28 59.50 56.00
C THR C 657 -28.05 58.64 55.82
N THR C 658 -27.11 58.68 56.78
CA THR C 658 -25.95 57.80 56.71
C THR C 658 -26.33 56.34 56.87
N SER C 659 -27.32 56.03 57.71
CA SER C 659 -27.82 54.66 57.78
C SER C 659 -28.46 54.25 56.46
N LYS C 660 -29.11 55.21 55.78
CA LYS C 660 -29.69 54.93 54.47
C LYS C 660 -28.59 54.62 53.45
N ILE C 661 -27.50 55.38 53.48
CA ILE C 661 -26.38 55.10 52.60
C ILE C 661 -25.78 53.73 52.90
N MET C 662 -25.68 53.39 54.19
CA MET C 662 -25.12 52.09 54.58
C MET C 662 -26.00 50.96 54.07
N VAL C 663 -27.32 51.06 54.25
CA VAL C 663 -28.20 49.99 53.80
C VAL C 663 -28.27 49.95 52.28
N SER C 664 -28.04 51.07 51.61
CA SER C 664 -27.99 51.08 50.15
C SER C 664 -26.74 50.34 49.65
N VAL C 665 -25.60 50.59 50.30
CA VAL C 665 -24.38 49.85 49.95
C VAL C 665 -24.58 48.36 50.23
N TRP C 666 -25.26 48.04 51.34
CA TRP C 666 -25.52 46.64 51.66
C TRP C 666 -26.43 46.00 50.62
N ALA C 667 -27.43 46.75 50.14
CA ALA C 667 -28.32 46.23 49.10
C ALA C 667 -27.57 46.00 47.80
N PHE C 668 -26.65 46.90 47.46
CA PHE C 668 -25.81 46.68 46.28
C PHE C 668 -24.96 45.42 46.43
N PHE C 669 -24.35 45.24 47.61
CA PHE C 669 -23.59 44.03 47.88
C PHE C 669 -24.46 42.78 47.76
N ALA C 670 -25.69 42.84 48.28
CA ALA C 670 -26.59 41.69 48.22
C ALA C 670 -26.99 41.38 46.79
N VAL C 671 -27.19 42.43 45.98
CA VAL C 671 -27.52 42.23 44.57
C VAL C 671 -26.36 41.55 43.85
N ILE C 672 -25.14 42.01 44.10
CA ILE C 672 -23.97 41.39 43.48
C ILE C 672 -23.85 39.93 43.93
N PHE C 673 -24.07 39.67 45.22
CA PHE C 673 -24.01 38.33 45.78
C PHE C 673 -25.03 37.41 45.11
N LEU C 674 -26.27 37.88 44.99
CA LEU C 674 -27.32 37.09 44.36
C LEU C 674 -27.02 36.84 42.89
N ALA C 675 -26.51 37.84 42.18
CA ALA C 675 -26.17 37.66 40.77
C ALA C 675 -25.09 36.60 40.61
N SER C 676 -24.03 36.68 41.41
CA SER C 676 -22.97 35.68 41.33
C SER C 676 -23.46 34.29 41.72
N TYR C 677 -24.31 34.20 42.74
CA TYR C 677 -24.86 32.91 43.15
C TYR C 677 -25.70 32.30 42.04
N THR C 678 -26.57 33.10 41.43
CA THR C 678 -27.41 32.59 40.34
C THR C 678 -26.56 32.18 39.15
N ALA C 679 -25.53 32.96 38.82
CA ALA C 679 -24.65 32.61 37.72
C ALA C 679 -23.96 31.27 37.96
N ASN C 680 -23.40 31.09 39.16
CA ASN C 680 -22.69 29.84 39.45
C ASN C 680 -23.65 28.66 39.52
N LEU C 681 -24.87 28.88 40.01
CA LEU C 681 -25.85 27.81 40.07
C LEU C 681 -26.31 27.39 38.67
N ALA C 682 -26.47 28.36 37.77
CA ALA C 682 -26.81 28.02 36.40
C ALA C 682 -25.65 27.33 35.69
N ALA C 683 -24.41 27.72 36.02
CA ALA C 683 -23.26 27.06 35.43
C ALA C 683 -23.07 25.65 35.96
N PHE C 684 -23.55 25.39 37.18
CA PHE C 684 -23.32 24.08 37.80
C PHE C 684 -24.18 22.99 37.16
N MET C 685 -25.43 23.31 36.84
CA MET C 685 -26.37 22.29 36.40
C MET C 685 -26.12 21.82 34.96
N ILE C 686 -25.14 22.41 34.26
CA ILE C 686 -24.91 22.09 32.86
C ILE C 686 -23.72 21.15 32.68
N GLN C 687 -23.18 20.60 33.77
CA GLN C 687 -21.98 19.78 33.66
C GLN C 687 -22.09 18.50 34.48
N GLU C 688 -23.28 17.89 34.52
CA GLU C 688 -23.43 16.62 35.20
C GLU C 688 -23.77 15.52 34.19
N GLU C 689 -22.94 14.47 34.20
CA GLU C 689 -23.11 13.33 33.30
C GLU C 689 -22.12 12.22 33.63
N TYR C 690 -22.29 11.06 32.99
CA TYR C 690 -21.37 9.93 33.07
C TYR C 690 -21.22 9.41 34.50
N VAL C 691 -22.33 8.88 35.01
CA VAL C 691 -22.33 8.26 36.34
C VAL C 691 -22.85 6.83 36.23
N ASP C 692 -21.93 5.89 36.04
CA ASP C 692 -22.26 4.47 35.99
C ASP C 692 -20.95 3.68 36.00
N GLN C 693 -20.86 2.71 36.91
CA GLN C 693 -19.64 1.91 37.04
C GLN C 693 -19.94 0.68 37.89
N VAL C 694 -19.28 -0.42 37.54
CA VAL C 694 -19.32 -1.65 38.32
C VAL C 694 -17.89 -2.16 38.48
N SER C 695 -17.68 -2.96 39.53
CA SER C 695 -16.35 -3.49 39.83
C SER C 695 -16.03 -4.71 38.99
N GLY C 696 -16.81 -5.78 39.12
CA GLY C 696 -16.56 -6.99 38.38
C GLY C 696 -17.42 -8.15 38.83
N LEU C 697 -16.89 -9.37 38.75
CA LEU C 697 -17.59 -10.57 39.17
C LEU C 697 -17.51 -10.81 40.68
N SER C 698 -16.90 -9.88 41.43
CA SER C 698 -16.82 -9.97 42.88
C SER C 698 -17.64 -8.88 43.55
N ASP C 699 -18.53 -8.23 42.83
CA ASP C 699 -19.35 -7.16 43.39
C ASP C 699 -20.45 -7.73 44.27
N LYS C 700 -20.97 -6.88 45.17
CA LYS C 700 -22.07 -7.29 46.03
C LYS C 700 -23.34 -7.54 45.22
N LYS C 701 -23.49 -6.85 44.09
CA LYS C 701 -24.68 -7.03 43.26
C LYS C 701 -24.77 -8.44 42.70
N PHE C 702 -23.62 -9.03 42.33
CA PHE C 702 -23.63 -10.39 41.79
C PHE C 702 -23.57 -11.42 42.92
N GLN C 703 -22.75 -11.18 43.93
CA GLN C 703 -22.60 -12.14 45.02
C GLN C 703 -23.83 -12.17 45.91
N ARG C 704 -24.36 -11.00 46.28
CA ARG C 704 -25.51 -10.93 47.16
C ARG C 704 -26.68 -10.23 46.47
N PRO C 705 -27.45 -10.94 45.65
CA PRO C 705 -28.59 -10.29 44.99
C PRO C 705 -29.70 -9.90 45.95
N ASN C 706 -29.99 -10.75 46.93
CA ASN C 706 -31.11 -10.51 47.83
C ASN C 706 -30.79 -9.55 48.96
N ASP C 707 -29.55 -9.51 49.43
CA ASP C 707 -29.19 -8.66 50.56
C ASP C 707 -28.91 -7.23 50.10
N PHE C 708 -29.85 -6.65 49.37
CA PHE C 708 -29.66 -5.32 48.80
C PHE C 708 -31.04 -4.77 48.41
N SER C 709 -31.06 -3.81 47.49
CA SER C 709 -32.27 -3.31 46.85
C SER C 709 -33.04 -4.47 46.21
N PRO C 710 -34.27 -4.25 45.74
CA PRO C 710 -34.99 -5.31 45.02
C PRO C 710 -34.08 -6.06 44.06
N PRO C 711 -34.27 -7.38 43.93
CA PRO C 711 -33.22 -8.23 43.35
C PRO C 711 -32.81 -7.81 41.95
N PHE C 712 -31.50 -7.74 41.73
CA PHE C 712 -30.92 -7.42 40.44
C PHE C 712 -31.08 -8.59 39.48
N ARG C 713 -30.92 -8.32 38.19
CA ARG C 713 -31.09 -9.33 37.17
C ARG C 713 -29.89 -9.34 36.24
N PHE C 714 -29.47 -10.55 35.86
CA PHE C 714 -28.37 -10.74 34.92
C PHE C 714 -28.38 -12.19 34.46
N GLY C 715 -28.16 -12.39 33.16
CA GLY C 715 -28.19 -13.74 32.62
C GLY C 715 -27.69 -13.76 31.21
N THR C 716 -27.74 -14.94 30.61
CA THR C 716 -27.30 -15.16 29.24
C THR C 716 -27.96 -16.45 28.74
N VAL C 717 -27.55 -16.90 27.56
CA VAL C 717 -28.13 -18.11 26.97
C VAL C 717 -27.42 -19.34 27.52
N PRO C 718 -28.10 -20.47 27.70
CA PRO C 718 -27.42 -21.68 28.17
C PRO C 718 -26.71 -22.40 27.05
N ASN C 719 -26.10 -23.55 27.37
CA ASN C 719 -25.39 -24.38 26.40
C ASN C 719 -24.27 -23.61 25.68
N GLY C 720 -23.48 -22.87 26.44
CA GLY C 720 -22.38 -22.11 25.86
C GLY C 720 -21.14 -22.23 26.72
N SER C 721 -20.02 -21.77 26.16
CA SER C 721 -18.76 -21.81 26.89
C SER C 721 -18.80 -20.91 28.12
N THR C 722 -19.39 -19.72 27.97
CA THR C 722 -19.50 -18.81 29.12
C THR C 722 -20.39 -19.38 30.20
N GLU C 723 -21.50 -20.02 29.81
CA GLU C 723 -22.39 -20.64 30.78
C GLU C 723 -21.69 -21.78 31.52
N ARG C 724 -20.97 -22.62 30.78
CA ARG C 724 -20.24 -23.72 31.41
C ARG C 724 -19.17 -23.19 32.37
N ASN C 725 -18.48 -22.12 31.97
CA ASN C 725 -17.46 -21.54 32.83
C ASN C 725 -18.05 -20.95 34.09
N ILE C 726 -19.16 -20.21 33.98
CA ILE C 726 -19.75 -19.59 35.16
C ILE C 726 -20.41 -20.65 36.04
N ARG C 727 -20.81 -21.78 35.46
CA ARG C 727 -21.33 -22.87 36.28
C ARG C 727 -20.22 -23.61 37.01
N ASN C 728 -19.07 -23.78 36.37
CA ASN C 728 -17.94 -24.44 37.03
C ASN C 728 -17.27 -23.52 38.04
N ASN C 729 -17.49 -22.21 37.92
CA ASN C 729 -16.86 -21.24 38.81
C ASN C 729 -17.81 -20.76 39.90
N TYR C 730 -18.98 -20.24 39.55
CA TYR C 730 -19.92 -19.69 40.53
C TYR C 730 -21.22 -20.50 40.47
N ALA C 731 -21.35 -21.45 41.39
CA ALA C 731 -22.53 -22.31 41.42
C ALA C 731 -23.78 -21.50 41.81
N GLU C 732 -23.69 -20.75 42.91
CA GLU C 732 -24.84 -19.98 43.38
C GLU C 732 -25.24 -18.91 42.37
N MET C 733 -24.27 -18.26 41.74
CA MET C 733 -24.60 -17.25 40.73
C MET C 733 -25.37 -17.85 39.57
N HIS C 734 -24.96 -19.05 39.12
CA HIS C 734 -25.68 -19.71 38.04
C HIS C 734 -27.07 -20.15 38.48
N ALA C 735 -27.18 -20.68 39.71
CA ALA C 735 -28.48 -21.09 40.23
C ALA C 735 -29.43 -19.91 40.32
N TYR C 736 -28.91 -18.72 40.62
CA TYR C 736 -29.75 -17.53 40.67
C TYR C 736 -30.12 -17.05 39.28
N MET C 737 -29.13 -16.96 38.38
CA MET C 737 -29.33 -16.41 37.04
C MET C 737 -30.10 -17.36 36.12
N GLY C 738 -30.28 -18.63 36.50
CA GLY C 738 -31.04 -19.56 35.68
C GLY C 738 -32.46 -19.12 35.39
N LYS C 739 -33.01 -18.21 36.19
CA LYS C 739 -34.36 -17.71 35.96
C LYS C 739 -34.41 -16.78 34.76
N PHE C 740 -33.35 -15.97 34.58
CA PHE C 740 -33.30 -14.96 33.53
C PHE C 740 -32.57 -15.45 32.28
N ASN C 741 -32.61 -16.75 31.99
CA ASN C 741 -31.95 -17.28 30.81
C ASN C 741 -32.64 -16.76 29.54
N GLN C 742 -31.89 -16.07 28.69
CA GLN C 742 -32.43 -15.51 27.47
C GLN C 742 -32.40 -16.57 26.36
N ARG C 743 -32.74 -16.15 25.14
CA ARG C 743 -32.73 -17.04 23.99
C ARG C 743 -31.75 -16.65 22.91
N GLY C 744 -31.18 -15.45 22.96
CA GLY C 744 -30.21 -15.05 21.97
C GLY C 744 -29.46 -13.82 22.42
N VAL C 745 -28.80 -13.17 21.46
CA VAL C 745 -28.04 -11.95 21.71
C VAL C 745 -28.87 -10.72 21.39
N ASP C 746 -29.51 -10.68 20.21
CA ASP C 746 -30.38 -9.57 19.88
C ASP C 746 -31.60 -9.53 20.78
N ASP C 747 -32.11 -10.70 21.17
CA ASP C 747 -33.22 -10.76 22.11
C ASP C 747 -32.83 -10.15 23.45
N ALA C 748 -31.63 -10.48 23.94
CA ALA C 748 -31.16 -9.92 25.20
C ALA C 748 -30.93 -8.42 25.08
N LEU C 749 -30.42 -7.96 23.93
CA LEU C 749 -30.24 -6.52 23.73
C LEU C 749 -31.58 -5.79 23.74
N LEU C 750 -32.59 -6.35 23.09
CA LEU C 750 -33.91 -5.73 23.10
C LEU C 750 -34.52 -5.75 24.49
N SER C 751 -34.30 -6.84 25.24
CA SER C 751 -34.81 -6.91 26.61
C SER C 751 -34.14 -5.86 27.49
N LEU C 752 -32.83 -5.64 27.31
CA LEU C 752 -32.14 -4.60 28.05
C LEU C 752 -32.62 -3.22 27.65
N LYS C 753 -32.88 -3.00 26.36
CA LYS C 753 -33.38 -1.72 25.91
C LYS C 753 -34.78 -1.43 26.41
N THR C 754 -35.61 -2.47 26.61
CA THR C 754 -36.96 -2.29 27.12
C THR C 754 -37.03 -2.27 28.64
N GLY C 755 -35.90 -2.52 29.32
CA GLY C 755 -35.87 -2.50 30.76
C GLY C 755 -36.26 -3.79 31.44
N LYS C 756 -36.50 -4.87 30.67
CA LYS C 756 -36.86 -6.14 31.29
C LYS C 756 -35.67 -6.82 31.95
N LEU C 757 -34.45 -6.56 31.47
CA LEU C 757 -33.25 -7.14 32.03
C LEU C 757 -32.32 -6.02 32.47
N ASP C 758 -31.55 -6.29 33.53
CA ASP C 758 -30.73 -5.25 34.14
C ASP C 758 -29.29 -5.26 33.66
N ALA C 759 -28.77 -6.39 33.20
CA ALA C 759 -27.37 -6.49 32.79
C ALA C 759 -27.27 -7.61 31.76
N PHE C 760 -26.04 -7.89 31.32
CA PHE C 760 -25.80 -8.93 30.33
C PHE C 760 -24.35 -9.39 30.48
N ILE C 761 -24.16 -10.71 30.46
CA ILE C 761 -22.85 -11.33 30.64
C ILE C 761 -22.62 -12.24 29.44
N TYR C 762 -21.71 -11.83 28.54
CA TYR C 762 -21.41 -12.61 27.35
C TYR C 762 -19.96 -12.34 26.97
N ASP C 763 -19.58 -12.80 25.77
CA ASP C 763 -18.21 -12.62 25.30
C ASP C 763 -17.89 -11.14 25.09
N ALA C 764 -16.62 -10.79 25.26
CA ALA C 764 -16.22 -9.39 25.21
C ALA C 764 -16.17 -8.86 23.78
N ALA C 765 -15.67 -9.65 22.84
CA ALA C 765 -15.46 -9.17 21.48
C ALA C 765 -16.79 -8.90 20.79
N VAL C 766 -17.72 -9.85 20.84
CA VAL C 766 -19.00 -9.68 20.14
C VAL C 766 -19.80 -8.56 20.77
N LEU C 767 -19.77 -8.44 22.11
CA LEU C 767 -20.50 -7.36 22.77
C LEU C 767 -19.89 -6.01 22.43
N ASN C 768 -18.56 -5.92 22.40
CA ASN C 768 -17.90 -4.67 22.02
C ASN C 768 -18.25 -4.28 20.60
N TYR C 769 -18.28 -5.25 19.68
CA TYR C 769 -18.66 -4.96 18.31
C TYR C 769 -20.10 -4.48 18.22
N MET C 770 -21.02 -5.23 18.83
CA MET C 770 -22.44 -4.86 18.78
C MET C 770 -22.73 -3.57 19.52
N ALA C 771 -21.85 -3.13 20.41
CA ALA C 771 -22.03 -1.86 21.10
C ALA C 771 -21.46 -0.70 20.30
N GLY C 772 -20.28 -0.89 19.71
CA GLY C 772 -19.68 0.16 18.92
C GLY C 772 -20.32 0.36 17.56
N ARG C 773 -21.04 -0.65 17.07
CA ARG C 773 -21.66 -0.60 15.74
C ARG C 773 -23.18 -0.74 15.87
N ASP C 774 -23.76 -0.04 16.82
CA ASP C 774 -25.20 -0.06 17.05
C ASP C 774 -25.81 1.30 16.75
N GLU C 775 -27.14 1.31 16.66
CA GLU C 775 -27.86 2.55 16.47
C GLU C 775 -27.85 3.36 17.77
N GLY C 776 -27.22 4.53 17.74
CA GLY C 776 -27.05 5.32 18.93
C GLY C 776 -25.90 4.83 19.79
N CYS C 777 -25.51 5.61 20.79
CA CYS C 777 -24.39 5.25 21.66
C CYS C 777 -24.83 5.18 23.11
N LYS C 778 -26.01 4.62 23.34
CA LYS C 778 -26.54 4.46 24.70
C LYS C 778 -26.00 3.21 25.39
N LEU C 779 -25.50 2.23 24.63
CA LEU C 779 -24.95 1.01 25.19
C LEU C 779 -23.44 1.08 25.24
N VAL C 780 -22.87 0.56 26.33
CA VAL C 780 -21.43 0.56 26.54
C VAL C 780 -21.10 -0.53 27.55
N THR C 781 -19.89 -1.10 27.43
CA THR C 781 -19.45 -2.12 28.36
C THR C 781 -18.96 -1.49 29.66
N ILE C 782 -18.40 -2.33 30.53
CA ILE C 782 -17.91 -1.88 31.83
C ILE C 782 -16.40 -1.74 31.77
N GLY C 783 -15.85 -1.60 30.55
CA GLY C 783 -14.42 -1.49 30.38
C GLY C 783 -13.72 -2.81 30.48
N SER C 784 -12.47 -2.86 30.03
CA SER C 784 -11.67 -4.09 30.15
C SER C 784 -11.49 -4.47 31.61
N GLY C 785 -10.85 -3.59 32.39
CA GLY C 785 -10.66 -3.79 33.82
C GLY C 785 -10.17 -5.17 34.21
N LYS C 786 -10.96 -5.86 35.05
CA LYS C 786 -10.68 -7.24 35.42
C LYS C 786 -11.66 -8.16 34.70
N VAL C 787 -11.13 -9.16 33.99
CA VAL C 787 -11.93 -10.08 33.21
C VAL C 787 -11.54 -11.50 33.59
N PHE C 788 -12.47 -12.24 34.20
CA PHE C 788 -12.21 -13.62 34.56
C PHE C 788 -12.08 -14.49 33.32
N ALA C 789 -11.19 -15.49 33.39
CA ALA C 789 -10.92 -16.41 32.29
C ALA C 789 -10.53 -15.64 31.03
N SER C 790 -9.49 -14.82 31.16
CA SER C 790 -9.00 -14.00 30.06
C SER C 790 -8.21 -14.87 29.10
N THR C 791 -8.64 -14.89 27.83
CA THR C 791 -7.98 -15.68 26.80
C THR C 791 -8.15 -14.96 25.46
N GLY C 792 -7.75 -15.61 24.38
CA GLY C 792 -7.83 -15.03 23.06
C GLY C 792 -8.27 -16.05 22.03
N TYR C 793 -8.44 -15.57 20.81
CA TYR C 793 -8.84 -16.41 19.68
C TYR C 793 -7.61 -16.80 18.89
N GLY C 794 -7.23 -18.06 18.96
CA GLY C 794 -6.07 -18.56 18.24
C GLY C 794 -6.44 -19.15 16.90
N ILE C 795 -5.43 -19.76 16.27
CA ILE C 795 -5.58 -20.41 14.96
C ILE C 795 -5.17 -21.86 15.15
N ALA C 796 -6.16 -22.77 15.12
CA ALA C 796 -5.89 -24.17 15.33
C ALA C 796 -5.01 -24.74 14.21
N ILE C 797 -4.01 -25.51 14.61
CA ILE C 797 -3.09 -26.15 13.68
C ILE C 797 -2.91 -27.60 14.12
N GLN C 798 -2.69 -28.48 13.14
CA GLN C 798 -2.50 -29.89 13.43
C GLN C 798 -1.35 -30.09 14.41
N LYS C 799 -1.43 -31.19 15.18
CA LYS C 799 -0.44 -31.45 16.21
C LYS C 799 0.93 -31.70 15.59
N ASP C 800 1.97 -31.22 16.26
CA ASP C 800 3.37 -31.38 15.88
C ASP C 800 3.69 -30.79 14.52
N SER C 801 2.92 -29.79 14.07
CA SER C 801 3.17 -29.15 12.78
C SER C 801 4.26 -28.10 12.89
N GLY C 802 5.27 -28.19 12.03
CA GLY C 802 6.35 -27.22 12.05
C GLY C 802 5.94 -25.84 11.58
N TRP C 803 4.85 -25.76 10.81
CA TRP C 803 4.36 -24.50 10.28
C TRP C 803 3.94 -23.52 11.37
N LYS C 804 3.68 -24.04 12.58
CA LYS C 804 3.25 -23.19 13.69
C LYS C 804 4.29 -22.14 14.05
N ARG C 805 5.57 -22.52 14.03
CA ARG C 805 6.65 -21.60 14.34
C ARG C 805 6.67 -20.42 13.38
N GLN C 806 6.42 -20.69 12.09
CA GLN C 806 6.42 -19.63 11.08
C GLN C 806 5.22 -18.69 11.28
N VAL C 807 4.03 -19.26 11.49
CA VAL C 807 2.83 -18.42 11.60
C VAL C 807 2.85 -17.62 12.90
N ASP C 808 3.52 -18.12 13.94
CA ASP C 808 3.67 -17.34 15.16
C ASP C 808 4.49 -16.09 14.91
N LEU C 809 5.63 -16.24 14.24
CA LEU C 809 6.45 -15.08 13.90
C LEU C 809 5.72 -14.16 12.95
N ALA C 810 4.89 -14.72 12.06
CA ALA C 810 4.09 -13.90 11.15
C ALA C 810 3.09 -13.04 11.91
N ILE C 811 2.38 -13.65 12.86
CA ILE C 811 1.41 -12.91 13.67
C ILE C 811 2.11 -11.84 14.50
N LEU C 812 3.30 -12.17 15.02
CA LEU C 812 4.05 -11.19 15.79
C LEU C 812 4.49 -10.02 14.92
N GLN C 813 4.90 -10.30 13.69
CA GLN C 813 5.27 -9.22 12.76
C GLN C 813 4.04 -8.39 12.39
N LEU C 814 2.86 -9.03 12.34
CA LEU C 814 1.63 -8.29 12.09
C LEU C 814 1.39 -7.25 13.18
N PHE C 815 1.62 -7.63 14.44
CA PHE C 815 1.49 -6.68 15.54
C PHE C 815 2.59 -5.63 15.48
N GLY C 816 3.82 -6.05 15.16
CA GLY C 816 4.93 -5.11 15.13
C GLY C 816 4.81 -4.08 14.02
N ASP C 817 4.12 -4.42 12.93
CA ASP C 817 3.98 -3.50 11.80
C ASP C 817 2.80 -2.56 11.95
N GLY C 818 1.78 -2.94 12.74
CA GLY C 818 0.62 -2.11 12.93
C GLY C 818 -0.55 -2.42 12.02
N GLU C 819 -0.45 -3.42 11.16
CA GLU C 819 -1.56 -3.77 10.27
C GLU C 819 -2.74 -4.31 11.06
N MET C 820 -2.46 -5.01 12.16
CA MET C 820 -3.53 -5.53 13.00
C MET C 820 -4.36 -4.42 13.62
N GLU C 821 -3.70 -3.33 14.01
CA GLU C 821 -4.43 -2.18 14.55
C GLU C 821 -5.33 -1.56 13.50
N GLU C 822 -4.83 -1.48 12.26
CA GLU C 822 -5.65 -0.94 11.18
C GLU C 822 -6.86 -1.84 10.90
N LEU C 823 -6.66 -3.16 10.94
CA LEU C 823 -7.77 -4.07 10.72
C LEU C 823 -8.80 -3.96 11.84
N GLU C 824 -8.33 -3.84 13.09
CA GLU C 824 -9.25 -3.69 14.22
C GLU C 824 -10.01 -2.37 14.15
N ALA C 825 -9.37 -1.31 13.66
CA ALA C 825 -10.03 -0.02 13.52
C ALA C 825 -10.98 0.02 12.32
N LEU C 826 -10.74 -0.80 11.30
CA LEU C 826 -11.60 -0.81 10.13
C LEU C 826 -12.82 -1.70 10.34
N TRP C 827 -12.61 -2.91 10.86
CA TRP C 827 -13.68 -3.89 10.94
C TRP C 827 -14.32 -3.97 12.33
N LEU C 828 -13.54 -3.80 13.39
CA LEU C 828 -14.05 -3.99 14.75
C LEU C 828 -14.46 -2.68 15.42
N THR C 829 -13.62 -1.65 15.32
CA THR C 829 -13.90 -0.37 15.99
C THR C 829 -15.05 0.33 15.28
N GLY C 830 -16.12 0.63 16.04
CA GLY C 830 -17.27 1.29 15.48
C GLY C 830 -17.16 2.80 15.44
N ILE C 831 -18.29 3.49 15.56
CA ILE C 831 -18.33 4.95 15.50
C ILE C 831 -18.53 5.52 16.90
N CYS C 832 -19.20 4.76 17.76
CA CYS C 832 -19.48 5.21 19.12
C CYS C 832 -18.24 5.24 20.00
N HIS C 833 -17.11 4.67 19.54
CA HIS C 833 -15.90 4.70 20.34
C HIS C 833 -15.39 6.12 20.56
N ASN C 834 -15.63 7.01 19.59
CA ASN C 834 -15.21 8.40 19.69
C ASN C 834 -16.38 9.33 20.00
N GLU C 835 -17.35 8.86 20.76
CA GLU C 835 -18.53 9.65 21.13
C GLU C 835 -18.37 10.16 22.55
N LYS C 836 -18.25 11.48 22.69
CA LYS C 836 -18.09 12.08 24.01
C LYS C 836 -19.42 12.06 24.77
N ASN C 837 -19.35 12.41 26.05
CA ASN C 837 -20.53 12.44 26.89
C ASN C 837 -21.46 13.57 26.47
N GLU C 838 -22.76 13.30 26.52
CA GLU C 838 -23.78 14.26 26.14
C GLU C 838 -24.55 14.69 27.38
N VAL C 839 -24.44 15.97 27.74
CA VAL C 839 -25.17 16.47 28.90
C VAL C 839 -26.65 16.59 28.56
N MET C 840 -27.48 16.58 29.62
CA MET C 840 -28.93 16.65 29.46
C MET C 840 -29.51 17.38 30.67
N SER C 841 -30.83 17.28 30.84
CA SER C 841 -31.53 17.97 31.92
C SER C 841 -32.14 16.92 32.85
N SER C 842 -31.98 17.11 34.15
CA SER C 842 -32.43 16.12 35.12
C SER C 842 -33.88 16.37 35.55
N GLN C 843 -34.44 17.53 35.22
CA GLN C 843 -35.82 17.94 35.48
C GLN C 843 -36.09 18.23 36.95
N LEU C 844 -35.07 18.15 37.81
CA LEU C 844 -35.20 18.51 39.22
C LEU C 844 -36.27 17.71 39.95
N ASP C 845 -36.05 16.41 40.11
CA ASP C 845 -36.96 15.52 40.82
C ASP C 845 -37.00 15.89 42.31
N ILE C 846 -37.84 15.16 43.06
CA ILE C 846 -38.05 15.47 44.47
C ILE C 846 -36.78 15.22 45.29
N ASP C 847 -36.08 14.12 45.02
CA ASP C 847 -34.93 13.75 45.83
C ASP C 847 -33.83 14.81 45.77
N ASN C 848 -33.90 15.70 44.78
CA ASN C 848 -32.89 16.74 44.65
C ASN C 848 -33.05 17.82 45.72
N MET C 849 -34.28 18.23 45.99
CA MET C 849 -34.56 19.22 47.02
C MET C 849 -34.64 18.62 48.42
N ALA C 850 -34.19 17.37 48.59
CA ALA C 850 -34.15 16.76 49.91
C ALA C 850 -33.27 17.56 50.86
N GLY C 851 -32.22 18.17 50.35
CA GLY C 851 -31.35 19.00 51.17
C GLY C 851 -32.07 20.16 51.81
N VAL C 852 -32.76 20.97 51.00
CA VAL C 852 -33.48 22.12 51.55
C VAL C 852 -34.68 21.68 52.37
N PHE C 853 -35.27 20.52 52.04
CA PHE C 853 -36.35 20.00 52.86
C PHE C 853 -35.87 19.63 54.26
N TYR C 854 -34.74 18.92 54.35
CA TYR C 854 -34.17 18.60 55.65
C TYR C 854 -33.70 19.85 56.37
N MET C 855 -33.23 20.86 55.63
CA MET C 855 -32.85 22.13 56.25
C MET C 855 -34.06 22.79 56.90
N LEU C 856 -35.20 22.82 56.19
CA LEU C 856 -36.41 23.40 56.75
C LEU C 856 -36.90 22.59 57.94
N GLY C 857 -36.79 21.27 57.88
CA GLY C 857 -37.19 20.44 59.02
C GLY C 857 -36.35 20.70 60.25
N ALA C 858 -35.02 20.77 60.07
CA ALA C 858 -34.14 21.06 61.18
C ALA C 858 -34.37 22.47 61.72
N ALA C 859 -34.73 23.41 60.82
CA ALA C 859 -35.04 24.76 61.28
C ALA C 859 -36.31 24.79 62.11
N MET C 860 -37.32 24.02 61.71
CA MET C 860 -38.55 23.93 62.51
C MET C 860 -38.27 23.28 63.86
N ALA C 861 -37.41 22.26 63.87
CA ALA C 861 -37.05 21.61 65.13
C ALA C 861 -36.33 22.58 66.05
N LEU C 862 -35.37 23.34 65.51
CA LEU C 862 -34.68 24.35 66.30
C LEU C 862 -35.62 25.44 66.76
N SER C 863 -36.63 25.78 65.95
CA SER C 863 -37.62 26.76 66.35
C SER C 863 -38.40 26.27 67.56
N LEU C 864 -38.84 25.01 67.51
CA LEU C 864 -39.55 24.45 68.66
C LEU C 864 -38.66 24.39 69.90
N ILE C 865 -37.39 24.01 69.71
CA ILE C 865 -36.45 23.93 70.84
C ILE C 865 -36.28 25.30 71.47
N THR C 866 -36.07 26.33 70.64
CA THR C 866 -35.90 27.69 71.15
C THR C 866 -37.18 28.22 71.80
N PHE C 867 -38.34 27.86 71.27
CA PHE C 867 -39.60 28.25 71.91
C PHE C 867 -39.71 27.65 73.30
N ILE C 868 -39.42 26.35 73.43
CA ILE C 868 -39.46 25.69 74.73
C ILE C 868 -38.46 26.32 75.69
N CYS C 869 -37.25 26.61 75.19
CA CYS C 869 -36.22 27.21 76.04
C CYS C 869 -36.61 28.60 76.50
N GLU C 870 -37.19 29.41 75.61
CA GLU C 870 -37.62 30.75 75.99
C GLU C 870 -38.76 30.70 76.99
N HIS C 871 -39.70 29.76 76.80
CA HIS C 871 -40.78 29.60 77.75
C HIS C 871 -40.26 29.21 79.13
N LEU C 872 -39.30 28.28 79.17
CA LEU C 872 -38.73 27.85 80.44
C LEU C 872 -37.98 29.00 81.11
N PHE C 873 -37.24 29.77 80.32
CA PHE C 873 -36.47 30.88 80.88
C PHE C 873 -37.36 32.03 81.36
N TYR C 874 -38.50 32.25 80.72
CA TYR C 874 -39.40 33.32 81.11
C TYR C 874 -40.42 32.91 82.17
N TRP C 875 -40.62 31.61 82.37
CA TRP C 875 -41.55 31.16 83.41
C TRP C 875 -41.03 31.45 84.81
N GLN C 876 -39.71 31.56 84.99
CA GLN C 876 -39.13 31.84 86.29
C GLN C 876 -38.51 33.24 86.33
N LYS D 25 20.03 -35.91 -62.17
CA LYS D 25 18.95 -36.78 -62.67
C LYS D 25 18.09 -36.03 -63.70
N ILE D 26 17.02 -36.68 -64.13
CA ILE D 26 16.10 -36.12 -65.11
C ILE D 26 14.91 -35.57 -64.35
N VAL D 27 14.85 -34.24 -64.19
CA VAL D 27 13.78 -33.56 -63.48
C VAL D 27 13.17 -32.56 -64.46
N ASN D 28 11.94 -32.81 -64.88
CA ASN D 28 11.27 -31.94 -65.82
C ASN D 28 10.78 -30.67 -65.13
N ILE D 29 10.39 -29.69 -65.93
CA ILE D 29 9.86 -28.43 -65.45
C ILE D 29 8.37 -28.36 -65.79
N GLY D 30 7.60 -27.78 -64.88
CA GLY D 30 6.15 -27.69 -65.03
C GLY D 30 5.71 -26.27 -65.33
N ALA D 31 4.87 -26.13 -66.36
CA ALA D 31 4.32 -24.84 -66.74
C ALA D 31 3.04 -25.10 -67.54
N VAL D 32 1.99 -24.34 -67.21
CA VAL D 32 0.68 -24.50 -67.85
C VAL D 32 0.24 -23.12 -68.35
N LEU D 33 0.37 -22.92 -69.66
CA LEU D 33 -0.09 -21.72 -70.35
C LEU D 33 -0.90 -22.13 -71.58
N SER D 34 -1.57 -21.14 -72.19
CA SER D 34 -2.40 -21.39 -73.39
C SER D 34 -1.94 -20.47 -74.51
N THR D 35 -0.92 -20.91 -75.24
CA THR D 35 -0.44 -20.26 -76.46
C THR D 35 0.64 -21.13 -77.10
N ARG D 36 0.53 -21.41 -78.40
CA ARG D 36 1.55 -22.21 -79.07
C ARG D 36 2.89 -21.48 -79.13
N LYS D 37 2.87 -20.19 -79.47
CA LYS D 37 4.10 -19.41 -79.51
C LYS D 37 4.73 -19.31 -78.13
N HIS D 38 3.91 -19.08 -77.10
CA HIS D 38 4.44 -19.04 -75.74
C HIS D 38 4.92 -20.42 -75.30
N GLU D 39 4.30 -21.49 -75.79
CA GLU D 39 4.79 -22.82 -75.48
C GLU D 39 6.18 -23.05 -76.07
N GLN D 40 6.38 -22.65 -77.33
CA GLN D 40 7.70 -22.77 -77.95
C GLN D 40 8.72 -21.88 -77.25
N MET D 41 8.29 -20.69 -76.83
CA MET D 41 9.19 -19.79 -76.10
C MET D 41 9.60 -20.40 -74.76
N PHE D 42 8.66 -21.02 -74.06
CA PHE D 42 8.98 -21.67 -72.79
C PHE D 42 9.90 -22.87 -73.01
N ARG D 43 9.69 -23.61 -74.10
CA ARG D 43 10.57 -24.72 -74.42
C ARG D 43 12.00 -24.23 -74.67
N GLU D 44 12.14 -23.16 -75.47
CA GLU D 44 13.46 -22.59 -75.70
C GLU D 44 14.08 -22.05 -74.41
N ALA D 45 13.27 -21.46 -73.54
CA ALA D 45 13.76 -20.92 -72.28
C ALA D 45 14.28 -22.02 -71.36
N VAL D 46 13.52 -23.11 -71.23
CA VAL D 46 13.97 -24.20 -70.38
C VAL D 46 15.16 -24.92 -71.00
N ASN D 47 15.25 -24.96 -72.34
CA ASN D 47 16.44 -25.52 -72.97
C ASN D 47 17.67 -24.69 -72.67
N GLN D 48 17.55 -23.36 -72.78
CA GLN D 48 18.67 -22.47 -72.45
C GLN D 48 19.03 -22.57 -70.97
N ALA D 49 18.03 -22.80 -70.11
CA ALA D 49 18.29 -22.95 -68.69
C ALA D 49 19.04 -24.24 -68.40
N ASN D 50 18.61 -25.34 -69.02
CA ASN D 50 19.33 -26.60 -68.86
C ASN D 50 20.74 -26.50 -69.44
N LYS D 51 20.93 -25.68 -70.47
CA LYS D 51 22.27 -25.47 -71.02
C LYS D 51 23.18 -24.73 -70.05
N ARG D 52 22.62 -24.01 -69.09
CA ARG D 52 23.40 -23.28 -68.10
C ARG D 52 23.53 -24.06 -66.80
N ILE D 58 22.96 -32.68 -64.83
CA ILE D 58 21.93 -31.66 -64.74
C ILE D 58 21.05 -31.70 -65.99
N GLN D 59 20.07 -32.60 -65.99
CA GLN D 59 19.16 -32.78 -67.11
C GLN D 59 17.77 -32.29 -66.70
N LEU D 60 17.30 -31.24 -67.36
CA LEU D 60 15.98 -30.67 -67.09
C LEU D 60 15.12 -30.78 -68.33
N GLN D 61 13.97 -31.42 -68.20
CA GLN D 61 13.04 -31.61 -69.31
C GLN D 61 11.94 -30.55 -69.27
N ALA D 62 11.04 -30.62 -70.25
CA ALA D 62 9.95 -29.65 -70.38
C ALA D 62 8.62 -30.38 -70.42
N THR D 63 7.66 -29.89 -69.63
CA THR D 63 6.30 -30.42 -69.61
C THR D 63 5.34 -29.24 -69.63
N SER D 64 4.49 -29.18 -70.66
CA SER D 64 3.57 -28.08 -70.82
C SER D 64 2.19 -28.61 -71.19
N VAL D 65 1.16 -28.00 -70.61
CA VAL D 65 -0.22 -28.35 -70.86
C VAL D 65 -1.00 -27.07 -71.12
N THR D 66 -1.88 -27.10 -72.12
CA THR D 66 -2.68 -25.94 -72.49
C THR D 66 -3.82 -25.76 -71.49
N HIS D 67 -4.60 -24.71 -71.69
CA HIS D 67 -5.75 -24.39 -70.83
C HIS D 67 -7.03 -24.91 -71.47
N LYS D 68 -7.92 -25.42 -70.62
CA LYS D 68 -9.24 -25.90 -71.03
C LYS D 68 -10.31 -24.86 -70.68
N PRO D 69 -11.40 -24.79 -71.46
CA PRO D 69 -12.47 -23.84 -71.11
C PRO D 69 -13.12 -24.14 -69.78
N ASN D 70 -13.27 -25.41 -69.42
CA ASN D 70 -13.78 -25.80 -68.12
C ASN D 70 -12.63 -26.04 -67.15
N ALA D 71 -12.92 -25.87 -65.86
CA ALA D 71 -11.87 -25.96 -64.85
C ALA D 71 -11.81 -27.31 -64.16
N ILE D 72 -12.91 -28.07 -64.14
CA ILE D 72 -12.87 -29.41 -63.57
C ILE D 72 -12.00 -30.32 -64.44
N GLN D 73 -12.23 -30.30 -65.75
CA GLN D 73 -11.36 -31.01 -66.66
C GLN D 73 -9.94 -30.46 -66.62
N MET D 74 -9.80 -29.16 -66.34
CA MET D 74 -8.47 -28.57 -66.20
C MET D 74 -7.72 -29.19 -65.03
N ALA D 75 -8.38 -29.33 -63.88
CA ALA D 75 -7.75 -29.95 -62.72
C ALA D 75 -7.48 -31.43 -62.96
N LEU D 76 -8.39 -32.12 -63.66
CA LEU D 76 -8.16 -33.51 -64.02
C LEU D 76 -6.90 -33.65 -64.86
N SER D 77 -6.77 -32.82 -65.89
CA SER D 77 -5.57 -32.83 -66.72
C SER D 77 -4.34 -32.42 -65.94
N VAL D 78 -4.48 -31.53 -64.95
CA VAL D 78 -3.34 -31.14 -64.12
C VAL D 78 -2.83 -32.35 -63.33
N CYS D 79 -3.74 -33.10 -62.71
CA CYS D 79 -3.32 -34.29 -61.98
C CYS D 79 -2.75 -35.34 -62.92
N GLU D 80 -3.32 -35.46 -64.13
CA GLU D 80 -2.78 -36.40 -65.10
C GLU D 80 -1.36 -36.04 -65.51
N ASP D 81 -1.11 -34.76 -65.75
CA ASP D 81 0.23 -34.32 -66.11
C ASP D 81 1.21 -34.42 -64.95
N LEU D 82 0.76 -34.21 -63.73
CA LEU D 82 1.60 -34.41 -62.55
C LEU D 82 1.93 -35.89 -62.36
N ILE D 83 1.01 -36.77 -62.75
CA ILE D 83 1.30 -38.20 -62.73
C ILE D 83 2.33 -38.54 -63.78
N SER D 84 2.12 -38.08 -65.01
CA SER D 84 3.00 -38.42 -66.13
C SER D 84 4.35 -37.72 -66.06
N SER D 85 4.53 -36.74 -65.18
CA SER D 85 5.79 -36.01 -65.13
C SER D 85 6.43 -35.97 -63.75
N GLN D 86 5.63 -35.88 -62.69
CA GLN D 86 6.14 -35.82 -61.32
C GLN D 86 7.10 -34.64 -61.12
N VAL D 87 6.62 -33.43 -61.43
CA VAL D 87 7.43 -32.23 -61.34
C VAL D 87 7.57 -31.81 -59.88
N TYR D 88 8.59 -31.00 -59.59
CA TYR D 88 8.78 -30.46 -58.25
C TYR D 88 7.91 -29.23 -58.01
N ALA D 89 7.85 -28.32 -58.98
CA ALA D 89 7.03 -27.12 -58.87
C ALA D 89 6.43 -26.83 -60.24
N ILE D 90 5.27 -26.17 -60.22
CA ILE D 90 4.52 -25.88 -61.44
C ILE D 90 4.43 -24.37 -61.62
N LEU D 91 4.54 -23.95 -62.88
CA LEU D 91 4.37 -22.56 -63.26
C LEU D 91 3.01 -22.38 -63.91
N VAL D 92 2.42 -21.20 -63.72
CA VAL D 92 1.09 -20.91 -64.26
C VAL D 92 1.00 -19.42 -64.53
N SER D 93 0.32 -19.08 -65.62
CA SER D 93 0.10 -17.69 -65.99
C SER D 93 -1.36 -17.52 -66.41
N HIS D 94 -1.83 -16.28 -66.39
CA HIS D 94 -3.21 -16.01 -66.74
C HIS D 94 -3.41 -16.11 -68.25
N PRO D 95 -4.52 -16.71 -68.69
CA PRO D 95 -4.79 -16.80 -70.13
C PRO D 95 -5.22 -15.45 -70.67
N PRO D 96 -5.34 -15.31 -72.00
CA PRO D 96 -5.80 -14.04 -72.57
C PRO D 96 -7.21 -13.64 -72.14
N THR D 97 -7.93 -14.48 -71.42
CA THR D 97 -9.23 -14.09 -70.89
C THR D 97 -9.06 -12.94 -69.91
N PRO D 98 -9.96 -11.95 -69.92
CA PRO D 98 -9.78 -10.75 -69.10
C PRO D 98 -10.21 -10.89 -67.63
N ASN D 99 -10.73 -12.04 -67.21
CA ASN D 99 -11.17 -12.18 -65.83
C ASN D 99 -9.97 -12.28 -64.89
N ASP D 100 -9.07 -13.23 -65.13
CA ASP D 100 -7.86 -13.43 -64.35
C ASP D 100 -8.15 -13.61 -62.85
N HIS D 101 -9.30 -14.18 -62.51
CA HIS D 101 -9.68 -14.37 -61.11
C HIS D 101 -9.80 -15.84 -60.73
N PHE D 102 -10.57 -16.61 -61.49
CA PHE D 102 -10.79 -18.02 -61.15
C PHE D 102 -9.93 -18.97 -61.96
N THR D 103 -9.05 -18.45 -62.81
CA THR D 103 -8.22 -19.30 -63.67
C THR D 103 -7.11 -20.04 -62.91
N PRO D 104 -6.36 -19.41 -62.00
CA PRO D 104 -5.30 -20.15 -61.30
C PRO D 104 -5.75 -20.85 -60.03
N THR D 105 -7.01 -20.69 -59.63
CA THR D 105 -7.48 -21.34 -58.40
C THR D 105 -7.48 -22.86 -58.48
N PRO D 106 -7.92 -23.50 -59.57
CA PRO D 106 -7.82 -24.97 -59.61
C PRO D 106 -6.38 -25.46 -59.53
N VAL D 107 -5.46 -24.81 -60.24
CA VAL D 107 -4.06 -25.20 -60.20
C VAL D 107 -3.50 -25.03 -58.78
N SER D 108 -3.84 -23.91 -58.13
CA SER D 108 -3.35 -23.67 -56.77
C SER D 108 -3.91 -24.71 -55.80
N TYR D 109 -5.18 -25.08 -55.97
CA TYR D 109 -5.78 -26.08 -55.10
C TYR D 109 -5.14 -27.45 -55.30
N THR D 110 -4.91 -27.83 -56.56
CA THR D 110 -4.27 -29.11 -56.85
C THR D 110 -2.84 -29.13 -56.31
N ALA D 111 -2.16 -27.98 -56.35
CA ALA D 111 -0.82 -27.90 -55.80
C ALA D 111 -0.84 -28.03 -54.28
N GLY D 112 -1.72 -27.29 -53.61
CA GLY D 112 -1.81 -27.34 -52.16
C GLY D 112 -2.35 -28.66 -51.63
N PHE D 113 -3.01 -29.45 -52.49
CA PHE D 113 -3.48 -30.77 -52.05
C PHE D 113 -2.31 -31.66 -51.66
N TYR D 114 -1.19 -31.57 -52.37
CA TYR D 114 0.00 -32.34 -52.06
C TYR D 114 1.10 -31.51 -51.42
N ARG D 115 0.82 -30.26 -51.06
CA ARG D 115 1.77 -29.36 -50.42
C ARG D 115 3.01 -29.16 -51.30
N ILE D 116 2.76 -28.83 -52.56
CA ILE D 116 3.82 -28.52 -53.51
C ILE D 116 3.62 -27.07 -53.96
N PRO D 117 4.72 -26.38 -54.26
CA PRO D 117 4.61 -24.95 -54.60
C PRO D 117 4.16 -24.72 -56.04
N VAL D 118 3.40 -23.65 -56.23
CA VAL D 118 2.94 -23.21 -57.53
C VAL D 118 3.20 -21.71 -57.64
N LEU D 119 3.80 -21.29 -58.74
CA LEU D 119 4.16 -19.90 -58.96
C LEU D 119 3.27 -19.28 -60.04
N GLY D 120 2.76 -18.09 -59.76
CA GLY D 120 1.93 -17.37 -60.70
C GLY D 120 2.74 -16.28 -61.39
N LEU D 121 2.34 -15.97 -62.62
CA LEU D 121 3.07 -15.02 -63.45
C LEU D 121 2.28 -13.74 -63.71
N THR D 122 1.05 -13.86 -64.21
CA THR D 122 0.27 -12.69 -64.56
C THR D 122 -1.03 -12.62 -63.77
N THR D 123 -0.96 -12.87 -62.47
CA THR D 123 -2.12 -12.79 -61.58
C THR D 123 -1.78 -11.87 -60.42
N ARG D 124 -2.52 -10.75 -60.31
CA ARG D 124 -2.25 -9.75 -59.29
C ARG D 124 -3.36 -9.63 -58.26
N MET D 125 -4.25 -10.61 -58.15
CA MET D 125 -5.31 -10.56 -57.16
C MET D 125 -4.74 -10.62 -55.75
N SER D 126 -5.48 -10.04 -54.80
CA SER D 126 -5.03 -9.97 -53.41
C SER D 126 -5.50 -11.15 -52.57
N ILE D 127 -6.48 -11.93 -53.07
CA ILE D 127 -6.94 -13.09 -52.31
C ILE D 127 -5.85 -14.16 -52.26
N TYR D 128 -4.96 -14.18 -53.23
CA TYR D 128 -3.88 -15.16 -53.24
C TYR D 128 -2.77 -14.77 -52.25
N SER D 129 -2.71 -13.50 -51.86
CA SER D 129 -1.69 -13.07 -50.91
C SER D 129 -1.88 -13.70 -49.55
N ASP D 130 -3.12 -14.04 -49.20
CA ASP D 130 -3.40 -14.65 -47.91
C ASP D 130 -2.94 -16.11 -47.92
N LYS D 131 -2.11 -16.46 -46.93
CA LYS D 131 -1.58 -17.82 -46.83
C LYS D 131 -2.58 -18.80 -46.24
N SER D 132 -3.75 -18.34 -45.80
CA SER D 132 -4.76 -19.20 -45.22
C SER D 132 -5.29 -20.19 -46.25
N ILE D 133 -5.83 -19.67 -47.35
CA ILE D 133 -6.40 -20.53 -48.38
C ILE D 133 -5.30 -21.34 -49.07
N HIS D 134 -4.28 -20.65 -49.59
CA HIS D 134 -3.19 -21.28 -50.32
C HIS D 134 -1.97 -21.36 -49.41
N LEU D 135 -1.54 -22.59 -49.10
CA LEU D 135 -0.38 -22.76 -48.22
C LEU D 135 0.93 -22.50 -48.95
N SER D 136 0.97 -22.71 -50.26
CA SER D 136 2.17 -22.49 -51.06
C SER D 136 1.77 -21.81 -52.36
N PHE D 137 2.11 -20.54 -52.49
CA PHE D 137 1.79 -19.78 -53.69
C PHE D 137 2.66 -18.53 -53.73
N LEU D 138 3.38 -18.34 -54.83
CA LEU D 138 4.24 -17.18 -55.01
C LEU D 138 3.92 -16.51 -56.34
N ARG D 139 3.83 -15.18 -56.32
CA ARG D 139 3.54 -14.43 -57.52
C ARG D 139 4.78 -13.68 -58.00
N THR D 140 4.72 -13.16 -59.22
CA THR D 140 5.81 -12.39 -59.78
C THR D 140 5.44 -10.94 -60.06
N VAL D 141 4.20 -10.55 -59.80
CA VAL D 141 3.75 -9.17 -60.00
C VAL D 141 3.34 -8.61 -58.64
N PRO D 142 3.48 -7.30 -58.42
CA PRO D 142 3.12 -6.73 -57.12
C PRO D 142 1.61 -6.65 -56.96
N PRO D 143 1.09 -6.86 -55.75
CA PRO D 143 -0.36 -6.77 -55.54
C PRO D 143 -0.84 -5.34 -55.45
N TYR D 144 -2.17 -5.15 -55.44
CA TYR D 144 -2.71 -3.80 -55.32
C TYR D 144 -2.50 -3.23 -53.92
N SER D 145 -2.25 -4.10 -52.93
CA SER D 145 -2.01 -3.63 -51.58
C SER D 145 -0.72 -2.82 -51.48
N HIS D 146 0.37 -3.36 -52.02
CA HIS D 146 1.62 -2.61 -52.02
C HIS D 146 1.56 -1.42 -52.97
N GLN D 147 0.64 -1.44 -53.93
CA GLN D 147 0.44 -0.29 -54.81
C GLN D 147 -0.04 0.92 -54.02
N SER D 148 -0.78 0.68 -52.93
CA SER D 148 -1.23 1.79 -52.08
C SER D 148 -0.05 2.48 -51.41
N SER D 149 1.04 1.74 -51.16
CA SER D 149 2.22 2.34 -50.57
C SER D 149 2.85 3.37 -51.49
N VAL D 150 2.72 3.19 -52.80
CA VAL D 150 3.21 4.20 -53.74
C VAL D 150 2.41 5.49 -53.58
N TRP D 151 1.11 5.37 -53.32
CA TRP D 151 0.30 6.55 -53.04
C TRP D 151 0.77 7.23 -51.76
N PHE D 152 1.13 6.44 -50.75
CA PHE D 152 1.67 6.99 -49.52
C PHE D 152 2.96 7.77 -49.78
N GLU D 153 3.86 7.20 -50.57
CA GLU D 153 5.11 7.88 -50.88
C GLU D 153 4.86 9.14 -51.69
N MET D 154 3.90 9.11 -52.62
CA MET D 154 3.60 10.28 -53.43
C MET D 154 3.00 11.40 -52.58
N MET D 155 2.14 11.03 -51.62
CA MET D 155 1.58 12.04 -50.72
C MET D 155 2.65 12.59 -49.78
N ARG D 156 3.61 11.75 -49.39
CA ARG D 156 4.68 12.21 -48.50
C ARG D 156 5.61 13.18 -49.22
N VAL D 157 5.99 12.86 -50.46
CA VAL D 157 6.91 13.73 -51.20
C VAL D 157 6.21 15.01 -51.64
N TYR D 158 4.89 14.98 -51.73
CA TYR D 158 4.10 16.15 -52.09
C TYR D 158 3.55 16.90 -50.89
N ASN D 159 3.81 16.42 -49.67
CA ASN D 159 3.34 17.04 -48.44
C ASN D 159 1.82 17.18 -48.44
N TRP D 160 1.15 16.02 -48.55
CA TRP D 160 -0.31 15.93 -48.56
C TRP D 160 -0.72 15.05 -47.37
N ASN D 161 -0.93 15.69 -46.21
CA ASN D 161 -1.29 14.93 -45.02
C ASN D 161 -2.78 14.62 -45.00
N HIS D 162 -3.60 15.47 -45.63
CA HIS D 162 -5.04 15.32 -45.63
C HIS D 162 -5.48 14.64 -46.91
N ILE D 163 -6.16 13.50 -46.78
CA ILE D 163 -6.63 12.73 -47.92
C ILE D 163 -8.03 12.22 -47.62
N ILE D 164 -8.78 11.93 -48.68
CA ILE D 164 -10.14 11.41 -48.56
C ILE D 164 -10.15 10.06 -49.27
N LEU D 165 -10.03 8.98 -48.50
CA LEU D 165 -10.01 7.63 -49.04
C LEU D 165 -11.44 7.16 -49.31
N LEU D 166 -11.77 6.97 -50.59
CA LEU D 166 -13.08 6.49 -51.00
C LEU D 166 -12.87 5.24 -51.84
N VAL D 167 -13.15 4.08 -51.26
CA VAL D 167 -12.96 2.80 -51.93
C VAL D 167 -14.27 2.01 -51.84
N SER D 168 -14.31 0.90 -52.58
CA SER D 168 -15.47 0.04 -52.60
C SER D 168 -15.50 -0.88 -51.39
N ASP D 169 -16.48 -1.77 -51.36
CA ASP D 169 -16.64 -2.75 -50.27
C ASP D 169 -16.45 -4.14 -50.84
N ASP D 170 -15.24 -4.67 -50.71
CA ASP D 170 -14.92 -6.00 -51.22
C ASP D 170 -13.68 -6.55 -50.52
N HIS D 171 -13.21 -7.72 -50.96
CA HIS D 171 -12.04 -8.32 -50.34
C HIS D 171 -10.78 -7.52 -50.64
N GLU D 172 -10.51 -7.27 -51.92
CA GLU D 172 -9.34 -6.50 -52.34
C GLU D 172 -9.43 -5.08 -51.82
N GLY D 173 -10.62 -4.48 -51.88
CA GLY D 173 -10.79 -3.13 -51.37
C GLY D 173 -10.52 -3.04 -49.88
N ARG D 174 -11.06 -3.98 -49.10
CA ARG D 174 -10.82 -3.97 -47.66
C ARG D 174 -9.35 -4.22 -47.35
N ALA D 175 -8.71 -5.10 -48.09
CA ALA D 175 -7.28 -5.37 -47.87
C ALA D 175 -6.45 -4.13 -48.15
N ALA D 176 -6.73 -3.44 -49.25
CA ALA D 176 -6.00 -2.23 -49.60
C ALA D 176 -6.25 -1.13 -48.57
N GLN D 177 -7.50 -1.00 -48.12
CA GLN D 177 -7.82 0.00 -47.11
C GLN D 177 -7.10 -0.27 -45.80
N LYS D 178 -7.04 -1.55 -45.39
CA LYS D 178 -6.33 -1.90 -44.17
C LYS D 178 -4.84 -1.65 -44.30
N ARG D 179 -4.26 -2.00 -45.44
CA ARG D 179 -2.84 -1.75 -45.66
C ARG D 179 -2.54 -0.26 -45.61
N LEU D 180 -3.36 0.56 -46.27
CA LEU D 180 -3.14 2.00 -46.25
C LEU D 180 -3.31 2.57 -44.84
N GLU D 181 -4.32 2.08 -44.11
CA GLU D 181 -4.53 2.57 -42.75
C GLU D 181 -3.36 2.22 -41.85
N THR D 182 -2.80 1.01 -42.00
CA THR D 182 -1.65 0.63 -41.20
C THR D 182 -0.42 1.46 -41.57
N LEU D 183 -0.20 1.68 -42.87
CA LEU D 183 0.95 2.46 -43.29
C LEU D 183 0.83 3.92 -42.87
N LEU D 184 -0.40 4.42 -42.74
CA LEU D 184 -0.59 5.79 -42.26
C LEU D 184 -0.42 5.87 -40.76
N GLU D 185 -1.01 4.91 -40.03
CA GLU D 185 -0.89 4.91 -38.57
C GLU D 185 0.54 4.62 -38.11
N GLU D 186 1.37 4.04 -38.98
CA GLU D 186 2.78 3.85 -38.64
C GLU D 186 3.46 5.19 -38.36
N ARG D 187 3.02 6.25 -39.05
CA ARG D 187 3.54 7.60 -38.84
C ARG D 187 2.68 8.41 -37.89
N GLU D 188 1.81 7.77 -37.11
CA GLU D 188 0.93 8.43 -36.15
C GLU D 188 0.08 9.49 -36.83
N SER D 189 -0.72 9.04 -37.80
CA SER D 189 -1.61 9.93 -38.53
C SER D 189 -2.65 9.08 -39.24
N LYS D 190 -3.92 9.39 -39.02
CA LYS D 190 -5.03 8.65 -39.62
C LYS D 190 -5.55 9.39 -40.84
N ALA D 191 -6.61 8.84 -41.44
CA ALA D 191 -7.23 9.43 -42.62
C ALA D 191 -8.32 10.41 -42.19
N GLU D 192 -8.52 11.46 -42.99
CA GLU D 192 -9.54 12.45 -42.67
C GLU D 192 -10.94 11.86 -42.70
N LYS D 193 -11.24 10.97 -43.64
CA LYS D 193 -12.56 10.35 -43.73
C LYS D 193 -12.45 9.10 -44.59
N VAL D 194 -13.30 8.13 -44.29
CA VAL D 194 -13.36 6.86 -45.02
C VAL D 194 -14.79 6.64 -45.46
N LEU D 195 -14.98 6.46 -46.77
CA LEU D 195 -16.30 6.25 -47.36
C LEU D 195 -16.28 4.98 -48.19
N GLN D 196 -17.30 4.14 -47.99
CA GLN D 196 -17.43 2.88 -48.71
C GLN D 196 -18.76 2.83 -49.44
N PHE D 197 -18.75 2.28 -50.65
CA PHE D 197 -19.95 2.12 -51.45
C PHE D 197 -20.07 0.68 -51.90
N ASP D 198 -21.31 0.25 -52.14
CA ASP D 198 -21.58 -1.11 -52.58
C ASP D 198 -21.16 -1.28 -54.04
N PRO D 199 -20.31 -2.25 -54.35
CA PRO D 199 -19.93 -2.46 -55.76
C PRO D 199 -21.14 -2.82 -56.61
N GLY D 200 -21.15 -2.31 -57.84
CA GLY D 200 -22.26 -2.54 -58.73
C GLY D 200 -23.49 -1.72 -58.41
N THR D 201 -23.32 -0.50 -57.91
CA THR D 201 -24.44 0.36 -57.57
C THR D 201 -24.77 1.28 -58.74
N LYS D 202 -25.73 2.19 -58.50
CA LYS D 202 -26.15 3.14 -59.52
C LYS D 202 -26.24 4.59 -59.03
N ASN D 203 -26.22 4.82 -57.72
CA ASN D 203 -26.34 6.18 -57.18
C ASN D 203 -25.36 6.34 -56.03
N VAL D 204 -24.42 7.27 -56.17
CA VAL D 204 -23.42 7.53 -55.14
C VAL D 204 -23.39 9.02 -54.82
N THR D 205 -24.50 9.71 -55.06
CA THR D 205 -24.55 11.15 -54.81
C THR D 205 -24.42 11.47 -53.33
N ALA D 206 -24.91 10.58 -52.46
CA ALA D 206 -24.83 10.84 -51.03
C ALA D 206 -23.38 10.88 -50.54
N LEU D 207 -22.58 9.90 -50.97
CA LEU D 207 -21.18 9.86 -50.54
C LEU D 207 -20.42 11.07 -51.05
N LEU D 208 -20.67 11.48 -52.29
CA LEU D 208 -20.01 12.66 -52.84
C LEU D 208 -20.45 13.94 -52.14
N MET D 209 -21.73 14.05 -51.80
CA MET D 209 -22.20 15.23 -51.06
C MET D 209 -21.58 15.28 -49.68
N GLU D 210 -21.42 14.12 -49.04
CA GLU D 210 -20.77 14.08 -47.73
C GLU D 210 -19.30 14.43 -47.84
N ALA D 211 -18.63 13.98 -48.90
CA ALA D 211 -17.21 14.25 -49.06
C ALA D 211 -16.96 15.72 -49.40
N ARG D 212 -17.87 16.32 -50.17
CA ARG D 212 -17.70 17.70 -50.59
C ARG D 212 -17.87 18.70 -49.44
N GLU D 213 -18.16 18.24 -48.23
CA GLU D 213 -18.33 19.13 -47.09
C GLU D 213 -17.24 18.90 -46.06
N LEU D 214 -16.01 18.71 -46.51
CA LEU D 214 -14.86 18.46 -45.64
C LEU D 214 -13.81 19.53 -45.89
N GLU D 215 -12.69 19.41 -45.19
CA GLU D 215 -11.60 20.37 -45.30
C GLU D 215 -10.46 19.90 -46.18
N ALA D 216 -10.47 18.63 -46.61
CA ALA D 216 -9.43 18.08 -47.45
C ALA D 216 -9.76 18.27 -48.92
N ARG D 217 -8.73 18.17 -49.76
CA ARG D 217 -8.90 18.36 -51.20
C ARG D 217 -8.17 17.28 -52.00
N VAL D 218 -7.94 16.12 -51.38
CA VAL D 218 -7.29 14.99 -52.04
C VAL D 218 -8.19 13.78 -51.89
N ILE D 219 -8.65 13.24 -53.01
CA ILE D 219 -9.58 12.12 -53.03
C ILE D 219 -8.88 10.94 -53.70
N ILE D 220 -8.61 9.89 -52.92
CA ILE D 220 -8.02 8.68 -53.48
C ILE D 220 -9.12 7.69 -53.85
N LEU D 221 -8.93 7.00 -54.97
CA LEU D 221 -9.94 6.07 -55.47
C LEU D 221 -9.27 4.74 -55.79
N SER D 222 -9.97 3.65 -55.44
CA SER D 222 -9.49 2.31 -55.73
C SER D 222 -10.66 1.36 -55.91
N ALA D 223 -11.02 1.07 -57.15
CA ALA D 223 -12.14 0.19 -57.45
C ALA D 223 -11.94 -0.38 -58.85
N SER D 224 -12.98 -1.00 -59.39
CA SER D 224 -12.93 -1.61 -60.71
C SER D 224 -13.13 -0.56 -61.80
N GLU D 225 -12.87 -0.97 -63.04
CA GLU D 225 -13.01 -0.04 -64.17
C GLU D 225 -14.47 0.35 -64.38
N ASP D 226 -15.41 -0.53 -64.04
CA ASP D 226 -16.82 -0.22 -64.25
C ASP D 226 -17.32 0.86 -63.30
N ASP D 227 -16.87 0.82 -62.03
CA ASP D 227 -17.33 1.79 -61.05
C ASP D 227 -16.71 3.16 -61.29
N ALA D 228 -15.51 3.19 -61.88
CA ALA D 228 -14.80 4.45 -62.06
C ALA D 228 -15.53 5.39 -63.00
N ALA D 229 -16.17 4.85 -64.04
CA ALA D 229 -16.91 5.70 -64.97
C ALA D 229 -18.07 6.40 -64.26
N THR D 230 -18.86 5.65 -63.50
CA THR D 230 -19.96 6.24 -62.76
C THR D 230 -19.46 7.23 -61.72
N VAL D 231 -18.34 6.91 -61.06
CA VAL D 231 -17.78 7.81 -60.05
C VAL D 231 -17.39 9.14 -60.69
N TYR D 232 -16.68 9.08 -61.83
CA TYR D 232 -16.28 10.30 -62.50
C TYR D 232 -17.48 11.07 -63.03
N ARG D 233 -18.50 10.37 -63.52
CA ARG D 233 -19.70 11.04 -64.02
C ARG D 233 -20.41 11.79 -62.90
N ALA D 234 -20.62 11.12 -61.76
CA ALA D 234 -21.28 11.77 -60.63
C ALA D 234 -20.43 12.87 -60.03
N ALA D 235 -19.11 12.76 -60.12
CA ALA D 235 -18.23 13.82 -59.62
C ALA D 235 -18.32 15.05 -60.51
N ALA D 236 -18.20 14.86 -61.83
CA ALA D 236 -18.32 15.98 -62.75
C ALA D 236 -19.70 16.60 -62.71
N MET D 237 -20.72 15.81 -62.39
CA MET D 237 -22.09 16.34 -62.30
C MET D 237 -22.27 17.25 -61.09
N LEU D 238 -21.38 17.15 -60.09
CA LEU D 238 -21.48 17.95 -58.88
C LEU D 238 -20.38 19.00 -58.78
N ASP D 239 -19.65 19.26 -59.86
CA ASP D 239 -18.58 20.25 -59.91
C ASP D 239 -17.49 19.96 -58.87
N MET D 240 -17.21 18.67 -58.65
CA MET D 240 -16.19 18.25 -57.70
C MET D 240 -14.85 17.95 -58.37
N THR D 241 -14.60 18.52 -59.55
CA THR D 241 -13.36 18.30 -60.28
C THR D 241 -12.65 19.60 -60.62
N GLY D 242 -12.94 20.69 -59.92
CA GLY D 242 -12.32 21.97 -60.19
C GLY D 242 -10.88 22.05 -59.75
N SER D 243 -10.34 23.26 -59.66
CA SER D 243 -8.96 23.46 -59.26
C SER D 243 -8.77 23.18 -57.78
N GLY D 244 -7.59 22.70 -57.42
CA GLY D 244 -7.26 22.38 -56.05
C GLY D 244 -7.49 20.93 -55.66
N TYR D 245 -8.24 20.17 -56.46
CA TYR D 245 -8.50 18.77 -56.17
C TYR D 245 -7.52 17.88 -56.91
N VAL D 246 -7.03 16.85 -56.23
CA VAL D 246 -6.09 15.88 -56.79
C VAL D 246 -6.71 14.50 -56.69
N TRP D 247 -6.68 13.75 -57.78
CA TRP D 247 -7.23 12.41 -57.82
C TRP D 247 -6.11 11.38 -57.92
N LEU D 248 -6.31 10.26 -57.21
CA LEU D 248 -5.38 9.15 -57.23
C LEU D 248 -6.16 7.86 -57.40
N VAL D 249 -5.80 7.11 -58.44
CA VAL D 249 -6.45 5.86 -58.80
C VAL D 249 -5.37 4.81 -59.07
N GLY D 250 -5.82 3.62 -59.48
CA GLY D 250 -4.91 2.54 -59.77
C GLY D 250 -4.89 2.21 -61.25
N GLU D 251 -4.17 1.14 -61.58
CA GLU D 251 -4.07 0.71 -62.97
C GLU D 251 -5.42 0.31 -63.53
N ARG D 252 -6.25 -0.35 -62.70
CA ARG D 252 -7.54 -0.84 -63.17
C ARG D 252 -8.52 0.30 -63.45
N GLU D 253 -8.37 1.44 -62.81
CA GLU D 253 -9.27 2.57 -63.03
C GLU D 253 -8.84 3.49 -64.17
N ILE D 254 -7.83 3.09 -64.94
CA ILE D 254 -7.36 3.90 -66.06
C ILE D 254 -7.81 3.29 -67.37
N SER D 255 -7.57 2.00 -67.54
CA SER D 255 -7.90 1.30 -68.78
C SER D 255 -9.41 1.04 -68.84
N GLY D 256 -9.85 0.33 -69.88
CA GLY D 256 -11.26 0.06 -70.04
C GLY D 256 -12.03 1.26 -70.55
N ASN D 257 -13.35 1.13 -70.48
CA ASN D 257 -14.24 2.21 -70.91
C ASN D 257 -14.29 3.37 -69.92
N ALA D 258 -13.62 3.25 -68.77
CA ALA D 258 -13.60 4.34 -67.81
C ALA D 258 -12.83 5.54 -68.35
N LEU D 259 -11.97 5.32 -69.35
CA LEU D 259 -11.20 6.41 -69.93
C LEU D 259 -12.09 7.46 -70.59
N ARG D 260 -13.28 7.08 -71.05
CA ARG D 260 -14.19 8.05 -71.65
C ARG D 260 -14.63 9.10 -70.66
N TYR D 261 -14.83 8.70 -69.39
CA TYR D 261 -15.22 9.60 -68.31
C TYR D 261 -14.04 9.72 -67.36
N ALA D 262 -13.14 10.67 -67.65
CA ALA D 262 -11.96 10.87 -66.82
C ALA D 262 -11.51 12.33 -66.91
N PRO D 263 -11.51 13.07 -65.80
CA PRO D 263 -11.05 14.45 -65.84
C PRO D 263 -9.56 14.55 -66.07
N ASP D 264 -9.14 15.66 -66.67
CA ASP D 264 -7.72 15.88 -66.94
C ASP D 264 -6.97 16.09 -65.63
N GLY D 265 -5.79 15.49 -65.53
CA GLY D 265 -4.96 15.59 -64.35
C GLY D 265 -4.90 14.37 -63.48
N ILE D 266 -5.46 13.24 -63.93
CA ILE D 266 -5.40 12.02 -63.14
C ILE D 266 -3.98 11.45 -63.17
N ILE D 267 -3.47 11.09 -62.00
CA ILE D 267 -2.13 10.52 -61.84
C ILE D 267 -2.31 9.04 -61.57
N GLY D 268 -2.23 8.22 -62.61
CA GLY D 268 -2.39 6.79 -62.50
C GLY D 268 -1.07 6.05 -62.55
N LEU D 269 -1.18 4.73 -62.43
CA LEU D 269 -0.03 3.84 -62.45
C LEU D 269 -0.28 2.69 -63.42
N GLN D 270 0.80 2.02 -63.82
CA GLN D 270 0.71 0.89 -64.73
C GLN D 270 1.96 0.03 -64.56
N LEU D 271 1.89 -1.18 -65.08
CA LEU D 271 3.00 -2.13 -64.99
C LEU D 271 3.82 -2.11 -66.27
N ILE D 272 5.13 -2.32 -66.12
CA ILE D 272 6.03 -2.24 -67.28
C ILE D 272 5.89 -3.49 -68.15
N ASN D 273 5.67 -4.65 -67.53
CA ASN D 273 5.58 -5.91 -68.26
C ASN D 273 4.26 -6.61 -67.90
N GLY D 274 3.18 -5.84 -67.92
CA GLY D 274 1.87 -6.36 -67.58
C GLY D 274 1.31 -7.36 -68.56
N LYS D 275 1.19 -6.97 -69.83
CA LYS D 275 0.59 -7.81 -70.85
C LYS D 275 1.61 -8.61 -71.64
N ASN D 276 2.89 -8.51 -71.29
CA ASN D 276 3.96 -9.26 -71.96
C ASN D 276 4.22 -10.52 -71.14
N GLU D 277 3.78 -11.66 -71.66
CA GLU D 277 3.90 -12.92 -70.91
C GLU D 277 5.31 -13.49 -71.01
N SER D 278 5.92 -13.41 -72.20
CA SER D 278 7.21 -14.06 -72.42
C SER D 278 8.31 -13.44 -71.56
N ALA D 279 8.22 -12.13 -71.31
CA ALA D 279 9.20 -11.46 -70.47
C ALA D 279 9.23 -12.06 -69.07
N HIS D 280 8.05 -12.24 -68.46
CA HIS D 280 7.98 -12.86 -67.16
C HIS D 280 8.29 -14.35 -67.21
N ILE D 281 7.95 -15.03 -68.32
CA ILE D 281 8.19 -16.46 -68.42
C ILE D 281 9.68 -16.76 -68.45
N SER D 282 10.46 -15.91 -69.13
CA SER D 282 11.91 -16.11 -69.17
C SER D 282 12.51 -16.00 -67.77
N ASP D 283 12.12 -14.97 -67.02
CA ASP D 283 12.64 -14.80 -65.67
C ASP D 283 12.18 -15.94 -64.76
N ALA D 284 10.94 -16.41 -64.95
CA ALA D 284 10.46 -17.53 -64.15
C ALA D 284 11.26 -18.79 -64.43
N VAL D 285 11.55 -19.07 -65.69
CA VAL D 285 12.37 -20.21 -66.05
C VAL D 285 13.76 -20.09 -65.44
N GLY D 286 14.34 -18.88 -65.51
CA GLY D 286 15.66 -18.68 -64.93
C GLY D 286 15.68 -18.91 -63.42
N VAL D 287 14.70 -18.38 -62.71
CA VAL D 287 14.70 -18.49 -61.25
C VAL D 287 14.37 -19.93 -60.83
N VAL D 288 13.53 -20.63 -61.59
CA VAL D 288 13.24 -22.01 -61.24
C VAL D 288 14.42 -22.91 -61.56
N ALA D 289 15.20 -22.58 -62.59
CA ALA D 289 16.42 -23.32 -62.86
C ALA D 289 17.44 -23.11 -61.74
N GLN D 290 17.60 -21.86 -61.31
CA GLN D 290 18.48 -21.58 -60.17
C GLN D 290 18.00 -22.32 -58.92
N ALA D 291 16.69 -22.38 -58.72
CA ALA D 291 16.13 -23.04 -57.55
C ALA D 291 16.42 -24.55 -57.57
N VAL D 292 16.20 -25.19 -58.72
CA VAL D 292 16.44 -26.62 -58.80
C VAL D 292 17.93 -26.92 -58.73
N HIS D 293 18.77 -26.00 -59.23
CA HIS D 293 20.22 -26.19 -59.12
C HIS D 293 20.68 -26.10 -57.67
N GLU D 294 20.08 -25.17 -56.90
CA GLU D 294 20.38 -25.10 -55.48
C GLU D 294 19.70 -26.21 -54.68
N LEU D 295 18.69 -26.87 -55.25
CA LEU D 295 17.94 -27.90 -54.53
C LEU D 295 18.63 -29.26 -54.63
N LEU D 296 19.05 -29.65 -55.85
CA LEU D 296 19.54 -31.01 -56.07
C LEU D 296 20.79 -31.33 -55.25
N GLU D 297 21.42 -30.33 -54.63
CA GLU D 297 22.58 -30.56 -53.77
C GLU D 297 22.21 -30.71 -52.30
N LYS D 298 21.00 -31.16 -52.01
CA LYS D 298 20.52 -31.32 -50.63
C LYS D 298 20.36 -32.80 -50.31
N GLU D 299 20.12 -33.09 -49.04
CA GLU D 299 19.95 -34.45 -48.56
C GLU D 299 18.48 -34.77 -48.36
N ASN D 300 18.18 -36.06 -48.25
CA ASN D 300 16.83 -36.57 -48.03
C ASN D 300 15.86 -36.10 -49.12
N ILE D 301 16.33 -36.07 -50.37
CA ILE D 301 15.49 -35.65 -51.48
C ILE D 301 14.55 -36.78 -51.86
N THR D 302 13.25 -36.49 -51.84
CA THR D 302 12.21 -37.46 -52.21
C THR D 302 11.35 -36.84 -53.29
N ASP D 303 11.42 -37.39 -54.49
CA ASP D 303 10.65 -36.87 -55.62
C ASP D 303 9.16 -37.06 -55.37
N PRO D 304 8.32 -36.12 -55.78
CA PRO D 304 6.87 -36.28 -55.62
C PRO D 304 6.38 -37.53 -56.32
N PRO D 305 5.37 -38.19 -55.78
CA PRO D 305 4.92 -39.46 -56.39
C PRO D 305 4.24 -39.22 -57.73
N ARG D 306 4.66 -40.01 -58.72
CA ARG D 306 4.01 -40.00 -60.02
C ARG D 306 2.64 -40.67 -60.01
N GLY D 307 2.21 -41.18 -58.86
CA GLY D 307 0.89 -41.77 -58.73
C GLY D 307 -0.16 -40.79 -58.30
N CYS D 308 -0.55 -39.88 -59.20
CA CYS D 308 -1.66 -38.97 -58.92
C CYS D 308 -2.88 -39.74 -58.41
N VAL D 309 -3.17 -40.87 -59.05
CA VAL D 309 -4.28 -41.71 -58.61
C VAL D 309 -3.88 -42.57 -57.41
N GLY D 310 -2.60 -42.92 -57.30
CA GLY D 310 -2.15 -43.85 -56.28
C GLY D 310 -1.90 -43.26 -54.90
N ASN D 311 -1.02 -42.25 -54.83
CA ASN D 311 -0.58 -41.72 -53.56
C ASN D 311 -1.72 -40.98 -52.84
N THR D 312 -1.66 -41.02 -51.51
CA THR D 312 -2.63 -40.31 -50.68
C THR D 312 -1.99 -39.60 -49.49
N ASN D 313 -0.71 -39.26 -49.57
CA ASN D 313 -0.04 -38.60 -48.45
C ASN D 313 0.62 -37.31 -48.91
N ILE D 314 1.39 -36.68 -48.02
CA ILE D 314 2.10 -35.44 -48.32
C ILE D 314 3.55 -35.79 -48.61
N TRP D 315 4.06 -35.29 -49.74
CA TRP D 315 5.44 -35.55 -50.15
C TRP D 315 6.39 -34.88 -49.18
N LYS D 316 7.45 -35.59 -48.79
CA LYS D 316 8.44 -35.03 -47.87
C LYS D 316 9.10 -33.77 -48.42
N THR D 317 9.22 -33.64 -49.74
CA THR D 317 9.80 -32.46 -50.36
C THR D 317 8.72 -31.67 -51.07
N GLY D 318 8.88 -30.34 -51.07
CA GLY D 318 7.90 -29.45 -51.64
C GLY D 318 7.48 -28.33 -50.72
N PRO D 319 7.33 -28.60 -49.41
CA PRO D 319 7.23 -27.50 -48.45
C PRO D 319 8.57 -26.84 -48.20
N LEU D 320 9.60 -27.66 -47.97
CA LEU D 320 10.96 -27.14 -47.81
C LEU D 320 11.47 -26.52 -49.10
N PHE D 321 11.11 -27.10 -50.25
CA PHE D 321 11.48 -26.52 -51.53
C PHE D 321 10.85 -25.15 -51.72
N LYS D 322 9.57 -25.02 -51.33
CA LYS D 322 8.92 -23.71 -51.39
C LYS D 322 9.58 -22.72 -50.43
N ARG D 323 9.97 -23.18 -49.24
CA ARG D 323 10.60 -22.30 -48.28
C ARG D 323 11.96 -21.80 -48.78
N VAL D 324 12.72 -22.68 -49.44
CA VAL D 324 14.02 -22.25 -49.93
C VAL D 324 13.89 -21.48 -51.24
N LEU D 325 12.78 -21.65 -51.97
CA LEU D 325 12.55 -20.86 -53.17
C LEU D 325 12.12 -19.43 -52.81
N MET D 326 11.27 -19.30 -51.79
CA MET D 326 10.85 -17.97 -51.36
C MET D 326 12.03 -17.15 -50.87
N SER D 327 13.01 -17.79 -50.25
CA SER D 327 14.22 -17.11 -49.79
C SER D 327 15.34 -17.11 -50.81
N SER D 328 15.12 -17.70 -51.98
CA SER D 328 16.14 -17.78 -53.03
C SER D 328 16.20 -16.43 -53.75
N LYS D 329 17.18 -15.62 -53.37
CA LYS D 329 17.39 -14.33 -54.01
C LYS D 329 17.81 -14.50 -55.46
N TYR D 330 16.97 -14.04 -56.39
CA TYR D 330 17.28 -14.17 -57.80
C TYR D 330 18.51 -13.35 -58.17
N ALA D 331 19.26 -13.85 -59.15
CA ALA D 331 20.48 -13.17 -59.58
C ALA D 331 20.16 -11.96 -60.45
N ASP D 332 19.48 -12.18 -61.58
CA ASP D 332 19.13 -11.10 -62.48
C ASP D 332 17.98 -11.54 -63.35
N GLY D 333 17.37 -10.59 -64.03
CA GLY D 333 16.25 -10.87 -64.91
C GLY D 333 16.08 -9.77 -65.94
N VAL D 334 15.18 -10.02 -66.90
CA VAL D 334 14.91 -9.07 -67.97
C VAL D 334 14.09 -7.91 -67.41
N THR D 335 13.51 -8.10 -66.22
CA THR D 335 12.72 -7.07 -65.56
C THR D 335 13.40 -6.55 -64.31
N GLY D 336 14.71 -6.70 -64.20
CA GLY D 336 15.43 -6.23 -63.04
C GLY D 336 15.55 -7.30 -61.96
N ARG D 337 16.24 -6.94 -60.89
CA ARG D 337 16.40 -7.84 -59.75
C ARG D 337 15.06 -8.07 -59.08
N VAL D 338 14.59 -9.31 -59.09
CA VAL D 338 13.30 -9.68 -58.53
C VAL D 338 13.53 -10.38 -57.20
N GLU D 339 12.86 -9.88 -56.16
CA GLU D 339 12.95 -10.49 -54.84
C GLU D 339 11.56 -10.90 -54.36
N PHE D 340 11.48 -11.58 -53.22
CA PHE D 340 10.21 -12.04 -52.68
C PHE D 340 10.22 -11.91 -51.17
N ASN D 341 9.14 -11.37 -50.62
CA ASN D 341 8.94 -11.31 -49.18
C ASN D 341 8.23 -12.59 -48.72
N GLU D 342 7.96 -12.65 -47.41
CA GLU D 342 7.27 -13.82 -46.86
C GLU D 342 5.76 -13.69 -47.04
N ASP D 343 5.33 -13.39 -48.27
CA ASP D 343 3.90 -13.34 -48.57
C ASP D 343 3.56 -13.90 -49.94
N GLY D 344 4.53 -14.41 -50.69
CA GLY D 344 4.28 -14.90 -52.04
C GLY D 344 4.00 -13.77 -53.02
N ASP D 345 4.83 -12.73 -53.01
CA ASP D 345 4.64 -11.58 -53.88
C ASP D 345 5.99 -10.97 -54.21
N ARG D 346 6.13 -10.47 -55.44
CA ARG D 346 7.38 -9.85 -55.86
C ARG D 346 7.58 -8.51 -55.16
N LYS D 347 8.83 -8.21 -54.82
CA LYS D 347 9.19 -6.97 -54.15
C LYS D 347 10.09 -6.14 -55.05
N PHE D 348 10.09 -4.82 -54.79
CA PHE D 348 10.92 -3.87 -55.53
C PHE D 348 10.61 -3.89 -57.03
N ALA D 349 9.33 -3.74 -57.35
CA ALA D 349 8.89 -3.74 -58.74
C ALA D 349 9.05 -2.34 -59.34
N GLN D 350 8.54 -2.14 -60.54
CA GLN D 350 8.59 -0.86 -61.22
C GLN D 350 7.22 -0.49 -61.75
N TYR D 351 6.89 0.80 -61.68
CA TYR D 351 5.60 1.32 -62.12
C TYR D 351 5.82 2.50 -63.03
N SER D 352 4.99 2.61 -64.07
CA SER D 352 5.01 3.77 -64.96
C SER D 352 3.96 4.77 -64.50
N ILE D 353 4.42 5.94 -64.06
CA ILE D 353 3.52 6.97 -63.52
C ILE D 353 2.89 7.67 -64.72
N MET D 354 1.73 7.17 -65.13
CA MET D 354 1.02 7.74 -66.26
C MET D 354 0.15 8.91 -65.82
N ASN D 355 -0.18 9.77 -66.78
CA ASN D 355 -1.01 10.94 -66.52
C ASN D 355 -1.85 11.23 -67.75
N LEU D 356 -2.94 11.97 -67.52
CA LEU D 356 -3.88 12.34 -68.58
C LEU D 356 -3.82 13.86 -68.76
N GLN D 357 -3.43 14.30 -69.95
CA GLN D 357 -3.31 15.72 -70.27
C GLN D 357 -4.11 16.00 -71.54
N ASN D 358 -5.31 16.55 -71.35
CA ASN D 358 -6.20 16.91 -72.46
C ASN D 358 -6.51 15.69 -73.33
N ARG D 359 -7.08 14.67 -72.69
CA ARG D 359 -7.48 13.42 -73.33
C ARG D 359 -6.30 12.75 -74.04
N LYS D 360 -5.09 12.91 -73.50
CA LYS D 360 -3.89 12.32 -74.08
C LYS D 360 -3.02 11.78 -72.95
N LEU D 361 -2.82 10.47 -72.93
CA LEU D 361 -2.00 9.85 -71.89
C LEU D 361 -0.53 10.19 -72.09
N VAL D 362 0.15 10.54 -70.99
CA VAL D 362 1.55 10.91 -71.04
C VAL D 362 2.21 10.50 -69.73
N GLN D 363 3.45 10.00 -69.84
CA GLN D 363 4.21 9.56 -68.69
C GLN D 363 4.92 10.75 -68.04
N VAL D 364 5.02 10.71 -66.71
CA VAL D 364 5.62 11.79 -65.96
C VAL D 364 6.90 11.31 -65.26
N GLY D 365 6.96 10.02 -64.94
CA GLY D 365 8.14 9.51 -64.28
C GLY D 365 8.05 8.01 -64.08
N ILE D 366 9.00 7.49 -63.32
CA ILE D 366 9.09 6.06 -63.00
C ILE D 366 9.34 5.91 -61.51
N TYR D 367 8.62 4.98 -60.89
CA TYR D 367 8.79 4.69 -59.46
C TYR D 367 9.90 3.66 -59.33
N ASN D 368 11.10 4.12 -59.00
CA ASN D 368 12.28 3.25 -58.95
C ASN D 368 12.46 2.70 -57.53
N GLY D 369 11.55 1.81 -57.16
CA GLY D 369 11.63 1.11 -55.89
C GLY D 369 11.29 1.96 -54.68
N THR D 370 12.04 3.04 -54.47
CA THR D 370 11.80 3.91 -53.33
C THR D 370 11.87 5.40 -53.65
N HIS D 371 12.16 5.78 -54.90
CA HIS D 371 12.30 7.18 -55.28
C HIS D 371 11.46 7.45 -56.51
N VAL D 372 10.77 8.59 -56.50
CA VAL D 372 9.98 9.03 -57.65
C VAL D 372 10.77 10.11 -58.38
N ILE D 373 11.21 9.80 -59.59
CA ILE D 373 12.00 10.69 -60.41
C ILE D 373 11.14 11.20 -61.56
N PRO D 374 10.86 12.49 -61.63
CA PRO D 374 10.08 13.04 -62.76
C PRO D 374 10.96 13.26 -63.98
N ASN D 375 10.29 13.40 -65.13
CA ASN D 375 10.96 13.66 -66.39
C ASN D 375 11.01 15.16 -66.64
N ASP D 376 11.42 15.57 -67.84
CA ASP D 376 11.51 16.99 -68.15
C ASP D 376 10.13 17.60 -68.35
N ARG D 377 9.13 16.78 -68.67
CA ARG D 377 7.78 17.29 -68.89
C ARG D 377 7.18 17.83 -67.60
N LYS D 378 6.06 18.54 -67.74
CA LYS D 378 5.37 19.16 -66.63
C LYS D 378 4.03 18.48 -66.40
N ILE D 379 3.39 18.81 -65.29
CA ILE D 379 2.12 18.21 -64.92
C ILE D 379 1.01 19.25 -65.11
N ILE D 380 -0.14 18.78 -65.60
CA ILE D 380 -1.31 19.63 -65.84
C ILE D 380 -2.38 19.19 -64.85
N TRP D 381 -2.54 19.94 -63.77
CA TRP D 381 -3.51 19.64 -62.74
C TRP D 381 -4.93 19.95 -63.20
N PRO D 382 -5.94 19.33 -62.58
CA PRO D 382 -7.33 19.64 -62.95
C PRO D 382 -7.66 21.11 -62.84
N GLY D 383 -8.20 21.69 -63.90
CA GLY D 383 -8.53 23.10 -63.96
C GLY D 383 -7.64 23.93 -64.86
N GLY D 384 -6.40 23.50 -65.08
CA GLY D 384 -5.48 24.19 -65.96
C GLY D 384 -4.29 24.82 -65.26
N GLU D 385 -4.34 25.03 -63.95
CA GLU D 385 -3.23 25.63 -63.22
C GLU D 385 -2.06 24.65 -63.15
N THR D 386 -0.86 25.20 -62.94
CA THR D 386 0.38 24.42 -62.81
C THR D 386 1.05 24.83 -61.51
N GLU D 387 0.67 24.17 -60.42
CA GLU D 387 1.21 24.45 -59.09
C GLU D 387 0.75 23.34 -58.15
N LYS D 388 1.59 23.03 -57.17
CA LYS D 388 1.26 22.02 -56.16
C LYS D 388 0.10 22.49 -55.30
N PRO D 389 -1.04 21.81 -55.35
CA PRO D 389 -2.18 22.22 -54.54
C PRO D 389 -1.94 22.00 -53.06
N ARG D 390 -2.59 22.83 -52.24
CA ARG D 390 -2.45 22.71 -50.79
C ARG D 390 -3.10 21.42 -50.28
N GLY D 391 -4.19 20.99 -50.89
CA GLY D 391 -4.89 19.80 -50.46
C GLY D 391 -5.54 19.92 -49.10
N TYR D 392 -5.70 21.14 -48.60
CA TYR D 392 -6.30 21.35 -47.28
C TYR D 392 -6.87 22.76 -47.25
N GLN D 393 -8.20 22.86 -47.25
CA GLN D 393 -8.90 24.14 -47.20
C GLN D 393 -9.39 24.35 -45.77
N MET D 394 -8.83 25.36 -45.10
CA MET D 394 -9.15 25.63 -43.70
C MET D 394 -10.28 26.66 -43.62
N SER D 395 -11.46 26.23 -44.07
CA SER D 395 -12.65 27.05 -43.95
C SER D 395 -13.03 27.19 -42.48
N THR D 396 -13.57 28.35 -42.13
CA THR D 396 -13.89 28.67 -40.74
C THR D 396 -15.41 28.86 -40.61
N ARG D 397 -16.12 27.75 -40.41
CA ARG D 397 -17.54 27.75 -40.07
C ARG D 397 -17.78 26.58 -39.13
N LEU D 398 -17.69 26.85 -37.83
CA LEU D 398 -17.73 25.78 -36.84
C LEU D 398 -19.15 25.54 -36.34
N LYS D 399 -19.35 24.36 -35.75
CA LYS D 399 -20.60 23.98 -35.12
C LYS D 399 -20.37 23.74 -33.64
N ILE D 400 -21.37 24.08 -32.83
CA ILE D 400 -21.25 24.00 -31.38
C ILE D 400 -22.32 23.06 -30.83
N VAL D 401 -22.01 22.38 -29.72
CA VAL D 401 -22.96 21.55 -28.99
C VAL D 401 -23.00 22.03 -27.55
N THR D 402 -24.20 22.09 -26.99
CA THR D 402 -24.41 22.62 -25.65
C THR D 402 -25.55 21.84 -25.00
N ILE D 403 -25.46 21.71 -23.67
CA ILE D 403 -26.49 21.02 -22.91
C ILE D 403 -27.23 22.04 -22.04
N HIS D 404 -28.32 21.63 -21.43
CA HIS D 404 -29.18 22.53 -20.65
C HIS D 404 -28.77 22.47 -19.18
N GLN D 405 -28.17 23.56 -18.70
CA GLN D 405 -27.89 23.75 -17.28
C GLN D 405 -28.21 25.19 -16.93
N GLU D 406 -29.16 25.38 -16.01
CA GLU D 406 -29.65 26.72 -15.66
C GLU D 406 -28.55 27.67 -15.21
N PRO D 407 -27.65 27.31 -14.29
CA PRO D 407 -26.61 28.28 -13.87
C PRO D 407 -25.62 28.64 -14.97
N PHE D 408 -25.54 27.88 -16.05
CA PHE D 408 -24.61 28.16 -17.14
C PHE D 408 -25.32 28.51 -18.44
N VAL D 409 -26.24 27.67 -18.90
CA VAL D 409 -26.86 27.82 -20.21
C VAL D 409 -28.36 27.89 -20.01
N TYR D 410 -28.93 29.09 -20.09
CA TYR D 410 -30.38 29.24 -20.02
C TYR D 410 -31.01 28.91 -21.37
N VAL D 411 -32.16 28.26 -21.34
CA VAL D 411 -32.94 27.98 -22.54
C VAL D 411 -34.35 28.50 -22.32
N LYS D 412 -34.86 29.24 -23.30
CA LYS D 412 -36.19 29.82 -23.24
C LYS D 412 -36.78 29.83 -24.65
N PRO D 413 -38.09 29.59 -24.76
CA PRO D 413 -38.74 29.61 -26.07
C PRO D 413 -38.83 31.01 -26.66
N THR D 414 -38.65 31.08 -27.97
CA THR D 414 -38.74 32.35 -28.68
C THR D 414 -40.18 32.81 -28.77
N MET D 415 -40.36 34.10 -29.04
CA MET D 415 -41.68 34.67 -29.18
C MET D 415 -42.32 34.22 -30.49
N SER D 416 -43.55 34.70 -30.71
CA SER D 416 -44.28 34.34 -31.92
C SER D 416 -43.70 34.98 -33.18
N ASP D 417 -42.89 36.03 -33.03
CA ASP D 417 -42.31 36.68 -34.20
C ASP D 417 -41.26 35.81 -34.86
N GLY D 418 -40.44 35.13 -34.06
CA GLY D 418 -39.39 34.28 -34.59
C GLY D 418 -38.12 34.33 -33.76
N THR D 419 -38.02 35.33 -32.90
CA THR D 419 -36.90 35.50 -31.99
C THR D 419 -37.45 35.61 -30.56
N CYS D 420 -36.55 35.86 -29.60
CA CYS D 420 -36.94 36.01 -28.21
C CYS D 420 -36.72 37.45 -27.78
N LYS D 421 -37.64 37.96 -26.97
CA LYS D 421 -37.62 39.36 -26.58
C LYS D 421 -36.34 39.70 -25.84
N GLU D 422 -35.68 40.78 -26.27
CA GLU D 422 -34.46 41.23 -25.62
C GLU D 422 -34.79 41.88 -24.27
N GLU D 423 -33.74 42.05 -23.47
CA GLU D 423 -33.89 42.65 -22.14
C GLU D 423 -32.55 43.27 -21.77
N PHE D 424 -32.40 43.65 -20.50
CA PHE D 424 -31.18 44.25 -20.00
C PHE D 424 -30.88 43.69 -18.61
N THR D 425 -29.66 43.93 -18.14
CA THR D 425 -29.23 43.45 -16.84
C THR D 425 -29.67 44.42 -15.74
N VAL D 426 -29.17 44.20 -14.53
CA VAL D 426 -29.51 45.09 -13.42
C VAL D 426 -28.94 46.48 -13.65
N ASN D 427 -27.69 46.56 -14.13
CA ASN D 427 -27.09 47.86 -14.39
C ASN D 427 -27.64 48.49 -15.67
N GLY D 428 -28.11 47.66 -16.61
CA GLY D 428 -28.65 48.15 -17.86
C GLY D 428 -27.92 47.66 -19.10
N ASP D 429 -26.89 46.86 -18.95
CA ASP D 429 -26.16 46.36 -20.11
C ASP D 429 -27.03 45.35 -20.87
N PRO D 430 -26.97 45.37 -22.21
CA PRO D 430 -27.77 44.44 -23.01
C PRO D 430 -27.22 43.02 -22.93
N VAL D 431 -28.06 42.08 -22.49
CA VAL D 431 -27.66 40.69 -22.36
C VAL D 431 -27.58 40.10 -23.77
N LYS D 432 -26.37 39.75 -24.20
CA LYS D 432 -26.18 39.20 -25.54
C LYS D 432 -26.66 37.75 -25.60
N LYS D 433 -27.58 37.48 -26.50
CA LYS D 433 -28.13 36.15 -26.71
C LYS D 433 -27.78 35.64 -28.10
N VAL D 434 -28.13 34.38 -28.36
CA VAL D 434 -27.87 33.75 -29.64
C VAL D 434 -28.99 32.76 -29.92
N ILE D 435 -29.28 32.56 -31.20
CA ILE D 435 -30.33 31.63 -31.60
C ILE D 435 -29.90 30.20 -31.27
N CYS D 436 -30.86 29.37 -30.92
CA CYS D 436 -30.60 27.99 -30.51
C CYS D 436 -31.51 27.06 -31.30
N THR D 437 -30.91 26.13 -32.05
CA THR D 437 -31.64 25.19 -32.88
C THR D 437 -31.48 23.80 -32.26
N GLY D 438 -32.47 23.40 -31.47
CA GLY D 438 -32.44 22.11 -30.81
C GLY D 438 -33.75 21.35 -30.92
N PRO D 439 -33.95 20.41 -30.00
CA PRO D 439 -35.19 19.61 -30.02
C PRO D 439 -36.37 20.40 -29.49
N ASN D 440 -37.49 19.70 -29.36
CA ASN D 440 -38.74 20.30 -28.89
C ASN D 440 -38.65 20.56 -27.39
N ASP D 441 -39.78 20.99 -26.80
CA ASP D 441 -39.79 21.37 -25.39
C ASP D 441 -39.53 20.18 -24.48
N THR D 442 -40.32 19.11 -24.63
CA THR D 442 -40.23 17.98 -23.71
C THR D 442 -39.05 17.08 -24.06
N SER D 443 -39.06 16.50 -25.27
CA SER D 443 -38.04 15.53 -25.65
C SER D 443 -38.06 15.33 -27.16
N PRO D 444 -36.99 14.79 -27.75
CA PRO D 444 -37.01 14.47 -29.19
C PRO D 444 -37.81 13.21 -29.50
N GLY D 445 -38.42 12.61 -28.48
CA GLY D 445 -39.12 11.35 -28.65
C GLY D 445 -40.38 11.43 -29.49
N SER D 446 -41.44 12.02 -28.93
CA SER D 446 -42.69 12.17 -29.69
C SER D 446 -42.62 13.40 -30.60
N PRO D 447 -42.36 14.61 -30.09
CA PRO D 447 -42.29 15.76 -31.01
C PRO D 447 -40.91 15.92 -31.60
N ARG D 448 -40.55 15.00 -32.52
CA ARG D 448 -39.23 15.00 -33.15
C ARG D 448 -39.18 16.12 -34.18
N HIS D 449 -39.05 17.33 -33.68
CA HIS D 449 -39.00 18.53 -34.52
C HIS D 449 -37.89 19.45 -34.03
N THR D 450 -37.34 20.25 -34.95
CA THR D 450 -36.28 21.20 -34.62
C THR D 450 -36.89 22.60 -34.59
N VAL D 451 -37.30 23.01 -33.39
CA VAL D 451 -37.90 24.34 -33.19
C VAL D 451 -36.79 25.32 -32.84
N PRO D 452 -36.70 26.47 -33.53
CA PRO D 452 -35.63 27.43 -33.23
C PRO D 452 -35.88 28.20 -31.94
N GLN D 453 -35.05 27.94 -30.93
CA GLN D 453 -35.08 28.68 -29.67
C GLN D 453 -33.94 29.68 -29.63
N CYS D 454 -33.76 30.31 -28.47
CA CYS D 454 -32.66 31.23 -28.23
C CYS D 454 -32.03 30.93 -26.89
N CYS D 455 -30.70 30.91 -26.85
CA CYS D 455 -29.95 30.60 -25.64
C CYS D 455 -29.16 31.82 -25.19
N TYR D 456 -28.85 31.85 -23.90
CA TYR D 456 -28.03 32.91 -23.31
C TYR D 456 -27.50 32.43 -21.97
N GLY D 457 -26.32 32.90 -21.63
CA GLY D 457 -25.70 32.54 -20.36
C GLY D 457 -24.19 32.73 -20.42
N PHE D 458 -23.53 32.21 -19.39
CA PHE D 458 -22.08 32.34 -19.22
C PHE D 458 -21.32 31.81 -20.43
N CYS D 459 -21.53 30.53 -20.76
CA CYS D 459 -20.84 29.93 -21.89
C CYS D 459 -21.21 30.61 -23.21
N ILE D 460 -22.43 31.17 -23.30
CA ILE D 460 -22.83 31.86 -24.52
C ILE D 460 -21.96 33.08 -24.77
N ASP D 461 -21.85 33.97 -23.78
CA ASP D 461 -20.99 35.13 -23.93
C ASP D 461 -19.51 34.76 -24.00
N LEU D 462 -19.11 33.67 -23.36
CA LEU D 462 -17.73 33.20 -23.50
C LEU D 462 -17.43 32.81 -24.94
N LEU D 463 -18.33 32.05 -25.57
CA LEU D 463 -18.15 31.69 -26.97
C LEU D 463 -18.22 32.92 -27.86
N ILE D 464 -19.07 33.89 -27.50
CA ILE D 464 -19.13 35.14 -28.25
C ILE D 464 -17.78 35.83 -28.24
N LYS D 465 -17.18 35.98 -27.06
CA LYS D 465 -15.88 36.64 -26.96
C LYS D 465 -14.80 35.83 -27.68
N LEU D 466 -14.86 34.50 -27.60
CA LEU D 466 -13.87 33.66 -28.27
C LEU D 466 -13.96 33.81 -29.78
N ALA D 467 -15.18 33.83 -30.33
CA ALA D 467 -15.33 34.00 -31.77
C ALA D 467 -14.97 35.42 -32.20
N ARG D 468 -15.16 36.40 -31.30
CA ARG D 468 -14.77 37.77 -31.61
C ARG D 468 -13.24 37.90 -31.69
N THR D 469 -12.53 37.33 -30.72
CA THR D 469 -11.07 37.44 -30.73
C THR D 469 -10.45 36.52 -31.77
N MET D 470 -11.16 35.45 -32.15
CA MET D 470 -10.61 34.54 -33.16
C MET D 470 -11.12 34.88 -34.55
N GLN D 471 -12.14 35.73 -34.63
CA GLN D 471 -12.67 36.22 -35.91
C GLN D 471 -13.14 35.09 -36.82
N PHE D 472 -14.15 34.32 -36.37
CA PHE D 472 -14.77 33.33 -37.23
C PHE D 472 -16.29 33.33 -37.05
N THR D 473 -16.96 32.40 -37.70
CA THR D 473 -18.43 32.31 -37.65
C THR D 473 -18.79 30.94 -37.09
N TYR D 474 -20.04 30.80 -36.70
CA TYR D 474 -20.48 29.60 -35.98
C TYR D 474 -21.93 29.31 -36.31
N GLU D 475 -22.33 28.07 -36.03
CA GLU D 475 -23.72 27.66 -36.20
C GLU D 475 -24.01 26.61 -35.12
N VAL D 476 -24.56 27.05 -33.99
CA VAL D 476 -24.75 26.20 -32.82
C VAL D 476 -25.92 25.25 -33.04
N HIS D 477 -26.00 24.22 -32.21
CA HIS D 477 -27.09 23.25 -32.24
C HIS D 477 -27.04 22.45 -30.94
N LEU D 478 -28.22 22.09 -30.42
CA LEU D 478 -28.29 21.40 -29.14
C LEU D 478 -27.82 19.95 -29.24
N VAL D 479 -27.78 19.26 -28.12
CA VAL D 479 -27.36 17.86 -28.05
C VAL D 479 -28.47 16.98 -28.60
N ALA D 480 -28.10 15.80 -29.11
CA ALA D 480 -29.08 14.92 -29.74
C ALA D 480 -29.85 14.10 -28.71
N ASP D 481 -29.14 13.53 -27.73
CA ASP D 481 -29.76 12.63 -26.76
C ASP D 481 -29.94 13.22 -25.38
N GLY D 482 -29.13 14.18 -24.97
CA GLY D 482 -29.26 14.78 -23.66
C GLY D 482 -28.41 14.11 -22.60
N LYS D 483 -27.11 13.98 -22.87
CA LYS D 483 -26.19 13.36 -21.93
C LYS D 483 -24.79 13.89 -22.22
N PHE D 484 -23.96 13.95 -21.17
CA PHE D 484 -22.59 14.41 -21.34
C PHE D 484 -21.81 13.48 -22.25
N GLY D 485 -21.68 12.21 -21.86
CA GLY D 485 -20.98 11.25 -22.69
C GLY D 485 -20.42 10.12 -21.84
N THR D 486 -20.59 8.92 -22.37
CA THR D 486 -20.17 7.69 -21.69
C THR D 486 -19.95 6.57 -22.71
N GLN D 487 -19.28 5.51 -22.28
CA GLN D 487 -19.07 4.36 -23.14
C GLN D 487 -20.33 3.49 -23.18
N GLU D 488 -20.70 3.08 -24.40
CA GLU D 488 -21.91 2.28 -24.60
C GLU D 488 -21.45 0.88 -25.06
N ARG D 489 -21.29 -0.01 -24.09
CA ARG D 489 -20.80 -1.36 -24.36
C ARG D 489 -21.97 -2.31 -24.58
N VAL D 490 -22.31 -2.54 -25.84
CA VAL D 490 -23.31 -3.52 -26.22
C VAL D 490 -22.57 -4.70 -26.83
N GLN D 491 -23.16 -5.90 -26.73
CA GLN D 491 -22.57 -7.13 -27.27
C GLN D 491 -22.09 -6.84 -28.69
N ASN D 492 -22.99 -6.56 -29.63
CA ASN D 492 -22.73 -5.72 -30.82
C ASN D 492 -21.29 -5.84 -31.33
N SER D 493 -20.91 -7.07 -31.70
CA SER D 493 -19.53 -7.46 -31.99
C SER D 493 -18.84 -6.38 -32.81
N ASN D 494 -19.43 -5.89 -33.91
CA ASN D 494 -18.83 -4.82 -34.70
C ASN D 494 -19.47 -3.47 -34.37
N LYS D 495 -19.34 -3.06 -33.11
CA LYS D 495 -19.88 -1.79 -32.63
C LYS D 495 -19.28 -1.46 -31.27
N LYS D 496 -18.65 -0.28 -31.17
CA LYS D 496 -18.16 0.24 -29.90
C LYS D 496 -17.88 1.73 -30.08
N GLU D 497 -18.61 2.57 -29.34
CA GLU D 497 -18.47 4.01 -29.49
C GLU D 497 -19.05 4.71 -28.27
N TRP D 498 -19.00 6.04 -28.29
CA TRP D 498 -19.48 6.89 -27.21
C TRP D 498 -20.93 7.28 -27.50
N ASN D 499 -21.69 7.54 -26.44
CA ASN D 499 -23.03 8.06 -26.60
C ASN D 499 -23.12 9.49 -26.08
N GLY D 500 -24.28 10.12 -26.31
CA GLY D 500 -24.52 11.45 -25.78
C GLY D 500 -23.81 12.54 -26.57
N MET D 501 -23.44 13.60 -25.85
CA MET D 501 -22.72 14.71 -26.46
C MET D 501 -21.34 14.28 -26.91
N MET D 502 -20.64 13.49 -26.11
CA MET D 502 -19.35 12.96 -26.52
C MET D 502 -19.48 12.08 -27.75
N GLY D 503 -20.54 11.27 -27.82
CA GLY D 503 -20.75 10.45 -28.99
C GLY D 503 -21.06 11.26 -30.23
N GLU D 504 -21.85 12.32 -30.08
CA GLU D 504 -22.15 13.20 -31.21
C GLU D 504 -20.89 13.91 -31.68
N LEU D 505 -20.02 14.29 -30.75
CA LEU D 505 -18.75 14.92 -31.13
C LEU D 505 -17.87 13.94 -31.88
N LEU D 506 -17.72 12.72 -31.35
CA LEU D 506 -16.89 11.73 -32.02
C LEU D 506 -17.49 11.30 -33.36
N SER D 507 -18.82 11.33 -33.45
CA SER D 507 -19.47 10.97 -34.71
C SER D 507 -19.14 11.97 -35.82
N GLY D 508 -19.15 13.27 -35.49
CA GLY D 508 -18.87 14.29 -36.48
C GLY D 508 -19.95 15.35 -36.57
N GLN D 509 -20.77 15.46 -35.53
CA GLN D 509 -21.84 16.45 -35.54
C GLN D 509 -21.29 17.86 -35.42
N ALA D 510 -20.19 18.03 -34.72
CA ALA D 510 -19.60 19.36 -34.51
C ALA D 510 -18.10 19.19 -34.32
N ASP D 511 -17.43 20.31 -34.08
CA ASP D 511 -15.98 20.32 -33.88
C ASP D 511 -15.63 20.56 -32.42
N MET D 512 -16.17 21.62 -31.82
CA MET D 512 -15.83 21.98 -30.46
C MET D 512 -16.99 21.66 -29.52
N ILE D 513 -16.69 21.70 -28.21
CA ILE D 513 -17.68 21.48 -27.17
C ILE D 513 -17.63 22.68 -26.23
N VAL D 514 -18.65 23.54 -26.30
CA VAL D 514 -18.79 24.68 -25.40
C VAL D 514 -19.92 24.35 -24.44
N ALA D 515 -19.56 23.77 -23.30
CA ALA D 515 -20.52 23.29 -22.32
C ALA D 515 -19.80 22.99 -21.00
N PRO D 516 -20.49 22.97 -19.86
CA PRO D 516 -19.82 22.63 -18.61
C PRO D 516 -19.47 21.16 -18.53
N LEU D 517 -18.44 20.75 -19.27
CA LEU D 517 -18.00 19.36 -19.31
C LEU D 517 -16.85 19.14 -18.33
N THR D 518 -16.87 18.00 -17.66
CA THR D 518 -15.84 17.67 -16.68
C THR D 518 -14.62 17.09 -17.40
N ILE D 519 -13.54 16.90 -16.63
CA ILE D 519 -12.29 16.37 -17.15
C ILE D 519 -11.96 15.10 -16.38
N ASN D 520 -11.77 14.00 -17.09
CA ASN D 520 -11.44 12.71 -16.49
C ASN D 520 -10.37 12.03 -17.33
N ASN D 521 -9.98 10.82 -16.89
CA ASN D 521 -8.94 10.08 -17.59
C ASN D 521 -9.46 9.55 -18.92
N GLU D 522 -10.60 8.86 -18.90
CA GLU D 522 -11.14 8.27 -20.12
C GLU D 522 -11.57 9.35 -21.10
N ARG D 523 -12.02 10.50 -20.60
CA ARG D 523 -12.44 11.58 -21.49
C ARG D 523 -11.26 12.17 -22.24
N ALA D 524 -10.18 12.51 -21.51
CA ALA D 524 -9.02 13.13 -22.16
C ALA D 524 -8.17 12.10 -22.88
N GLN D 525 -8.42 10.80 -22.64
CA GLN D 525 -7.63 9.77 -23.29
C GLN D 525 -7.83 9.77 -24.81
N TYR D 526 -9.06 10.06 -25.25
CA TYR D 526 -9.37 10.03 -26.68
C TYR D 526 -9.31 11.42 -27.32
N ILE D 527 -9.93 12.41 -26.68
CA ILE D 527 -10.03 13.74 -27.25
C ILE D 527 -9.07 14.68 -26.55
N GLU D 528 -8.91 15.88 -27.10
CA GLU D 528 -8.05 16.92 -26.55
C GLU D 528 -8.86 17.88 -25.70
N PHE D 529 -8.26 18.32 -24.60
CA PHE D 529 -8.88 19.27 -23.67
C PHE D 529 -8.06 20.55 -23.65
N SER D 530 -8.57 21.55 -22.93
CA SER D 530 -7.94 22.84 -22.78
C SER D 530 -7.71 23.14 -21.31
N LYS D 531 -7.13 24.30 -21.02
CA LYS D 531 -6.90 24.71 -19.65
C LYS D 531 -8.23 24.97 -18.94
N PRO D 532 -8.29 24.68 -17.64
CA PRO D 532 -9.55 24.87 -16.91
C PRO D 532 -9.93 26.33 -16.80
N PHE D 533 -11.21 26.60 -17.05
CA PHE D 533 -11.77 27.95 -16.94
C PHE D 533 -12.69 28.06 -15.73
N LYS D 534 -12.66 27.06 -14.85
CA LYS D 534 -13.50 27.00 -13.66
C LYS D 534 -12.96 25.89 -12.78
N TYR D 535 -13.25 25.99 -11.48
CA TYR D 535 -12.82 24.99 -10.49
C TYR D 535 -14.01 24.70 -9.59
N GLN D 536 -14.63 23.54 -9.78
CA GLN D 536 -15.83 23.15 -9.04
C GLN D 536 -15.61 21.77 -8.43
N GLY D 537 -15.73 21.68 -7.11
CA GLY D 537 -15.62 20.42 -6.39
C GLY D 537 -16.98 19.99 -5.88
N LEU D 538 -17.21 18.68 -5.86
CA LEU D 538 -18.50 18.14 -5.44
C LEU D 538 -18.78 18.53 -3.99
N THR D 539 -20.08 18.56 -3.66
CA THR D 539 -20.53 18.96 -2.33
C THR D 539 -21.91 18.40 -2.04
N ILE D 540 -22.39 18.60 -0.82
CA ILE D 540 -23.67 18.06 -0.40
C ILE D 540 -24.67 19.21 -0.25
N LEU D 541 -25.96 18.88 -0.20
CA LEU D 541 -27.01 19.88 -0.05
C LEU D 541 -28.09 19.32 0.86
N VAL D 542 -28.40 20.06 1.93
CA VAL D 542 -29.46 19.68 2.85
C VAL D 542 -30.41 20.86 3.02
N LYS D 543 -31.63 20.55 3.45
CA LYS D 543 -32.63 21.59 3.65
C LYS D 543 -32.40 22.31 4.97
N LYS D 544 -32.82 23.57 5.03
CA LYS D 544 -32.69 24.40 6.23
C LYS D 544 -34.05 24.56 6.88
N GLU D 545 -34.08 24.40 8.20
CA GLU D 545 -35.28 24.62 9.00
C GLU D 545 -34.97 25.63 10.09
N ILE D 546 -35.82 26.65 10.19
CA ILE D 546 -35.61 27.69 11.22
C ILE D 546 -35.89 27.10 12.59
N PRO D 547 -35.02 27.30 13.57
CA PRO D 547 -35.24 26.75 14.91
C PRO D 547 -36.42 27.42 15.62
N ARG D 548 -36.89 26.75 16.67
CA ARG D 548 -38.01 27.26 17.46
C ARG D 548 -37.96 26.62 18.84
N SER D 549 -38.67 27.23 19.79
CA SER D 549 -38.73 26.71 21.14
C SER D 549 -39.41 25.34 21.17
N THR D 550 -38.91 24.46 22.05
CA THR D 550 -39.44 23.11 22.18
C THR D 550 -39.57 22.71 23.64
N LEU D 551 -40.21 23.55 24.46
CA LEU D 551 -40.36 23.30 25.87
C LEU D 551 -41.81 23.57 26.29
N ASP D 552 -42.10 23.28 27.56
CA ASP D 552 -43.42 23.50 28.13
C ASP D 552 -43.38 24.68 29.08
N SER D 553 -44.52 25.34 29.26
CA SER D 553 -44.59 26.57 30.03
C SER D 553 -44.28 26.37 31.51
N PHE D 554 -45.15 25.66 32.23
CA PHE D 554 -45.02 25.59 33.68
C PHE D 554 -44.23 24.37 34.14
N MET D 555 -44.65 23.18 33.71
CA MET D 555 -44.15 21.94 34.31
C MET D 555 -42.96 21.35 33.56
N GLN D 556 -42.17 22.17 32.88
CA GLN D 556 -40.97 21.64 32.25
C GLN D 556 -39.78 21.57 33.19
N PRO D 557 -39.40 22.61 33.93
CA PRO D 557 -38.26 22.48 34.85
C PRO D 557 -38.61 21.91 36.21
N PHE D 558 -39.90 21.88 36.58
CA PHE D 558 -40.34 21.42 37.89
C PHE D 558 -41.39 20.33 37.72
N GLN D 559 -41.40 19.37 38.65
CA GLN D 559 -42.41 18.33 38.64
C GLN D 559 -43.67 18.79 39.37
N SER D 560 -44.83 18.32 38.89
CA SER D 560 -46.10 18.69 39.51
C SER D 560 -46.16 18.20 40.95
N THR D 561 -45.59 17.02 41.23
CA THR D 561 -45.53 16.55 42.60
C THR D 561 -44.67 17.46 43.46
N LEU D 562 -43.63 18.06 42.87
CA LEU D 562 -42.82 19.02 43.59
C LEU D 562 -43.60 20.30 43.86
N TRP D 563 -44.41 20.74 42.90
CA TRP D 563 -45.30 21.88 43.14
C TRP D 563 -46.25 21.60 44.30
N LEU D 564 -46.85 20.41 44.31
CA LEU D 564 -47.77 20.04 45.38
C LEU D 564 -47.05 19.98 46.73
N LEU D 565 -45.81 19.49 46.72
CA LEU D 565 -45.02 19.44 47.95
C LEU D 565 -44.73 20.84 48.47
N VAL D 566 -44.36 21.76 47.58
CA VAL D 566 -44.09 23.13 48.01
C VAL D 566 -45.37 23.80 48.54
N GLY D 567 -46.50 23.51 47.89
CA GLY D 567 -47.76 24.06 48.37
C GLY D 567 -48.13 23.56 49.75
N LEU D 568 -48.02 22.24 49.97
CA LEU D 568 -48.28 21.70 51.29
C LEU D 568 -47.28 22.24 52.31
N SER D 569 -46.04 22.45 51.90
CA SER D 569 -45.02 22.99 52.81
C SER D 569 -45.37 24.40 53.26
N VAL D 570 -45.75 25.27 52.32
CA VAL D 570 -46.08 26.64 52.71
C VAL D 570 -47.37 26.67 53.52
N HIS D 571 -48.32 25.78 53.20
CA HIS D 571 -49.55 25.70 53.98
C HIS D 571 -49.27 25.29 55.42
N VAL D 572 -48.31 24.36 55.61
CA VAL D 572 -47.96 23.94 56.97
C VAL D 572 -47.17 25.03 57.68
N VAL D 573 -46.28 25.71 56.95
CA VAL D 573 -45.46 26.76 57.54
C VAL D 573 -46.32 27.93 58.00
N ALA D 574 -47.41 28.22 57.29
CA ALA D 574 -48.33 29.27 57.74
C ALA D 574 -48.89 28.96 59.13
N VAL D 575 -49.41 27.75 59.31
CA VAL D 575 -49.99 27.37 60.60
C VAL D 575 -48.91 27.30 61.67
N MET D 576 -47.70 26.86 61.29
CA MET D 576 -46.61 26.80 62.25
C MET D 576 -46.17 28.19 62.71
N LEU D 577 -46.20 29.18 61.82
CA LEU D 577 -45.90 30.55 62.22
C LEU D 577 -47.03 31.12 63.07
N TYR D 578 -48.27 30.75 62.75
CA TYR D 578 -49.40 31.24 63.54
C TYR D 578 -49.35 30.71 64.98
N LEU D 579 -49.09 29.41 65.13
CA LEU D 579 -49.17 28.80 66.46
C LEU D 579 -48.09 29.32 67.40
N LEU D 580 -46.93 29.71 66.85
CA LEU D 580 -45.79 30.12 67.66
C LEU D 580 -46.09 31.39 68.45
N ASP D 581 -47.10 32.14 68.05
CA ASP D 581 -47.51 33.35 68.76
C ASP D 581 -48.75 33.12 69.61
N ARG D 582 -49.63 32.23 69.18
CA ARG D 582 -50.86 31.94 69.92
C ARG D 582 -50.59 30.96 71.05
N PHE D 583 -49.37 30.41 71.11
CA PHE D 583 -49.04 29.49 72.20
C PHE D 583 -47.76 29.87 72.93
N SER D 584 -47.39 31.14 72.96
CA SER D 584 -46.18 31.59 73.63
C SER D 584 -46.54 32.78 74.51
N PRO D 585 -45.86 32.92 75.65
CA PRO D 585 -46.12 34.07 76.51
C PRO D 585 -45.61 35.37 75.90
N PHE D 586 -45.80 36.46 76.65
CA PHE D 586 -45.39 37.79 76.23
C PHE D 586 -45.99 38.18 74.88
N LEU D 601 -51.53 35.04 66.09
CA LEU D 601 -50.80 35.98 65.25
C LEU D 601 -51.63 36.37 64.03
N THR D 602 -52.94 36.48 64.25
CA THR D 602 -53.87 36.84 63.17
C THR D 602 -53.73 35.85 62.02
N LEU D 603 -54.11 34.59 62.27
CA LEU D 603 -53.88 33.49 61.33
C LEU D 603 -54.10 33.91 59.88
N SER D 604 -55.09 34.76 59.63
CA SER D 604 -55.29 35.29 58.29
C SER D 604 -54.07 36.08 57.82
N SER D 605 -53.60 37.02 58.65
CA SER D 605 -52.42 37.81 58.28
C SER D 605 -51.16 36.95 58.24
N ALA D 606 -51.10 35.91 59.08
CA ALA D 606 -49.95 35.02 59.06
C ALA D 606 -49.88 34.23 57.76
N MET D 607 -51.02 33.71 57.30
CA MET D 607 -51.06 33.02 56.02
C MET D 607 -50.78 33.98 54.87
N TRP D 608 -51.27 35.22 54.97
CA TRP D 608 -50.97 36.22 53.95
C TRP D 608 -49.47 36.49 53.87
N PHE D 609 -48.81 36.62 55.03
CA PHE D 609 -47.37 36.82 55.04
C PHE D 609 -46.63 35.61 54.47
N SER D 610 -47.07 34.40 54.84
CA SER D 610 -46.42 33.19 54.35
C SER D 610 -46.55 33.06 52.84
N TRP D 611 -47.69 33.51 52.28
CA TRP D 611 -47.86 33.44 50.84
C TRP D 611 -47.12 34.58 50.14
N GLY D 612 -47.05 35.76 50.76
CA GLY D 612 -46.37 36.89 50.15
C GLY D 612 -44.86 36.76 50.15
N VAL D 613 -44.29 36.04 51.12
CA VAL D 613 -42.85 35.85 51.13
C VAL D 613 -42.40 34.93 49.98
N LEU D 614 -43.18 33.90 49.67
CA LEU D 614 -42.79 32.98 48.60
C LEU D 614 -43.02 33.58 47.22
N LEU D 615 -44.19 34.15 46.98
CA LEU D 615 -44.52 34.68 45.66
C LEU D 615 -43.93 36.07 45.41
N ASN D 616 -43.20 36.63 46.36
CA ASN D 616 -42.52 37.92 46.25
C ASN D 616 -43.48 39.08 46.06
N SER D 617 -44.79 38.85 46.20
CA SER D 617 -45.75 39.93 46.03
C SER D 617 -45.68 40.89 47.22
N GLY D 618 -45.87 42.17 46.92
CA GLY D 618 -45.85 43.20 47.94
C GLY D 618 -47.22 43.48 48.53
N ILE D 619 -47.92 42.42 48.93
CA ILE D 619 -49.26 42.52 49.50
C ILE D 619 -49.22 42.08 50.95
N GLY D 620 -50.10 42.66 51.76
CA GLY D 620 -50.16 42.34 53.18
C GLY D 620 -49.18 43.13 54.02
N GLU D 621 -49.60 43.54 55.21
CA GLU D 621 -48.78 44.29 56.15
C GLU D 621 -48.79 43.55 57.48
N GLY D 622 -47.86 42.62 57.64
CA GLY D 622 -47.76 41.85 58.87
C GLY D 622 -46.37 41.31 59.06
N ALA D 623 -45.90 41.34 60.30
CA ALA D 623 -44.58 40.87 60.67
C ALA D 623 -44.65 40.10 61.97
N PRO D 624 -43.90 39.02 62.11
CA PRO D 624 -43.92 38.25 63.36
C PRO D 624 -43.26 39.04 64.49
N ARG D 625 -43.94 39.07 65.64
CA ARG D 625 -43.46 39.79 66.81
C ARG D 625 -42.67 38.91 67.77
N SER D 626 -42.65 37.60 67.56
CA SER D 626 -41.93 36.70 68.44
C SER D 626 -40.50 36.52 67.92
N PHE D 627 -39.75 35.61 68.56
CA PHE D 627 -38.38 35.32 68.16
C PHE D 627 -38.31 34.03 67.35
N SER D 628 -38.94 32.96 67.85
CA SER D 628 -39.01 31.71 67.08
C SER D 628 -39.74 31.91 65.77
N ALA D 629 -40.86 32.64 65.80
CA ALA D 629 -41.57 32.95 64.56
C ALA D 629 -40.71 33.77 63.63
N ARG D 630 -39.90 34.67 64.19
CA ARG D 630 -39.05 35.52 63.37
C ARG D 630 -37.95 34.71 62.67
N ILE D 631 -37.29 33.82 63.41
CA ILE D 631 -36.25 33.02 62.79
C ILE D 631 -36.86 32.02 61.80
N LEU D 632 -38.07 31.52 62.07
CA LEU D 632 -38.73 30.64 61.11
C LEU D 632 -39.10 31.39 59.84
N GLY D 633 -39.52 32.65 59.97
CA GLY D 633 -39.79 33.46 58.79
C GLY D 633 -38.54 33.76 58.00
N MET D 634 -37.43 34.02 58.68
CA MET D 634 -36.16 34.21 57.99
C MET D 634 -35.75 32.96 57.23
N VAL D 635 -35.86 31.79 57.86
CA VAL D 635 -35.57 30.53 57.16
C VAL D 635 -36.51 30.29 55.98
N TRP D 636 -37.79 30.62 56.11
CA TRP D 636 -38.72 30.45 54.99
C TRP D 636 -38.37 31.41 53.85
N ALA D 637 -37.96 32.64 54.18
CA ALA D 637 -37.53 33.56 53.13
C ALA D 637 -36.30 33.05 52.41
N GLY D 638 -35.33 32.51 53.16
CA GLY D 638 -34.17 31.91 52.53
C GLY D 638 -34.54 30.71 51.66
N PHE D 639 -35.49 29.91 52.12
CA PHE D 639 -35.95 28.76 51.35
C PHE D 639 -36.60 29.20 50.04
N ALA D 640 -37.46 30.21 50.10
CA ALA D 640 -38.07 30.74 48.89
C ALA D 640 -37.02 31.29 47.94
N MET D 641 -36.01 31.98 48.48
CA MET D 641 -34.95 32.53 47.64
C MET D 641 -34.17 31.42 46.94
N ILE D 642 -33.79 30.37 47.67
CA ILE D 642 -33.01 29.30 47.05
C ILE D 642 -33.87 28.50 46.07
N ILE D 643 -35.18 28.40 46.33
CA ILE D 643 -36.07 27.72 45.40
C ILE D 643 -36.15 28.51 44.09
N VAL D 644 -36.33 29.83 44.19
CA VAL D 644 -36.37 30.65 42.98
C VAL D 644 -35.05 30.60 42.24
N ALA D 645 -33.93 30.59 42.97
CA ALA D 645 -32.63 30.51 42.34
C ALA D 645 -32.44 29.20 41.59
N SER D 646 -32.82 28.09 42.22
CA SER D 646 -32.70 26.79 41.56
C SER D 646 -33.63 26.71 40.34
N TYR D 647 -34.83 27.26 40.46
CA TYR D 647 -35.75 27.29 39.32
C TYR D 647 -35.14 28.04 38.15
N THR D 648 -34.61 29.24 38.41
CA THR D 648 -34.01 30.04 37.35
C THR D 648 -32.79 29.34 36.75
N ALA D 649 -31.97 28.71 37.59
CA ALA D 649 -30.79 28.01 37.10
C ALA D 649 -31.18 26.85 36.20
N ASN D 650 -32.14 26.03 36.63
CA ASN D 650 -32.57 24.90 35.82
C ASN D 650 -33.21 25.37 34.51
N LEU D 651 -34.02 26.42 34.57
CA LEU D 651 -34.63 26.95 33.35
C LEU D 651 -33.58 27.45 32.37
N ALA D 652 -32.58 28.18 32.87
CA ALA D 652 -31.52 28.67 31.99
C ALA D 652 -30.71 27.52 31.41
N ALA D 653 -30.42 26.50 32.22
CA ALA D 653 -29.67 25.35 31.72
C ALA D 653 -30.44 24.62 30.63
N PHE D 654 -31.73 24.36 30.86
CA PHE D 654 -32.55 23.68 29.87
C PHE D 654 -32.81 24.51 28.62
N LEU D 655 -32.81 25.84 28.74
CA LEU D 655 -33.01 26.71 27.59
C LEU D 655 -31.73 26.98 26.81
N VAL D 656 -30.57 26.78 27.43
CA VAL D 656 -29.29 26.94 26.74
C VAL D 656 -28.74 25.62 26.22
N LEU D 657 -29.23 24.48 26.72
CA LEU D 657 -28.79 23.18 26.26
C LEU D 657 -29.85 22.50 25.38
N ASP D 658 -30.66 23.27 24.67
CA ASP D 658 -31.72 22.72 23.81
C ASP D 658 -31.68 23.39 22.44
N ARG D 659 -30.47 23.48 21.88
CA ARG D 659 -30.25 24.06 20.55
C ARG D 659 -29.58 23.02 19.67
N PRO D 660 -30.34 22.05 19.15
CA PRO D 660 -29.74 20.99 18.33
C PRO D 660 -29.58 21.39 16.88
N GLU D 661 -28.50 20.92 16.25
CA GLU D 661 -28.24 21.20 14.83
C GLU D 661 -27.32 20.09 14.31
N GLU D 662 -27.86 19.22 13.46
CA GLU D 662 -27.07 18.12 12.93
C GLU D 662 -25.89 18.63 12.11
N ARG D 663 -26.18 19.28 10.98
CA ARG D 663 -25.16 19.86 10.10
C ARG D 663 -24.05 18.85 9.80
N ILE D 664 -24.44 17.80 9.07
CA ILE D 664 -23.51 16.74 8.69
C ILE D 664 -22.26 17.36 8.08
N THR D 665 -21.09 16.90 8.55
CA THR D 665 -19.83 17.52 8.15
C THR D 665 -19.55 17.34 6.67
N GLY D 666 -19.61 16.11 6.18
CA GLY D 666 -19.34 15.85 4.78
C GLY D 666 -19.41 14.39 4.38
N ILE D 667 -18.49 13.98 3.51
CA ILE D 667 -18.51 12.61 3.00
C ILE D 667 -18.08 11.63 4.08
N ASN D 668 -17.15 12.04 4.94
CA ASN D 668 -16.63 11.17 6.01
C ASN D 668 -17.46 11.26 7.28
N ASP D 669 -18.71 11.72 7.18
CA ASP D 669 -19.57 11.78 8.36
C ASP D 669 -20.04 10.37 8.72
N PRO D 670 -20.10 10.02 10.00
CA PRO D 670 -20.53 8.66 10.36
C PRO D 670 -21.93 8.31 9.88
N ARG D 671 -22.86 9.27 9.93
CA ARG D 671 -24.21 9.03 9.44
C ARG D 671 -24.20 8.74 7.95
N LEU D 672 -23.32 9.40 7.20
CA LEU D 672 -23.25 9.25 5.76
C LEU D 672 -22.26 8.19 5.30
N ARG D 673 -21.30 7.82 6.15
CA ARG D 673 -20.33 6.80 5.76
C ARG D 673 -20.96 5.42 5.70
N ASN D 674 -21.88 5.13 6.62
CA ASN D 674 -22.55 3.84 6.67
C ASN D 674 -24.02 4.00 6.27
N PRO D 675 -24.55 3.10 5.44
CA PRO D 675 -25.95 3.21 5.04
C PRO D 675 -26.90 2.92 6.20
N SER D 676 -28.01 3.66 6.21
CA SER D 676 -29.01 3.50 7.27
C SER D 676 -30.37 3.90 6.72
N ASP D 677 -31.41 3.40 7.36
CA ASP D 677 -32.78 3.69 6.96
C ASP D 677 -33.29 5.02 7.49
N LYS D 678 -32.58 5.65 8.42
CA LYS D 678 -32.98 6.92 9.00
C LYS D 678 -32.34 8.12 8.29
N PHE D 679 -31.60 7.88 7.21
CA PHE D 679 -30.97 8.96 6.46
C PHE D 679 -30.92 8.56 5.00
N ILE D 680 -31.58 9.34 4.14
CA ILE D 680 -31.67 9.05 2.72
C ILE D 680 -30.96 10.14 1.94
N TYR D 681 -30.36 9.73 0.82
CA TYR D 681 -29.66 10.66 -0.07
C TYR D 681 -29.64 10.07 -1.46
N ALA D 682 -29.58 10.95 -2.47
CA ALA D 682 -29.67 10.53 -3.86
C ALA D 682 -28.72 11.37 -4.70
N THR D 683 -28.68 11.07 -5.99
CA THR D 683 -27.86 11.80 -6.95
C THR D 683 -28.56 11.75 -8.31
N VAL D 684 -27.82 12.10 -9.35
CA VAL D 684 -28.35 12.12 -10.72
C VAL D 684 -27.82 10.87 -11.43
N LYS D 685 -28.74 10.02 -11.88
CA LYS D 685 -28.35 8.80 -12.57
C LYS D 685 -27.74 9.13 -13.94
N GLN D 686 -26.87 8.23 -14.41
CA GLN D 686 -26.18 8.37 -15.69
C GLN D 686 -25.43 9.70 -15.77
N SER D 687 -24.49 9.88 -14.83
CA SER D 687 -23.70 11.10 -14.77
C SER D 687 -22.32 10.77 -14.25
N SER D 688 -21.50 11.82 -14.09
CA SER D 688 -20.14 11.64 -13.62
C SER D 688 -20.10 11.15 -12.17
N VAL D 689 -21.11 11.49 -11.38
CA VAL D 689 -21.16 11.04 -9.99
C VAL D 689 -21.30 9.54 -9.92
N ASP D 690 -22.10 8.96 -10.82
CA ASP D 690 -22.26 7.51 -10.85
C ASP D 690 -20.94 6.82 -11.19
N ILE D 691 -20.18 7.38 -12.14
CA ILE D 691 -18.89 6.79 -12.49
C ILE D 691 -17.91 6.93 -11.33
N TYR D 692 -17.92 8.09 -10.67
CA TYR D 692 -17.02 8.30 -9.54
C TYR D 692 -17.34 7.37 -8.38
N PHE D 693 -18.62 7.03 -8.18
CA PHE D 693 -18.98 6.13 -7.11
C PHE D 693 -18.73 4.66 -7.50
N ARG D 694 -18.90 4.35 -8.79
CA ARG D 694 -18.64 2.98 -9.24
C ARG D 694 -17.15 2.66 -9.32
N ARG D 695 -16.30 3.67 -9.50
CA ARG D 695 -14.87 3.45 -9.59
C ARG D 695 -14.21 3.33 -8.21
N GLN D 696 -14.85 3.84 -7.17
CA GLN D 696 -14.30 3.75 -5.81
C GLN D 696 -14.78 2.46 -5.16
N VAL D 697 -13.84 1.78 -4.49
CA VAL D 697 -14.13 0.52 -3.80
C VAL D 697 -14.47 0.77 -2.34
N GLU D 698 -13.95 1.86 -1.76
CA GLU D 698 -14.24 2.16 -0.36
C GLU D 698 -15.69 2.54 -0.14
N LEU D 699 -16.36 3.09 -1.15
CA LEU D 699 -17.75 3.50 -1.04
C LEU D 699 -18.71 2.56 -1.75
N SER D 700 -18.40 1.27 -1.82
CA SER D 700 -19.27 0.32 -2.51
C SER D 700 -20.62 0.19 -1.81
N THR D 701 -20.62 0.18 -0.47
CA THR D 701 -21.88 0.10 0.28
C THR D 701 -22.73 1.34 0.04
N MET D 702 -22.11 2.53 0.07
CA MET D 702 -22.86 3.75 -0.17
C MET D 702 -23.41 3.78 -1.60
N TYR D 703 -22.64 3.28 -2.57
CA TYR D 703 -23.11 3.23 -3.94
C TYR D 703 -24.29 2.27 -4.08
N ARG D 704 -24.19 1.09 -3.46
CA ARG D 704 -25.29 0.12 -3.52
C ARG D 704 -26.53 0.67 -2.85
N HIS D 705 -26.36 1.46 -1.79
CA HIS D 705 -27.50 2.06 -1.11
C HIS D 705 -28.13 3.16 -1.95
N MET D 706 -27.30 4.00 -2.58
CA MET D 706 -27.83 5.13 -3.34
C MET D 706 -28.37 4.70 -4.69
N GLU D 707 -28.01 3.50 -5.16
CA GLU D 707 -28.45 3.04 -6.46
C GLU D 707 -29.98 2.93 -6.53
N LYS D 708 -30.62 2.62 -5.41
CA LYS D 708 -32.07 2.45 -5.37
C LYS D 708 -32.81 3.77 -5.12
N HIS D 709 -32.15 4.92 -5.28
CA HIS D 709 -32.78 6.20 -5.04
C HIS D 709 -32.47 7.25 -6.08
N ASN D 710 -31.80 6.90 -7.19
CA ASN D 710 -31.38 7.86 -8.19
C ASN D 710 -32.56 8.60 -8.78
N TYR D 711 -32.37 9.88 -9.08
CA TYR D 711 -33.40 10.74 -9.65
C TYR D 711 -33.15 10.95 -11.13
N GLU D 712 -34.14 11.55 -11.81
CA GLU D 712 -34.02 11.80 -13.24
C GLU D 712 -33.05 12.94 -13.53
N SER D 713 -33.25 14.08 -12.90
CA SER D 713 -32.42 15.25 -13.16
C SER D 713 -32.43 16.14 -11.93
N ALA D 714 -31.67 17.25 -12.01
CA ALA D 714 -31.57 18.16 -10.88
C ALA D 714 -32.86 18.94 -10.68
N ALA D 715 -33.61 19.18 -11.76
CA ALA D 715 -34.84 19.96 -11.66
C ALA D 715 -35.85 19.31 -10.73
N GLU D 716 -35.97 17.98 -10.78
CA GLU D 716 -36.89 17.29 -9.88
C GLU D 716 -36.27 17.07 -8.50
N ALA D 717 -34.95 16.84 -8.47
CA ALA D 717 -34.29 16.55 -7.20
C ALA D 717 -34.31 17.74 -6.27
N ILE D 718 -34.01 18.93 -6.79
CA ILE D 718 -34.00 20.14 -5.96
C ILE D 718 -35.41 20.42 -5.45
N GLN D 719 -36.42 20.18 -6.27
CA GLN D 719 -37.80 20.39 -5.86
C GLN D 719 -38.22 19.39 -4.79
N ALA D 720 -37.73 18.15 -4.89
CA ALA D 720 -38.11 17.13 -3.92
C ALA D 720 -37.36 17.30 -2.61
N VAL D 721 -36.17 17.91 -2.65
CA VAL D 721 -35.41 18.14 -1.42
C VAL D 721 -36.17 19.08 -0.49
N ARG D 722 -36.69 20.18 -1.04
CA ARG D 722 -37.40 21.14 -0.21
C ARG D 722 -38.73 20.58 0.28
N ASP D 723 -39.23 19.52 -0.36
CA ASP D 723 -40.50 18.91 0.03
C ASP D 723 -40.31 17.93 1.18
N ASN D 724 -39.13 17.93 1.79
CA ASN D 724 -38.79 17.06 2.91
C ASN D 724 -38.88 15.58 2.53
N LYS D 725 -38.89 15.29 1.23
CA LYS D 725 -38.90 13.90 0.78
C LYS D 725 -37.53 13.26 0.89
N LEU D 726 -36.48 14.05 0.75
CA LEU D 726 -35.10 13.58 0.85
C LEU D 726 -34.40 14.29 2.00
N HIS D 727 -33.15 13.89 2.25
CA HIS D 727 -32.37 14.47 3.34
C HIS D 727 -30.99 14.97 2.92
N ALA D 728 -30.49 14.59 1.75
CA ALA D 728 -29.19 15.05 1.28
C ALA D 728 -29.12 14.86 -0.23
N PHE D 729 -28.41 15.77 -0.89
CA PHE D 729 -28.26 15.75 -2.34
C PHE D 729 -26.87 16.23 -2.71
N ILE D 730 -26.30 15.61 -3.73
CA ILE D 730 -24.91 15.86 -4.14
C ILE D 730 -24.91 16.29 -5.59
N TRP D 731 -24.16 17.36 -5.89
CA TRP D 731 -23.95 17.80 -7.26
C TRP D 731 -22.63 18.57 -7.32
N ASP D 732 -22.43 19.30 -8.41
CA ASP D 732 -21.24 20.09 -8.59
C ASP D 732 -21.25 21.30 -7.66
N SER D 733 -20.18 22.09 -7.73
CA SER D 733 -20.05 23.27 -6.87
C SER D 733 -20.82 24.45 -7.44
N ALA D 734 -20.65 24.71 -8.74
CA ALA D 734 -21.23 25.91 -9.35
C ALA D 734 -22.75 25.85 -9.35
N VAL D 735 -23.31 24.73 -9.80
CA VAL D 735 -24.77 24.61 -9.91
C VAL D 735 -25.40 24.69 -8.52
N LEU D 736 -24.82 23.97 -7.55
CA LEU D 736 -25.37 23.98 -6.20
C LEU D 736 -25.26 25.36 -5.57
N GLU D 737 -24.11 26.04 -5.74
CA GLU D 737 -23.94 27.37 -5.18
C GLU D 737 -24.92 28.35 -5.79
N PHE D 738 -25.14 28.26 -7.10
CA PHE D 738 -26.10 29.16 -7.74
C PHE D 738 -27.53 28.87 -7.31
N GLU D 739 -27.88 27.59 -7.15
CA GLU D 739 -29.22 27.26 -6.69
C GLU D 739 -29.44 27.72 -5.25
N ALA D 740 -28.38 27.69 -4.42
CA ALA D 740 -28.50 28.15 -3.05
C ALA D 740 -28.58 29.68 -2.99
N SER D 741 -27.86 30.36 -3.88
CA SER D 741 -27.82 31.82 -3.83
C SER D 741 -29.08 32.43 -4.42
N GLN D 742 -29.55 31.91 -5.55
CA GLN D 742 -30.72 32.44 -6.23
C GLN D 742 -32.03 31.99 -5.58
N LYS D 743 -31.96 31.18 -4.53
CA LYS D 743 -33.15 30.74 -3.80
C LYS D 743 -32.73 30.56 -2.34
N CYS D 744 -33.02 31.56 -1.51
CA CYS D 744 -32.58 31.55 -0.12
C CYS D 744 -33.52 30.70 0.75
N ASP D 745 -33.55 29.40 0.41
CA ASP D 745 -34.29 28.41 1.17
C ASP D 745 -33.40 27.30 1.71
N LEU D 746 -32.43 26.84 0.92
CA LEU D 746 -31.44 25.87 1.36
C LEU D 746 -30.04 26.44 1.23
N VAL D 747 -29.13 25.90 2.03
CA VAL D 747 -27.74 26.33 2.04
C VAL D 747 -26.85 25.10 2.02
N THR D 748 -25.87 25.10 1.10
CA THR D 748 -24.96 23.98 0.99
C THR D 748 -24.07 23.89 2.22
N THR D 749 -23.52 22.70 2.44
CA THR D 749 -22.67 22.44 3.60
C THR D 749 -21.72 21.27 3.33
N GLY D 750 -20.46 21.43 3.69
CA GLY D 750 -19.47 20.39 3.53
C GLY D 750 -18.19 20.94 2.94
N GLU D 751 -17.20 20.05 2.84
CA GLU D 751 -15.91 20.37 2.28
C GLU D 751 -15.79 19.79 0.87
N LEU D 752 -15.03 20.47 0.03
CA LEU D 752 -14.86 20.04 -1.36
C LEU D 752 -14.08 18.72 -1.40
N PHE D 753 -14.30 17.97 -2.48
CA PHE D 753 -13.61 16.71 -2.70
C PHE D 753 -13.71 16.38 -4.18
N PHE D 754 -12.62 15.82 -4.73
CA PHE D 754 -12.48 15.55 -6.16
C PHE D 754 -12.69 16.84 -6.96
N ARG D 755 -11.80 17.79 -6.70
CA ARG D 755 -11.86 19.12 -7.30
C ARG D 755 -11.22 19.05 -8.68
N SER D 756 -12.05 18.82 -9.69
CA SER D 756 -11.62 18.78 -11.08
C SER D 756 -12.32 19.89 -11.84
N GLY D 757 -11.55 20.65 -12.62
CA GLY D 757 -12.10 21.77 -13.34
C GLY D 757 -12.69 21.38 -14.69
N PHE D 758 -13.49 22.30 -15.23
CA PHE D 758 -14.11 22.08 -16.53
C PHE D 758 -13.09 22.34 -17.64
N GLY D 759 -13.56 22.23 -18.89
CA GLY D 759 -12.68 22.47 -20.02
C GLY D 759 -13.46 22.35 -21.32
N ILE D 760 -12.87 22.93 -22.36
CA ILE D 760 -13.47 22.90 -23.69
C ILE D 760 -12.92 21.70 -24.46
N GLY D 761 -13.83 20.90 -25.02
CA GLY D 761 -13.46 19.72 -25.76
C GLY D 761 -13.29 19.98 -27.25
N MET D 762 -12.53 19.10 -27.90
CA MET D 762 -12.23 19.21 -29.32
C MET D 762 -11.67 17.87 -29.79
N ARG D 763 -11.39 17.80 -31.08
CA ARG D 763 -10.91 16.56 -31.69
C ARG D 763 -9.43 16.35 -31.33
N LYS D 764 -8.84 15.29 -31.87
CA LYS D 764 -7.50 14.89 -31.47
C LYS D 764 -6.42 15.81 -32.02
N ASP D 765 -6.65 16.45 -33.17
CA ASP D 765 -5.62 17.30 -33.78
C ASP D 765 -6.29 18.45 -34.50
N SER D 766 -6.05 19.66 -34.04
CA SER D 766 -6.63 20.87 -34.63
C SER D 766 -5.91 22.10 -34.09
N PRO D 767 -5.67 23.12 -34.92
CA PRO D 767 -5.07 24.35 -34.40
C PRO D 767 -5.99 25.13 -33.49
N TRP D 768 -7.31 24.96 -33.65
CA TRP D 768 -8.27 25.61 -32.77
C TRP D 768 -8.06 25.19 -31.32
N LYS D 769 -7.58 23.96 -31.12
CA LYS D 769 -7.27 23.47 -29.78
C LYS D 769 -6.27 24.38 -29.08
N GLN D 770 -5.10 24.57 -29.68
CA GLN D 770 -4.08 25.43 -29.10
C GLN D 770 -4.53 26.89 -29.05
N GLN D 771 -5.28 27.32 -30.07
CA GLN D 771 -5.79 28.68 -30.08
C GLN D 771 -6.66 28.95 -28.85
N VAL D 772 -7.59 28.04 -28.55
CA VAL D 772 -8.46 28.21 -27.40
C VAL D 772 -7.66 28.05 -26.10
N SER D 773 -6.70 27.13 -26.10
CA SER D 773 -5.87 26.91 -24.92
C SER D 773 -5.03 28.11 -24.56
N LEU D 774 -4.67 28.94 -25.55
CA LEU D 774 -3.98 30.20 -25.30
C LEU D 774 -4.94 31.34 -24.98
N SER D 775 -6.09 31.38 -25.65
CA SER D 775 -7.06 32.45 -25.41
C SER D 775 -7.66 32.37 -24.02
N ILE D 776 -7.87 31.15 -23.50
CA ILE D 776 -8.41 30.99 -22.16
C ILE D 776 -7.40 31.49 -21.13
N LEU D 777 -6.12 31.16 -21.32
CA LEU D 777 -5.09 31.65 -20.43
C LEU D 777 -4.99 33.17 -20.48
N LYS D 778 -5.09 33.74 -21.69
CA LYS D 778 -5.05 35.20 -21.82
C LYS D 778 -6.23 35.86 -21.11
N SER D 779 -7.43 35.29 -21.26
CA SER D 779 -8.61 35.84 -20.59
C SER D 779 -8.46 35.75 -19.07
N HIS D 780 -7.98 34.60 -18.58
CA HIS D 780 -7.75 34.43 -17.15
C HIS D 780 -6.74 35.42 -16.61
N GLU D 781 -5.67 35.68 -17.37
CA GLU D 781 -4.66 36.63 -16.95
C GLU D 781 -5.09 38.08 -17.15
N ASN D 782 -6.15 38.33 -17.91
CA ASN D 782 -6.62 39.68 -18.16
C ASN D 782 -7.63 40.15 -17.13
N GLY D 783 -8.73 39.41 -16.96
CA GLY D 783 -9.76 39.77 -16.00
C GLY D 783 -11.16 39.56 -16.50
N PHE D 784 -11.31 39.12 -17.75
CA PHE D 784 -12.60 38.88 -18.35
C PHE D 784 -13.38 37.81 -17.59
N MET D 785 -12.68 36.74 -17.20
CA MET D 785 -13.32 35.66 -16.46
C MET D 785 -13.87 36.14 -15.12
N GLU D 786 -13.15 37.03 -14.45
CA GLU D 786 -13.64 37.56 -13.18
C GLU D 786 -14.91 38.37 -13.37
N ASP D 787 -14.96 39.17 -14.44
CA ASP D 787 -16.16 39.94 -14.74
C ASP D 787 -17.34 39.02 -15.05
N LEU D 788 -17.10 37.99 -15.86
CA LEU D 788 -18.16 37.03 -16.18
C LEU D 788 -18.67 36.33 -14.92
N ASP D 789 -17.74 35.97 -14.03
CA ASP D 789 -18.13 35.34 -12.77
C ASP D 789 -18.99 36.26 -11.93
N LYS D 790 -18.51 37.49 -11.70
CA LYS D 790 -19.26 38.45 -10.90
C LYS D 790 -20.59 38.83 -11.54
N THR D 791 -20.73 38.65 -12.85
CA THR D 791 -21.97 39.02 -13.53
C THR D 791 -22.99 37.89 -13.51
N TRP D 792 -22.59 36.68 -13.89
CA TRP D 792 -23.53 35.58 -14.12
C TRP D 792 -23.60 34.58 -12.96
N VAL D 793 -22.67 34.65 -12.00
CA VAL D 793 -22.66 33.66 -10.92
C VAL D 793 -22.82 34.35 -9.57
N ARG D 794 -22.07 35.43 -9.36
CA ARG D 794 -22.09 36.12 -8.08
C ARG D 794 -23.38 36.91 -7.89
N TYR D 795 -24.50 36.20 -7.70
CA TYR D 795 -25.78 36.89 -7.47
C TYR D 795 -25.81 37.55 -6.09
N GLN D 796 -25.50 36.79 -5.05
CA GLN D 796 -25.34 37.29 -3.68
C GLN D 796 -26.60 37.96 -3.15
N GLU D 797 -27.77 37.36 -3.37
CA GLU D 797 -29.02 37.92 -2.89
C GLU D 797 -29.34 37.53 -1.45
N CYS D 798 -28.45 36.82 -0.77
CA CYS D 798 -28.72 36.38 0.61
C CYS D 798 -27.39 36.13 1.31
N ASP D 799 -27.09 36.93 2.32
CA ASP D 799 -25.88 36.79 3.13
C ASP D 799 -26.29 36.88 4.59
N SER D 800 -26.30 35.73 5.28
CA SER D 800 -26.76 35.67 6.66
C SER D 800 -25.88 34.68 7.42
N ARG D 801 -25.25 35.14 8.49
CA ARG D 801 -24.44 34.26 9.33
C ARG D 801 -25.32 33.28 10.08
N SER D 802 -24.70 32.26 10.65
CA SER D 802 -25.43 31.27 11.42
C SER D 802 -26.07 31.89 12.65
N ASN D 803 -27.31 31.51 12.91
CA ASN D 803 -28.06 31.97 14.07
C ASN D 803 -28.42 30.78 14.95
N ALA D 804 -27.66 30.62 16.03
CA ALA D 804 -27.84 29.53 16.98
C ALA D 804 -29.00 29.75 17.95
N PRO D 805 -29.15 30.93 18.57
CA PRO D 805 -30.25 31.09 19.54
C PRO D 805 -31.61 31.03 18.88
N ALA D 806 -32.58 30.53 19.64
CA ALA D 806 -33.97 30.40 19.19
C ALA D 806 -34.83 31.34 20.01
N THR D 807 -35.73 32.05 19.34
CA THR D 807 -36.62 32.99 20.01
C THR D 807 -37.87 32.26 20.53
N LEU D 808 -38.43 32.77 21.62
CA LEU D 808 -39.63 32.23 22.23
C LEU D 808 -40.87 32.78 21.52
N THR D 809 -41.78 31.88 21.15
CA THR D 809 -43.00 32.26 20.45
C THR D 809 -44.11 32.54 21.46
N PHE D 810 -45.34 32.73 20.99
CA PHE D 810 -46.46 33.02 21.87
C PHE D 810 -47.20 31.77 22.33
N GLU D 811 -47.36 30.78 21.45
CA GLU D 811 -48.06 29.57 21.83
C GLU D 811 -47.29 28.79 22.88
N ASN D 812 -45.96 28.91 22.88
CA ASN D 812 -45.14 28.22 23.86
C ASN D 812 -45.33 28.76 25.27
N MET D 813 -45.81 30.00 25.41
CA MET D 813 -46.00 30.60 26.72
C MET D 813 -47.45 30.91 27.05
N ALA D 814 -48.41 30.27 26.37
CA ALA D 814 -49.83 30.49 26.62
C ALA D 814 -50.24 30.06 28.03
N GLY D 815 -49.33 29.37 28.73
CA GLY D 815 -49.58 28.91 30.08
C GLY D 815 -49.92 30.01 31.06
N VAL D 816 -49.12 31.08 31.09
CA VAL D 816 -49.36 32.16 32.04
C VAL D 816 -50.66 32.89 31.71
N PHE D 817 -50.97 33.03 30.42
CA PHE D 817 -52.22 33.67 30.03
C PHE D 817 -53.42 32.83 30.46
N MET D 818 -53.37 31.52 30.23
CA MET D 818 -54.45 30.64 30.71
C MET D 818 -54.56 30.70 32.23
N LEU D 819 -53.42 30.74 32.92
CA LEU D 819 -53.43 30.76 34.37
C LEU D 819 -54.06 32.05 34.90
N VAL D 820 -53.75 33.18 34.26
CA VAL D 820 -54.30 34.45 34.74
C VAL D 820 -55.77 34.58 34.39
N ALA D 821 -56.19 33.98 33.27
CA ALA D 821 -57.62 33.95 32.96
C ALA D 821 -58.38 33.11 33.98
N GLY D 822 -57.85 31.93 34.30
CA GLY D 822 -58.44 31.14 35.37
C GLY D 822 -58.43 31.86 36.70
N GLY D 823 -57.38 32.63 36.97
CA GLY D 823 -57.34 33.42 38.18
C GLY D 823 -58.41 34.50 38.22
N ILE D 824 -58.67 35.14 37.08
CA ILE D 824 -59.71 36.16 37.03
C ILE D 824 -61.09 35.54 37.26
N VAL D 825 -61.37 34.40 36.60
CA VAL D 825 -62.69 33.80 36.77
C VAL D 825 -62.85 33.24 38.18
N ALA D 826 -61.78 32.69 38.75
CA ALA D 826 -61.84 32.25 40.15
C ALA D 826 -61.97 33.44 41.09
N GLY D 827 -61.46 34.60 40.67
CA GLY D 827 -61.58 35.79 41.51
C GLY D 827 -62.99 36.35 41.52
N ILE D 828 -63.68 36.30 40.38
CA ILE D 828 -65.08 36.75 40.38
C ILE D 828 -65.94 35.75 41.15
N PHE D 829 -65.63 34.45 41.05
CA PHE D 829 -66.32 33.47 41.89
C PHE D 829 -66.01 33.69 43.37
N LEU D 830 -64.77 34.06 43.68
CA LEU D 830 -64.40 34.33 45.06
C LEU D 830 -65.05 35.61 45.58
N ILE D 831 -65.32 36.57 44.69
CA ILE D 831 -66.04 37.76 45.10
C ILE D 831 -67.49 37.42 45.41
N PHE D 832 -68.07 36.48 44.67
CA PHE D 832 -69.40 35.99 45.01
C PHE D 832 -69.39 35.32 46.36
N ILE D 833 -68.44 34.42 46.60
CA ILE D 833 -68.33 33.75 47.90
C ILE D 833 -68.05 34.77 49.00
N GLU D 834 -67.32 35.84 48.68
CA GLU D 834 -66.95 36.82 49.68
C GLU D 834 -68.16 37.66 50.09
N ILE D 835 -68.95 38.11 49.12
CA ILE D 835 -70.16 38.87 49.47
C ILE D 835 -71.16 37.96 50.17
N ALA D 836 -71.17 36.67 49.82
CA ALA D 836 -72.02 35.73 50.54
C ALA D 836 -71.61 35.60 52.00
N TYR D 837 -70.30 35.45 52.25
CA TYR D 837 -69.83 35.32 53.63
C TYR D 837 -70.02 36.62 54.40
N LYS D 838 -69.90 37.76 53.71
CA LYS D 838 -70.14 39.05 54.37
C LYS D 838 -71.60 39.19 54.76
N ARG D 839 -72.51 38.78 53.87
CA ARG D 839 -73.93 38.81 54.22
C ARG D 839 -74.25 37.80 55.31
N HIS D 840 -73.48 36.72 55.41
CA HIS D 840 -73.70 35.74 56.47
C HIS D 840 -73.39 36.32 57.84
N LYS D 841 -72.31 37.09 57.93
CA LYS D 841 -71.91 37.70 59.20
C LYS D 841 -72.17 39.20 59.20
#